data_6WHX
#
_entry.id   6WHX
#
_cell.length_a   1.00
_cell.length_b   1.00
_cell.length_c   1.00
_cell.angle_alpha   90.00
_cell.angle_beta   90.00
_cell.angle_gamma   90.00
#
_symmetry.space_group_name_H-M   'P 1'
#
loop_
_entity.id
_entity.type
_entity.pdbx_description
1 polymer 'Ionotropic glutamate receptor , NMDA receptor GluN1b'
2 polymer 'Ionotropic glutamate receptor , NMDA receptor GluN2B'
3 non-polymer 2-acetamido-2-deoxy-beta-D-glucopyranose
4 non-polymer "(2S)-2-amino-3-[2',4'-dichloro-4-hydroxy-5-(phosphonomethyl)biphenyl-3-yl]propanoic acid"
#
loop_
_entity_poly.entity_id
_entity_poly.type
_entity_poly.pdbx_seq_one_letter_code
_entity_poly.pdbx_strand_id
1 'polypeptide(L)'
;MSTMHLLTFALLFSCSFARAASDPKIVNIGAVLSTRKHEQMFREAVNQANKRHGSWKIQLQATSVTHKPNAIQMALSVCE
DLISSQVYAILVSHPPTPNDHFTPTPVSYTAGFYRIPVLGLTTRMSIYSDKSIHLSFLRTVPPYSHQSSVWFEMMRVYNW
NHIILLVSDDHEGRAAQKRLETLLEERESKSKKRNYENLDQLSYDNKRGPKAEKVLQFDPGTKNVTALLMEARELEARVI
ILSASEDDAATVYRAAAMLDMTGSGYVWLVGEREISGNALRYAPDGIIGLQLINGKNESAHISDAVGVVAQAVHELLEKE
NITDPPRGCVGNTNIWKTGPLFKRVLMSSKYADGVTGRVEFNEDGDRKFAQYSIMNLQNRKLVQVGIYNGTHVIPNDRKI
IWPGGETEKPRGYQMSTRLKIVTIHQEPFVYVKPTMSDGTCKEEFTVNGDPVKKVICTGPNDTSPGSPRHTVPQCCYGFC
IDLLIKLARTMQFTYEVHLVADGKFGTQERVQNSNKKEWNGMMGELLSGQADMIVAPLTINNERAQYIEFSKPFKYQGLT
ILVKKEIPRSTLDSFMQPFQSTLWLLVGLSVHVVAVMLYLLDRFSPFGRFKVNSQSESTDALTLSSAMWFSWGVLLNSGI
GEGAPRSFSARILGMVWAGFAMIIVASYTANLAAFLVLDRPEERITGINDPRLRNPSDKFIYATVKQSSVDIYFRRQVEL
STMYRHMEKHNYESAAEAIQAVRDNKLHAFIWDSAVLEFEASQKCDLVTTGELFFRSGFGIGMRKDSPWKQQVSLSILKS
HENGFMEDLDKTWVRYQECDSRSNAPATLTCENMAGVFMLVAGGIVAGIFLIFIEIAYKRHKDARRKQMQLAFAAVNVWR
KNLQDRKSGRAEPDPKKKATFRAITSTLASSFKRRRSSKDTSTGGGRGALQNQKDTVLPRRAIEREEGQLQLCSRHRES
;
A,C
2 'polypeptide(L)'
;MGTMRLFLLAVLFLFSFARATGWSHPQFEKGGGSGGGSGGSAWSHPQFEKGALVPRGRSQKSPPSIGIAVILVGTSDEVA
IKDAHEKDDFHHLSVVPRVELVAMNETDPKSIITRICDLMSDRKIQGVVFADDTDQEAIAQILDFISAQTLTPILGIHGG
SSMIMADKDESSMFFQFGPSIEQQASVMLNIMEEYDWYIFSIVTTYFPGYQDFVNKIRSTIENSFVGWELEEVLLLDMSL
DDGDSKIQNQLKKLQSPIILLYCTKEEATYIFEVANSVGLTGYGYTWIVPSLVAGDTDTVPSEFPTGLISVSYDEWDYGL
PARVRDGIAIITTAASDMLSEHSFIPEPKSSCYNTHEKRIYQSNMLNRYLINVTFEGRDLSFSEDGYQMHPKLVIILLNK
ERKWERVGKWKDKSLQMKYYVWPRMCPETEEQEDDHLSIVTLEEAPFVIVESVDPLSGTCMRNTVPCQKRIISENKTDEE
PGYIKKCCKGFCIDILKKISKSVKFTYDLYLVTNGKHGKKINGTWNGMIGEVVMKRAYMAVGSLTINEERSEVVDFSVPF
IETGISVMVSRSNGTVSPSAFLEPFSACVWVMMFVMLLIVSAVAVFVFEYFSPVGYNRSLADGREPGGPSFTIGKAIWLL
WGLVFNNSVPVQNPKGTTSKIMVSVWAFFAVIFLASYTANLAAFMIQEEYVDQVSGLSDKKFQRPNDFSPPFRFGTVPNG
STERNIRNNYAEMHAYMGKFNQRGVDDALLSLKTGKLDAFIYDAAVLNYMAGRDEGCKLVTIGSGKVFASTGYGIAIQKD
SGWKRQVDLAILQLFGDGEMEELEALWLTGICHNEKNEVMSSQLDIDNMAGVFYMLGAAMALSLITFISEHLFYWQFRHS
FMG
;
B,D
#
# COMPACT_ATOMS: atom_id res chain seq x y z
N LYS A 25 -26.69 56.90 43.40
CA LYS A 25 -26.39 56.25 42.13
C LYS A 25 -26.85 57.09 40.96
N ILE A 26 -26.06 58.09 40.60
CA ILE A 26 -26.36 59.01 39.51
C ILE A 26 -25.30 58.84 38.44
N VAL A 27 -25.73 58.66 37.19
CA VAL A 27 -24.83 58.42 36.07
C VAL A 27 -25.30 59.25 34.87
N ASN A 28 -24.39 60.05 34.32
CA ASN A 28 -24.72 60.99 33.25
C ASN A 28 -24.86 60.28 31.91
N ILE A 29 -25.78 60.77 31.08
CA ILE A 29 -25.97 60.28 29.71
C ILE A 29 -26.34 61.48 28.85
N GLY A 30 -25.83 61.51 27.62
CA GLY A 30 -25.98 62.65 26.74
C GLY A 30 -26.60 62.31 25.40
N ALA A 31 -26.40 63.22 24.46
CA ALA A 31 -26.91 63.09 23.10
C ALA A 31 -26.24 64.14 22.24
N VAL A 32 -26.16 63.85 20.94
CA VAL A 32 -25.37 64.67 20.01
C VAL A 32 -26.25 65.10 18.84
N LEU A 33 -27.55 65.28 19.09
CA LEU A 33 -28.51 65.51 18.02
C LEU A 33 -28.20 66.81 17.25
N SER A 34 -28.99 67.03 16.20
CA SER A 34 -28.75 68.15 15.29
C SER A 34 -29.99 68.97 14.97
N THR A 35 -31.00 68.97 15.83
CA THR A 35 -32.16 69.83 15.65
C THR A 35 -32.63 70.48 16.95
N ARG A 36 -32.14 70.01 18.10
CA ARG A 36 -32.46 70.54 19.42
C ARG A 36 -33.89 70.17 19.83
N LYS A 37 -34.65 69.57 18.91
CA LYS A 37 -35.99 69.13 19.26
C LYS A 37 -35.94 67.89 20.13
N HIS A 38 -34.92 67.06 19.96
CA HIS A 38 -34.83 65.82 20.73
C HIS A 38 -34.32 66.03 22.14
N GLU A 39 -33.71 67.19 22.42
CA GLU A 39 -33.08 67.41 23.72
C GLU A 39 -34.07 67.19 24.87
N GLN A 40 -35.09 68.05 24.98
CA GLN A 40 -36.10 67.83 26.00
C GLN A 40 -37.00 66.65 25.64
N MET A 41 -37.11 66.33 24.36
CA MET A 41 -37.90 65.17 23.96
C MET A 41 -37.33 63.89 24.56
N PHE A 42 -36.03 63.66 24.38
CA PHE A 42 -35.40 62.52 25.02
C PHE A 42 -35.43 62.65 26.53
N ARG A 43 -35.43 63.90 27.04
CA ARG A 43 -35.50 64.10 28.48
C ARG A 43 -36.80 63.53 29.04
N GLU A 44 -37.94 63.89 28.45
CA GLU A 44 -39.19 63.30 28.88
C GLU A 44 -39.23 61.81 28.56
N ALA A 45 -38.60 61.40 27.47
CA ALA A 45 -38.56 59.99 27.12
C ALA A 45 -37.91 59.17 28.22
N VAL A 46 -36.80 59.65 28.76
CA VAL A 46 -36.14 58.90 29.83
C VAL A 46 -36.84 59.13 31.16
N ASN A 47 -37.47 60.31 31.35
CA ASN A 47 -38.17 60.59 32.59
C ASN A 47 -39.39 59.68 32.78
N GLN A 48 -40.12 59.39 31.69
CA GLN A 48 -41.23 58.46 31.79
C GLN A 48 -40.74 57.08 32.22
N ALA A 49 -39.59 56.66 31.70
CA ALA A 49 -38.97 55.42 32.15
C ALA A 49 -38.15 55.61 33.42
N ASN A 50 -38.01 56.84 33.91
CA ASN A 50 -37.24 57.07 35.12
C ASN A 50 -37.95 56.53 36.36
N LYS A 51 -39.29 56.56 36.37
CA LYS A 51 -40.04 56.02 37.50
C LYS A 51 -40.19 54.51 37.38
N ARG A 52 -40.89 54.05 36.36
CA ARG A 52 -41.09 52.62 36.14
C ARG A 52 -39.79 51.93 35.78
N ILE A 58 -31.34 54.49 42.24
CA ILE A 58 -30.69 55.09 41.09
C ILE A 58 -31.50 56.28 40.57
N GLN A 59 -30.80 57.39 40.31
CA GLN A 59 -31.41 58.59 39.78
C GLN A 59 -30.55 59.07 38.63
N LEU A 60 -31.06 58.93 37.41
CA LEU A 60 -30.28 59.13 36.20
C LEU A 60 -30.58 60.51 35.62
N GLN A 61 -29.54 61.27 35.35
CA GLN A 61 -29.67 62.60 34.77
C GLN A 61 -29.68 62.49 33.25
N ALA A 62 -29.51 63.61 32.57
CA ALA A 62 -29.39 63.64 31.13
C ALA A 62 -28.71 64.95 30.72
N THR A 63 -28.26 64.98 29.47
CA THR A 63 -27.66 66.19 28.91
C THR A 63 -27.73 66.12 27.39
N SER A 64 -27.46 67.24 26.74
CA SER A 64 -27.61 67.33 25.29
C SER A 64 -26.56 68.28 24.71
N VAL A 65 -26.25 68.06 23.44
CA VAL A 65 -25.25 68.85 22.71
C VAL A 65 -25.70 68.98 21.26
N THR A 66 -25.46 70.16 20.68
CA THR A 66 -25.75 70.39 19.27
C THR A 66 -24.69 69.72 18.40
N HIS A 67 -24.75 70.02 17.10
CA HIS A 67 -23.74 69.59 16.15
C HIS A 67 -23.18 70.80 15.43
N LYS A 68 -21.95 70.68 14.93
CA LYS A 68 -21.26 71.76 14.24
C LYS A 68 -20.66 71.26 12.93
N PRO A 69 -20.52 72.13 11.93
CA PRO A 69 -19.76 71.77 10.72
C PRO A 69 -18.27 71.87 10.98
N ASN A 70 -17.48 71.62 9.93
CA ASN A 70 -16.04 71.45 10.04
C ASN A 70 -15.72 70.45 11.15
N ALA A 71 -16.10 69.20 10.86
CA ALA A 71 -16.29 68.16 11.87
C ALA A 71 -15.19 68.11 12.91
N ILE A 72 -13.97 68.54 12.58
CA ILE A 72 -12.94 68.61 13.61
C ILE A 72 -13.37 69.53 14.74
N GLN A 73 -13.94 70.70 14.42
CA GLN A 73 -14.54 71.53 15.45
C GLN A 73 -15.56 70.73 16.23
N MET A 74 -16.44 70.03 15.51
CA MET A 74 -17.35 69.10 16.16
C MET A 74 -16.57 68.00 16.88
N ALA A 75 -15.52 67.49 16.25
CA ALA A 75 -14.70 66.48 16.93
C ALA A 75 -14.15 67.00 18.24
N LEU A 76 -13.85 68.31 18.31
CA LEU A 76 -13.37 68.90 19.55
C LEU A 76 -14.46 68.88 20.61
N SER A 77 -15.72 68.92 20.19
CA SER A 77 -16.81 69.21 21.11
C SER A 77 -17.23 68.02 21.95
N VAL A 78 -17.12 66.79 21.43
CA VAL A 78 -17.65 65.64 22.16
C VAL A 78 -16.94 65.48 23.50
N CYS A 79 -15.63 65.34 23.48
CA CYS A 79 -14.87 65.27 24.72
C CYS A 79 -15.06 66.53 25.54
N GLU A 80 -14.78 67.70 24.94
CA GLU A 80 -14.81 68.97 25.65
C GLU A 80 -16.11 69.18 26.41
N ASP A 81 -17.21 68.65 25.91
CA ASP A 81 -18.52 68.94 26.48
C ASP A 81 -19.16 67.76 27.19
N LEU A 82 -18.64 66.55 27.03
CA LEU A 82 -19.24 65.40 27.69
C LEU A 82 -18.29 64.68 28.61
N ILE A 83 -17.02 64.49 28.21
CA ILE A 83 -16.03 63.96 29.14
C ILE A 83 -15.61 65.02 30.15
N SER A 84 -15.94 66.28 29.90
CA SER A 84 -15.96 67.27 30.97
C SER A 84 -16.91 66.84 32.07
N SER A 85 -18.01 66.19 31.70
CA SER A 85 -18.84 65.48 32.66
C SER A 85 -18.32 64.06 32.80
N GLN A 86 -19.10 63.19 33.41
CA GLN A 86 -18.72 61.79 33.54
C GLN A 86 -19.59 60.95 32.60
N VAL A 87 -19.82 61.48 31.40
CA VAL A 87 -20.77 60.89 30.47
C VAL A 87 -20.49 59.41 30.28
N TYR A 88 -21.56 58.62 30.18
CA TYR A 88 -21.47 57.17 30.27
C TYR A 88 -21.86 56.45 28.99
N ALA A 89 -22.64 57.07 28.12
CA ALA A 89 -23.04 56.43 26.87
C ALA A 89 -23.58 57.49 25.94
N ILE A 90 -23.33 57.33 24.65
CA ILE A 90 -23.65 58.36 23.68
C ILE A 90 -24.68 57.82 22.71
N LEU A 91 -25.61 58.69 22.31
CA LEU A 91 -26.61 58.36 21.30
C LEU A 91 -26.43 59.34 20.16
N VAL A 92 -26.32 58.83 18.92
CA VAL A 92 -25.84 59.61 17.79
C VAL A 92 -26.78 59.43 16.61
N SER A 93 -27.09 60.53 15.92
CA SER A 93 -27.87 60.51 14.70
C SER A 93 -27.14 61.27 13.60
N HIS A 94 -27.82 61.55 12.50
CA HIS A 94 -27.22 62.27 11.38
C HIS A 94 -26.69 63.62 11.80
N THR A 103 -22.50 63.19 8.27
CA THR A 103 -21.13 62.68 8.25
C THR A 103 -20.60 62.50 9.66
N PRO A 104 -20.94 61.39 10.30
CA PRO A 104 -20.67 61.21 11.73
C PRO A 104 -19.27 60.67 12.00
N THR A 105 -18.27 61.53 11.78
CA THR A 105 -16.88 61.05 11.87
C THR A 105 -16.44 60.77 13.29
N PRO A 106 -16.36 61.76 14.20
CA PRO A 106 -15.53 61.57 15.39
C PRO A 106 -16.17 60.74 16.48
N VAL A 107 -17.49 60.56 16.47
CA VAL A 107 -18.18 59.89 17.57
C VAL A 107 -17.67 58.49 17.83
N SER A 108 -17.04 57.86 16.83
CA SER A 108 -16.57 56.49 17.04
C SER A 108 -15.14 56.46 17.55
N TYR A 109 -14.29 57.32 17.03
CA TYR A 109 -12.89 57.33 17.46
C TYR A 109 -12.69 58.11 18.74
N THR A 110 -13.31 59.27 18.87
CA THR A 110 -13.19 60.06 20.08
C THR A 110 -13.61 59.26 21.30
N ALA A 111 -14.89 58.92 21.38
CA ALA A 111 -15.40 58.21 22.55
C ALA A 111 -14.91 56.77 22.62
N GLY A 112 -14.56 56.18 21.48
CA GLY A 112 -13.92 54.88 21.51
C GLY A 112 -12.62 54.92 22.27
N PHE A 113 -11.99 56.08 22.34
CA PHE A 113 -10.89 56.28 23.27
C PHE A 113 -11.49 56.29 24.66
N TYR A 114 -10.97 55.41 25.53
CA TYR A 114 -11.56 54.91 26.77
C TYR A 114 -12.68 53.92 26.51
N ARG A 115 -13.11 53.74 25.26
CA ARG A 115 -14.04 52.69 24.88
C ARG A 115 -15.36 52.79 25.64
N ILE A 116 -16.00 53.95 25.51
CA ILE A 116 -17.28 54.22 26.17
C ILE A 116 -18.39 53.82 25.20
N PRO A 117 -19.21 52.81 25.53
CA PRO A 117 -20.18 52.27 24.56
C PRO A 117 -21.09 53.35 23.97
N VAL A 118 -21.30 53.26 22.66
CA VAL A 118 -22.11 54.21 21.90
C VAL A 118 -23.19 53.45 21.14
N LEU A 119 -24.34 54.11 20.94
CA LEU A 119 -25.40 53.59 20.09
C LEU A 119 -25.85 54.68 19.14
N GLY A 120 -26.38 54.25 17.99
CA GLY A 120 -26.60 55.15 16.87
C GLY A 120 -28.03 55.18 16.40
N LEU A 121 -28.38 56.26 15.70
CA LEU A 121 -29.75 56.50 15.27
C LEU A 121 -29.91 56.49 13.77
N THR A 122 -29.26 57.41 13.04
CA THR A 122 -29.59 57.61 11.63
C THR A 122 -28.87 56.64 10.71
N THR A 123 -27.53 56.70 10.66
CA THR A 123 -26.80 56.08 9.58
C THR A 123 -26.21 54.75 10.01
N ARG A 124 -26.27 53.77 9.10
CA ARG A 124 -25.59 52.50 9.27
C ARG A 124 -24.92 52.04 7.98
N MET A 125 -24.19 52.93 7.31
CA MET A 125 -23.43 52.49 6.15
C MET A 125 -22.41 51.44 6.57
N SER A 126 -22.37 50.34 5.81
CA SER A 126 -21.87 49.06 6.30
C SER A 126 -20.51 49.13 6.96
N ILE A 127 -19.75 50.20 6.75
CA ILE A 127 -18.38 50.24 7.22
C ILE A 127 -18.29 50.14 8.74
N TYR A 128 -19.28 50.63 9.48
CA TYR A 128 -19.25 50.64 10.93
C TYR A 128 -19.32 49.25 11.55
N SER A 129 -19.27 48.19 10.76
CA SER A 129 -19.67 46.89 11.27
C SER A 129 -18.52 46.05 11.82
N ASP A 130 -17.27 46.45 11.62
CA ASP A 130 -16.15 45.59 11.98
C ASP A 130 -15.70 45.85 13.40
N LYS A 131 -15.77 44.83 14.24
CA LYS A 131 -15.41 44.97 15.66
C LYS A 131 -13.95 45.31 15.86
N SER A 132 -13.13 45.32 14.82
CA SER A 132 -11.72 45.60 14.97
C SER A 132 -11.34 47.01 14.60
N ILE A 133 -11.98 47.58 13.58
CA ILE A 133 -11.64 48.93 13.15
C ILE A 133 -12.38 49.99 13.95
N HIS A 134 -13.53 49.65 14.54
CA HIS A 134 -14.23 50.53 15.45
C HIS A 134 -14.70 49.73 16.65
N LEU A 135 -14.62 50.35 17.84
CA LEU A 135 -15.12 49.75 19.06
C LEU A 135 -16.35 50.49 19.57
N SER A 136 -17.01 51.26 18.71
CA SER A 136 -17.97 52.26 19.15
C SER A 136 -19.40 51.94 18.74
N PHE A 137 -19.68 51.81 17.46
CA PHE A 137 -21.05 51.69 17.00
C PHE A 137 -21.60 50.32 17.35
N LEU A 138 -22.44 50.27 18.37
CA LEU A 138 -23.26 49.10 18.66
C LEU A 138 -24.60 49.37 18.00
N ARG A 139 -24.77 48.83 16.80
CA ARG A 139 -25.77 49.30 15.87
C ARG A 139 -27.19 49.14 16.41
N THR A 140 -28.06 50.06 16.00
CA THR A 140 -29.48 49.99 16.29
C THR A 140 -30.33 49.88 15.04
N VAL A 141 -29.80 50.30 13.89
CA VAL A 141 -30.50 50.17 12.61
C VAL A 141 -29.69 49.27 11.68
N PRO A 142 -30.25 48.14 11.24
CA PRO A 142 -29.51 47.22 10.37
C PRO A 142 -28.86 47.93 9.19
N PRO A 143 -27.58 47.67 8.96
CA PRO A 143 -26.87 48.32 7.85
C PRO A 143 -27.21 47.73 6.50
N TYR A 144 -26.83 48.45 5.44
CA TYR A 144 -27.34 48.16 4.10
C TYR A 144 -26.93 46.80 3.59
N SER A 145 -25.74 46.33 3.95
CA SER A 145 -25.31 45.01 3.51
C SER A 145 -26.37 43.97 3.78
N HIS A 146 -26.95 43.98 4.98
CA HIS A 146 -27.89 42.95 5.37
C HIS A 146 -29.05 42.83 4.39
N GLN A 147 -29.41 43.92 3.70
CA GLN A 147 -30.56 43.88 2.81
C GLN A 147 -30.40 42.88 1.69
N SER A 148 -29.23 42.24 1.58
CA SER A 148 -29.07 41.21 0.57
C SER A 148 -29.73 39.91 0.96
N SER A 149 -29.91 39.66 2.25
CA SER A 149 -30.43 38.36 2.65
C SER A 149 -31.91 38.17 2.30
N VAL A 150 -32.60 39.23 1.90
CA VAL A 150 -33.89 39.05 1.24
C VAL A 150 -33.70 38.42 -0.12
N TRP A 151 -32.67 38.87 -0.86
CA TRP A 151 -32.35 38.31 -2.17
C TRP A 151 -31.98 36.85 -2.11
N PHE A 152 -31.96 36.23 -0.94
CA PHE A 152 -31.96 34.77 -0.84
C PHE A 152 -33.29 34.23 -0.37
N GLU A 153 -34.28 35.10 -0.18
CA GLU A 153 -35.64 34.66 0.12
C GLU A 153 -36.51 34.62 -1.12
N MET A 154 -36.21 35.43 -2.13
CA MET A 154 -36.97 35.36 -3.37
C MET A 154 -36.64 34.09 -4.15
N MET A 155 -35.38 33.66 -4.12
CA MET A 155 -34.96 32.43 -4.76
C MET A 155 -35.11 31.23 -3.84
N ARG A 156 -35.96 31.33 -2.83
CA ARG A 156 -36.40 30.17 -2.07
C ARG A 156 -37.83 29.79 -2.35
N VAL A 157 -38.63 30.68 -2.95
CA VAL A 157 -40.00 30.38 -3.35
C VAL A 157 -40.23 30.64 -4.82
N TYR A 158 -39.77 31.77 -5.35
CA TYR A 158 -39.99 32.11 -6.76
C TYR A 158 -39.19 31.23 -7.71
N ASN A 159 -38.32 30.36 -7.18
CA ASN A 159 -37.66 29.32 -7.97
C ASN A 159 -36.76 29.87 -9.07
N TRP A 160 -36.37 31.13 -8.96
CA TRP A 160 -35.23 31.61 -9.74
C TRP A 160 -33.98 30.92 -9.23
N ASN A 161 -33.11 30.49 -10.15
CA ASN A 161 -31.95 29.72 -9.74
C ASN A 161 -30.65 30.10 -10.41
N HIS A 162 -30.65 30.86 -11.49
CA HIS A 162 -29.42 31.35 -12.10
C HIS A 162 -29.47 32.86 -12.09
N ILE A 163 -28.37 33.50 -11.70
CA ILE A 163 -28.35 34.95 -11.54
C ILE A 163 -27.01 35.52 -11.99
N ILE A 164 -26.99 36.83 -12.12
CA ILE A 164 -25.78 37.59 -12.27
C ILE A 164 -25.61 38.39 -10.98
N LEU A 165 -24.54 39.19 -10.91
CA LEU A 165 -24.28 39.97 -9.71
C LEU A 165 -23.36 41.13 -10.01
N LEU A 166 -23.73 42.31 -9.54
CA LEU A 166 -22.93 43.52 -9.74
C LEU A 166 -22.81 44.19 -8.38
N VAL A 167 -21.65 44.78 -8.10
CA VAL A 167 -21.39 45.37 -6.80
C VAL A 167 -20.63 46.68 -6.98
N SER A 168 -21.20 47.76 -6.46
CA SER A 168 -20.56 49.07 -6.54
C SER A 168 -19.21 49.07 -5.84
N ASP A 169 -18.24 49.75 -6.46
CA ASP A 169 -16.83 49.66 -6.06
C ASP A 169 -16.59 50.49 -4.80
N ASP A 170 -16.98 49.92 -3.67
CA ASP A 170 -16.68 50.49 -2.37
C ASP A 170 -16.70 49.36 -1.35
N HIS A 171 -16.30 49.68 -0.12
CA HIS A 171 -16.16 48.63 0.89
C HIS A 171 -17.46 47.87 1.09
N GLU A 172 -18.60 48.52 0.92
CA GLU A 172 -19.88 47.83 1.03
C GLU A 172 -19.96 46.69 0.04
N GLY A 173 -19.62 46.96 -1.22
CA GLY A 173 -19.62 45.91 -2.22
C GLY A 173 -18.70 44.77 -1.86
N ARG A 174 -17.46 45.08 -1.49
CA ARG A 174 -16.53 44.04 -1.05
C ARG A 174 -17.15 43.22 0.07
N ALA A 175 -18.06 43.82 0.83
CA ALA A 175 -18.85 43.03 1.76
C ALA A 175 -20.10 42.50 1.10
N ALA A 176 -20.79 43.33 0.32
CA ALA A 176 -22.03 42.91 -0.31
C ALA A 176 -21.85 41.59 -1.04
N GLN A 177 -20.92 41.55 -1.99
CA GLN A 177 -20.58 40.28 -2.62
C GLN A 177 -20.18 39.25 -1.59
N LYS A 178 -19.33 39.65 -0.64
CA LYS A 178 -18.91 38.71 0.40
C LYS A 178 -20.09 38.23 1.22
N ARG A 179 -20.92 39.17 1.68
CA ARG A 179 -22.06 38.81 2.51
C ARG A 179 -22.97 37.82 1.80
N LEU A 180 -23.16 38.01 0.49
CA LEU A 180 -23.99 37.07 -0.25
C LEU A 180 -23.29 35.72 -0.40
N GLU A 181 -21.99 35.76 -0.66
CA GLU A 181 -21.20 34.54 -0.76
C GLU A 181 -21.18 33.74 0.52
N THR A 182 -21.47 34.38 1.66
CA THR A 182 -21.68 33.61 2.88
C THR A 182 -22.84 32.64 2.73
N LEU A 183 -23.83 33.00 1.90
CA LEU A 183 -25.05 32.23 1.76
C LEU A 183 -24.97 31.19 0.66
N LEU A 184 -24.38 31.52 -0.49
CA LEU A 184 -24.31 30.55 -1.58
C LEU A 184 -23.43 29.37 -1.21
N GLU A 185 -22.40 29.58 -0.39
CA GLU A 185 -21.62 28.46 0.10
C GLU A 185 -22.46 27.45 0.87
N GLU A 186 -23.65 27.86 1.32
CA GLU A 186 -24.58 26.91 1.90
C GLU A 186 -25.20 26.08 0.79
N ARG A 187 -26.24 25.31 1.11
CA ARG A 187 -26.77 24.32 0.19
C ARG A 187 -25.64 23.41 -0.25
N GLU A 188 -24.73 23.10 0.68
CA GLU A 188 -23.61 22.18 0.45
C GLU A 188 -23.61 21.16 1.58
N SER A 189 -24.37 20.08 1.39
CA SER A 189 -24.48 19.03 2.39
C SER A 189 -24.97 17.77 1.70
N LYS A 190 -25.47 16.82 2.50
CA LYS A 190 -25.89 15.51 2.02
C LYS A 190 -24.74 14.79 1.34
N ARG A 208 -30.95 21.32 -9.65
CA ARG A 208 -30.68 22.63 -10.21
C ARG A 208 -30.79 23.71 -9.15
N GLY A 209 -30.01 23.57 -8.09
CA GLY A 209 -30.05 24.52 -6.99
C GLY A 209 -29.35 25.81 -7.32
N PRO A 210 -29.46 26.77 -6.40
CA PRO A 210 -28.86 28.09 -6.64
C PRO A 210 -27.36 28.01 -6.75
N LYS A 211 -26.81 28.89 -7.59
CA LYS A 211 -25.37 29.02 -7.78
C LYS A 211 -25.11 30.30 -8.56
N ALA A 212 -24.04 30.98 -8.20
CA ALA A 212 -23.66 32.18 -8.92
C ALA A 212 -23.25 31.82 -10.34
N GLU A 213 -23.18 32.85 -11.20
CA GLU A 213 -22.78 32.61 -12.57
C GLU A 213 -21.65 33.54 -12.99
N LYS A 214 -21.68 34.77 -12.52
CA LYS A 214 -20.61 35.71 -12.85
C LYS A 214 -20.58 36.79 -11.80
N VAL A 215 -19.59 37.67 -11.92
CA VAL A 215 -19.47 38.85 -11.07
C VAL A 215 -18.70 39.89 -11.86
N LEU A 216 -19.25 41.09 -11.96
CA LEU A 216 -18.53 42.17 -12.61
C LEU A 216 -17.83 43.02 -11.56
N GLN A 217 -17.31 44.17 -11.97
CA GLN A 217 -16.74 45.12 -11.04
C GLN A 217 -17.15 46.51 -11.46
N PHE A 218 -16.93 47.46 -10.56
CA PHE A 218 -17.49 48.79 -10.71
C PHE A 218 -16.41 49.84 -10.50
N ASP A 219 -16.85 51.09 -10.53
CA ASP A 219 -16.11 52.24 -10.05
C ASP A 219 -17.15 53.25 -9.60
N PRO A 220 -16.89 53.99 -8.52
CA PRO A 220 -17.86 54.99 -8.05
C PRO A 220 -18.12 56.10 -9.06
N GLY A 221 -17.41 56.13 -10.18
CA GLY A 221 -17.65 57.13 -11.20
C GLY A 221 -17.14 56.72 -12.57
N THR A 222 -18.01 56.81 -13.57
CA THR A 222 -17.63 56.48 -14.94
C THR A 222 -18.63 57.14 -15.88
N LYS A 223 -18.14 57.47 -17.08
CA LYS A 223 -19.01 58.10 -18.07
C LYS A 223 -19.85 57.05 -18.80
N ASN A 224 -19.19 56.11 -19.47
CA ASN A 224 -19.88 55.07 -20.25
C ASN A 224 -19.34 53.70 -19.86
N VAL A 225 -20.23 52.74 -19.69
CA VAL A 225 -19.85 51.42 -19.22
C VAL A 225 -20.42 50.34 -20.13
N THR A 226 -20.57 50.67 -21.43
CA THR A 226 -21.26 49.78 -22.36
C THR A 226 -20.71 48.36 -22.32
N ALA A 227 -19.45 48.20 -22.69
CA ALA A 227 -18.89 46.85 -22.77
C ALA A 227 -18.80 46.19 -21.41
N LEU A 228 -18.47 46.97 -20.36
CA LEU A 228 -18.31 46.42 -19.02
C LEU A 228 -19.51 45.58 -18.60
N LEU A 229 -20.70 45.88 -19.11
CA LEU A 229 -21.89 45.12 -18.81
C LEU A 229 -22.25 44.14 -19.91
N MET A 230 -21.57 44.22 -21.06
CA MET A 230 -22.05 43.51 -22.24
C MET A 230 -22.07 42.00 -22.04
N GLU A 231 -20.98 41.43 -21.51
CA GLU A 231 -20.85 39.98 -21.45
C GLU A 231 -21.91 39.31 -20.59
N ALA A 232 -22.72 40.08 -19.86
CA ALA A 232 -23.82 39.49 -19.13
C ALA A 232 -24.85 38.88 -20.07
N ARG A 233 -25.34 39.66 -21.03
CA ARG A 233 -26.41 39.23 -21.92
C ARG A 233 -26.10 37.90 -22.59
N GLU A 234 -24.83 37.51 -22.65
CA GLU A 234 -24.44 36.25 -23.26
C GLU A 234 -24.28 35.14 -22.26
N LEU A 235 -25.09 35.13 -21.20
CA LEU A 235 -25.03 34.10 -20.19
C LEU A 235 -26.41 33.51 -19.98
N GLU A 236 -26.49 32.51 -19.11
CA GLU A 236 -27.62 31.59 -19.06
C GLU A 236 -28.75 32.05 -18.15
N ALA A 237 -28.89 33.35 -17.90
CA ALA A 237 -29.95 33.81 -17.02
C ALA A 237 -30.29 35.27 -17.34
N ARG A 238 -31.30 35.77 -16.64
CA ARG A 238 -31.68 37.17 -16.72
C ARG A 238 -31.92 37.85 -15.38
N VAL A 239 -31.90 37.11 -14.27
CA VAL A 239 -32.10 37.71 -12.95
C VAL A 239 -30.88 38.56 -12.63
N ILE A 240 -31.03 39.88 -12.74
CA ILE A 240 -29.93 40.82 -12.57
C ILE A 240 -30.09 41.52 -11.23
N ILE A 241 -29.04 41.49 -10.43
CA ILE A 241 -29.08 42.05 -9.08
C ILE A 241 -28.06 43.18 -8.95
N LEU A 242 -28.48 44.41 -9.21
CA LEU A 242 -27.60 45.56 -9.08
C LEU A 242 -27.36 45.83 -7.59
N SER A 243 -26.35 46.63 -7.29
CA SER A 243 -26.15 47.18 -5.95
C SER A 243 -25.24 48.39 -6.06
N ALA A 244 -25.82 49.57 -5.91
CA ALA A 244 -25.09 50.81 -6.05
C ALA A 244 -25.75 51.84 -5.13
N SER A 245 -25.48 53.11 -5.37
CA SER A 245 -26.16 54.17 -4.64
C SER A 245 -26.63 55.22 -5.65
N GLU A 246 -27.11 56.35 -5.14
CA GLU A 246 -27.80 57.33 -5.95
C GLU A 246 -26.97 57.87 -7.11
N ASP A 247 -25.66 57.66 -7.10
CA ASP A 247 -24.82 58.21 -8.17
C ASP A 247 -24.87 57.32 -9.40
N ASP A 248 -24.46 56.07 -9.26
CA ASP A 248 -24.30 55.19 -10.41
C ASP A 248 -25.62 54.67 -10.96
N ALA A 249 -26.72 54.83 -10.23
CA ALA A 249 -28.00 54.33 -10.71
C ALA A 249 -28.44 55.04 -11.97
N ALA A 250 -28.21 56.36 -12.05
CA ALA A 250 -28.55 57.09 -13.26
C ALA A 250 -27.76 56.61 -14.46
N THR A 251 -26.46 56.34 -14.28
CA THR A 251 -25.65 55.83 -15.38
C THR A 251 -26.11 54.43 -15.80
N VAL A 252 -26.34 53.55 -14.84
CA VAL A 252 -26.79 52.20 -15.17
C VAL A 252 -28.11 52.25 -15.92
N TYR A 253 -29.13 52.86 -15.32
CA TYR A 253 -30.46 52.86 -15.90
C TYR A 253 -30.51 53.63 -17.21
N ARG A 254 -29.79 54.74 -17.33
CA ARG A 254 -29.72 55.42 -18.62
C ARG A 254 -29.09 54.52 -19.67
N ALA A 255 -28.28 53.56 -19.24
CA ALA A 255 -27.57 52.67 -20.15
C ALA A 255 -27.92 51.21 -19.94
N ALA A 256 -29.12 50.91 -19.44
CA ALA A 256 -29.53 49.51 -19.34
C ALA A 256 -30.30 49.07 -20.58
N ALA A 257 -31.44 49.72 -20.84
CA ALA A 257 -32.16 49.45 -22.08
C ALA A 257 -31.38 49.91 -23.30
N MET A 258 -30.43 50.85 -23.12
CA MET A 258 -29.60 51.28 -24.23
C MET A 258 -28.83 50.11 -24.84
N LEU A 259 -28.64 49.04 -24.08
CA LEU A 259 -28.13 47.78 -24.60
C LEU A 259 -29.25 46.76 -24.78
N ASP A 260 -30.50 47.22 -24.82
CA ASP A 260 -31.66 46.35 -24.96
C ASP A 260 -31.71 45.32 -23.83
N MET A 261 -31.53 45.81 -22.60
CA MET A 261 -31.51 44.95 -21.42
C MET A 261 -32.73 45.16 -20.53
N THR A 262 -33.76 45.87 -21.00
CA THR A 262 -34.94 46.14 -20.21
C THR A 262 -36.20 45.51 -20.77
N GLY A 263 -36.09 44.74 -21.85
CA GLY A 263 -37.24 44.12 -22.49
C GLY A 263 -37.79 42.95 -21.69
N SER A 264 -38.39 42.00 -22.41
CA SER A 264 -39.05 40.87 -21.77
C SER A 264 -38.06 40.03 -20.99
N GLY A 265 -38.60 39.21 -20.09
CA GLY A 265 -37.79 38.31 -19.30
C GLY A 265 -36.74 38.95 -18.44
N TYR A 266 -36.73 40.27 -18.33
CA TYR A 266 -35.71 40.97 -17.55
C TYR A 266 -36.20 41.21 -16.12
N VAL A 267 -35.26 41.27 -15.19
CA VAL A 267 -35.54 41.21 -13.76
C VAL A 267 -34.52 42.07 -13.03
N TRP A 268 -34.93 42.69 -11.93
CA TRP A 268 -34.04 43.43 -11.06
C TRP A 268 -34.49 43.27 -9.62
N LEU A 269 -33.53 43.30 -8.69
CA LEU A 269 -33.84 43.37 -7.25
C LEU A 269 -32.88 44.40 -6.66
N VAL A 270 -33.23 45.68 -6.78
CA VAL A 270 -32.28 46.76 -6.64
C VAL A 270 -32.32 47.32 -5.22
N GLY A 271 -31.17 47.74 -4.74
CA GLY A 271 -31.03 48.27 -3.41
C GLY A 271 -31.72 49.61 -3.25
N GLU A 272 -32.05 49.91 -1.99
CA GLU A 272 -32.87 51.06 -1.67
C GLU A 272 -32.29 52.37 -2.18
N ARG A 273 -30.98 52.45 -2.37
CA ARG A 273 -30.35 53.70 -2.79
C ARG A 273 -30.51 53.98 -4.27
N GLU A 274 -31.42 53.27 -4.95
CA GLU A 274 -31.74 53.55 -6.34
C GLU A 274 -33.23 53.54 -6.64
N ILE A 275 -34.08 53.36 -5.63
CA ILE A 275 -35.52 53.50 -5.83
C ILE A 275 -35.92 54.86 -5.29
N SER A 276 -34.95 55.77 -5.21
CA SER A 276 -35.19 57.15 -4.80
C SER A 276 -34.14 58.03 -5.45
N GLY A 277 -34.06 59.27 -5.00
CA GLY A 277 -33.11 60.20 -5.59
C GLY A 277 -33.39 60.40 -7.07
N ASN A 278 -32.33 60.71 -7.81
CA ASN A 278 -32.44 60.91 -9.25
C ASN A 278 -32.75 59.63 -10.01
N ALA A 279 -32.65 58.47 -9.36
CA ALA A 279 -32.64 57.19 -10.08
C ALA A 279 -33.92 56.94 -10.86
N LEU A 280 -35.08 57.27 -10.30
CA LEU A 280 -36.34 57.07 -11.01
C LEU A 280 -36.37 57.78 -12.36
N ARG A 281 -35.43 58.69 -12.62
CA ARG A 281 -35.37 59.32 -13.93
C ARG A 281 -35.20 58.30 -15.05
N TYR A 282 -34.25 57.38 -14.91
CA TYR A 282 -33.81 56.56 -16.03
C TYR A 282 -34.19 55.08 -15.92
N ALA A 283 -34.63 54.61 -14.76
CA ALA A 283 -34.98 53.21 -14.65
C ALA A 283 -36.25 52.91 -15.44
N PRO A 284 -36.44 51.67 -15.88
CA PRO A 284 -37.75 51.25 -16.38
C PRO A 284 -38.58 50.68 -15.25
N ASP A 285 -39.89 50.69 -15.46
CA ASP A 285 -40.80 50.17 -14.44
C ASP A 285 -40.55 48.67 -14.24
N GLY A 286 -41.26 48.12 -13.27
CA GLY A 286 -40.95 46.77 -12.85
C GLY A 286 -39.58 46.67 -12.23
N ILE A 287 -39.00 47.79 -11.82
CA ILE A 287 -37.68 47.80 -11.23
C ILE A 287 -37.83 47.47 -9.75
N ILE A 288 -37.94 46.19 -9.45
CA ILE A 288 -38.28 45.71 -8.10
C ILE A 288 -37.21 46.18 -7.12
N GLY A 289 -37.65 46.74 -5.99
CA GLY A 289 -36.74 47.24 -4.97
C GLY A 289 -37.19 46.85 -3.57
N LEU A 290 -36.27 47.07 -2.62
CA LEU A 290 -36.50 46.75 -1.22
C LEU A 290 -36.48 48.03 -0.39
N GLN A 291 -37.13 47.98 0.76
CA GLN A 291 -37.26 49.13 1.64
C GLN A 291 -37.38 48.66 3.08
N LEU A 292 -36.60 49.30 3.95
CA LEU A 292 -36.60 48.99 5.37
C LEU A 292 -37.77 49.68 6.04
N ILE A 293 -38.29 49.06 7.11
CA ILE A 293 -39.57 49.48 7.67
C ILE A 293 -39.52 50.90 8.21
N ASN A 294 -38.71 51.13 9.25
CA ASN A 294 -38.76 52.41 9.96
C ASN A 294 -38.22 53.53 9.10
N GLY A 295 -36.95 53.46 8.72
CA GLY A 295 -36.35 54.60 8.06
C GLY A 295 -36.20 55.75 9.02
N LYS A 296 -36.18 56.96 8.46
CA LYS A 296 -35.84 58.17 9.21
C LYS A 296 -36.98 58.55 10.14
N ASN A 297 -36.87 58.12 11.40
CA ASN A 297 -37.74 58.61 12.47
C ASN A 297 -36.95 58.51 13.78
N GLU A 298 -36.33 59.62 14.16
CA GLU A 298 -35.55 59.65 15.38
C GLU A 298 -36.43 59.62 16.62
N SER A 299 -37.26 60.65 16.81
CA SER A 299 -38.03 60.84 18.02
C SER A 299 -38.90 59.65 18.38
N ALA A 300 -39.00 58.65 17.51
CA ALA A 300 -39.68 57.41 17.87
C ALA A 300 -38.73 56.40 18.47
N HIS A 301 -37.43 56.54 18.24
CA HIS A 301 -36.50 55.48 18.54
C HIS A 301 -35.47 55.83 19.61
N ILE A 302 -35.27 57.12 19.92
CA ILE A 302 -34.49 57.46 21.11
C ILE A 302 -35.11 56.81 22.34
N SER A 303 -36.44 56.80 22.38
CA SER A 303 -37.14 56.08 23.43
C SER A 303 -36.70 54.63 23.49
N ASP A 304 -36.69 53.95 22.35
CA ASP A 304 -36.28 52.55 22.32
C ASP A 304 -34.84 52.39 22.78
N ALA A 305 -33.95 53.30 22.35
CA ALA A 305 -32.54 53.22 22.72
C ALA A 305 -32.37 53.32 24.23
N VAL A 306 -32.91 54.38 24.84
CA VAL A 306 -32.78 54.53 26.28
C VAL A 306 -33.49 53.41 27.03
N GLY A 307 -34.55 52.84 26.45
CA GLY A 307 -35.18 51.69 27.07
C GLY A 307 -34.27 50.48 27.09
N VAL A 308 -33.47 50.29 26.04
CA VAL A 308 -32.46 49.24 26.07
C VAL A 308 -31.41 49.58 27.12
N VAL A 309 -31.05 50.87 27.24
CA VAL A 309 -30.05 51.28 28.21
C VAL A 309 -30.50 50.93 29.61
N ALA A 310 -31.78 51.17 29.92
CA ALA A 310 -32.30 50.97 31.27
C ALA A 310 -32.24 49.51 31.71
N GLN A 311 -32.61 48.57 30.84
CA GLN A 311 -32.74 47.18 31.25
C GLN A 311 -31.39 46.56 31.65
N ALA A 312 -30.31 47.33 31.58
CA ALA A 312 -29.02 46.84 32.03
C ALA A 312 -28.52 47.55 33.28
N VAL A 313 -28.91 48.82 33.45
CA VAL A 313 -28.53 49.52 34.67
C VAL A 313 -29.20 48.85 35.88
N HIS A 314 -30.48 48.51 35.76
CA HIS A 314 -31.14 47.70 36.79
C HIS A 314 -30.50 46.32 36.93
N GLU A 315 -29.63 45.94 36.00
CA GLU A 315 -29.01 44.62 36.00
C GLU A 315 -27.56 44.63 36.48
N LEU A 316 -26.94 45.80 36.58
CA LEU A 316 -25.57 45.89 37.08
C LEU A 316 -25.49 46.18 38.58
N LEU A 317 -25.93 45.25 39.43
CA LEU A 317 -25.90 45.45 40.86
C LEU A 317 -24.56 45.07 41.47
N GLU A 318 -23.47 45.60 40.92
CA GLU A 318 -22.16 45.57 41.56
C GLU A 318 -21.69 44.15 41.86
N LYS A 319 -21.57 43.35 40.80
CA LYS A 319 -20.95 42.03 40.97
C LYS A 319 -19.45 42.15 41.10
N GLU A 320 -18.84 43.05 40.33
CA GLU A 320 -17.41 43.31 40.39
C GLU A 320 -17.19 44.82 40.35
N ASN A 321 -15.92 45.22 40.34
CA ASN A 321 -15.58 46.63 40.41
C ASN A 321 -16.13 47.40 39.22
N ILE A 322 -16.91 48.44 39.50
CA ILE A 322 -17.45 49.32 38.48
C ILE A 322 -16.63 50.60 38.40
N THR A 323 -15.34 50.54 38.71
CA THR A 323 -14.59 51.53 39.48
C THR A 323 -15.16 52.93 39.22
N ASP A 324 -15.23 53.38 37.98
CA ASP A 324 -15.82 54.69 37.69
C ASP A 324 -15.88 54.87 36.18
N PRO A 325 -16.80 55.69 35.70
CA PRO A 325 -16.65 56.24 34.37
C PRO A 325 -15.67 57.40 34.41
N PRO A 326 -14.47 57.23 33.91
CA PRO A 326 -13.45 58.27 34.05
C PRO A 326 -13.80 59.50 33.22
N ARG A 327 -13.46 60.67 33.74
CA ARG A 327 -13.86 61.96 33.18
C ARG A 327 -12.63 62.79 32.87
N GLY A 328 -12.86 64.05 32.48
CA GLY A 328 -11.79 64.95 32.14
C GLY A 328 -11.29 64.72 30.73
N CYS A 329 -11.06 65.81 29.98
CA CYS A 329 -10.69 65.71 28.58
C CYS A 329 -9.18 65.59 28.37
N VAL A 330 -8.39 65.55 29.45
CA VAL A 330 -6.97 65.28 29.38
C VAL A 330 -6.59 64.41 30.56
N GLY A 331 -5.43 63.76 30.46
CA GLY A 331 -4.81 63.11 31.59
C GLY A 331 -5.13 61.65 31.80
N ASN A 332 -6.38 61.30 32.08
CA ASN A 332 -6.71 59.96 32.55
C ASN A 332 -6.62 58.94 31.43
N THR A 333 -5.45 58.82 30.81
CA THR A 333 -5.28 57.96 29.65
C THR A 333 -4.97 56.54 30.13
N ASN A 334 -6.04 55.76 30.27
CA ASN A 334 -5.91 54.37 30.72
C ASN A 334 -7.11 53.58 30.20
N ILE A 335 -7.28 52.39 30.76
CA ILE A 335 -8.41 51.51 30.44
C ILE A 335 -9.35 51.50 31.65
N TRP A 336 -10.58 51.96 31.46
CA TRP A 336 -11.61 51.65 32.43
C TRP A 336 -11.92 50.17 32.32
N LYS A 337 -11.44 49.39 33.28
CA LYS A 337 -11.46 47.95 33.17
C LYS A 337 -12.87 47.36 33.11
N THR A 338 -13.92 48.18 33.14
CA THR A 338 -15.26 47.66 32.94
C THR A 338 -16.05 48.48 31.93
N GLY A 339 -15.35 49.17 31.02
CA GLY A 339 -15.99 49.73 29.87
C GLY A 339 -16.37 48.67 28.86
N PRO A 340 -15.38 48.08 28.21
CA PRO A 340 -15.65 46.89 27.40
C PRO A 340 -16.43 45.82 28.13
N LEU A 341 -16.29 45.70 29.45
CA LEU A 341 -17.10 44.73 30.18
C LEU A 341 -18.57 45.16 30.21
N PHE A 342 -18.82 46.41 30.59
CA PHE A 342 -20.20 46.92 30.57
C PHE A 342 -20.81 46.78 29.18
N LYS A 343 -20.00 46.88 28.14
CA LYS A 343 -20.52 46.74 26.78
C LYS A 343 -20.83 45.28 26.46
N ARG A 344 -19.83 44.39 26.62
CA ARG A 344 -19.99 42.99 26.24
C ARG A 344 -20.99 42.26 27.11
N VAL A 345 -21.35 42.80 28.28
CA VAL A 345 -22.44 42.21 29.03
C VAL A 345 -23.77 42.87 28.69
N LEU A 346 -23.73 44.10 28.17
CA LEU A 346 -24.95 44.77 27.72
C LEU A 346 -25.62 44.01 26.58
N MET A 347 -24.88 43.16 25.87
CA MET A 347 -25.41 42.52 24.67
C MET A 347 -26.61 41.64 24.95
N SER A 348 -26.91 41.35 26.21
CA SER A 348 -28.05 40.51 26.57
C SER A 348 -29.24 41.33 27.06
N SER A 349 -29.45 42.51 26.50
CA SER A 349 -30.63 43.31 26.80
C SER A 349 -31.76 42.88 25.86
N LYS A 350 -32.75 42.17 26.40
CA LYS A 350 -33.83 41.62 25.61
C LYS A 350 -35.17 42.13 26.14
N TYR A 351 -35.82 43.01 25.39
CA TYR A 351 -37.19 43.40 25.69
C TYR A 351 -37.91 43.70 24.40
N ALA A 352 -39.20 43.35 24.37
CA ALA A 352 -40.05 43.47 23.18
C ALA A 352 -41.21 44.41 23.42
N ASP A 353 -40.93 45.59 23.99
CA ASP A 353 -41.97 46.57 24.29
C ASP A 353 -41.61 47.96 23.78
N GLY A 354 -40.63 48.08 22.89
CA GLY A 354 -40.40 49.34 22.23
C GLY A 354 -41.57 49.71 21.32
N VAL A 355 -41.65 50.98 20.96
CA VAL A 355 -42.78 51.45 20.17
C VAL A 355 -42.74 50.84 18.78
N THR A 356 -41.55 50.58 18.25
CA THR A 356 -41.42 49.87 16.99
C THR A 356 -41.26 48.39 17.31
N GLY A 357 -40.77 47.61 16.36
CA GLY A 357 -40.53 46.19 16.60
C GLY A 357 -39.51 45.96 17.70
N ARG A 358 -39.31 44.69 18.05
CA ARG A 358 -38.37 44.36 19.12
C ARG A 358 -36.96 44.77 18.74
N VAL A 359 -36.09 44.81 19.75
CA VAL A 359 -34.67 45.11 19.56
C VAL A 359 -33.87 43.92 20.07
N GLU A 360 -32.89 43.50 19.27
CA GLU A 360 -32.04 42.38 19.63
C GLU A 360 -30.69 42.56 18.94
N PHE A 361 -29.67 41.93 19.50
CA PHE A 361 -28.29 42.20 19.12
C PHE A 361 -27.56 40.91 18.84
N ASN A 362 -26.82 40.90 17.73
CA ASN A 362 -26.20 39.70 17.17
C ASN A 362 -24.75 39.59 17.63
N GLU A 363 -23.99 38.67 17.02
CA GLU A 363 -22.59 38.49 17.39
C GLU A 363 -21.76 39.71 17.08
N ASP A 364 -22.30 40.68 16.34
CA ASP A 364 -21.58 41.90 16.02
C ASP A 364 -22.18 43.16 16.64
N GLY A 365 -23.47 43.16 16.96
CA GLY A 365 -24.11 44.35 17.49
C GLY A 365 -25.07 44.95 16.51
N ASP A 366 -25.46 44.18 15.50
CA ASP A 366 -26.43 44.61 14.52
C ASP A 366 -27.82 44.12 14.92
N ARG A 367 -28.80 45.01 14.81
CA ARG A 367 -30.15 44.71 15.25
C ARG A 367 -30.72 43.58 14.41
N LYS A 368 -30.99 42.45 15.03
CA LYS A 368 -31.53 41.32 14.31
C LYS A 368 -33.04 41.46 14.13
N PHE A 369 -33.56 40.81 13.08
CA PHE A 369 -34.98 40.67 12.84
C PHE A 369 -35.67 42.03 12.70
N ALA A 370 -35.31 42.71 11.60
CA ALA A 370 -36.01 43.91 11.20
C ALA A 370 -37.16 43.57 10.25
N GLN A 371 -37.85 44.62 9.78
CA GLN A 371 -39.01 44.46 8.90
C GLN A 371 -38.74 45.12 7.56
N TYR A 372 -39.11 44.43 6.48
CA TYR A 372 -38.86 44.88 5.12
C TYR A 372 -40.17 44.90 4.34
N SER A 373 -40.48 46.04 3.73
CA SER A 373 -41.51 46.09 2.73
C SER A 373 -41.00 45.49 1.42
N ILE A 374 -41.82 45.55 0.39
CA ILE A 374 -41.39 45.19 -0.97
C ILE A 374 -42.02 46.23 -1.90
N MET A 375 -41.25 47.24 -2.26
CA MET A 375 -41.76 48.33 -3.08
C MET A 375 -41.85 47.87 -4.53
N ASN A 376 -42.11 48.82 -5.44
CA ASN A 376 -42.29 48.48 -6.85
C ASN A 376 -42.30 49.77 -7.66
N LEU A 377 -42.55 49.62 -8.96
CA LEU A 377 -42.85 50.76 -9.83
C LEU A 377 -43.69 50.25 -10.98
N GLN A 378 -44.94 50.72 -11.06
CA GLN A 378 -45.86 50.31 -12.13
C GLN A 378 -46.11 51.50 -13.04
N ASN A 379 -45.15 51.77 -13.91
CA ASN A 379 -45.27 52.61 -15.10
C ASN A 379 -45.50 54.08 -14.81
N ARG A 380 -45.94 54.40 -13.59
CA ARG A 380 -45.95 55.78 -13.15
C ARG A 380 -45.69 55.89 -11.65
N LYS A 381 -45.88 54.78 -10.93
CA LYS A 381 -45.95 54.81 -9.48
C LYS A 381 -45.74 53.42 -8.91
N LEU A 382 -45.64 53.36 -7.60
CA LEU A 382 -45.25 52.16 -6.89
C LEU A 382 -46.48 51.38 -6.43
N VAL A 383 -46.27 50.10 -6.16
CA VAL A 383 -47.25 49.25 -5.49
C VAL A 383 -46.49 48.40 -4.46
N GLN A 384 -47.24 47.56 -3.76
CA GLN A 384 -46.67 46.74 -2.68
C GLN A 384 -47.22 45.33 -2.76
N VAL A 385 -46.34 44.34 -2.61
CA VAL A 385 -46.78 42.95 -2.62
C VAL A 385 -46.95 42.40 -1.21
N GLY A 386 -46.44 43.07 -0.19
CA GLY A 386 -46.59 42.58 1.16
C GLY A 386 -45.51 43.15 2.06
N ILE A 387 -45.04 42.31 2.97
CA ILE A 387 -44.00 42.66 3.92
C ILE A 387 -43.06 41.48 4.06
N TYR A 388 -41.93 41.72 4.74
CA TYR A 388 -41.07 40.61 5.15
C TYR A 388 -40.48 40.91 6.52
N ASN A 389 -40.48 39.89 7.37
CA ASN A 389 -39.91 39.99 8.71
C ASN A 389 -39.64 38.59 9.22
N GLY A 390 -38.40 38.34 9.65
CA GLY A 390 -38.01 37.03 10.14
C GLY A 390 -37.49 36.13 9.05
N THR A 391 -38.25 35.08 8.72
CA THR A 391 -37.87 34.17 7.65
C THR A 391 -38.98 33.91 6.64
N HIS A 392 -40.24 33.98 7.05
CA HIS A 392 -41.35 33.78 6.13
C HIS A 392 -41.59 35.06 5.35
N VAL A 393 -41.55 34.97 4.03
CA VAL A 393 -41.86 36.12 3.17
C VAL A 393 -43.38 36.22 3.07
N ILE A 394 -43.90 37.43 3.18
CA ILE A 394 -45.33 37.65 3.35
C ILE A 394 -45.90 38.39 2.15
N PRO A 395 -46.72 37.74 1.33
CA PRO A 395 -47.35 38.40 0.21
C PRO A 395 -48.73 38.95 0.57
N ASN A 396 -49.24 39.81 -0.29
CA ASN A 396 -50.58 40.37 -0.20
C ASN A 396 -51.29 40.20 -1.55
N ASP A 397 -52.39 40.91 -1.71
CA ASP A 397 -53.15 40.91 -2.96
C ASP A 397 -52.96 42.27 -3.63
N ARG A 398 -52.15 42.28 -4.69
CA ARG A 398 -51.93 43.50 -5.47
C ARG A 398 -51.44 43.10 -6.85
N LYS A 399 -51.31 44.10 -7.72
CA LYS A 399 -50.96 43.88 -9.12
C LYS A 399 -49.45 43.72 -9.25
N ILE A 400 -48.97 42.48 -9.12
CA ILE A 400 -47.57 42.18 -9.39
C ILE A 400 -47.31 42.40 -10.88
N ILE A 401 -46.14 42.91 -11.21
CA ILE A 401 -45.74 43.05 -12.60
C ILE A 401 -44.32 42.54 -12.73
N TRP A 402 -43.97 42.12 -13.86
CA TRP A 402 -42.57 42.07 -14.26
C TRP A 402 -42.40 42.89 -15.53
N PRO A 403 -41.26 43.54 -15.70
CA PRO A 403 -41.10 44.45 -16.85
C PRO A 403 -41.24 43.72 -18.16
N GLY A 404 -42.05 44.30 -19.05
CA GLY A 404 -42.45 43.64 -20.28
C GLY A 404 -43.88 43.15 -20.29
N GLY A 405 -44.60 43.26 -19.17
CA GLY A 405 -46.01 42.99 -19.15
C GLY A 405 -46.41 41.53 -19.13
N GLU A 406 -45.49 40.62 -18.83
CA GLU A 406 -45.79 39.19 -18.71
C GLU A 406 -46.23 38.91 -17.28
N THR A 407 -47.52 38.73 -17.08
CA THR A 407 -48.12 38.71 -15.75
C THR A 407 -47.99 37.33 -15.11
N GLU A 408 -47.14 36.48 -15.68
CA GLU A 408 -46.85 35.19 -15.10
C GLU A 408 -45.64 35.34 -14.16
N LYS A 409 -45.03 34.21 -13.78
CA LYS A 409 -43.79 34.25 -13.02
C LYS A 409 -42.66 33.92 -13.98
N PRO A 410 -42.11 34.91 -14.67
CA PRO A 410 -41.24 34.62 -15.80
C PRO A 410 -39.87 34.14 -15.38
N ARG A 411 -39.63 32.83 -15.49
CA ARG A 411 -38.32 32.28 -15.16
C ARG A 411 -37.32 32.70 -16.22
N GLY A 412 -36.45 33.64 -15.86
CA GLY A 412 -35.39 34.09 -16.75
C GLY A 412 -34.26 33.11 -16.92
N TYR A 413 -34.49 31.84 -16.56
CA TYR A 413 -33.50 30.77 -16.67
C TYR A 413 -33.40 30.34 -18.13
N GLN A 414 -32.90 31.27 -18.94
CA GLN A 414 -32.79 31.03 -20.37
C GLN A 414 -31.74 29.96 -20.66
N MET A 415 -31.81 29.43 -21.87
CA MET A 415 -30.79 28.56 -22.41
C MET A 415 -30.28 29.16 -23.71
N SER A 416 -29.13 28.68 -24.16
CA SER A 416 -28.55 29.15 -25.41
C SER A 416 -28.81 28.16 -26.53
N THR A 417 -28.70 28.63 -27.78
CA THR A 417 -28.99 27.81 -28.94
C THR A 417 -27.79 27.57 -29.83
N ARG A 418 -27.00 28.60 -30.12
CA ARG A 418 -25.79 28.45 -30.92
C ARG A 418 -24.60 28.23 -30.01
N LEU A 419 -23.54 27.64 -30.56
CA LEU A 419 -22.34 27.31 -29.81
C LEU A 419 -21.11 27.80 -30.57
N LYS A 420 -19.94 27.42 -30.08
CA LYS A 420 -18.66 27.71 -30.73
C LYS A 420 -17.75 26.51 -30.49
N ILE A 421 -17.70 25.59 -31.44
CA ILE A 421 -17.00 24.32 -31.23
C ILE A 421 -15.61 24.44 -31.82
N VAL A 422 -14.68 23.63 -31.32
CA VAL A 422 -13.30 23.65 -31.81
C VAL A 422 -12.78 22.22 -31.96
N THR A 423 -11.97 21.99 -32.99
CA THR A 423 -11.39 20.70 -33.29
C THR A 423 -9.93 20.80 -33.70
N ILE A 424 -9.38 19.70 -34.23
CA ILE A 424 -7.97 19.55 -34.54
C ILE A 424 -7.82 18.94 -35.92
N HIS A 425 -6.60 18.57 -36.28
CA HIS A 425 -6.37 17.66 -37.39
C HIS A 425 -6.09 16.27 -36.86
N GLN A 426 -6.64 15.25 -37.54
CA GLN A 426 -6.32 13.86 -37.29
C GLN A 426 -6.69 13.10 -38.54
N GLU A 427 -5.68 12.58 -39.25
CA GLU A 427 -5.83 11.96 -40.56
C GLU A 427 -7.02 11.00 -40.64
N PRO A 428 -7.27 10.14 -39.66
CA PRO A 428 -8.44 9.27 -39.73
C PRO A 428 -9.70 9.86 -39.15
N PHE A 429 -9.64 11.01 -38.50
CA PHE A 429 -10.80 11.54 -37.80
C PHE A 429 -11.31 12.84 -38.37
N VAL A 430 -10.42 13.76 -38.73
CA VAL A 430 -10.81 15.06 -39.23
C VAL A 430 -9.87 15.47 -40.35
N TYR A 431 -10.30 15.31 -41.59
CA TYR A 431 -9.47 15.65 -42.72
C TYR A 431 -9.36 17.17 -42.84
N VAL A 432 -8.28 17.60 -43.47
CA VAL A 432 -8.00 19.01 -43.66
C VAL A 432 -7.75 19.22 -45.15
N LYS A 433 -8.80 19.56 -45.89
CA LYS A 433 -8.70 19.84 -47.31
C LYS A 433 -9.21 21.24 -47.60
N PRO A 434 -8.53 21.97 -48.46
CA PRO A 434 -9.05 23.29 -48.86
C PRO A 434 -10.38 23.20 -49.57
N THR A 435 -10.97 24.34 -49.88
CA THR A 435 -12.30 24.42 -50.45
C THR A 435 -12.26 23.95 -51.91
N MET A 436 -13.38 24.08 -52.60
CA MET A 436 -13.40 23.87 -54.05
C MET A 436 -12.84 25.14 -54.72
N SER A 437 -12.97 25.22 -56.04
CA SER A 437 -12.56 26.44 -56.72
C SER A 437 -13.46 27.60 -56.37
N ASP A 438 -14.74 27.35 -56.13
CA ASP A 438 -15.71 28.38 -55.77
C ASP A 438 -15.85 28.55 -54.27
N GLY A 439 -14.81 28.26 -53.49
CA GLY A 439 -14.91 28.37 -52.05
C GLY A 439 -15.95 27.47 -51.45
N THR A 440 -16.15 26.28 -52.01
CA THR A 440 -17.22 25.38 -51.58
C THR A 440 -16.71 23.96 -51.46
N CYS A 441 -17.63 23.00 -51.38
CA CYS A 441 -17.31 21.61 -51.13
C CYS A 441 -17.80 20.74 -52.29
N LYS A 442 -16.93 19.91 -52.82
CA LYS A 442 -17.27 19.02 -53.92
C LYS A 442 -18.05 17.82 -53.42
N GLU A 443 -18.41 16.95 -54.35
CA GLU A 443 -19.21 15.76 -54.05
C GLU A 443 -18.30 14.55 -53.86
N GLU A 444 -18.90 13.47 -53.38
CA GLU A 444 -18.21 12.19 -53.24
C GLU A 444 -19.26 11.13 -52.92
N PHE A 445 -18.82 9.88 -52.93
CA PHE A 445 -19.71 8.76 -52.66
C PHE A 445 -19.14 7.88 -51.56
N THR A 446 -20.04 7.20 -50.86
CA THR A 446 -19.66 6.14 -49.93
C THR A 446 -19.61 4.83 -50.70
N VAL A 447 -19.52 3.70 -49.98
CA VAL A 447 -19.61 2.41 -50.63
C VAL A 447 -21.01 2.18 -51.22
N ASN A 448 -22.03 2.80 -50.63
CA ASN A 448 -23.37 2.78 -51.19
C ASN A 448 -23.66 3.99 -52.07
N GLY A 449 -22.81 5.02 -52.04
CA GLY A 449 -22.99 6.18 -52.87
C GLY A 449 -23.68 7.35 -52.21
N ASP A 450 -23.80 7.35 -50.89
CA ASP A 450 -24.43 8.47 -50.22
C ASP A 450 -23.56 9.71 -50.36
N PRO A 451 -24.15 10.90 -50.30
CA PRO A 451 -23.33 12.12 -50.25
C PRO A 451 -22.68 12.26 -48.89
N VAL A 452 -21.37 12.46 -48.88
CA VAL A 452 -20.64 12.63 -47.63
C VAL A 452 -20.78 14.07 -47.17
N LYS A 453 -21.18 14.24 -45.92
CA LYS A 453 -21.48 15.57 -45.39
C LYS A 453 -20.19 16.37 -45.27
N LYS A 454 -20.22 17.61 -45.75
CA LYS A 454 -19.12 18.53 -45.60
C LYS A 454 -19.62 19.81 -44.95
N VAL A 455 -18.72 20.58 -44.37
CA VAL A 455 -19.07 21.79 -43.65
C VAL A 455 -17.87 22.72 -43.58
N ILE A 456 -18.15 24.02 -43.69
CA ILE A 456 -17.10 25.02 -43.57
C ILE A 456 -16.46 24.92 -42.19
N CYS A 457 -15.25 25.46 -42.09
CA CYS A 457 -14.41 25.26 -40.91
C CYS A 457 -13.31 26.31 -40.95
N THR A 458 -13.34 27.24 -40.01
CA THR A 458 -12.41 28.36 -40.04
C THR A 458 -11.06 27.94 -39.46
N GLY A 459 -10.07 28.82 -39.64
CA GLY A 459 -8.76 28.58 -39.10
C GLY A 459 -7.68 29.48 -39.67
N PRO A 460 -6.74 29.88 -38.82
CA PRO A 460 -5.54 30.57 -39.29
C PRO A 460 -4.47 29.56 -39.65
N ASN A 461 -4.91 28.32 -39.87
CA ASN A 461 -4.05 27.15 -39.90
C ASN A 461 -3.32 26.99 -41.23
N ASP A 462 -3.29 28.03 -42.06
CA ASP A 462 -2.52 27.96 -43.29
C ASP A 462 -1.05 27.66 -43.02
N THR A 463 -0.58 27.99 -41.83
CA THR A 463 0.79 27.69 -41.44
C THR A 463 0.80 27.14 -40.02
N SER A 464 1.62 26.11 -39.83
CA SER A 464 1.84 25.52 -38.52
C SER A 464 2.63 26.51 -37.66
N PRO A 465 2.77 26.24 -36.37
CA PRO A 465 3.65 27.08 -35.54
C PRO A 465 5.06 27.09 -36.09
N GLY A 466 5.70 28.26 -36.04
CA GLY A 466 6.96 28.49 -36.71
C GLY A 466 6.88 29.42 -37.90
N SER A 467 5.74 30.05 -38.12
CA SER A 467 5.47 31.00 -39.20
C SER A 467 4.13 31.67 -38.94
N PRO A 468 3.96 32.94 -39.30
CA PRO A 468 2.71 33.64 -38.99
C PRO A 468 1.52 32.97 -39.66
N ARG A 469 0.33 33.46 -39.29
CA ARG A 469 -0.92 32.85 -39.70
C ARG A 469 -1.75 33.81 -40.53
N HIS A 470 -2.34 33.29 -41.60
CA HIS A 470 -3.28 34.04 -42.43
C HIS A 470 -4.65 33.38 -42.31
N THR A 471 -5.66 34.19 -42.00
CA THR A 471 -7.00 33.69 -41.68
C THR A 471 -7.69 33.24 -42.95
N VAL A 472 -7.85 31.92 -43.11
CA VAL A 472 -8.47 31.35 -44.29
C VAL A 472 -9.37 30.18 -43.91
N PRO A 473 -10.65 30.19 -44.28
CA PRO A 473 -11.50 29.03 -44.02
C PRO A 473 -11.05 27.84 -44.84
N GLN A 474 -11.45 26.65 -44.38
CA GLN A 474 -11.05 25.41 -45.02
C GLN A 474 -12.22 24.46 -44.97
N CYS A 475 -11.95 23.17 -45.21
CA CYS A 475 -12.94 22.12 -45.05
C CYS A 475 -12.49 21.15 -43.97
N CYS A 476 -13.44 20.75 -43.13
CA CYS A 476 -13.16 19.85 -42.01
C CYS A 476 -14.24 18.77 -42.04
N TYR A 477 -14.01 17.70 -42.80
CA TYR A 477 -14.98 16.63 -42.93
C TYR A 477 -14.38 15.34 -42.39
N GLY A 478 -15.20 14.31 -42.36
CA GLY A 478 -14.73 13.02 -41.94
C GLY A 478 -15.69 12.28 -41.05
N PHE A 479 -15.23 11.86 -39.87
CA PHE A 479 -16.01 10.96 -39.03
C PHE A 479 -16.76 11.70 -37.93
N CYS A 480 -16.07 12.56 -37.19
CA CYS A 480 -16.69 13.18 -36.03
C CYS A 480 -17.80 14.15 -36.39
N ILE A 481 -17.76 14.76 -37.57
CA ILE A 481 -18.79 15.70 -37.96
C ILE A 481 -20.14 15.01 -38.05
N ASP A 482 -20.16 13.75 -38.47
CA ASP A 482 -21.43 13.02 -38.49
C ASP A 482 -21.98 12.82 -37.10
N LEU A 483 -21.12 12.56 -36.11
CA LEU A 483 -21.62 12.42 -34.74
C LEU A 483 -22.11 13.76 -34.21
N LEU A 484 -21.36 14.83 -34.45
CA LEU A 484 -21.80 16.15 -34.04
C LEU A 484 -23.16 16.48 -34.63
N ILE A 485 -23.41 16.10 -35.88
CA ILE A 485 -24.69 16.44 -36.51
C ILE A 485 -25.81 15.53 -36.01
N LYS A 486 -25.51 14.23 -35.87
CA LYS A 486 -26.51 13.30 -35.33
C LYS A 486 -26.94 13.73 -33.94
N LEU A 487 -26.07 14.43 -33.22
CA LEU A 487 -26.50 15.04 -31.97
C LEU A 487 -27.16 16.39 -32.17
N ALA A 488 -26.71 17.18 -33.16
CA ALA A 488 -27.21 18.53 -33.33
C ALA A 488 -28.68 18.54 -33.67
N ARG A 489 -29.09 17.72 -34.62
CA ARG A 489 -30.53 17.59 -34.88
C ARG A 489 -31.27 17.05 -33.67
N THR A 490 -30.57 16.36 -32.76
CA THR A 490 -31.22 15.84 -31.57
C THR A 490 -31.32 16.89 -30.47
N MET A 491 -30.59 18.00 -30.59
CA MET A 491 -30.64 19.03 -29.56
C MET A 491 -30.64 20.44 -30.15
N GLN A 492 -30.90 20.57 -31.44
CA GLN A 492 -31.15 21.87 -32.07
C GLN A 492 -29.97 22.84 -31.92
N PHE A 493 -28.87 22.48 -32.58
CA PHE A 493 -27.70 23.34 -32.60
C PHE A 493 -27.74 24.28 -33.80
N THR A 494 -26.83 25.26 -33.77
CA THR A 494 -26.50 26.01 -34.97
C THR A 494 -25.09 26.55 -34.75
N TYR A 495 -24.10 25.85 -35.28
CA TYR A 495 -22.71 25.98 -34.88
C TYR A 495 -21.91 26.66 -35.99
N GLU A 496 -20.64 26.90 -35.68
CA GLU A 496 -19.64 27.25 -36.68
C GLU A 496 -18.27 26.93 -36.12
N VAL A 497 -17.70 25.83 -36.59
CA VAL A 497 -16.61 25.14 -35.91
C VAL A 497 -15.32 25.93 -36.09
N HIS A 498 -14.50 25.94 -35.05
CA HIS A 498 -13.22 26.62 -34.99
C HIS A 498 -12.09 25.59 -34.92
N LEU A 499 -10.86 26.04 -35.13
CA LEU A 499 -9.72 25.13 -35.09
C LEU A 499 -8.69 25.64 -34.10
N VAL A 500 -7.74 24.77 -33.78
CA VAL A 500 -6.77 25.03 -32.72
C VAL A 500 -5.69 25.96 -33.24
N ALA A 501 -5.36 26.98 -32.46
CA ALA A 501 -4.29 27.90 -32.82
C ALA A 501 -2.94 27.47 -32.28
N ASP A 502 -2.91 26.52 -31.36
CA ASP A 502 -1.66 26.07 -30.75
C ASP A 502 -1.06 24.87 -31.45
N GLY A 503 -1.82 24.21 -32.32
CA GLY A 503 -1.30 23.02 -32.97
C GLY A 503 -0.85 21.94 -32.02
N LYS A 504 -1.51 21.79 -30.88
CA LYS A 504 -1.21 20.73 -29.92
C LYS A 504 -2.41 20.56 -29.02
N PHE A 505 -2.49 19.41 -28.35
CA PHE A 505 -3.63 19.17 -27.46
C PHE A 505 -3.66 20.19 -26.34
N GLY A 506 -2.62 20.22 -25.52
CA GLY A 506 -2.50 21.22 -24.46
C GLY A 506 -2.51 20.61 -23.08
N THR A 507 -1.60 21.05 -22.21
CA THR A 507 -1.61 20.59 -20.83
C THR A 507 -1.02 21.69 -19.97
N GLN A 508 -0.65 21.33 -18.75
CA GLN A 508 -0.18 22.28 -17.74
C GLN A 508 1.34 22.21 -17.63
N GLU A 509 1.95 23.37 -17.34
CA GLU A 509 3.38 23.46 -17.12
C GLU A 509 3.70 24.78 -16.45
N ARG A 510 4.96 24.94 -16.05
CA ARG A 510 5.41 26.13 -15.33
C ARG A 510 5.65 27.25 -16.34
N VAL A 511 4.86 28.32 -16.25
CA VAL A 511 4.98 29.44 -17.17
C VAL A 511 5.46 30.66 -16.40
N GLN A 512 5.68 31.76 -17.12
CA GLN A 512 6.04 33.07 -16.59
C GLN A 512 7.37 33.08 -15.85
N ASN A 513 8.21 32.05 -16.04
CA ASN A 513 9.46 31.92 -15.30
C ASN A 513 9.22 32.13 -13.81
N SER A 514 8.16 31.52 -13.31
CA SER A 514 7.60 31.81 -12.01
C SER A 514 7.04 30.51 -11.46
N ASN A 515 6.10 30.62 -10.51
CA ASN A 515 5.52 29.41 -9.94
C ASN A 515 4.01 29.43 -10.06
N LYS A 516 3.50 29.70 -11.26
CA LYS A 516 2.08 29.61 -11.56
C LYS A 516 1.86 28.53 -12.61
N LYS A 517 0.61 28.40 -13.05
CA LYS A 517 0.23 27.41 -14.06
C LYS A 517 -0.63 28.07 -15.12
N GLU A 518 -0.65 27.46 -16.31
CA GLU A 518 -1.45 27.96 -17.41
C GLU A 518 -1.62 26.84 -18.43
N TRP A 519 -2.87 26.42 -18.64
CA TRP A 519 -3.15 25.28 -19.51
C TRP A 519 -2.87 25.62 -20.96
N ASN A 520 -2.20 24.71 -21.65
CA ASN A 520 -1.80 24.95 -23.02
C ASN A 520 -2.90 24.53 -23.99
N GLY A 521 -2.62 24.67 -25.28
CA GLY A 521 -3.36 24.13 -26.40
C GLY A 521 -4.85 24.41 -26.37
N MET A 522 -5.61 23.46 -26.92
CA MET A 522 -7.03 23.67 -27.10
C MET A 522 -7.79 23.69 -25.79
N MET A 523 -7.38 22.90 -24.80
CA MET A 523 -8.04 23.02 -23.50
C MET A 523 -7.79 24.39 -22.90
N GLY A 524 -6.62 24.97 -23.15
CA GLY A 524 -6.40 26.36 -22.78
C GLY A 524 -7.29 27.30 -23.56
N GLU A 525 -7.57 26.98 -24.82
CA GLU A 525 -8.53 27.79 -25.56
C GLU A 525 -9.93 27.65 -24.99
N LEU A 526 -10.22 26.51 -24.37
CA LEU A 526 -11.57 26.25 -23.89
C LEU A 526 -11.82 26.88 -22.53
N LEU A 527 -11.07 26.46 -21.50
CA LEU A 527 -11.27 26.99 -20.17
C LEU A 527 -11.22 28.51 -20.13
N SER A 528 -10.41 29.12 -20.99
CA SER A 528 -10.41 30.58 -21.08
C SER A 528 -11.77 31.11 -21.49
N GLY A 529 -12.62 30.28 -22.08
CA GLY A 529 -13.96 30.69 -22.45
C GLY A 529 -14.15 30.99 -23.92
N GLN A 530 -13.06 31.17 -24.68
CA GLN A 530 -13.21 31.41 -26.11
C GLN A 530 -13.94 30.26 -26.79
N ALA A 531 -13.52 29.04 -26.50
CA ALA A 531 -14.20 27.86 -27.00
C ALA A 531 -15.43 27.57 -26.15
N ASP A 532 -16.22 26.60 -26.59
CA ASP A 532 -17.40 26.23 -25.82
C ASP A 532 -17.68 24.73 -25.77
N MET A 533 -17.02 23.90 -26.56
CA MET A 533 -17.26 22.47 -26.54
C MET A 533 -16.17 21.78 -27.36
N ILE A 534 -15.77 20.59 -26.92
CA ILE A 534 -14.65 19.87 -27.50
C ILE A 534 -15.17 18.61 -28.18
N VAL A 535 -15.10 18.58 -29.51
CA VAL A 535 -15.29 17.35 -30.27
C VAL A 535 -14.01 17.11 -31.06
N ALA A 536 -13.32 16.05 -30.69
CA ALA A 536 -12.08 15.59 -31.27
C ALA A 536 -11.80 14.30 -30.51
N PRO A 537 -10.86 13.50 -30.91
CA PRO A 537 -10.56 12.36 -30.04
C PRO A 537 -9.79 12.82 -28.81
N LEU A 538 -10.51 13.40 -27.86
CA LEU A 538 -9.89 13.91 -26.64
C LEU A 538 -9.94 12.85 -25.55
N THR A 539 -8.82 12.64 -24.87
CA THR A 539 -8.69 11.50 -23.99
C THR A 539 -9.31 11.81 -22.63
N ILE A 540 -9.41 10.78 -21.80
CA ILE A 540 -9.91 10.93 -20.43
C ILE A 540 -8.76 10.64 -19.48
N ASN A 541 -8.31 11.67 -18.77
CA ASN A 541 -7.24 11.54 -17.82
C ASN A 541 -7.52 12.44 -16.62
N ASN A 542 -7.10 11.98 -15.44
CA ASN A 542 -7.41 12.67 -14.20
C ASN A 542 -7.03 14.15 -14.28
N GLU A 543 -5.89 14.47 -14.87
CA GLU A 543 -5.34 15.82 -14.79
C GLU A 543 -6.18 16.84 -15.55
N ARG A 544 -6.93 16.42 -16.56
CA ARG A 544 -7.90 17.32 -17.14
C ARG A 544 -9.29 17.14 -16.56
N ALA A 545 -9.52 16.06 -15.81
CA ALA A 545 -10.85 15.82 -15.28
C ALA A 545 -11.27 16.90 -14.30
N GLN A 546 -10.33 17.49 -13.58
CA GLN A 546 -10.65 18.34 -12.44
C GLN A 546 -11.15 19.71 -12.84
N TYR A 547 -10.97 20.14 -14.08
CA TYR A 547 -11.36 21.49 -14.46
C TYR A 547 -12.35 21.52 -15.62
N ILE A 548 -12.78 20.37 -16.14
CA ILE A 548 -13.62 20.33 -17.32
C ILE A 548 -14.61 19.19 -17.18
N GLU A 549 -15.71 19.28 -17.92
CA GLU A 549 -16.82 18.34 -17.79
C GLU A 549 -16.86 17.43 -19.01
N PHE A 550 -16.46 16.18 -18.81
CA PHE A 550 -16.50 15.18 -19.87
C PHE A 550 -17.89 14.57 -19.98
N SER A 551 -18.19 14.07 -21.16
CA SER A 551 -19.36 13.25 -21.37
C SER A 551 -19.03 11.83 -20.95
N LYS A 552 -19.90 10.90 -21.28
CA LYS A 552 -19.47 9.52 -21.26
C LYS A 552 -18.59 9.28 -22.47
N PRO A 553 -17.90 8.14 -22.53
CA PRO A 553 -17.07 7.86 -23.70
C PRO A 553 -17.89 7.32 -24.85
N PHE A 554 -17.44 7.60 -26.07
CA PHE A 554 -18.17 7.11 -27.23
C PHE A 554 -17.38 6.10 -28.06
N LYS A 555 -16.13 6.38 -28.39
CA LYS A 555 -15.34 5.45 -29.19
C LYS A 555 -14.32 4.75 -28.29
N TYR A 556 -14.75 3.68 -27.65
CA TYR A 556 -13.85 2.92 -26.79
C TYR A 556 -12.64 2.47 -27.59
N GLN A 557 -11.51 2.35 -26.91
CA GLN A 557 -10.24 2.32 -27.65
C GLN A 557 -9.15 1.75 -26.74
N GLY A 558 -7.92 1.82 -27.22
CA GLY A 558 -6.77 1.35 -26.48
C GLY A 558 -5.53 2.12 -26.88
N LEU A 559 -4.37 1.53 -26.57
CA LEU A 559 -3.08 2.17 -26.83
C LEU A 559 -2.08 1.10 -27.20
N THR A 560 -1.39 1.29 -28.34
CA THR A 560 -0.44 0.31 -28.87
C THR A 560 0.78 1.03 -29.44
N ILE A 561 1.57 0.30 -30.22
CA ILE A 561 2.85 0.79 -30.71
C ILE A 561 2.84 0.82 -32.24
N LEU A 562 3.94 1.30 -32.83
CA LEU A 562 4.11 1.37 -34.27
C LEU A 562 5.54 1.03 -34.67
N VAL A 563 5.70 0.05 -35.56
CA VAL A 563 6.99 -0.36 -36.08
C VAL A 563 6.92 -0.35 -37.60
N LYS A 564 8.06 -0.12 -38.26
CA LYS A 564 8.14 -0.25 -39.72
C LYS A 564 8.49 -1.69 -40.08
N LYS A 565 7.68 -2.28 -40.95
CA LYS A 565 7.87 -3.68 -41.29
C LYS A 565 9.18 -3.89 -42.02
N GLU A 566 9.79 -5.05 -41.81
CA GLU A 566 11.06 -5.40 -42.43
C GLU A 566 10.85 -6.33 -43.61
N ILE A 567 11.56 -6.07 -44.69
CA ILE A 567 11.44 -6.91 -45.89
C ILE A 567 12.32 -8.14 -45.71
N PRO A 568 11.79 -9.35 -45.91
CA PRO A 568 12.59 -10.55 -45.67
C PRO A 568 13.68 -10.76 -46.71
N ARG A 569 14.73 -9.94 -46.67
CA ARG A 569 15.82 -9.97 -47.63
C ARG A 569 16.98 -10.83 -47.14
N SER A 570 16.67 -11.85 -46.35
CA SER A 570 17.71 -12.66 -45.72
C SER A 570 18.44 -13.52 -46.75
N THR A 571 19.55 -13.03 -47.26
CA THR A 571 20.35 -13.75 -48.24
C THR A 571 21.73 -14.04 -47.65
N LEU A 572 22.33 -15.13 -48.13
CA LEU A 572 23.64 -15.56 -47.64
C LEU A 572 24.71 -14.69 -48.27
N ASP A 573 25.98 -15.08 -48.12
CA ASP A 573 27.12 -14.33 -48.61
C ASP A 573 27.67 -14.89 -49.92
N SER A 574 27.80 -16.20 -50.03
CA SER A 574 28.24 -16.84 -51.26
C SER A 574 27.81 -18.29 -51.19
N PHE A 575 28.42 -19.12 -52.03
CA PHE A 575 28.16 -20.55 -51.96
C PHE A 575 29.14 -21.28 -51.06
N MET A 576 30.33 -20.72 -50.83
CA MET A 576 31.37 -21.36 -50.03
C MET A 576 31.27 -21.00 -48.56
N GLN A 577 30.06 -20.68 -48.06
CA GLN A 577 29.93 -20.20 -46.69
C GLN A 577 30.02 -21.31 -45.65
N PRO A 578 29.26 -22.41 -45.75
CA PRO A 578 29.23 -23.38 -44.65
C PRO A 578 30.53 -24.13 -44.43
N PHE A 579 31.56 -23.82 -45.19
CA PHE A 579 32.90 -24.38 -45.08
C PHE A 579 33.91 -23.23 -44.97
N GLN A 580 35.19 -23.57 -45.14
CA GLN A 580 36.21 -22.56 -45.39
C GLN A 580 37.35 -23.22 -46.14
N SER A 581 38.16 -22.40 -46.82
CA SER A 581 39.25 -22.87 -47.66
C SER A 581 40.11 -23.94 -46.99
N THR A 582 40.14 -23.99 -45.66
CA THR A 582 40.83 -25.10 -44.99
C THR A 582 40.27 -26.43 -45.46
N LEU A 583 39.00 -26.69 -45.17
CA LEU A 583 38.40 -27.94 -45.61
C LEU A 583 38.20 -27.97 -47.11
N TRP A 584 37.89 -26.81 -47.72
CA TRP A 584 37.68 -26.75 -49.16
C TRP A 584 38.86 -27.32 -49.93
N LEU A 585 40.05 -27.18 -49.38
CA LEU A 585 41.23 -27.74 -50.03
C LEU A 585 41.71 -29.02 -49.36
N LEU A 586 41.38 -29.23 -48.09
CA LEU A 586 41.68 -30.53 -47.50
C LEU A 586 40.98 -31.65 -48.25
N VAL A 587 39.76 -31.40 -48.75
CA VAL A 587 39.10 -32.43 -49.54
C VAL A 587 39.81 -32.64 -50.87
N GLY A 588 40.22 -31.57 -51.53
CA GLY A 588 40.96 -31.73 -52.77
C GLY A 588 42.25 -32.48 -52.59
N LEU A 589 42.88 -32.34 -51.42
CA LEU A 589 44.06 -33.14 -51.13
C LEU A 589 43.70 -34.59 -50.89
N SER A 590 42.69 -34.84 -50.06
CA SER A 590 42.34 -36.18 -49.63
C SER A 590 41.54 -36.96 -50.66
N VAL A 591 41.28 -36.39 -51.83
CA VAL A 591 40.76 -37.18 -52.96
C VAL A 591 41.90 -37.65 -53.85
N HIS A 592 42.82 -36.78 -54.22
CA HIS A 592 43.94 -37.21 -55.03
C HIS A 592 44.82 -38.21 -54.29
N VAL A 593 45.06 -37.98 -52.99
CA VAL A 593 45.93 -38.91 -52.29
C VAL A 593 45.28 -40.29 -52.21
N VAL A 594 43.97 -40.35 -52.03
CA VAL A 594 43.36 -41.67 -51.97
C VAL A 594 43.29 -42.28 -53.36
N ALA A 595 43.20 -41.46 -54.40
CA ALA A 595 43.31 -42.00 -55.74
C ALA A 595 44.65 -42.70 -55.95
N VAL A 596 45.74 -42.00 -55.61
CA VAL A 596 47.06 -42.59 -55.76
C VAL A 596 47.18 -43.84 -54.91
N MET A 597 46.67 -43.78 -53.68
CA MET A 597 46.61 -44.98 -52.84
C MET A 597 45.90 -46.12 -53.56
N LEU A 598 44.86 -45.81 -54.31
CA LEU A 598 44.15 -46.84 -55.07
C LEU A 598 45.05 -47.45 -56.12
N TYR A 599 45.52 -46.64 -57.07
CA TYR A 599 46.20 -47.20 -58.24
C TYR A 599 47.33 -48.13 -57.83
N LEU A 600 48.28 -47.61 -57.06
CA LEU A 600 49.36 -48.45 -56.53
C LEU A 600 48.79 -49.70 -55.87
N LEU A 601 47.80 -49.54 -54.99
CA LEU A 601 47.20 -50.69 -54.34
C LEU A 601 46.57 -51.61 -55.35
N ASP A 602 46.01 -51.05 -56.41
CA ASP A 602 45.47 -51.89 -57.47
C ASP A 602 46.56 -52.39 -58.40
N ARG A 603 47.67 -51.65 -58.51
CA ARG A 603 48.67 -51.97 -59.51
C ARG A 603 49.38 -53.28 -59.22
N PHE A 604 49.66 -53.56 -57.95
CA PHE A 604 50.53 -54.67 -57.60
C PHE A 604 49.78 -55.85 -57.00
N SER A 605 48.45 -55.84 -57.00
CA SER A 605 47.65 -56.96 -56.52
C SER A 605 48.04 -57.40 -55.11
N THR A 623 46.28 -48.34 -65.85
CA THR A 623 45.04 -48.20 -65.10
C THR A 623 45.14 -47.13 -64.03
N LEU A 624 45.91 -46.06 -64.33
CA LEU A 624 45.99 -44.94 -63.40
C LEU A 624 44.74 -44.07 -63.48
N SER A 625 44.51 -43.43 -64.63
CA SER A 625 43.29 -42.64 -64.79
C SER A 625 42.05 -43.49 -64.55
N SER A 626 42.12 -44.78 -64.88
CA SER A 626 41.09 -45.70 -64.42
C SER A 626 40.94 -45.66 -62.92
N ALA A 627 42.02 -45.91 -62.18
CA ALA A 627 41.96 -45.92 -60.73
C ALA A 627 41.83 -44.53 -60.14
N MET A 628 41.60 -43.51 -60.95
CA MET A 628 41.40 -42.16 -60.45
C MET A 628 40.01 -41.63 -60.72
N TRP A 629 39.58 -41.61 -61.98
CA TRP A 629 38.28 -41.04 -62.33
C TRP A 629 37.16 -41.60 -61.48
N PHE A 630 37.24 -42.89 -61.16
CA PHE A 630 36.21 -43.51 -60.34
C PHE A 630 36.01 -42.74 -59.04
N SER A 631 37.07 -42.64 -58.23
CA SER A 631 36.93 -42.01 -56.94
C SER A 631 36.86 -40.49 -57.01
N TRP A 632 37.36 -39.88 -58.08
CA TRP A 632 37.19 -38.46 -58.26
C TRP A 632 35.81 -38.13 -58.81
N GLY A 633 35.04 -39.13 -59.17
CA GLY A 633 33.66 -38.92 -59.55
C GLY A 633 32.69 -39.22 -58.43
N VAL A 634 32.93 -40.29 -57.67
CA VAL A 634 31.94 -40.71 -56.68
C VAL A 634 31.50 -39.58 -55.75
N LEU A 635 32.36 -38.58 -55.53
CA LEU A 635 31.93 -37.44 -54.75
C LEU A 635 30.79 -36.71 -55.43
N LEU A 636 30.99 -36.30 -56.67
CA LEU A 636 30.03 -35.48 -57.39
C LEU A 636 28.73 -36.20 -57.72
N ASN A 637 28.65 -37.50 -57.45
CA ASN A 637 27.50 -38.32 -57.84
C ASN A 637 27.21 -38.19 -59.34
N SER A 638 28.16 -38.68 -60.13
CA SER A 638 27.96 -38.81 -61.56
C SER A 638 28.69 -40.05 -62.03
N GLY A 639 28.47 -40.43 -63.29
CA GLY A 639 28.92 -41.72 -63.76
C GLY A 639 30.02 -41.74 -64.79
N ILE A 640 30.93 -40.76 -64.75
CA ILE A 640 32.02 -40.71 -65.72
C ILE A 640 32.88 -41.95 -65.59
N GLY A 641 33.22 -42.54 -66.74
CA GLY A 641 34.22 -43.61 -66.77
C GLY A 641 33.68 -44.96 -66.35
N GLU A 642 34.07 -45.99 -67.08
CA GLU A 642 33.66 -47.35 -66.75
C GLU A 642 34.72 -48.06 -65.92
N GLY A 643 35.45 -47.31 -65.08
CA GLY A 643 36.50 -47.88 -64.26
C GLY A 643 35.97 -48.46 -62.97
N ALA A 644 36.85 -49.19 -62.29
CA ALA A 644 36.48 -49.93 -61.10
C ALA A 644 37.76 -50.43 -60.46
N PRO A 645 37.67 -50.96 -59.24
CA PRO A 645 38.83 -51.65 -58.66
C PRO A 645 38.75 -53.16 -58.88
N ARG A 646 39.94 -53.76 -58.97
CA ARG A 646 40.07 -55.21 -58.99
C ARG A 646 40.58 -55.76 -57.67
N SER A 647 41.29 -54.94 -56.90
CA SER A 647 41.86 -55.37 -55.65
C SER A 647 40.80 -55.41 -54.55
N PHE A 648 40.65 -56.57 -53.92
CA PHE A 648 39.82 -56.72 -52.74
C PHE A 648 40.03 -55.57 -51.77
N SER A 649 41.28 -55.39 -51.35
CA SER A 649 41.66 -54.18 -50.61
C SER A 649 41.09 -52.93 -51.25
N ALA A 650 41.40 -52.71 -52.53
CA ALA A 650 40.88 -51.53 -53.20
C ALA A 650 39.37 -51.52 -53.26
N ARG A 651 38.74 -52.69 -53.32
CA ARG A 651 37.28 -52.74 -53.26
C ARG A 651 36.76 -52.11 -51.97
N ILE A 652 37.29 -52.54 -50.82
CA ILE A 652 36.83 -51.96 -49.56
C ILE A 652 37.19 -50.49 -49.47
N LEU A 653 38.36 -50.10 -49.96
CA LEU A 653 38.70 -48.68 -49.95
C LEU A 653 37.71 -47.88 -50.77
N GLY A 654 37.33 -48.38 -51.95
CA GLY A 654 36.32 -47.71 -52.73
C GLY A 654 35.01 -47.58 -51.97
N MET A 655 34.60 -48.64 -51.29
CA MET A 655 33.35 -48.59 -50.54
C MET A 655 33.39 -47.48 -49.49
N VAL A 656 34.46 -47.43 -48.72
CA VAL A 656 34.51 -46.43 -47.65
C VAL A 656 34.61 -45.03 -48.24
N TRP A 657 35.33 -44.87 -49.33
CA TRP A 657 35.36 -43.58 -49.98
C TRP A 657 33.97 -43.17 -50.41
N ALA A 658 33.19 -44.12 -50.93
CA ALA A 658 31.79 -43.85 -51.21
C ALA A 658 31.07 -43.35 -49.97
N GLY A 659 31.23 -44.07 -48.87
CA GLY A 659 30.60 -43.64 -47.62
C GLY A 659 30.96 -42.22 -47.24
N PHE A 660 32.19 -41.80 -47.51
CA PHE A 660 32.57 -40.43 -47.27
C PHE A 660 31.80 -39.48 -48.19
N ALA A 661 31.57 -39.90 -49.43
CA ALA A 661 30.90 -39.02 -50.39
C ALA A 661 29.54 -38.58 -49.88
N MET A 662 28.84 -39.43 -49.14
CA MET A 662 27.50 -39.08 -48.66
C MET A 662 27.55 -37.97 -47.62
N ILE A 663 28.40 -38.12 -46.61
CA ILE A 663 28.51 -37.10 -45.58
C ILE A 663 28.91 -35.77 -46.19
N ILE A 664 29.89 -35.78 -47.09
CA ILE A 664 30.43 -34.50 -47.53
C ILE A 664 29.45 -33.75 -48.42
N VAL A 665 28.25 -34.28 -48.64
CA VAL A 665 27.21 -33.48 -49.27
C VAL A 665 26.07 -33.27 -48.29
N ALA A 666 25.77 -34.29 -47.48
CA ALA A 666 24.62 -34.19 -46.58
C ALA A 666 24.87 -33.14 -45.49
N SER A 667 26.07 -33.10 -44.93
CA SER A 667 26.36 -32.08 -43.94
C SER A 667 26.22 -30.70 -44.55
N TYR A 668 26.68 -30.52 -45.78
CA TYR A 668 26.48 -29.24 -46.44
C TYR A 668 25.01 -28.88 -46.45
N THR A 669 24.16 -29.82 -46.86
CA THR A 669 22.72 -29.55 -46.89
C THR A 669 22.24 -29.07 -45.53
N ALA A 670 22.47 -29.87 -44.49
CA ALA A 670 21.87 -29.58 -43.19
C ALA A 670 22.43 -28.31 -42.58
N ASN A 671 23.71 -28.04 -42.78
CA ASN A 671 24.28 -26.78 -42.32
C ASN A 671 23.59 -25.61 -42.99
N LEU A 672 23.39 -25.69 -44.32
CA LEU A 672 22.68 -24.61 -44.97
C LEU A 672 21.25 -24.51 -44.47
N ALA A 673 20.63 -25.65 -44.17
CA ALA A 673 19.26 -25.63 -43.67
C ALA A 673 19.18 -24.88 -42.36
N ALA A 674 19.93 -25.32 -41.36
CA ALA A 674 19.97 -24.62 -40.09
C ALA A 674 20.30 -23.15 -40.24
N PHE A 675 21.33 -22.82 -41.02
CA PHE A 675 21.69 -21.41 -41.14
C PHE A 675 20.61 -20.61 -41.87
N LEU A 676 19.73 -21.28 -42.61
CA LEU A 676 18.64 -20.55 -43.25
C LEU A 676 17.40 -20.47 -42.37
N VAL A 677 17.00 -21.58 -41.75
CA VAL A 677 15.76 -21.57 -40.97
C VAL A 677 15.84 -20.55 -39.83
N LEU A 678 17.02 -20.36 -39.24
CA LEU A 678 17.22 -19.37 -38.21
C LEU A 678 17.79 -18.07 -38.74
N ASP A 679 17.71 -17.83 -40.04
CA ASP A 679 18.15 -16.58 -40.63
C ASP A 679 17.00 -15.59 -40.79
N ARG A 680 16.25 -15.41 -39.71
CA ARG A 680 15.15 -14.46 -39.74
C ARG A 680 15.69 -13.05 -39.55
N PRO A 681 14.91 -12.01 -39.96
CA PRO A 681 15.47 -10.65 -39.97
C PRO A 681 15.98 -10.20 -38.62
N GLU A 682 15.11 -10.12 -37.63
CA GLU A 682 15.45 -9.90 -36.23
C GLU A 682 14.16 -10.03 -35.44
N GLU A 683 14.24 -9.77 -34.14
CA GLU A 683 13.06 -9.73 -33.29
C GLU A 683 12.52 -8.31 -33.24
N ARG A 684 11.22 -8.18 -33.44
CA ARG A 684 10.57 -6.88 -33.51
C ARG A 684 10.38 -6.34 -32.09
N ILE A 685 9.58 -5.30 -31.94
CA ILE A 685 9.29 -4.73 -30.62
C ILE A 685 8.21 -5.58 -29.97
N THR A 686 8.56 -6.24 -28.87
CA THR A 686 7.69 -7.23 -28.25
C THR A 686 6.65 -6.60 -27.33
N GLY A 687 6.37 -5.31 -27.50
CA GLY A 687 5.45 -4.64 -26.60
C GLY A 687 6.14 -3.51 -25.87
N ILE A 688 5.74 -3.25 -24.62
CA ILE A 688 6.40 -2.20 -23.86
C ILE A 688 7.66 -2.70 -23.17
N ASN A 689 7.70 -3.96 -22.75
CA ASN A 689 8.74 -4.47 -21.87
C ASN A 689 9.96 -4.98 -22.63
N ASP A 690 10.26 -4.39 -23.77
CA ASP A 690 11.41 -4.84 -24.53
C ASP A 690 12.69 -4.23 -23.98
N PRO A 691 13.75 -5.02 -23.81
CA PRO A 691 15.04 -4.45 -23.42
C PRO A 691 15.47 -3.29 -24.30
N ARG A 692 15.60 -3.50 -25.60
CA ARG A 692 15.96 -2.41 -26.50
C ARG A 692 14.96 -1.28 -26.46
N LEU A 693 13.84 -1.47 -25.76
CA LEU A 693 12.87 -0.42 -25.53
C LEU A 693 12.96 0.15 -24.12
N ARG A 694 13.07 -0.70 -23.11
CA ARG A 694 13.08 -0.23 -21.73
C ARG A 694 14.40 0.45 -21.37
N ASN A 695 15.50 -0.01 -21.95
CA ASN A 695 16.82 0.52 -21.67
C ASN A 695 17.31 1.33 -22.86
N PRO A 696 17.47 2.63 -22.73
CA PRO A 696 17.83 3.44 -23.89
C PRO A 696 19.28 3.22 -24.29
N SER A 697 19.55 3.61 -25.55
CA SER A 697 20.88 3.63 -26.14
C SER A 697 20.72 4.30 -27.48
N ASP A 698 21.64 5.21 -27.78
CA ASP A 698 21.44 6.11 -28.92
C ASP A 698 21.47 5.40 -30.26
N LYS A 699 21.53 4.08 -30.28
CA LYS A 699 21.37 3.31 -31.51
C LYS A 699 19.93 2.91 -31.77
N PHE A 700 18.98 3.42 -30.98
CA PHE A 700 17.56 3.12 -31.18
C PHE A 700 16.74 4.16 -30.45
N ILE A 701 15.99 4.97 -31.19
CA ILE A 701 15.27 6.11 -30.63
C ILE A 701 13.78 5.81 -30.68
N TYR A 702 12.98 6.46 -29.82
CA TYR A 702 11.54 6.39 -29.90
C TYR A 702 10.91 7.55 -29.15
N ALA A 703 10.16 8.38 -29.87
CA ALA A 703 9.58 9.58 -29.26
C ALA A 703 8.16 9.77 -29.76
N THR A 704 7.37 10.50 -28.98
CA THR A 704 5.97 10.74 -29.32
C THR A 704 5.70 12.22 -29.52
N VAL A 705 4.43 12.58 -29.62
CA VAL A 705 4.06 13.99 -29.80
C VAL A 705 4.32 14.74 -28.50
N LYS A 706 5.03 15.86 -28.61
CA LYS A 706 5.22 16.72 -27.46
C LYS A 706 3.90 17.38 -27.07
N GLN A 707 3.72 17.57 -25.77
CA GLN A 707 2.50 18.17 -25.22
C GLN A 707 1.27 17.34 -25.64
N SER A 708 1.21 16.14 -25.08
CA SER A 708 0.32 15.09 -25.55
C SER A 708 -0.68 14.71 -24.47
N SER A 709 -1.37 13.62 -24.74
CA SER A 709 -2.12 12.89 -23.73
C SER A 709 -1.34 11.69 -23.20
N VAL A 710 -0.15 11.42 -23.71
CA VAL A 710 0.66 10.30 -23.25
C VAL A 710 1.90 10.78 -22.50
N ASP A 711 2.49 11.91 -22.90
CA ASP A 711 3.51 12.51 -22.07
C ASP A 711 3.03 12.68 -20.65
N ILE A 712 1.87 13.32 -20.46
CA ILE A 712 1.35 13.57 -19.11
C ILE A 712 1.06 12.27 -18.39
N TYR A 713 0.90 11.18 -19.11
CA TYR A 713 0.90 9.89 -18.43
C TYR A 713 2.31 9.50 -18.02
N PHE A 714 3.32 10.01 -18.72
CA PHE A 714 4.69 9.61 -18.43
C PHE A 714 5.42 10.49 -17.41
N ARG A 715 5.14 11.78 -17.38
CA ARG A 715 5.84 12.69 -16.48
C ARG A 715 5.22 12.75 -15.10
N ARG A 716 4.03 12.16 -14.92
CA ARG A 716 3.46 11.98 -13.59
C ARG A 716 3.62 10.56 -13.09
N GLN A 717 4.64 9.86 -13.56
CA GLN A 717 4.97 8.54 -13.08
C GLN A 717 6.47 8.37 -13.24
N VAL A 718 7.13 7.85 -12.20
CA VAL A 718 8.58 7.88 -12.13
C VAL A 718 9.25 6.58 -12.57
N GLU A 719 8.57 5.45 -12.48
CA GLU A 719 9.19 4.16 -12.76
C GLU A 719 9.69 4.05 -14.19
N LEU A 720 9.46 5.04 -15.03
CA LEU A 720 9.99 5.10 -16.38
C LEU A 720 10.69 6.43 -16.61
N SER A 721 11.20 7.03 -15.54
CA SER A 721 11.95 8.28 -15.65
C SER A 721 13.03 8.17 -16.72
N THR A 722 13.71 7.04 -16.79
CA THR A 722 14.66 6.80 -17.86
C THR A 722 14.03 7.11 -19.22
N MET A 723 12.82 6.62 -19.46
CA MET A 723 12.15 6.92 -20.71
C MET A 723 11.74 8.38 -20.80
N TYR A 724 11.19 8.96 -19.73
CA TYR A 724 10.79 10.35 -19.79
C TYR A 724 11.96 11.24 -20.19
N ARG A 725 13.18 10.87 -19.80
CA ARG A 725 14.36 11.56 -20.30
C ARG A 725 14.62 11.21 -21.75
N HIS A 726 14.64 9.91 -22.06
CA HIS A 726 15.00 9.45 -23.40
C HIS A 726 14.19 10.14 -24.48
N MET A 727 12.96 10.54 -24.16
CA MET A 727 12.17 11.29 -25.11
C MET A 727 12.39 12.79 -24.99
N GLU A 728 12.98 13.25 -23.89
CA GLU A 728 13.01 14.68 -23.61
C GLU A 728 13.66 15.49 -24.70
N LYS A 729 14.54 14.89 -25.51
CA LYS A 729 15.24 15.60 -26.57
C LYS A 729 14.95 15.03 -27.95
N HIS A 730 13.73 14.52 -28.19
CA HIS A 730 13.38 14.04 -29.51
C HIS A 730 12.00 14.41 -30.00
N ASN A 731 11.03 14.70 -29.12
CA ASN A 731 9.64 14.68 -29.48
C ASN A 731 9.33 15.68 -30.60
N TYR A 732 8.29 15.36 -31.37
CA TYR A 732 7.98 16.04 -32.62
C TYR A 732 7.00 17.17 -32.39
N GLU A 733 6.41 17.66 -33.48
CA GLU A 733 5.42 18.72 -33.39
C GLU A 733 4.00 18.19 -33.27
N SER A 734 3.65 17.17 -34.07
CA SER A 734 2.35 16.52 -33.98
C SER A 734 2.39 15.24 -34.80
N ALA A 735 1.46 14.34 -34.52
CA ALA A 735 1.41 13.08 -35.24
C ALA A 735 1.07 13.24 -36.71
N ALA A 736 0.90 14.47 -37.19
CA ALA A 736 0.70 14.72 -38.61
C ALA A 736 2.01 14.72 -39.40
N GLU A 737 3.12 14.37 -38.76
CA GLU A 737 4.41 14.28 -39.44
C GLU A 737 5.15 12.98 -39.16
N ALA A 738 4.90 12.33 -38.04
CA ALA A 738 5.67 11.14 -37.69
C ALA A 738 5.32 9.94 -38.55
N ILE A 739 4.06 9.81 -38.98
CA ILE A 739 3.72 8.70 -39.84
C ILE A 739 4.30 8.91 -41.23
N GLN A 740 4.69 10.14 -41.56
CA GLN A 740 5.53 10.33 -42.73
C GLN A 740 6.98 10.06 -42.40
N ALA A 741 7.38 10.30 -41.14
CA ALA A 741 8.75 10.11 -40.73
C ALA A 741 9.16 8.65 -40.75
N VAL A 742 8.34 7.77 -40.16
CA VAL A 742 8.72 6.36 -40.04
C VAL A 742 8.92 5.71 -41.40
N ARG A 743 8.30 6.26 -42.45
CA ARG A 743 8.57 5.80 -43.80
C ARG A 743 9.89 6.32 -44.34
N ASP A 744 10.69 7.01 -43.51
CA ASP A 744 11.98 7.53 -43.90
C ASP A 744 13.10 7.10 -42.98
N ASN A 745 12.81 6.28 -41.97
CA ASN A 745 13.81 5.69 -41.08
C ASN A 745 14.57 6.73 -40.26
N LYS A 746 13.92 7.85 -39.95
CA LYS A 746 14.51 8.82 -39.03
C LYS A 746 14.26 8.40 -37.59
N LEU A 747 12.99 8.33 -37.19
CA LEU A 747 12.60 7.83 -35.88
C LEU A 747 12.04 6.43 -36.06
N HIS A 748 12.76 5.44 -35.54
CA HIS A 748 12.48 4.05 -35.83
C HIS A 748 11.43 3.46 -34.89
N ALA A 749 10.59 4.29 -34.28
CA ALA A 749 9.47 3.81 -33.48
C ALA A 749 8.52 4.97 -33.25
N PHE A 750 7.38 4.66 -32.62
CA PHE A 750 6.31 5.64 -32.42
C PHE A 750 5.29 5.02 -31.49
N ILE A 751 4.71 5.84 -30.62
CA ILE A 751 3.70 5.37 -29.67
C ILE A 751 2.60 6.40 -29.60
N TRP A 752 1.35 5.97 -29.78
CA TRP A 752 0.23 6.90 -29.82
C TRP A 752 -1.04 6.12 -29.51
N ASP A 753 -2.18 6.74 -29.83
CA ASP A 753 -3.48 6.15 -29.57
C ASP A 753 -3.71 4.91 -30.43
N SER A 754 -4.93 4.38 -30.38
CA SER A 754 -5.28 3.25 -31.23
C SER A 754 -5.91 3.72 -32.53
N ALA A 755 -7.04 4.41 -32.44
CA ALA A 755 -7.77 4.74 -33.64
C ALA A 755 -7.06 5.70 -34.54
N VAL A 756 -5.82 6.08 -34.27
CA VAL A 756 -5.01 6.82 -35.24
C VAL A 756 -3.87 5.96 -35.77
N LEU A 757 -3.71 4.75 -35.28
CA LEU A 757 -2.72 3.81 -35.81
C LEU A 757 -3.31 2.58 -36.45
N GLU A 758 -4.26 1.91 -35.79
CA GLU A 758 -4.87 0.73 -36.39
C GLU A 758 -5.71 1.05 -37.62
N PHE A 759 -5.74 2.31 -38.06
CA PHE A 759 -6.25 2.65 -39.36
C PHE A 759 -5.13 2.75 -40.39
N GLU A 760 -3.89 2.85 -39.96
CA GLU A 760 -2.75 2.92 -40.86
C GLU A 760 -2.34 1.58 -41.42
N ALA A 761 -3.21 0.58 -41.35
CA ALA A 761 -3.02 -0.69 -42.04
C ALA A 761 -3.95 -0.82 -43.25
N SER A 762 -4.59 0.27 -43.67
CA SER A 762 -5.55 0.21 -44.75
C SER A 762 -5.32 1.31 -45.79
N GLN A 763 -4.57 2.34 -45.43
CA GLN A 763 -4.18 3.33 -46.43
C GLN A 763 -2.78 3.04 -46.96
N LYS A 764 -1.83 2.78 -46.06
CA LYS A 764 -0.55 2.20 -46.42
C LYS A 764 -0.52 0.76 -45.93
N CYS A 765 0.53 0.04 -46.33
CA CYS A 765 0.73 -1.33 -45.86
C CYS A 765 2.20 -1.59 -45.51
N ASP A 766 3.03 -0.55 -45.44
CA ASP A 766 4.43 -0.73 -45.10
C ASP A 766 4.64 -0.79 -43.60
N LEU A 767 3.75 -0.20 -42.82
CA LEU A 767 3.98 0.07 -41.42
C LEU A 767 2.86 -0.54 -40.60
N VAL A 768 3.20 -1.48 -39.72
CA VAL A 768 2.22 -2.25 -38.99
C VAL A 768 2.39 -2.02 -37.51
N THR A 769 1.39 -2.45 -36.74
CA THR A 769 1.42 -2.37 -35.29
C THR A 769 2.08 -3.62 -34.71
N THR A 770 1.96 -3.79 -33.39
CA THR A 770 2.59 -4.89 -32.69
C THR A 770 1.61 -5.85 -32.02
N GLY A 771 0.54 -5.35 -31.43
CA GLY A 771 -0.47 -6.22 -30.84
C GLY A 771 -0.46 -6.41 -29.33
N GLU A 772 -0.42 -5.31 -28.57
CA GLU A 772 -0.66 -5.41 -27.14
C GLU A 772 -1.02 -4.04 -26.58
N LEU A 773 -2.05 -4.00 -25.75
CA LEU A 773 -2.58 -2.73 -25.28
C LEU A 773 -1.74 -2.15 -24.15
N PHE A 774 -1.94 -0.85 -23.91
CA PHE A 774 -1.07 -0.06 -23.06
C PHE A 774 -1.79 0.58 -21.88
N PHE A 775 -2.92 1.22 -22.13
CA PHE A 775 -3.54 2.13 -21.16
C PHE A 775 -4.99 2.35 -21.58
N ARG A 776 -5.94 1.86 -20.77
CA ARG A 776 -7.28 1.52 -21.24
C ARG A 776 -8.26 2.69 -21.19
N SER A 777 -7.81 3.92 -21.37
CA SER A 777 -8.73 5.04 -21.34
C SER A 777 -9.60 5.07 -22.60
N GLY A 778 -10.54 6.00 -22.62
CA GLY A 778 -11.39 6.23 -23.76
C GLY A 778 -11.34 7.69 -24.20
N PHE A 779 -12.06 7.96 -25.28
CA PHE A 779 -12.22 9.33 -25.75
C PHE A 779 -13.53 9.89 -25.21
N GLY A 780 -13.85 11.11 -25.62
CA GLY A 780 -15.10 11.71 -25.19
C GLY A 780 -15.18 13.14 -25.67
N ILE A 781 -16.38 13.71 -25.53
CA ILE A 781 -16.67 15.08 -25.94
C ILE A 781 -16.47 15.99 -24.74
N GLY A 782 -15.77 17.10 -24.95
CA GLY A 782 -15.52 18.03 -23.86
C GLY A 782 -16.56 19.13 -23.81
N MET A 783 -16.99 19.47 -22.60
CA MET A 783 -17.84 20.62 -22.35
C MET A 783 -17.41 21.29 -21.06
N ARG A 784 -17.73 22.58 -20.93
CA ARG A 784 -17.20 23.38 -19.84
C ARG A 784 -17.85 22.96 -18.53
N LYS A 785 -17.57 23.71 -17.47
CA LYS A 785 -17.90 23.25 -16.13
C LYS A 785 -19.41 23.22 -15.94
N ASP A 786 -20.00 22.04 -16.13
CA ASP A 786 -21.36 21.74 -15.70
C ASP A 786 -22.40 22.67 -16.32
N SER A 787 -22.34 22.81 -17.64
CA SER A 787 -23.41 23.47 -18.37
C SER A 787 -24.58 22.48 -18.51
N PRO A 788 -25.81 22.99 -18.71
CA PRO A 788 -26.97 22.11 -18.74
C PRO A 788 -26.92 21.00 -19.78
N TRP A 789 -26.21 21.16 -20.90
CA TRP A 789 -26.19 20.08 -21.88
C TRP A 789 -25.55 18.81 -21.34
N LYS A 790 -24.94 18.86 -20.16
CA LYS A 790 -24.16 17.73 -19.67
C LYS A 790 -24.99 16.47 -19.48
N GLN A 791 -26.31 16.58 -19.40
CA GLN A 791 -27.12 15.38 -19.21
C GLN A 791 -27.86 14.96 -20.47
N GLN A 792 -28.41 15.91 -21.23
CA GLN A 792 -29.07 15.54 -22.48
C GLN A 792 -28.07 14.95 -23.46
N VAL A 793 -26.82 15.39 -23.44
CA VAL A 793 -25.81 14.79 -24.30
C VAL A 793 -25.57 13.34 -23.91
N SER A 794 -25.37 13.09 -22.61
CA SER A 794 -25.17 11.71 -22.16
C SER A 794 -26.35 10.83 -22.50
N LEU A 795 -27.57 11.37 -22.48
CA LEU A 795 -28.71 10.53 -22.83
C LEU A 795 -28.95 10.52 -24.34
N SER A 796 -28.22 11.34 -25.09
CA SER A 796 -28.30 11.26 -26.53
C SER A 796 -27.23 10.34 -27.13
N ILE A 797 -26.12 10.14 -26.44
CA ILE A 797 -25.08 9.27 -26.97
C ILE A 797 -25.57 7.84 -27.02
N LEU A 798 -26.03 7.31 -25.89
CA LEU A 798 -26.53 5.94 -25.86
C LEU A 798 -27.69 5.73 -26.82
N LYS A 799 -28.40 6.78 -27.18
CA LYS A 799 -29.37 6.70 -28.28
C LYS A 799 -28.68 6.27 -29.57
N SER A 800 -27.35 6.35 -29.59
CA SER A 800 -26.56 5.91 -30.73
C SER A 800 -25.64 4.75 -30.38
N HIS A 801 -26.11 3.81 -29.57
CA HIS A 801 -25.40 2.55 -29.37
C HIS A 801 -26.35 1.36 -29.30
N GLU A 802 -27.57 1.53 -29.81
CA GLU A 802 -28.44 0.43 -30.12
C GLU A 802 -28.96 0.45 -31.55
N ASN A 803 -29.21 1.62 -32.13
CA ASN A 803 -29.54 1.74 -33.54
C ASN A 803 -28.31 1.66 -34.42
N GLY A 804 -27.20 1.16 -33.89
CA GLY A 804 -26.03 0.91 -34.68
C GLY A 804 -25.47 2.11 -35.40
N PHE A 805 -25.78 3.32 -34.93
CA PHE A 805 -25.19 4.49 -35.55
C PHE A 805 -23.67 4.41 -35.56
N MET A 806 -23.08 4.01 -34.43
CA MET A 806 -21.66 3.77 -34.41
C MET A 806 -21.27 2.64 -35.35
N GLU A 807 -22.14 1.66 -35.52
CA GLU A 807 -21.83 0.57 -36.43
C GLU A 807 -21.97 0.96 -37.89
N ASP A 808 -22.69 2.03 -38.19
CA ASP A 808 -22.65 2.58 -39.53
C ASP A 808 -21.44 3.46 -39.75
N LEU A 809 -21.05 4.24 -38.73
CA LEU A 809 -19.83 5.01 -38.89
C LEU A 809 -18.59 4.12 -38.96
N ASP A 810 -18.65 2.94 -38.35
CA ASP A 810 -17.56 1.97 -38.44
C ASP A 810 -17.22 1.63 -39.88
N LYS A 811 -18.22 1.57 -40.75
CA LYS A 811 -17.98 1.33 -42.17
C LYS A 811 -17.94 2.62 -42.97
N THR A 812 -18.42 3.71 -42.39
CA THR A 812 -18.44 4.96 -43.13
C THR A 812 -17.10 5.69 -43.10
N TRP A 813 -16.31 5.49 -42.05
CA TRP A 813 -15.08 6.27 -41.99
C TRP A 813 -13.86 5.51 -41.50
N VAL A 814 -13.84 4.19 -41.59
CA VAL A 814 -12.61 3.42 -41.49
C VAL A 814 -12.67 2.40 -42.62
N ARG A 815 -12.08 2.74 -43.78
CA ARG A 815 -12.17 1.88 -44.96
C ARG A 815 -11.15 0.77 -44.85
N TYR A 816 -11.34 -0.05 -43.82
CA TYR A 816 -10.29 -0.96 -43.37
C TYR A 816 -10.28 -2.24 -44.20
N GLN A 817 -9.41 -3.17 -43.79
CA GLN A 817 -9.24 -4.47 -44.45
C GLN A 817 -8.79 -4.32 -45.90
N GLU A 818 -7.90 -3.36 -46.15
CA GLU A 818 -7.23 -3.26 -47.44
C GLU A 818 -5.91 -4.00 -47.46
N CYS A 819 -5.43 -4.45 -46.30
CA CYS A 819 -4.26 -5.31 -46.19
C CYS A 819 -4.48 -6.26 -45.03
N ASP A 820 -3.43 -6.98 -44.66
CA ASP A 820 -3.47 -7.88 -43.51
C ASP A 820 -2.07 -7.96 -42.90
N SER A 821 -2.00 -8.40 -41.65
CA SER A 821 -0.71 -8.62 -41.02
C SER A 821 0.15 -9.55 -41.85
N ARG A 822 -0.32 -10.80 -42.03
CA ARG A 822 0.19 -11.71 -43.05
C ARG A 822 1.70 -11.92 -42.88
N SER A 823 2.04 -12.60 -41.79
CA SER A 823 3.41 -13.02 -41.53
C SER A 823 4.08 -13.50 -42.81
N ASN A 824 5.20 -12.87 -43.16
CA ASN A 824 5.75 -12.97 -44.50
C ASN A 824 6.51 -14.28 -44.71
N ALA A 825 7.11 -14.41 -45.90
CA ALA A 825 7.80 -15.62 -46.33
C ALA A 825 9.30 -15.51 -46.04
N PRO A 826 9.90 -16.52 -45.43
CA PRO A 826 11.34 -16.45 -45.15
C PRO A 826 12.17 -16.84 -46.36
N ALA A 827 13.32 -16.18 -46.49
CA ALA A 827 14.41 -16.62 -47.36
C ALA A 827 13.96 -16.73 -48.83
N THR A 828 13.66 -15.57 -49.41
CA THR A 828 13.42 -15.46 -50.84
C THR A 828 14.75 -15.40 -51.58
N LEU A 829 15.35 -16.56 -51.81
CA LEU A 829 16.69 -16.63 -52.39
C LEU A 829 16.66 -16.38 -53.89
N THR A 830 17.67 -15.67 -54.38
CA THR A 830 17.66 -15.16 -55.74
C THR A 830 19.07 -15.21 -56.32
N CYS A 831 19.26 -14.44 -57.40
CA CYS A 831 20.50 -14.51 -58.18
C CYS A 831 21.71 -14.05 -57.38
N GLU A 832 21.75 -12.76 -57.04
CA GLU A 832 22.98 -12.10 -56.60
C GLU A 832 23.50 -12.62 -55.28
N ASN A 833 22.87 -13.65 -54.73
CA ASN A 833 23.48 -14.42 -53.65
C ASN A 833 23.42 -15.91 -53.93
N MET A 834 23.27 -16.30 -55.19
CA MET A 834 23.54 -17.65 -55.65
C MET A 834 24.54 -17.66 -56.80
N ALA A 835 25.07 -16.50 -57.18
CA ALA A 835 26.00 -16.42 -58.31
C ALA A 835 27.28 -17.18 -58.05
N GLY A 836 27.64 -17.42 -56.80
CA GLY A 836 28.93 -17.99 -56.46
C GLY A 836 29.23 -19.32 -57.13
N VAL A 837 28.22 -20.02 -57.60
CA VAL A 837 28.43 -21.25 -58.35
C VAL A 837 28.34 -21.05 -59.85
N PHE A 838 27.59 -20.06 -60.32
CA PHE A 838 27.56 -19.79 -61.74
C PHE A 838 28.92 -19.28 -62.22
N MET A 839 29.65 -18.57 -61.37
CA MET A 839 31.03 -18.25 -61.72
C MET A 839 31.87 -19.51 -61.88
N LEU A 840 31.67 -20.52 -61.03
CA LEU A 840 32.43 -21.77 -61.18
C LEU A 840 32.12 -22.41 -62.52
N VAL A 841 30.84 -22.57 -62.84
CA VAL A 841 30.54 -23.28 -64.07
C VAL A 841 30.95 -22.44 -65.28
N ALA A 842 30.92 -21.11 -65.17
CA ALA A 842 31.38 -20.28 -66.28
C ALA A 842 32.88 -20.41 -66.47
N GLY A 843 33.63 -20.48 -65.38
CA GLY A 843 35.06 -20.73 -65.48
C GLY A 843 35.36 -22.06 -66.13
N GLY A 844 34.64 -23.10 -65.75
CA GLY A 844 34.79 -24.38 -66.44
C GLY A 844 34.48 -24.27 -67.91
N ILE A 845 33.41 -23.55 -68.26
CA ILE A 845 33.01 -23.40 -69.65
C ILE A 845 34.09 -22.70 -70.45
N VAL A 846 34.68 -21.63 -69.89
CA VAL A 846 35.66 -20.87 -70.64
C VAL A 846 37.02 -21.58 -70.63
N ALA A 847 37.33 -22.27 -69.54
CA ALA A 847 38.55 -23.09 -69.53
C ALA A 847 38.45 -24.25 -70.50
N GLY A 848 37.24 -24.68 -70.83
CA GLY A 848 37.05 -25.80 -71.73
C GLY A 848 37.35 -25.49 -73.18
N ILE A 849 37.27 -24.20 -73.57
CA ILE A 849 37.73 -23.81 -74.90
C ILE A 849 39.21 -23.47 -74.90
N PHE A 850 39.86 -23.48 -73.75
CA PHE A 850 41.30 -23.26 -73.64
C PHE A 850 42.09 -24.54 -73.51
N LEU A 851 41.54 -25.57 -72.86
CA LEU A 851 42.30 -26.79 -72.61
C LEU A 851 42.72 -27.49 -73.91
N ILE A 852 41.81 -27.64 -74.86
CA ILE A 852 42.13 -28.37 -76.08
C ILE A 852 43.28 -27.71 -76.83
N PHE A 853 43.51 -26.43 -76.61
CA PHE A 853 44.69 -25.76 -77.17
C PHE A 853 45.97 -26.22 -76.50
N ILE A 854 45.91 -27.24 -75.64
CA ILE A 854 47.09 -27.82 -75.01
C ILE A 854 47.19 -29.32 -75.27
N GLU A 855 46.08 -30.05 -75.15
CA GLU A 855 46.15 -31.50 -75.27
C GLU A 855 46.46 -31.97 -76.69
N ILE A 856 46.50 -31.08 -77.68
CA ILE A 856 47.05 -31.46 -78.97
C ILE A 856 48.48 -31.92 -78.80
N ALA A 857 49.23 -31.26 -77.92
CA ALA A 857 50.61 -31.63 -77.66
C ALA A 857 50.74 -33.06 -77.16
N TYR A 858 49.76 -33.55 -76.41
CA TYR A 858 49.78 -34.95 -76.00
C TYR A 858 49.65 -35.89 -77.19
N LYS A 859 49.28 -35.37 -78.35
CA LYS A 859 49.17 -36.17 -79.56
C LYS A 859 50.11 -35.69 -80.66
N ARG A 860 50.11 -34.40 -80.98
CA ARG A 860 50.90 -33.89 -82.10
C ARG A 860 52.40 -33.98 -81.87
N HIS A 861 52.85 -34.08 -80.62
CA HIS A 861 54.26 -34.20 -80.29
C HIS A 861 54.53 -35.50 -79.54
N LYS A 862 53.95 -36.60 -80.03
CA LYS A 862 54.12 -37.89 -79.40
C LYS A 862 54.05 -39.02 -80.43
N SER B 65 12.86 74.94 1.97
CA SER B 65 12.65 73.96 3.04
C SER B 65 11.34 73.20 2.85
N ILE B 66 11.28 71.99 3.42
CA ILE B 66 10.09 71.15 3.38
C ILE B 66 9.51 71.09 4.78
N GLY B 67 8.30 71.61 4.94
CA GLY B 67 7.66 71.68 6.24
C GLY B 67 7.47 70.32 6.87
N ILE B 68 8.04 70.13 8.06
CA ILE B 68 8.03 68.84 8.74
C ILE B 68 7.73 69.06 10.20
N ALA B 69 6.95 68.16 10.79
CA ALA B 69 6.82 68.05 12.23
C ALA B 69 7.28 66.66 12.63
N VAL B 70 7.80 66.53 13.85
CA VAL B 70 8.19 65.24 14.40
C VAL B 70 7.86 65.28 15.88
N ILE B 71 6.91 64.45 16.29
CA ILE B 71 6.41 64.45 17.66
C ILE B 71 6.83 63.17 18.34
N LEU B 72 7.07 63.25 19.64
CA LEU B 72 7.61 62.15 20.44
C LEU B 72 6.80 61.95 21.70
N VAL B 73 5.47 61.86 21.55
CA VAL B 73 4.60 61.67 22.71
C VAL B 73 5.01 60.41 23.47
N GLY B 74 4.60 60.35 24.73
CA GLY B 74 5.10 59.31 25.61
C GLY B 74 6.53 59.62 26.00
N THR B 75 7.00 59.02 27.08
CA THR B 75 8.35 59.27 27.57
C THR B 75 9.21 58.03 27.33
N SER B 76 10.14 58.14 26.38
CA SER B 76 11.04 57.05 26.02
C SER B 76 12.43 57.65 25.83
N ASP B 77 13.32 56.90 25.22
CA ASP B 77 14.64 57.42 24.90
C ASP B 77 14.54 58.40 23.74
N GLU B 78 15.12 59.58 23.90
CA GLU B 78 15.04 60.60 22.87
C GLU B 78 16.34 61.37 22.69
N VAL B 79 17.47 60.79 23.07
CA VAL B 79 18.74 61.53 23.05
C VAL B 79 19.24 61.68 21.61
N ALA B 80 19.53 60.56 20.96
CA ALA B 80 20.11 60.55 19.61
C ALA B 80 19.05 60.58 18.51
N ILE B 81 17.90 61.19 18.79
CA ILE B 81 16.73 61.02 17.94
C ILE B 81 16.94 61.67 16.56
N LYS B 82 17.22 62.97 16.52
CA LYS B 82 17.20 63.74 15.27
C LYS B 82 18.60 64.07 14.76
N ASP B 83 19.54 63.14 14.88
CA ASP B 83 20.92 63.42 14.46
C ASP B 83 21.09 63.36 12.94
N ALA B 84 20.12 62.81 12.23
CA ALA B 84 20.22 62.63 10.79
C ALA B 84 19.34 63.62 10.01
N HIS B 85 19.29 64.87 10.44
CA HIS B 85 18.49 65.88 9.74
C HIS B 85 19.23 66.43 8.52
N GLU B 86 20.36 67.10 8.75
CA GLU B 86 21.13 67.68 7.65
C GLU B 86 22.15 66.71 7.08
N LYS B 87 22.67 65.78 7.88
CA LYS B 87 23.65 64.81 7.45
C LYS B 87 23.04 63.65 6.67
N ASP B 88 21.81 63.81 6.21
CA ASP B 88 21.09 62.71 5.56
C ASP B 88 21.46 62.65 4.09
N ASP B 89 20.74 61.79 3.35
CA ASP B 89 20.91 61.67 1.90
C ASP B 89 19.95 62.62 1.22
N PHE B 90 20.34 63.89 1.14
CA PHE B 90 19.58 64.89 0.39
C PHE B 90 19.87 64.83 -1.10
N HIS B 91 20.51 63.75 -1.56
CA HIS B 91 20.96 63.68 -2.95
C HIS B 91 19.82 63.75 -3.95
N HIS B 92 18.58 63.54 -3.53
CA HIS B 92 17.47 63.57 -4.47
C HIS B 92 17.24 64.97 -5.02
N LEU B 93 16.90 65.92 -4.16
CA LEU B 93 16.66 67.30 -4.54
C LEU B 93 17.86 68.15 -4.16
N SER B 94 17.71 69.48 -4.27
CA SER B 94 18.68 70.41 -3.73
C SER B 94 18.08 71.39 -2.73
N VAL B 95 16.78 71.60 -2.74
CA VAL B 95 16.12 72.38 -1.69
C VAL B 95 15.92 71.45 -0.50
N VAL B 96 16.83 71.54 0.47
CA VAL B 96 16.84 70.60 1.61
C VAL B 96 15.66 70.90 2.52
N PRO B 97 15.27 69.97 3.39
CA PRO B 97 14.20 70.27 4.34
C PRO B 97 14.73 70.76 5.67
N ARG B 98 13.86 71.44 6.40
CA ARG B 98 14.11 71.84 7.77
C ARG B 98 13.40 70.88 8.72
N VAL B 99 13.73 70.99 9.99
CA VAL B 99 13.17 70.09 11.00
C VAL B 99 12.49 70.93 12.08
N GLU B 100 11.49 70.33 12.71
CA GLU B 100 10.73 70.94 13.79
C GLU B 100 10.40 69.84 14.78
N LEU B 101 10.86 69.97 16.02
CA LEU B 101 10.87 68.87 16.98
C LEU B 101 10.12 69.29 18.25
N VAL B 102 8.95 68.71 18.48
CA VAL B 102 8.12 69.01 19.63
C VAL B 102 8.00 67.75 20.48
N ALA B 103 7.67 67.92 21.76
CA ALA B 103 7.50 66.82 22.70
C ALA B 103 6.25 67.02 23.54
N MET B 104 5.95 66.03 24.37
CA MET B 104 4.79 66.08 25.27
C MET B 104 4.94 64.93 26.27
N ASN B 105 3.98 64.84 27.19
CA ASN B 105 3.83 63.70 28.07
C ASN B 105 2.69 62.81 27.55
N GLU B 106 2.32 61.80 28.32
CA GLU B 106 1.26 60.85 27.94
C GLU B 106 0.08 61.59 27.34
N THR B 107 -0.36 61.15 26.16
CA THR B 107 -1.16 61.97 25.28
C THR B 107 -2.61 61.50 25.22
N ASP B 108 -3.46 62.40 24.74
CA ASP B 108 -4.89 62.21 24.58
C ASP B 108 -5.36 63.02 23.39
N PRO B 109 -6.37 62.52 22.65
CA PRO B 109 -6.88 63.22 21.46
C PRO B 109 -7.00 64.73 21.60
N LYS B 110 -7.54 65.21 22.72
CA LYS B 110 -7.64 66.65 22.94
C LYS B 110 -6.27 67.31 22.83
N SER B 111 -5.30 66.84 23.61
CA SER B 111 -3.95 67.36 23.51
C SER B 111 -3.25 66.95 22.23
N ILE B 112 -3.94 66.25 21.33
CA ILE B 112 -3.37 65.90 20.04
C ILE B 112 -3.86 66.85 18.95
N ILE B 113 -5.18 67.01 18.83
CA ILE B 113 -5.74 67.85 17.77
C ILE B 113 -5.29 69.29 17.94
N THR B 114 -5.25 69.77 19.18
CA THR B 114 -4.86 71.15 19.44
C THR B 114 -3.45 71.44 18.96
N ARG B 115 -2.46 70.66 19.39
CA ARG B 115 -1.10 70.90 18.93
C ARG B 115 -0.95 70.64 17.44
N ILE B 116 -1.58 69.58 16.92
CA ILE B 116 -1.41 69.24 15.52
C ILE B 116 -1.97 70.35 14.62
N CYS B 117 -3.09 70.96 15.02
CA CYS B 117 -3.58 72.14 14.33
C CYS B 117 -2.75 73.38 14.62
N ASP B 118 -2.06 73.42 15.76
CA ASP B 118 -1.07 74.46 15.99
C ASP B 118 0.07 74.37 14.99
N LEU B 119 0.53 73.14 14.71
CA LEU B 119 1.61 72.98 13.74
C LEU B 119 1.19 73.40 12.34
N MET B 120 -0.10 73.28 12.02
CA MET B 120 -0.57 73.51 10.67
C MET B 120 -0.87 74.98 10.38
N SER B 121 -0.67 75.88 11.34
CA SER B 121 -1.06 77.26 11.13
C SER B 121 0.10 78.12 10.64
N ASP B 122 1.15 78.25 11.46
CA ASP B 122 2.24 79.19 11.18
C ASP B 122 3.24 78.63 10.17
N ARG B 123 3.87 77.51 10.50
CA ARG B 123 4.90 76.92 9.66
C ARG B 123 4.33 76.13 8.48
N LYS B 124 3.13 75.56 8.62
CA LYS B 124 2.49 74.77 7.57
C LYS B 124 3.39 73.60 7.14
N ILE B 125 3.62 72.69 8.08
CA ILE B 125 4.44 71.51 7.83
C ILE B 125 3.60 70.46 7.11
N GLN B 126 4.16 69.88 6.05
CA GLN B 126 3.43 68.86 5.29
C GLN B 126 3.56 67.50 5.96
N GLY B 127 4.77 66.95 6.01
CA GLY B 127 5.01 65.59 6.46
C GLY B 127 5.21 65.52 7.96
N VAL B 128 4.56 64.56 8.57
CA VAL B 128 4.66 64.36 10.01
C VAL B 128 4.92 62.89 10.29
N VAL B 129 5.35 62.62 11.51
CA VAL B 129 5.53 61.26 12.01
C VAL B 129 4.94 61.23 13.41
N PHE B 130 5.14 60.14 14.12
CA PHE B 130 4.57 60.03 15.46
C PHE B 130 5.36 58.99 16.22
N ALA B 131 5.35 59.08 17.54
CA ALA B 131 6.20 58.23 18.37
C ALA B 131 5.48 57.76 19.63
N ASP B 132 4.26 57.25 19.48
CA ASP B 132 3.50 56.83 20.65
C ASP B 132 4.12 55.58 21.29
N ASP B 133 3.41 55.07 22.30
CA ASP B 133 3.68 53.77 22.87
C ASP B 133 2.40 52.95 22.94
N THR B 134 2.50 51.74 23.49
CA THR B 134 1.42 50.77 23.36
C THR B 134 0.27 51.00 24.32
N ASP B 135 -0.24 52.23 24.34
CA ASP B 135 -1.52 52.47 24.98
C ASP B 135 -2.61 52.06 24.01
N GLN B 136 -3.83 52.54 24.22
CA GLN B 136 -4.90 52.32 23.26
C GLN B 136 -4.45 52.63 21.84
N GLU B 137 -4.58 51.64 20.96
CA GLU B 137 -4.19 51.80 19.55
C GLU B 137 -5.07 52.79 18.82
N ALA B 138 -6.05 53.39 19.48
CA ALA B 138 -6.95 54.33 18.83
C ALA B 138 -6.21 55.51 18.22
N ILE B 139 -4.99 55.78 18.67
CA ILE B 139 -4.18 56.82 18.04
C ILE B 139 -4.13 56.61 16.54
N ALA B 140 -4.06 55.35 16.10
CA ALA B 140 -3.99 55.07 14.67
C ALA B 140 -5.25 55.57 13.96
N GLN B 141 -6.41 55.06 14.37
CA GLN B 141 -7.65 55.46 13.72
C GLN B 141 -7.82 56.97 13.80
N ILE B 142 -7.39 57.59 14.89
CA ILE B 142 -7.62 59.01 15.06
C ILE B 142 -6.64 59.83 14.23
N LEU B 143 -5.47 59.28 13.91
CA LEU B 143 -4.63 59.89 12.89
C LEU B 143 -5.28 59.78 11.53
N ASP B 144 -5.87 58.62 11.25
CA ASP B 144 -6.58 58.42 9.98
C ASP B 144 -7.67 59.46 9.80
N PHE B 145 -8.54 59.59 10.81
CA PHE B 145 -9.59 60.60 10.77
C PHE B 145 -8.99 61.98 10.50
N ILE B 146 -8.01 62.38 11.29
CA ILE B 146 -7.36 63.68 11.07
C ILE B 146 -6.44 63.66 9.87
N SER B 147 -6.22 62.51 9.24
CA SER B 147 -5.51 62.51 7.97
C SER B 147 -6.40 63.03 6.85
N ALA B 148 -7.65 62.58 6.84
CA ALA B 148 -8.54 62.89 5.73
C ALA B 148 -9.08 64.31 5.83
N GLN B 149 -9.83 64.59 6.89
CA GLN B 149 -10.49 65.89 7.03
C GLN B 149 -9.51 67.06 7.04
N THR B 150 -8.22 66.79 7.19
CA THR B 150 -7.20 67.83 7.16
C THR B 150 -6.31 67.75 5.93
N LEU B 151 -6.44 66.70 5.12
CA LEU B 151 -5.72 66.59 3.86
C LEU B 151 -4.21 66.56 4.09
N THR B 152 -3.76 65.60 4.90
CA THR B 152 -2.40 65.58 5.42
C THR B 152 -1.70 64.26 5.13
N PRO B 153 -0.62 64.26 4.35
CA PRO B 153 0.11 63.01 4.09
C PRO B 153 0.83 62.51 5.32
N ILE B 154 0.10 61.99 6.28
CA ILE B 154 0.67 61.55 7.54
C ILE B 154 1.18 60.12 7.40
N LEU B 155 2.21 59.78 8.16
CA LEU B 155 2.70 58.41 8.26
C LEU B 155 3.15 58.17 9.69
N GLY B 156 2.80 57.00 10.23
CA GLY B 156 3.08 56.70 11.62
C GLY B 156 4.18 55.67 11.83
N ILE B 157 5.35 56.13 12.25
CA ILE B 157 6.52 55.27 12.39
C ILE B 157 6.94 55.28 13.86
N HIS B 158 6.55 54.25 14.59
CA HIS B 158 7.03 53.98 15.94
C HIS B 158 6.46 52.64 16.37
N GLY B 159 6.74 52.25 17.60
CA GLY B 159 5.96 51.21 18.22
C GLY B 159 4.55 51.69 18.47
N GLY B 160 3.59 50.77 18.39
CA GLY B 160 2.22 51.10 18.77
C GLY B 160 1.52 51.99 17.77
N SER B 161 1.99 53.23 17.62
CA SER B 161 1.38 54.13 16.66
C SER B 161 1.52 53.65 15.23
N SER B 162 2.07 52.45 15.03
CA SER B 162 2.15 51.79 13.74
C SER B 162 1.55 50.40 13.88
N MET B 163 0.24 50.32 13.67
CA MET B 163 -0.47 49.05 13.60
C MET B 163 -1.05 48.89 12.22
N ILE B 164 -1.49 47.67 11.90
CA ILE B 164 -2.01 47.39 10.57
C ILE B 164 -3.52 47.59 10.52
N MET B 165 -3.95 48.83 10.35
CA MET B 165 -5.37 49.08 10.16
C MET B 165 -5.79 48.68 8.75
N ALA B 166 -6.91 47.98 8.65
CA ALA B 166 -7.23 47.24 7.42
C ALA B 166 -7.49 48.17 6.25
N ASP B 167 -8.35 49.17 6.42
CA ASP B 167 -8.76 49.99 5.30
C ASP B 167 -9.34 51.30 5.81
N LYS B 168 -8.68 52.39 5.47
CA LYS B 168 -9.13 53.72 5.84
C LYS B 168 -10.25 54.15 4.92
N ASP B 169 -10.78 55.35 5.12
CA ASP B 169 -11.59 55.96 4.10
C ASP B 169 -10.77 56.12 2.83
N GLU B 170 -11.25 55.52 1.75
CA GLU B 170 -10.45 55.36 0.55
C GLU B 170 -9.90 56.69 0.02
N SER B 171 -10.35 57.82 0.58
CA SER B 171 -9.85 59.10 0.13
C SER B 171 -8.64 59.58 0.95
N SER B 172 -8.35 58.94 2.08
CA SER B 172 -7.35 59.46 3.00
C SER B 172 -5.95 58.97 2.63
N MET B 173 -4.94 59.71 3.09
CA MET B 173 -3.53 59.42 2.84
C MET B 173 -2.82 59.16 4.17
N PHE B 174 -2.31 57.94 4.34
CA PHE B 174 -1.83 57.46 5.62
C PHE B 174 -1.05 56.18 5.40
N PHE B 175 -0.14 55.88 6.33
CA PHE B 175 0.79 54.78 6.12
C PHE B 175 1.15 54.16 7.46
N GLN B 176 2.12 53.24 7.43
CA GLN B 176 2.63 52.60 8.62
C GLN B 176 3.93 51.90 8.26
N PHE B 177 4.41 51.04 9.15
CA PHE B 177 5.47 50.10 8.81
C PHE B 177 5.12 48.73 9.38
N GLY B 178 3.91 48.27 9.09
CA GLY B 178 3.52 46.96 9.50
C GLY B 178 3.55 45.99 8.35
N PRO B 179 3.71 44.71 8.65
CA PRO B 179 3.55 43.67 7.63
C PRO B 179 2.09 43.53 7.29
N SER B 180 1.74 43.82 6.03
CA SER B 180 0.38 43.56 5.58
C SER B 180 0.07 42.10 5.84
N ILE B 181 -1.07 41.83 6.47
CA ILE B 181 -1.34 40.47 6.94
C ILE B 181 -1.21 39.44 5.83
N GLU B 182 -1.50 39.83 4.59
CA GLU B 182 -1.16 38.95 3.48
C GLU B 182 0.33 38.66 3.44
N GLN B 183 1.16 39.69 3.59
CA GLN B 183 2.60 39.47 3.58
C GLN B 183 3.06 38.75 4.82
N GLN B 184 2.44 39.05 5.97
CA GLN B 184 2.69 38.28 7.19
C GLN B 184 2.23 36.84 7.06
N ALA B 185 1.50 36.52 5.99
CA ALA B 185 1.25 35.12 5.68
C ALA B 185 2.29 34.59 4.70
N SER B 186 2.72 35.44 3.78
CA SER B 186 3.67 35.02 2.76
C SER B 186 4.97 34.56 3.39
N VAL B 187 5.49 35.32 4.35
CA VAL B 187 6.73 34.91 4.99
C VAL B 187 6.52 33.61 5.77
N MET B 188 5.35 33.46 6.39
CA MET B 188 5.01 32.19 7.00
C MET B 188 5.12 31.05 5.99
N LEU B 189 4.57 31.24 4.80
CA LEU B 189 4.62 30.19 3.79
C LEU B 189 6.04 29.89 3.38
N ASN B 190 6.88 30.91 3.24
CA ASN B 190 8.27 30.63 2.88
C ASN B 190 8.95 29.80 3.96
N ILE B 191 8.68 30.09 5.23
CA ILE B 191 9.25 29.26 6.29
C ILE B 191 8.69 27.85 6.21
N MET B 192 7.41 27.72 5.88
CA MET B 192 6.84 26.39 5.65
C MET B 192 7.66 25.65 4.60
N GLU B 193 8.03 26.35 3.55
CA GLU B 193 8.72 25.71 2.43
C GLU B 193 10.13 25.30 2.81
N GLU B 194 10.88 26.22 3.43
CA GLU B 194 12.32 25.99 3.60
C GLU B 194 12.59 24.70 4.37
N TYR B 195 12.19 24.63 5.63
CA TYR B 195 12.53 23.50 6.47
C TYR B 195 11.64 22.30 6.23
N ASP B 196 10.86 22.31 5.16
CA ASP B 196 10.18 21.12 4.66
C ASP B 196 9.05 20.68 5.57
N TRP B 197 8.32 21.63 6.15
CA TRP B 197 6.98 21.35 6.65
C TRP B 197 6.02 21.52 5.48
N TYR B 198 5.21 20.49 5.22
CA TYR B 198 4.30 20.55 4.09
C TYR B 198 2.83 20.54 4.48
N ILE B 199 2.41 19.61 5.30
CA ILE B 199 1.00 19.50 5.66
C ILE B 199 0.57 20.75 6.44
N PHE B 200 -0.73 21.02 6.47
CA PHE B 200 -1.26 22.24 7.04
C PHE B 200 -2.44 22.00 7.95
N SER B 201 -3.02 23.12 8.39
CA SER B 201 -4.32 23.26 9.03
C SER B 201 -4.49 24.76 9.27
N ILE B 202 -5.73 25.17 9.51
CA ILE B 202 -6.03 26.56 9.83
C ILE B 202 -7.13 26.57 10.87
N VAL B 203 -6.85 27.14 12.03
CA VAL B 203 -7.81 27.25 13.11
C VAL B 203 -7.93 28.73 13.43
N THR B 204 -8.98 29.37 12.95
CA THR B 204 -9.17 30.79 13.15
C THR B 204 -10.48 31.05 13.89
N THR B 205 -10.48 32.09 14.69
CA THR B 205 -11.66 32.51 15.42
C THR B 205 -12.56 33.29 14.48
N TYR B 206 -13.58 33.94 15.05
CA TYR B 206 -14.43 34.82 14.29
C TYR B 206 -13.94 36.26 14.32
N PHE B 207 -12.77 36.50 14.90
CA PHE B 207 -12.22 37.84 14.96
C PHE B 207 -12.26 38.49 13.58
N PRO B 208 -12.54 39.79 13.50
CA PRO B 208 -12.63 40.43 12.18
C PRO B 208 -11.24 40.70 11.62
N GLY B 209 -11.00 40.18 10.43
CA GLY B 209 -9.72 40.35 9.77
C GLY B 209 -9.13 39.07 9.24
N TYR B 210 -9.94 38.01 9.17
CA TYR B 210 -9.49 36.73 8.64
C TYR B 210 -9.93 36.50 7.21
N GLN B 211 -10.90 37.27 6.75
CA GLN B 211 -11.45 37.15 5.41
C GLN B 211 -10.45 37.53 4.32
N ASP B 212 -9.26 37.99 4.70
CA ASP B 212 -8.17 38.12 3.75
C ASP B 212 -7.05 37.13 4.01
N PHE B 213 -6.86 36.73 5.25
CA PHE B 213 -5.87 35.71 5.56
C PHE B 213 -6.18 34.40 4.85
N VAL B 214 -7.44 33.96 4.92
CA VAL B 214 -7.79 32.70 4.28
C VAL B 214 -7.53 32.77 2.78
N ASN B 215 -7.91 33.89 2.14
CA ASN B 215 -7.71 33.98 0.70
C ASN B 215 -6.24 34.08 0.32
N LYS B 216 -5.43 34.78 1.12
CA LYS B 216 -4.02 34.86 0.77
C LYS B 216 -3.33 33.52 0.93
N ILE B 217 -3.78 32.68 1.85
CA ILE B 217 -3.19 31.35 1.87
C ILE B 217 -3.75 30.47 0.75
N ARG B 218 -4.99 30.70 0.34
CA ARG B 218 -5.59 29.84 -0.69
C ARG B 218 -5.02 30.10 -2.07
N SER B 219 -4.82 31.37 -2.44
CA SER B 219 -4.27 31.69 -3.75
C SER B 219 -2.78 31.43 -3.85
N THR B 220 -2.21 30.68 -2.89
CA THR B 220 -0.83 30.25 -2.96
C THR B 220 -0.64 28.79 -2.58
N ILE B 221 -1.63 28.15 -1.95
CA ILE B 221 -1.48 26.73 -1.65
C ILE B 221 -1.44 25.90 -2.92
N GLU B 222 -2.26 26.23 -3.93
CA GLU B 222 -2.45 25.34 -5.07
C GLU B 222 -2.16 25.96 -6.43
N ASN B 223 -1.86 27.25 -6.50
CA ASN B 223 -1.47 27.88 -7.75
C ASN B 223 0.06 27.87 -7.90
N SER B 224 0.65 26.68 -7.78
CA SER B 224 2.09 26.54 -7.84
C SER B 224 2.44 25.07 -8.02
N PHE B 225 3.74 24.78 -7.95
CA PHE B 225 4.32 23.50 -8.32
C PHE B 225 4.38 22.52 -7.16
N VAL B 226 4.71 22.99 -5.97
CA VAL B 226 4.99 22.09 -4.86
C VAL B 226 3.76 21.29 -4.51
N GLY B 227 3.98 20.07 -4.02
CA GLY B 227 2.86 19.21 -3.64
C GLY B 227 2.29 19.58 -2.29
N TRP B 228 1.55 20.68 -2.23
CA TRP B 228 1.03 21.18 -0.97
C TRP B 228 -0.12 20.30 -0.49
N GLU B 229 -0.81 20.78 0.55
CA GLU B 229 -1.89 20.03 1.16
C GLU B 229 -2.60 20.96 2.12
N LEU B 230 -3.82 20.59 2.51
CA LEU B 230 -4.59 21.43 3.43
C LEU B 230 -5.55 20.53 4.20
N GLU B 231 -5.18 20.19 5.43
CA GLU B 231 -5.93 19.20 6.19
C GLU B 231 -7.36 19.67 6.46
N GLU B 232 -7.52 20.75 7.23
CA GLU B 232 -8.84 21.26 7.56
C GLU B 232 -8.81 22.77 7.69
N VAL B 233 -10.00 23.37 7.65
CA VAL B 233 -10.17 24.79 7.89
C VAL B 233 -11.28 24.92 8.93
N LEU B 234 -10.92 24.88 10.20
CA LEU B 234 -11.90 25.08 11.26
C LEU B 234 -12.14 26.55 11.49
N LEU B 235 -13.38 26.90 11.81
CA LEU B 235 -13.72 28.24 12.27
C LEU B 235 -14.35 28.13 13.64
N LEU B 236 -13.94 29.01 14.54
CA LEU B 236 -14.21 28.84 15.96
C LEU B 236 -15.55 29.43 16.34
N ASP B 237 -16.05 29.00 17.50
CA ASP B 237 -17.32 29.46 18.04
C ASP B 237 -17.12 29.91 19.48
N MET B 238 -17.08 31.23 19.67
CA MET B 238 -16.93 31.81 21.01
C MET B 238 -17.99 32.87 21.20
N SER B 239 -18.80 32.73 22.25
CA SER B 239 -19.90 33.64 22.51
C SER B 239 -20.28 33.52 23.98
N LEU B 240 -21.44 34.10 24.33
CA LEU B 240 -21.90 34.16 25.71
C LEU B 240 -22.46 32.81 26.13
N ASP B 241 -21.61 32.00 26.75
CA ASP B 241 -21.95 30.74 27.44
C ASP B 241 -22.47 29.66 26.50
N ASP B 242 -22.68 29.97 25.22
CA ASP B 242 -23.11 28.94 24.27
C ASP B 242 -21.90 28.22 23.68
N GLY B 243 -21.01 28.96 23.03
CA GLY B 243 -19.76 28.39 22.57
C GLY B 243 -18.82 27.97 23.69
N ASP B 244 -19.15 28.33 24.93
CA ASP B 244 -18.29 27.98 26.06
C ASP B 244 -18.21 26.47 26.27
N SER B 245 -19.09 25.69 25.64
CA SER B 245 -19.15 24.25 25.87
C SER B 245 -18.98 23.44 24.58
N LYS B 246 -18.33 24.01 23.56
CA LYS B 246 -18.11 23.28 22.31
C LYS B 246 -16.66 23.29 21.83
N ILE B 247 -15.92 24.38 21.99
CA ILE B 247 -14.57 24.47 21.47
C ILE B 247 -13.70 23.33 22.00
N GLN B 248 -13.82 23.06 23.29
CA GLN B 248 -12.98 22.06 23.96
C GLN B 248 -12.94 20.72 23.23
N ASN B 249 -13.98 20.38 22.48
CA ASN B 249 -13.94 19.13 21.72
C ASN B 249 -13.97 19.37 20.22
N GLN B 250 -14.26 20.60 19.80
CA GLN B 250 -14.36 20.89 18.37
C GLN B 250 -13.03 20.67 17.66
N LEU B 251 -11.92 21.04 18.30
CA LEU B 251 -10.60 20.84 17.71
C LEU B 251 -9.84 19.84 18.56
N LYS B 252 -10.11 18.56 18.31
CA LYS B 252 -9.31 17.46 18.83
C LYS B 252 -8.98 16.45 17.76
N LYS B 253 -9.43 16.68 16.52
CA LYS B 253 -9.13 15.84 15.38
C LYS B 253 -8.00 16.40 14.53
N LEU B 254 -7.45 17.56 14.90
CA LEU B 254 -6.27 18.05 14.22
C LEU B 254 -5.12 17.07 14.41
N GLN B 255 -4.41 16.80 13.32
CA GLN B 255 -3.32 15.84 13.36
C GLN B 255 -2.04 16.44 12.79
N SER B 256 -2.18 17.31 11.80
CA SER B 256 -1.04 17.74 11.01
C SER B 256 0.04 18.38 11.89
N PRO B 257 1.30 17.96 11.73
CA PRO B 257 2.37 18.46 12.60
C PRO B 257 2.56 19.97 12.54
N ILE B 258 1.79 20.70 11.76
CA ILE B 258 1.83 22.15 11.76
C ILE B 258 0.42 22.66 12.00
N ILE B 259 0.31 23.84 12.60
CA ILE B 259 -0.96 24.49 12.85
C ILE B 259 -0.76 25.99 12.71
N LEU B 260 -1.60 26.65 11.92
CA LEU B 260 -1.61 28.10 11.93
C LEU B 260 -2.63 28.59 12.94
N LEU B 261 -2.88 29.89 12.95
CA LEU B 261 -3.78 30.44 13.97
C LEU B 261 -4.10 31.87 13.62
N TYR B 262 -5.16 32.38 14.25
CA TYR B 262 -5.50 33.80 14.12
C TYR B 262 -6.41 34.16 15.29
N CYS B 263 -5.86 34.85 16.28
CA CYS B 263 -6.61 35.15 17.48
C CYS B 263 -6.13 36.47 18.06
N THR B 264 -6.40 36.70 19.33
CA THR B 264 -5.91 37.85 20.06
C THR B 264 -5.60 37.41 21.49
N LYS B 265 -4.93 38.29 22.24
CA LYS B 265 -4.20 37.89 23.44
C LYS B 265 -5.05 37.02 24.38
N GLU B 266 -6.17 37.56 24.88
CA GLU B 266 -6.99 36.76 25.80
C GLU B 266 -7.60 35.57 25.09
N GLU B 267 -8.09 35.78 23.86
CA GLU B 267 -8.54 34.66 23.05
C GLU B 267 -7.45 33.60 22.95
N ALA B 268 -6.23 34.03 22.66
CA ALA B 268 -5.12 33.10 22.56
C ALA B 268 -4.92 32.32 23.84
N THR B 269 -4.93 33.01 24.98
CA THR B 269 -4.71 32.34 26.25
C THR B 269 -5.78 31.30 26.51
N TYR B 270 -7.04 31.67 26.27
CA TYR B 270 -8.11 30.68 26.43
C TYR B 270 -7.86 29.46 25.55
N ILE B 271 -7.58 29.69 24.27
CA ILE B 271 -7.42 28.57 23.34
C ILE B 271 -6.24 27.70 23.74
N PHE B 272 -5.20 28.32 24.29
CA PHE B 272 -4.03 27.53 24.68
C PHE B 272 -4.31 26.72 25.94
N GLU B 273 -5.05 27.28 26.88
CA GLU B 273 -5.46 26.48 28.03
C GLU B 273 -6.31 25.31 27.57
N VAL B 274 -7.16 25.52 26.57
CA VAL B 274 -7.92 24.41 26.01
C VAL B 274 -6.99 23.38 25.40
N ALA B 275 -5.98 23.84 24.66
CA ALA B 275 -5.02 22.93 24.05
C ALA B 275 -4.35 22.05 25.10
N ASN B 276 -3.89 22.67 26.19
CA ASN B 276 -3.28 21.90 27.27
C ASN B 276 -4.27 20.93 27.89
N SER B 277 -5.52 21.37 28.10
CA SER B 277 -6.52 20.48 28.66
C SER B 277 -6.82 19.31 27.72
N VAL B 278 -6.53 19.46 26.44
CA VAL B 278 -6.52 18.31 25.55
C VAL B 278 -5.10 17.75 25.40
N GLY B 279 -4.09 18.59 25.65
CA GLY B 279 -2.72 18.11 25.64
C GLY B 279 -2.17 17.84 24.26
N LEU B 280 -2.42 18.73 23.31
CA LEU B 280 -1.95 18.58 21.94
C LEU B 280 -1.05 19.74 21.53
N THR B 281 -0.12 20.11 22.39
CA THR B 281 0.88 21.12 22.06
C THR B 281 2.24 20.73 22.62
N GLY B 282 2.51 19.44 22.70
CA GLY B 282 3.79 18.96 23.19
C GLY B 282 4.89 19.16 22.18
N TYR B 283 5.81 18.21 22.08
CA TYR B 283 6.92 18.31 21.14
C TYR B 283 6.48 17.80 19.77
N GLY B 284 6.73 18.61 18.74
CA GLY B 284 6.38 18.25 17.38
C GLY B 284 5.45 19.24 16.71
N TYR B 285 4.43 19.68 17.43
CA TYR B 285 3.49 20.65 16.87
C TYR B 285 4.09 22.04 17.06
N THR B 286 4.02 22.87 16.03
CA THR B 286 4.72 24.15 16.05
C THR B 286 3.80 25.25 15.53
N TRP B 287 2.99 25.80 16.41
CA TRP B 287 2.06 26.86 16.02
C TRP B 287 2.83 28.03 15.43
N ILE B 288 2.14 28.82 14.61
CA ILE B 288 2.76 29.93 13.90
C ILE B 288 1.75 31.06 13.84
N VAL B 289 2.02 32.14 14.58
CA VAL B 289 1.01 33.18 14.80
C VAL B 289 1.53 34.52 14.29
N PRO B 290 0.71 35.34 13.68
CA PRO B 290 1.19 36.64 13.22
C PRO B 290 1.31 37.66 14.33
N SER B 291 1.63 38.91 13.95
CA SER B 291 2.01 39.95 14.89
C SER B 291 0.93 40.26 15.92
N LEU B 292 -0.35 40.11 15.58
CA LEU B 292 -1.40 40.51 16.51
C LEU B 292 -1.31 39.80 17.85
N VAL B 293 -0.56 38.70 17.92
CA VAL B 293 -0.20 38.19 19.23
C VAL B 293 1.15 38.75 19.66
N ALA B 294 2.08 38.91 18.72
CA ALA B 294 3.36 39.51 19.08
C ALA B 294 3.17 40.99 19.35
N GLY B 295 2.82 41.75 18.32
CA GLY B 295 2.56 43.18 18.45
C GLY B 295 3.56 43.89 19.32
N ASP B 296 3.05 44.70 20.26
CA ASP B 296 3.86 45.32 21.28
C ASP B 296 3.85 44.54 22.59
N THR B 297 3.32 43.31 22.57
CA THR B 297 3.31 42.48 23.76
C THR B 297 4.70 41.92 24.02
N ASP B 298 5.56 42.71 24.65
CA ASP B 298 6.89 42.25 25.03
C ASP B 298 6.89 41.47 26.33
N THR B 299 5.78 41.46 27.06
CA THR B 299 5.66 40.68 28.28
C THR B 299 5.22 39.26 27.95
N VAL B 300 6.07 38.30 28.30
CA VAL B 300 5.80 36.89 28.02
C VAL B 300 4.67 36.44 28.94
N PRO B 301 3.48 36.19 28.42
CA PRO B 301 2.37 35.74 29.27
C PRO B 301 2.57 34.28 29.64
N SER B 302 1.57 33.72 30.30
CA SER B 302 1.54 32.29 30.54
C SER B 302 0.67 31.60 29.50
N GLU B 303 0.72 30.27 29.50
CA GLU B 303 -0.03 29.37 28.64
C GLU B 303 0.48 29.34 27.20
N PHE B 304 1.43 30.18 26.82
CA PHE B 304 2.03 30.06 25.50
C PHE B 304 3.07 28.95 25.54
N PRO B 305 2.82 27.80 24.92
CA PRO B 305 3.70 26.65 25.10
C PRO B 305 5.07 26.92 24.50
N THR B 306 5.99 26.01 24.79
CA THR B 306 7.38 26.17 24.41
C THR B 306 7.57 26.00 22.91
N GLY B 307 8.18 26.99 22.27
CA GLY B 307 8.49 26.90 20.86
C GLY B 307 7.50 27.55 19.92
N LEU B 308 6.84 28.63 20.33
CA LEU B 308 5.83 29.27 19.51
C LEU B 308 6.50 30.30 18.61
N ILE B 309 6.74 29.93 17.35
CA ILE B 309 7.29 30.88 16.39
C ILE B 309 6.26 31.96 16.09
N SER B 310 6.68 33.00 15.41
CA SER B 310 5.78 34.04 14.94
C SER B 310 6.50 34.86 13.88
N VAL B 311 5.96 36.04 13.59
CA VAL B 311 6.67 37.07 12.84
C VAL B 311 6.58 38.35 13.65
N SER B 312 7.35 39.37 13.25
CA SER B 312 7.25 40.70 13.83
C SER B 312 8.01 41.69 12.96
N TYR B 313 7.73 42.97 13.14
CA TYR B 313 8.58 43.99 12.56
C TYR B 313 9.65 44.40 13.57
N ASP B 314 10.91 44.21 13.18
CA ASP B 314 12.00 44.23 14.14
C ASP B 314 12.26 45.63 14.68
N GLU B 315 11.64 45.97 15.80
CA GLU B 315 12.04 47.13 16.57
C GLU B 315 13.28 46.87 17.40
N TRP B 316 13.72 45.60 17.49
CA TRP B 316 14.81 45.24 18.38
C TRP B 316 16.11 45.93 17.97
N ASP B 317 16.64 45.57 16.80
CA ASP B 317 17.90 46.13 16.33
C ASP B 317 17.73 47.27 15.36
N TYR B 318 16.57 47.41 14.74
CA TYR B 318 16.29 48.57 13.92
C TYR B 318 16.11 49.79 14.80
N GLY B 319 16.86 50.84 14.53
CA GLY B 319 16.93 51.98 15.43
C GLY B 319 15.76 52.93 15.28
N LEU B 320 15.33 53.47 16.41
CA LEU B 320 14.28 54.49 16.39
C LEU B 320 14.81 55.75 15.72
N PRO B 321 16.01 56.23 16.05
CA PRO B 321 16.61 57.24 15.18
C PRO B 321 16.79 56.75 13.76
N ALA B 322 17.13 55.48 13.57
CA ALA B 322 17.14 54.93 12.22
C ALA B 322 15.76 54.95 11.61
N ARG B 323 14.73 54.70 12.42
CA ARG B 323 13.38 54.76 11.91
C ARG B 323 13.03 56.16 11.43
N VAL B 324 13.29 57.18 12.26
CA VAL B 324 12.96 58.54 11.84
C VAL B 324 13.87 58.99 10.71
N ARG B 325 15.05 58.39 10.56
CA ARG B 325 15.85 58.64 9.38
C ARG B 325 15.15 58.09 8.13
N ASP B 326 14.63 56.86 8.22
CA ASP B 326 13.83 56.36 7.13
C ASP B 326 12.65 57.28 6.86
N GLY B 327 12.10 57.88 7.90
CA GLY B 327 10.97 58.77 7.73
C GLY B 327 11.36 60.03 6.98
N ILE B 328 12.44 60.68 7.40
CA ILE B 328 12.92 61.85 6.67
C ILE B 328 13.26 61.46 5.25
N ALA B 329 13.73 60.23 5.03
CA ALA B 329 14.00 59.79 3.66
C ALA B 329 12.74 59.74 2.83
N ILE B 330 11.68 59.15 3.40
CA ILE B 330 10.42 59.07 2.69
C ILE B 330 9.91 60.47 2.38
N ILE B 331 10.05 61.40 3.31
CA ILE B 331 9.49 62.72 3.08
C ILE B 331 10.33 63.49 2.07
N THR B 332 11.65 63.27 2.06
CA THR B 332 12.48 63.90 1.05
C THR B 332 12.15 63.36 -0.34
N THR B 333 12.07 62.04 -0.50
CA THR B 333 11.71 61.51 -1.80
C THR B 333 10.32 61.93 -2.20
N ALA B 334 9.44 62.14 -1.24
CA ALA B 334 8.11 62.66 -1.55
C ALA B 334 8.18 64.07 -2.09
N ALA B 335 8.81 64.97 -1.35
CA ALA B 335 8.95 66.35 -1.78
C ALA B 335 9.90 66.50 -2.96
N SER B 336 10.48 65.40 -3.45
CA SER B 336 11.37 65.48 -4.60
C SER B 336 10.79 64.88 -5.87
N ASP B 337 10.27 63.66 -5.83
CA ASP B 337 9.93 62.96 -7.07
C ASP B 337 8.82 63.68 -7.82
N MET B 338 7.63 63.78 -7.24
CA MET B 338 6.50 64.38 -7.94
C MET B 338 6.68 65.87 -8.17
N LEU B 339 7.62 66.48 -7.47
CA LEU B 339 7.87 67.91 -7.66
C LEU B 339 8.83 68.15 -8.81
N SER B 340 9.74 67.20 -9.04
CA SER B 340 10.68 67.34 -10.15
C SER B 340 10.16 66.68 -11.42
N GLU B 341 9.63 65.45 -11.30
CA GLU B 341 9.31 64.64 -12.45
C GLU B 341 7.92 64.91 -13.00
N HIS B 342 6.93 65.19 -12.15
CA HIS B 342 5.58 65.45 -12.60
C HIS B 342 5.35 66.91 -12.94
N SER B 343 6.41 67.71 -13.10
CA SER B 343 6.32 69.10 -13.53
C SER B 343 5.25 69.86 -12.76
N PHE B 344 5.44 69.99 -11.45
CA PHE B 344 4.46 70.68 -10.61
C PHE B 344 5.21 71.60 -9.66
N ILE B 345 4.45 72.28 -8.80
CA ILE B 345 4.99 73.15 -7.78
C ILE B 345 3.99 73.20 -6.62
N PRO B 346 3.92 72.16 -5.79
CA PRO B 346 2.95 72.17 -4.68
C PRO B 346 3.49 72.85 -3.43
N GLU B 347 2.73 73.83 -2.96
CA GLU B 347 3.10 74.56 -1.76
C GLU B 347 2.59 73.83 -0.51
N PRO B 348 3.09 74.19 0.66
CA PRO B 348 2.56 73.60 1.90
C PRO B 348 1.09 73.88 2.08
N LYS B 349 0.47 73.09 2.94
CA LYS B 349 -0.97 73.16 3.18
C LYS B 349 -1.30 74.31 4.14
N SER B 350 -2.54 74.28 4.64
CA SER B 350 -3.03 75.35 5.50
C SER B 350 -3.59 74.81 6.80
N SER B 351 -4.27 75.67 7.57
CA SER B 351 -4.78 75.29 8.88
C SER B 351 -5.98 74.35 8.73
N CYS B 352 -6.53 73.97 9.88
CA CYS B 352 -7.54 72.93 9.93
C CYS B 352 -8.95 73.42 10.21
N TYR B 353 -9.13 74.43 11.07
CA TYR B 353 -10.43 74.79 11.61
C TYR B 353 -10.97 76.07 10.98
N ASN B 354 -10.78 76.21 9.67
CA ASN B 354 -11.36 77.30 8.90
C ASN B 354 -12.18 76.72 7.77
N THR B 355 -13.40 77.25 7.60
CA THR B 355 -14.27 76.76 6.53
C THR B 355 -13.66 77.00 5.15
N HIS B 356 -12.86 78.07 5.02
CA HIS B 356 -12.22 78.39 3.76
C HIS B 356 -11.19 77.36 3.32
N GLU B 357 -10.79 76.44 4.22
CA GLU B 357 -9.89 75.37 3.83
C GLU B 357 -10.60 74.26 3.07
N LYS B 358 -11.88 74.44 2.73
CA LYS B 358 -12.59 73.53 1.85
C LYS B 358 -12.23 73.75 0.38
N ARG B 359 -11.44 74.77 0.07
CA ARG B 359 -11.02 75.00 -1.32
C ARG B 359 -9.87 74.08 -1.71
N ILE B 360 -8.75 74.19 -1.00
CA ILE B 360 -7.62 73.30 -1.28
C ILE B 360 -7.96 71.87 -0.89
N TYR B 361 -8.88 71.69 0.06
CA TYR B 361 -9.39 70.35 0.34
C TYR B 361 -10.10 69.77 -0.87
N GLN B 362 -10.75 70.62 -1.66
CA GLN B 362 -11.38 70.19 -2.91
C GLN B 362 -10.38 69.90 -4.00
N SER B 363 -9.08 69.94 -3.71
CA SER B 363 -8.06 69.57 -4.67
C SER B 363 -7.88 68.05 -4.68
N ASN B 364 -7.14 67.55 -5.67
CA ASN B 364 -7.03 66.12 -5.87
C ASN B 364 -6.07 65.50 -4.87
N MET B 365 -6.18 64.19 -4.70
CA MET B 365 -5.27 63.43 -3.85
C MET B 365 -3.91 63.39 -4.53
N LEU B 366 -2.97 64.18 -4.05
CA LEU B 366 -1.67 64.34 -4.68
C LEU B 366 -0.73 63.16 -4.43
N ASN B 367 -1.19 62.10 -3.78
CA ASN B 367 -0.35 60.95 -3.52
C ASN B 367 -0.17 60.06 -4.75
N ARG B 368 -0.46 60.60 -5.94
CA ARG B 368 -0.42 59.81 -7.16
C ARG B 368 0.96 59.25 -7.46
N TYR B 369 2.03 59.88 -6.98
CA TYR B 369 3.37 59.38 -7.21
C TYR B 369 4.15 59.08 -5.93
N LEU B 370 3.51 59.18 -4.76
CA LEU B 370 4.21 58.90 -3.51
C LEU B 370 4.05 57.45 -3.09
N ILE B 371 4.32 56.53 -4.02
CA ILE B 371 4.11 55.12 -3.74
C ILE B 371 5.30 54.27 -4.17
N ASN B 372 6.07 54.76 -5.15
CA ASN B 372 7.18 54.00 -5.72
C ASN B 372 8.40 54.92 -5.69
N VAL B 373 9.22 54.76 -4.65
CA VAL B 373 10.44 55.55 -4.48
C VAL B 373 11.56 54.63 -4.03
N THR B 374 12.75 55.20 -3.96
CA THR B 374 13.93 54.49 -3.50
C THR B 374 14.74 55.38 -2.58
N PHE B 375 15.34 54.79 -1.56
CA PHE B 375 16.03 55.54 -0.53
C PHE B 375 17.35 54.88 -0.19
N GLU B 376 18.45 55.59 -0.43
CA GLU B 376 19.80 55.11 -0.17
C GLU B 376 20.08 53.77 -0.86
N GLY B 377 19.33 53.46 -1.91
CA GLY B 377 19.44 52.18 -2.58
C GLY B 377 18.54 51.12 -1.99
N ARG B 378 18.06 51.37 -0.77
CA ARG B 378 17.23 50.39 -0.07
C ARG B 378 15.89 50.24 -0.77
N ASP B 379 15.10 49.28 -0.30
CA ASP B 379 13.80 48.95 -0.88
C ASP B 379 12.72 49.55 0.02
N LEU B 380 12.27 50.75 -0.34
CA LEU B 380 11.35 51.52 0.49
C LEU B 380 10.22 52.08 -0.34
N SER B 381 9.53 51.22 -1.09
CA SER B 381 8.37 51.62 -1.87
C SER B 381 7.09 51.39 -1.07
N PHE B 382 5.98 51.89 -1.61
CA PHE B 382 4.71 51.88 -0.93
C PHE B 382 3.70 51.05 -1.70
N SER B 383 2.57 50.80 -1.04
CA SER B 383 1.38 50.28 -1.66
C SER B 383 0.27 51.32 -1.56
N GLU B 384 -0.53 51.42 -2.63
CA GLU B 384 -1.67 52.33 -2.58
C GLU B 384 -2.68 51.89 -1.54
N ASP B 385 -2.59 50.66 -1.03
CA ASP B 385 -3.45 50.20 0.04
C ASP B 385 -3.14 50.87 1.37
N GLY B 386 -1.87 51.11 1.68
CA GLY B 386 -1.51 51.76 2.92
C GLY B 386 -0.55 50.99 3.82
N TYR B 387 0.30 50.14 3.24
CA TYR B 387 1.42 49.54 3.94
C TYR B 387 2.63 49.53 3.01
N GLN B 388 3.78 49.90 3.55
CA GLN B 388 4.97 50.13 2.73
C GLN B 388 5.33 48.86 1.99
N MET B 389 5.48 48.97 0.67
CA MET B 389 5.83 47.80 -0.13
C MET B 389 7.27 47.40 0.14
N HIS B 390 7.55 46.12 -0.09
CA HIS B 390 8.82 45.50 0.29
C HIS B 390 9.05 45.69 1.79
N PRO B 391 8.25 45.05 2.64
CA PRO B 391 8.43 45.23 4.08
C PRO B 391 9.55 44.37 4.63
N LYS B 392 10.39 45.00 5.46
CA LYS B 392 11.45 44.29 6.14
C LYS B 392 10.89 43.66 7.41
N LEU B 393 11.21 42.39 7.63
CA LEU B 393 10.58 41.66 8.72
C LEU B 393 11.62 41.04 9.63
N VAL B 394 11.18 40.16 10.51
CA VAL B 394 12.07 39.43 11.40
C VAL B 394 11.32 38.24 11.95
N ILE B 395 12.05 37.16 12.20
CA ILE B 395 11.44 35.89 12.59
C ILE B 395 11.73 35.64 14.07
N ILE B 396 10.70 35.74 14.88
CA ILE B 396 10.82 35.62 16.34
C ILE B 396 10.66 34.17 16.73
N LEU B 397 11.39 33.75 17.77
CA LEU B 397 11.26 32.43 18.33
C LEU B 397 11.24 32.52 19.84
N LEU B 398 10.35 31.76 20.46
CA LEU B 398 10.20 31.74 21.91
C LEU B 398 11.14 30.69 22.47
N ASN B 399 12.08 31.14 23.31
CA ASN B 399 13.17 30.31 23.78
C ASN B 399 12.67 29.27 24.78
N LYS B 400 13.60 28.59 25.44
CA LYS B 400 13.27 27.59 26.45
C LYS B 400 13.10 28.17 27.84
N GLU B 401 13.23 29.48 28.01
CA GLU B 401 13.10 30.12 29.31
C GLU B 401 12.31 31.43 29.23
N ARG B 402 11.27 31.46 28.40
CA ARG B 402 10.25 32.51 28.42
C ARG B 402 10.85 33.90 28.22
N LYS B 403 11.43 34.10 27.04
CA LYS B 403 11.90 35.42 26.63
C LYS B 403 12.00 35.44 25.12
N TRP B 404 11.59 36.55 24.51
CA TRP B 404 11.60 36.63 23.06
C TRP B 404 13.02 36.60 22.53
N GLU B 405 13.27 35.70 21.59
CA GLU B 405 14.59 35.51 21.00
C GLU B 405 14.51 35.68 19.49
N ARG B 406 15.47 36.39 18.91
CA ARG B 406 15.46 36.68 17.50
C ARG B 406 16.25 35.65 16.71
N VAL B 407 15.66 35.13 15.63
CA VAL B 407 16.31 34.09 14.83
C VAL B 407 16.49 34.51 13.38
N GLY B 408 15.40 34.66 12.64
CA GLY B 408 15.45 34.74 11.19
C GLY B 408 15.29 36.15 10.67
N LYS B 409 16.14 36.54 9.73
CA LYS B 409 16.17 37.89 9.19
C LYS B 409 15.76 37.86 7.73
N TRP B 410 14.51 38.21 7.47
CA TRP B 410 13.90 38.18 6.13
C TRP B 410 14.08 39.53 5.47
N LYS B 411 14.58 39.55 4.24
CA LYS B 411 14.72 40.80 3.52
C LYS B 411 14.95 40.50 2.05
N ASP B 412 14.74 41.52 1.22
CA ASP B 412 15.01 41.45 -0.21
C ASP B 412 14.29 40.27 -0.86
N LYS B 413 13.13 39.91 -0.32
CA LYS B 413 12.34 38.79 -0.81
C LYS B 413 13.18 37.52 -0.86
N SER B 414 13.99 37.32 0.16
CA SER B 414 14.80 36.12 0.33
C SER B 414 14.49 35.49 1.68
N LEU B 415 15.31 34.54 2.12
CA LEU B 415 15.07 33.93 3.43
C LEU B 415 16.40 33.40 3.97
N GLN B 416 17.08 34.23 4.77
CA GLN B 416 18.30 33.83 5.43
C GLN B 416 17.97 33.35 6.84
N MET B 417 18.64 32.29 7.26
CA MET B 417 18.27 31.59 8.47
C MET B 417 19.46 31.49 9.43
N LYS B 418 19.29 30.70 10.49
CA LYS B 418 20.31 30.61 11.53
C LYS B 418 20.56 29.20 12.01
N TYR B 419 19.70 28.25 11.66
CA TYR B 419 19.79 26.91 12.21
C TYR B 419 20.06 25.83 11.16
N TYR B 420 19.20 25.71 10.16
CA TYR B 420 19.12 24.63 9.18
C TYR B 420 18.57 23.34 9.78
N VAL B 421 18.36 23.28 11.09
CA VAL B 421 17.76 22.10 11.73
C VAL B 421 16.88 22.60 12.88
N TRP B 422 15.71 22.05 12.99
CA TRP B 422 14.93 22.56 14.12
C TRP B 422 15.21 21.72 15.35
N PRO B 423 15.38 22.34 16.50
CA PRO B 423 15.82 21.64 17.70
C PRO B 423 14.72 20.76 18.27
N ARG B 424 15.00 20.17 19.42
CA ARG B 424 14.01 19.44 20.17
C ARG B 424 13.30 20.39 21.13
N MET B 425 12.49 19.85 22.04
CA MET B 425 11.78 20.65 23.02
C MET B 425 12.54 20.68 24.33
N ASP B 434 14.64 12.34 22.22
CA ASP B 434 14.43 10.96 22.63
C ASP B 434 14.25 10.04 21.43
N ASP B 435 13.26 10.34 20.58
CA ASP B 435 13.03 9.51 19.40
C ASP B 435 13.01 10.34 18.12
N HIS B 436 14.01 11.19 17.94
CA HIS B 436 14.27 11.84 16.66
C HIS B 436 15.77 11.72 16.41
N LEU B 437 16.16 10.82 15.51
CA LEU B 437 17.55 10.43 15.36
C LEU B 437 18.23 11.22 14.27
N SER B 438 19.55 11.34 14.37
CA SER B 438 20.39 11.95 13.36
C SER B 438 21.15 10.84 12.66
N ILE B 439 20.82 10.62 11.39
CA ILE B 439 21.40 9.52 10.61
C ILE B 439 22.16 10.10 9.43
N VAL B 440 23.38 9.61 9.22
CA VAL B 440 24.28 10.14 8.21
C VAL B 440 24.64 9.02 7.25
N THR B 441 24.87 9.38 5.99
CA THR B 441 25.11 8.39 4.95
C THR B 441 26.06 8.97 3.89
N LEU B 442 26.59 8.08 3.06
CA LEU B 442 27.62 8.41 2.07
C LEU B 442 27.12 8.16 0.67
N GLU B 443 27.51 9.03 -0.26
CA GLU B 443 27.15 8.88 -1.66
C GLU B 443 27.93 7.74 -2.31
N GLU B 444 27.24 6.95 -3.14
CA GLU B 444 27.84 5.86 -3.88
C GLU B 444 27.17 5.80 -5.25
N ALA B 445 27.53 4.79 -6.03
CA ALA B 445 26.98 4.69 -7.38
C ALA B 445 25.58 4.08 -7.44
N PRO B 446 25.35 2.87 -6.93
CA PRO B 446 24.08 2.19 -7.24
C PRO B 446 23.02 2.32 -6.16
N PHE B 447 23.38 2.82 -4.98
CA PHE B 447 22.50 2.72 -3.83
C PHE B 447 22.01 4.08 -3.35
N VAL B 448 22.93 4.97 -3.03
CA VAL B 448 22.57 6.27 -2.46
C VAL B 448 22.98 7.30 -3.50
N ILE B 449 22.03 7.72 -4.33
CA ILE B 449 22.29 8.64 -5.43
C ILE B 449 21.90 10.04 -4.99
N VAL B 450 22.73 11.01 -5.35
CA VAL B 450 22.46 12.42 -5.05
C VAL B 450 21.95 13.07 -6.32
N GLU B 451 20.86 13.82 -6.19
CA GLU B 451 20.34 14.62 -7.29
C GLU B 451 20.58 16.10 -6.99
N SER B 452 20.21 16.94 -7.94
CA SER B 452 20.27 18.38 -7.74
C SER B 452 18.87 18.95 -7.59
N VAL B 453 18.69 19.81 -6.58
CA VAL B 453 17.42 20.49 -6.42
C VAL B 453 17.19 21.42 -7.59
N ASP B 454 15.92 21.59 -7.97
CA ASP B 454 15.59 22.49 -9.06
C ASP B 454 15.94 23.92 -8.67
N PRO B 455 16.73 24.64 -9.48
CA PRO B 455 17.12 25.99 -9.08
C PRO B 455 15.94 26.94 -8.96
N LEU B 456 14.93 26.78 -9.81
CA LEU B 456 13.73 27.60 -9.69
C LEU B 456 13.00 27.31 -8.39
N SER B 457 12.85 26.03 -8.06
CA SER B 457 11.93 25.63 -7.00
C SER B 457 12.53 25.87 -5.61
N GLY B 458 13.61 25.17 -5.27
CA GLY B 458 14.11 25.13 -3.93
C GLY B 458 13.71 23.89 -3.16
N THR B 459 12.49 23.39 -3.37
CA THR B 459 12.08 22.09 -2.85
C THR B 459 11.87 21.11 -4.00
N CYS B 460 12.59 20.00 -3.94
CA CYS B 460 12.80 19.17 -5.11
C CYS B 460 11.77 18.05 -5.22
N MET B 461 12.03 17.15 -6.15
CA MET B 461 11.10 16.10 -6.54
C MET B 461 10.82 15.16 -5.36
N ARG B 462 9.78 14.37 -5.50
CA ARG B 462 9.40 13.42 -4.48
C ARG B 462 10.25 12.16 -4.59
N ASN B 463 9.85 11.13 -3.85
CA ASN B 463 10.54 9.85 -3.71
C ASN B 463 11.86 9.98 -2.98
N THR B 464 12.27 11.19 -2.63
CA THR B 464 13.53 11.42 -1.93
C THR B 464 13.29 11.64 -0.45
N VAL B 465 14.37 11.96 0.26
CA VAL B 465 14.32 12.55 1.58
C VAL B 465 15.46 13.57 1.61
N PRO B 466 15.20 14.82 1.99
CA PRO B 466 16.23 15.86 1.83
C PRO B 466 17.53 15.49 2.50
N CYS B 467 18.63 15.94 1.88
CA CYS B 467 19.96 15.57 2.31
C CYS B 467 20.91 16.72 1.97
N GLN B 468 21.74 17.09 2.95
CA GLN B 468 22.55 18.29 2.77
C GLN B 468 23.99 17.99 3.11
N LYS B 469 24.91 18.69 2.44
CA LYS B 469 26.32 18.63 2.81
C LYS B 469 27.02 19.81 2.19
N ARG B 470 27.53 20.72 3.02
CA ARG B 470 28.45 21.75 2.57
C ARG B 470 29.51 22.00 3.61
N ILE B 471 29.97 20.93 4.27
CA ILE B 471 31.05 21.05 5.24
C ILE B 471 32.38 21.40 4.58
N ILE B 472 32.41 21.52 3.26
CA ILE B 472 33.62 21.87 2.50
C ILE B 472 33.56 23.34 2.14
N SER B 473 34.64 24.06 2.46
CA SER B 473 34.76 25.47 2.14
C SER B 473 36.24 25.85 2.24
N GLU B 474 36.69 26.68 1.30
CA GLU B 474 38.11 26.99 1.19
C GLU B 474 38.54 28.13 2.11
N ASN B 475 37.61 28.75 2.83
CA ASN B 475 37.97 29.82 3.75
C ASN B 475 38.86 29.28 4.85
N LYS B 476 39.75 30.13 5.35
CA LYS B 476 40.64 29.71 6.43
C LYS B 476 39.91 29.58 7.76
N THR B 477 39.00 30.51 8.06
CA THR B 477 38.30 30.49 9.34
C THR B 477 37.07 29.59 9.33
N ASP B 478 36.69 29.05 8.18
CA ASP B 478 35.45 28.27 8.05
C ASP B 478 35.60 26.97 8.82
N GLU B 479 35.06 26.93 10.04
CA GLU B 479 35.12 25.76 10.90
C GLU B 479 33.97 24.78 10.67
N GLU B 480 32.75 25.27 10.51
CA GLU B 480 31.58 24.45 10.17
C GLU B 480 30.57 25.38 9.52
N PRO B 481 30.88 25.88 8.32
CA PRO B 481 30.03 26.91 7.72
C PRO B 481 28.72 26.33 7.20
N GLY B 482 27.99 27.18 6.49
CA GLY B 482 26.65 26.84 6.02
C GLY B 482 26.62 25.56 5.20
N TYR B 483 25.41 25.02 5.12
CA TYR B 483 25.16 23.78 4.40
C TYR B 483 24.58 24.10 3.03
N ILE B 484 24.33 23.05 2.25
CA ILE B 484 23.53 23.14 1.04
C ILE B 484 22.74 21.84 0.92
N LYS B 485 21.44 21.95 0.71
CA LYS B 485 20.54 20.81 0.81
C LYS B 485 20.28 20.23 -0.58
N LYS B 486 20.62 18.96 -0.76
CA LYS B 486 20.40 18.25 -2.01
C LYS B 486 19.40 17.15 -1.79
N CYS B 487 19.15 16.36 -2.83
CA CYS B 487 18.12 15.34 -2.79
C CYS B 487 18.70 13.96 -3.07
N CYS B 488 18.15 12.96 -2.41
CA CYS B 488 18.76 11.63 -2.35
C CYS B 488 17.69 10.58 -2.45
N LYS B 489 17.85 9.63 -3.38
CA LYS B 489 16.91 8.54 -3.55
C LYS B 489 17.66 7.32 -4.07
N GLY B 490 16.94 6.22 -4.18
CA GLY B 490 17.53 5.01 -4.67
C GLY B 490 17.09 3.79 -3.89
N PHE B 491 18.05 2.98 -3.44
CA PHE B 491 17.72 1.73 -2.77
C PHE B 491 17.67 1.87 -1.26
N CYS B 492 18.79 2.23 -0.64
CA CYS B 492 18.81 2.34 0.82
C CYS B 492 17.98 3.51 1.31
N ILE B 493 17.85 4.57 0.52
CA ILE B 493 16.93 5.64 0.89
C ILE B 493 15.54 5.07 1.15
N ASP B 494 15.03 4.28 0.20
CA ASP B 494 13.70 3.71 0.39
C ASP B 494 13.69 2.67 1.50
N ILE B 495 14.74 1.88 1.66
CA ILE B 495 14.71 0.91 2.74
C ILE B 495 14.71 1.61 4.09
N LEU B 496 15.18 2.86 4.11
CA LEU B 496 15.03 3.66 5.32
C LEU B 496 13.62 4.19 5.45
N LYS B 497 13.07 4.71 4.36
CA LYS B 497 11.75 5.35 4.40
C LYS B 497 10.66 4.36 4.80
N LYS B 498 10.77 3.10 4.40
CA LYS B 498 9.80 2.09 4.81
C LYS B 498 10.10 1.52 6.19
N ILE B 499 10.90 2.20 7.00
CA ILE B 499 11.09 1.87 8.39
C ILE B 499 10.40 2.88 9.30
N SER B 500 10.46 4.17 8.97
CA SER B 500 9.91 5.22 9.80
C SER B 500 8.43 5.03 10.10
N LYS B 501 7.73 4.19 9.37
CA LYS B 501 6.35 3.85 9.69
C LYS B 501 6.23 2.53 10.44
N SER B 502 7.34 1.99 10.95
CA SER B 502 7.35 0.75 11.71
C SER B 502 7.81 0.95 13.14
N VAL B 503 8.95 1.58 13.32
CA VAL B 503 9.38 2.10 14.62
C VAL B 503 9.45 3.61 14.46
N LYS B 504 8.37 4.28 14.84
CA LYS B 504 8.14 5.66 14.40
C LYS B 504 9.19 6.61 14.96
N PHE B 505 9.67 7.50 14.10
CA PHE B 505 10.53 8.61 14.50
C PHE B 505 10.59 9.59 13.34
N THR B 506 11.46 10.58 13.47
CA THR B 506 11.81 11.48 12.38
C THR B 506 13.32 11.64 12.36
N TYR B 507 13.85 12.01 11.20
CA TYR B 507 15.29 11.98 11.03
C TYR B 507 15.73 13.07 10.07
N ASP B 508 17.04 13.32 10.07
CA ASP B 508 17.70 14.17 9.10
C ASP B 508 18.90 13.43 8.55
N LEU B 509 19.24 13.68 7.30
CA LEU B 509 20.35 13.03 6.64
C LEU B 509 21.29 14.05 6.04
N TYR B 510 22.59 13.85 6.29
CA TYR B 510 23.63 14.69 5.71
C TYR B 510 24.75 13.78 5.24
N LEU B 511 25.69 14.35 4.48
CA LEU B 511 26.72 13.57 3.81
C LEU B 511 28.08 13.76 4.45
N VAL B 512 28.75 12.65 4.71
CA VAL B 512 30.05 12.63 5.37
C VAL B 512 31.12 13.07 4.38
N THR B 513 32.07 13.86 4.86
CA THR B 513 33.15 14.37 4.03
C THR B 513 34.51 13.79 4.39
N ASN B 514 34.57 12.88 5.36
CA ASN B 514 35.85 12.31 5.80
C ASN B 514 36.21 11.06 5.02
N GLY B 515 36.20 11.17 3.69
CA GLY B 515 36.69 10.10 2.85
C GLY B 515 35.65 9.10 2.38
N LYS B 516 35.60 7.95 3.03
CA LYS B 516 34.86 6.81 2.54
C LYS B 516 34.36 6.02 3.75
N HIS B 517 34.06 4.74 3.53
CA HIS B 517 33.45 3.90 4.58
C HIS B 517 34.20 4.00 5.90
N GLY B 518 35.49 4.34 5.86
CA GLY B 518 36.24 4.54 7.08
C GLY B 518 37.57 3.83 7.10
N LYS B 519 38.64 4.57 7.36
CA LYS B 519 39.99 4.02 7.36
C LYS B 519 40.62 4.24 8.71
N LYS B 520 41.13 3.17 9.32
CA LYS B 520 41.72 3.26 10.65
C LYS B 520 43.03 4.02 10.56
N ILE B 521 43.05 5.21 11.15
CA ILE B 521 44.21 6.10 11.12
C ILE B 521 44.76 6.22 12.52
N ASN B 522 45.99 5.76 12.72
CA ASN B 522 46.73 5.93 13.97
C ASN B 522 46.00 5.28 15.15
N GLY B 523 45.22 4.24 14.89
CA GLY B 523 44.42 3.63 15.92
C GLY B 523 43.08 4.30 16.14
N THR B 524 42.63 5.15 15.22
CA THR B 524 41.37 5.86 15.35
C THR B 524 40.57 5.70 14.06
N TRP B 525 39.28 6.00 14.15
CA TRP B 525 38.35 5.80 13.04
C TRP B 525 37.99 7.13 12.41
N ASN B 526 38.18 7.25 11.10
CA ASN B 526 37.73 8.41 10.36
C ASN B 526 36.35 8.13 9.80
N GLY B 527 35.87 9.04 8.95
CA GLY B 527 34.74 8.82 8.06
C GLY B 527 33.47 8.27 8.70
N MET B 528 32.90 7.28 8.02
CA MET B 528 31.55 6.83 8.35
C MET B 528 31.43 6.40 9.79
N ILE B 529 32.14 5.35 10.18
CA ILE B 529 32.04 4.90 11.57
C ILE B 529 32.49 5.99 12.52
N GLY B 530 33.47 6.81 12.11
CA GLY B 530 33.84 7.97 12.89
C GLY B 530 32.68 8.90 13.17
N GLU B 531 31.65 8.88 12.35
CA GLU B 531 30.44 9.64 12.61
C GLU B 531 29.45 8.90 13.48
N VAL B 532 29.85 7.79 14.09
CA VAL B 532 29.05 7.11 15.08
C VAL B 532 29.76 7.02 16.42
N VAL B 533 31.07 6.78 16.42
CA VAL B 533 31.75 6.63 17.69
C VAL B 533 32.16 7.97 18.29
N MET B 534 32.18 9.04 17.49
CA MET B 534 32.30 10.38 18.05
C MET B 534 31.02 10.84 18.74
N LYS B 535 29.95 10.06 18.62
CA LYS B 535 28.63 10.41 19.15
C LYS B 535 28.13 11.74 18.62
N ARG B 536 28.60 12.12 17.43
CA ARG B 536 28.13 13.30 16.74
C ARG B 536 26.98 13.00 15.79
N ALA B 537 26.69 11.72 15.56
CA ALA B 537 25.55 11.30 14.75
C ALA B 537 25.24 9.86 15.12
N TYR B 538 23.95 9.55 15.26
CA TYR B 538 23.58 8.34 15.97
C TYR B 538 23.72 7.08 15.13
N MET B 539 23.26 7.11 13.88
CA MET B 539 23.20 5.90 13.10
C MET B 539 23.54 6.19 11.64
N ALA B 540 24.02 5.15 10.94
CA ALA B 540 24.37 5.29 9.54
C ALA B 540 23.94 4.04 8.79
N VAL B 541 23.35 4.24 7.60
CA VAL B 541 23.00 3.17 6.69
C VAL B 541 23.43 3.57 5.29
N GLY B 542 23.67 2.56 4.46
CA GLY B 542 24.20 2.77 3.14
C GLY B 542 25.15 1.66 2.72
N SER B 543 26.27 2.02 2.11
CA SER B 543 27.17 1.05 1.51
C SER B 543 28.10 0.40 2.52
N LEU B 544 27.76 0.44 3.80
CA LEU B 544 28.58 -0.21 4.82
C LEU B 544 28.65 -1.71 4.59
N THR B 545 29.61 -2.36 5.24
CA THR B 545 29.74 -3.81 5.19
C THR B 545 30.28 -4.35 6.50
N ILE B 546 29.61 -5.37 7.01
CA ILE B 546 29.99 -6.00 8.27
C ILE B 546 31.35 -6.67 8.09
N ASN B 547 32.04 -6.87 9.21
CA ASN B 547 33.31 -7.59 9.21
C ASN B 547 33.66 -7.92 10.65
N GLU B 548 34.68 -8.74 10.83
CA GLU B 548 35.16 -9.08 12.17
C GLU B 548 35.74 -7.86 12.87
N GLU B 549 36.10 -6.82 12.11
CA GLU B 549 36.76 -5.66 12.69
C GLU B 549 35.78 -4.69 13.32
N ARG B 550 34.86 -4.15 12.53
CA ARG B 550 33.98 -3.10 13.01
C ARG B 550 32.97 -3.59 14.05
N SER B 551 32.95 -4.87 14.37
CA SER B 551 32.01 -5.39 15.35
C SER B 551 32.48 -5.20 16.78
N GLU B 552 33.40 -4.27 17.01
CA GLU B 552 33.85 -3.93 18.35
C GLU B 552 33.84 -2.45 18.65
N VAL B 553 33.54 -1.60 17.68
CA VAL B 553 33.48 -0.16 17.91
C VAL B 553 32.14 0.44 17.51
N VAL B 554 31.32 -0.29 16.75
CA VAL B 554 29.92 0.03 16.50
C VAL B 554 29.14 -1.27 16.52
N ASP B 555 27.81 -1.18 16.41
CA ASP B 555 26.97 -2.37 16.48
C ASP B 555 26.05 -2.45 15.27
N PHE B 556 25.71 -3.69 14.88
CA PHE B 556 25.14 -3.99 13.57
C PHE B 556 23.82 -4.71 13.63
N SER B 557 22.97 -4.41 12.64
CA SER B 557 21.74 -5.12 12.37
C SER B 557 22.06 -6.41 11.61
N VAL B 558 21.04 -7.05 11.05
CA VAL B 558 21.26 -8.23 10.20
C VAL B 558 21.34 -7.75 8.76
N PRO B 559 21.93 -8.52 7.84
CA PRO B 559 22.12 -8.02 6.47
C PRO B 559 20.81 -7.95 5.71
N PHE B 560 20.82 -7.14 4.65
CA PHE B 560 19.64 -7.11 3.80
C PHE B 560 19.98 -7.07 2.31
N ILE B 561 21.20 -7.46 1.93
CA ILE B 561 21.59 -7.79 0.57
C ILE B 561 22.59 -8.93 0.76
N GLU B 562 23.21 -9.40 -0.31
CA GLU B 562 24.33 -10.32 -0.21
C GLU B 562 25.50 -9.79 -1.01
N THR B 563 26.72 -10.07 -0.54
CA THR B 563 27.92 -9.59 -1.20
C THR B 563 28.99 -10.66 -1.13
N GLY B 564 30.14 -10.37 -1.71
CA GLY B 564 31.27 -11.26 -1.66
C GLY B 564 32.13 -11.13 -2.89
N ILE B 565 32.94 -12.16 -3.11
CA ILE B 565 33.87 -12.22 -4.23
C ILE B 565 33.42 -13.33 -5.17
N SER B 566 33.21 -13.00 -6.44
CA SER B 566 32.89 -13.98 -7.46
C SER B 566 33.10 -13.36 -8.84
N VAL B 567 33.76 -14.12 -9.69
CA VAL B 567 34.33 -13.59 -10.93
C VAL B 567 33.23 -13.39 -11.95
N MET B 568 33.52 -12.57 -12.95
CA MET B 568 32.62 -12.30 -14.06
C MET B 568 33.30 -12.72 -15.36
N VAL B 569 32.58 -13.47 -16.20
CA VAL B 569 33.17 -14.05 -17.41
C VAL B 569 32.43 -13.56 -18.63
N SER B 570 32.86 -14.03 -19.81
CA SER B 570 32.21 -13.68 -21.06
C SER B 570 31.19 -14.76 -21.43
N ARG B 571 30.45 -14.51 -22.52
CA ARG B 571 29.31 -15.36 -22.84
C ARG B 571 29.74 -16.76 -23.27
N SER B 572 30.95 -16.91 -23.82
CA SER B 572 31.47 -18.19 -24.28
C SER B 572 30.58 -18.81 -25.36
N ASN B 573 30.65 -18.17 -26.54
CA ASN B 573 29.78 -18.46 -27.68
C ASN B 573 29.72 -19.94 -28.04
N GLY B 574 28.71 -20.31 -28.83
CA GLY B 574 28.32 -21.70 -29.00
C GLY B 574 29.38 -22.57 -29.65
N THR B 575 28.96 -23.81 -29.95
CA THR B 575 29.89 -24.82 -30.41
C THR B 575 29.14 -25.94 -31.11
N VAL B 576 29.92 -26.93 -31.55
CA VAL B 576 29.43 -28.12 -32.25
C VAL B 576 30.26 -29.30 -31.81
N SER B 577 29.61 -30.43 -31.56
CA SER B 577 30.33 -31.62 -31.16
C SER B 577 31.30 -32.07 -32.25
N PRO B 578 32.43 -32.64 -31.87
CA PRO B 578 33.26 -33.34 -32.86
C PRO B 578 32.61 -34.62 -33.34
N SER B 579 31.83 -35.28 -32.49
CA SER B 579 31.06 -36.46 -32.89
C SER B 579 29.60 -36.12 -33.14
N ALA B 580 29.31 -34.89 -33.56
CA ALA B 580 27.93 -34.50 -33.80
C ALA B 580 27.34 -35.26 -34.98
N PHE B 581 28.15 -35.61 -35.97
CA PHE B 581 27.60 -36.15 -37.20
C PHE B 581 27.00 -37.54 -37.01
N LEU B 582 27.65 -38.41 -36.24
CA LEU B 582 27.27 -39.81 -36.20
C LEU B 582 26.25 -40.12 -35.12
N GLU B 583 25.84 -39.15 -34.34
CA GLU B 583 24.90 -39.37 -33.26
C GLU B 583 23.42 -39.44 -33.68
N PRO B 584 22.94 -38.61 -34.64
CA PRO B 584 21.48 -38.48 -34.82
C PRO B 584 20.70 -39.76 -35.10
N PHE B 585 21.36 -40.91 -35.20
CA PHE B 585 20.67 -42.17 -35.33
C PHE B 585 20.96 -43.11 -34.18
N SER B 586 20.06 -44.06 -34.00
CA SER B 586 20.18 -45.04 -32.93
C SER B 586 21.45 -45.86 -33.08
N ALA B 587 21.91 -46.40 -31.96
CA ALA B 587 22.92 -47.45 -32.00
C ALA B 587 22.34 -48.77 -32.48
N CYS B 588 21.05 -48.82 -32.76
CA CYS B 588 20.41 -50.04 -33.23
C CYS B 588 20.06 -50.01 -34.71
N VAL B 589 20.11 -48.84 -35.35
CA VAL B 589 19.68 -48.76 -36.74
C VAL B 589 20.78 -49.18 -37.69
N TRP B 590 22.01 -48.72 -37.46
CA TRP B 590 23.09 -49.03 -38.39
C TRP B 590 23.35 -50.53 -38.45
N VAL B 591 23.35 -51.19 -37.30
CA VAL B 591 23.66 -52.61 -37.26
C VAL B 591 22.65 -53.42 -38.06
N MET B 592 21.36 -53.20 -37.81
CA MET B 592 20.34 -53.95 -38.53
C MET B 592 20.25 -53.54 -39.99
N MET B 593 20.62 -52.29 -40.32
CA MET B 593 20.74 -51.92 -41.73
C MET B 593 21.78 -52.78 -42.41
N PHE B 594 22.96 -52.89 -41.79
CA PHE B 594 23.99 -53.76 -42.34
C PHE B 594 23.53 -55.21 -42.42
N VAL B 595 22.77 -55.66 -41.43
CA VAL B 595 22.29 -57.04 -41.41
C VAL B 595 21.39 -57.31 -42.60
N MET B 596 20.33 -56.51 -42.76
CA MET B 596 19.42 -56.71 -43.88
C MET B 596 20.11 -56.47 -45.21
N LEU B 597 21.09 -55.57 -45.24
CA LEU B 597 21.91 -55.41 -46.44
C LEU B 597 22.58 -56.73 -46.82
N LEU B 598 23.34 -57.31 -45.89
CA LEU B 598 24.01 -58.57 -46.18
C LEU B 598 23.02 -59.66 -46.57
N ILE B 599 21.89 -59.71 -45.88
CA ILE B 599 20.92 -60.79 -46.13
C ILE B 599 20.33 -60.66 -47.53
N VAL B 600 19.82 -59.49 -47.88
CA VAL B 600 19.21 -59.34 -49.20
C VAL B 600 20.24 -59.42 -50.30
N SER B 601 21.49 -59.02 -50.05
CA SER B 601 22.50 -59.17 -51.07
C SER B 601 22.81 -60.64 -51.32
N ALA B 602 22.97 -61.41 -50.24
CA ALA B 602 23.20 -62.84 -50.42
C ALA B 602 22.02 -63.51 -51.10
N VAL B 603 20.82 -63.41 -50.50
CA VAL B 603 19.66 -64.10 -51.03
C VAL B 603 19.34 -63.65 -52.45
N ALA B 604 20.01 -62.63 -52.95
CA ALA B 604 19.99 -62.44 -54.40
C ALA B 604 20.45 -63.67 -55.15
N VAL B 605 21.21 -64.55 -54.49
CA VAL B 605 21.59 -65.83 -55.07
C VAL B 605 20.36 -66.64 -55.49
N PHE B 606 19.18 -66.31 -54.96
CA PHE B 606 17.96 -67.05 -55.25
C PHE B 606 17.66 -67.08 -56.74
N VAL B 607 18.24 -66.14 -57.50
CA VAL B 607 18.11 -66.18 -58.95
C VAL B 607 18.78 -67.40 -59.55
N PHE B 608 19.55 -68.16 -58.76
CA PHE B 608 20.17 -69.39 -59.25
C PHE B 608 19.12 -70.40 -59.70
N GLU B 609 17.90 -70.31 -59.18
CA GLU B 609 16.82 -71.22 -59.54
C GLU B 609 16.06 -70.74 -60.78
N TYR B 610 16.71 -69.99 -61.65
CA TYR B 610 16.08 -69.48 -62.86
C TYR B 610 15.88 -70.58 -63.89
N PHE B 631 26.89 -63.77 -61.07
CA PHE B 631 27.69 -62.89 -60.24
C PHE B 631 27.73 -63.42 -58.80
N THR B 632 28.86 -63.18 -58.13
CA THR B 632 29.07 -63.72 -56.80
C THR B 632 28.49 -62.78 -55.74
N ILE B 633 28.41 -63.31 -54.51
CA ILE B 633 28.21 -62.45 -53.36
C ILE B 633 29.17 -61.27 -53.41
N GLY B 634 30.43 -61.55 -53.71
CA GLY B 634 31.42 -60.52 -53.93
C GLY B 634 31.09 -59.54 -55.04
N LYS B 635 29.95 -59.71 -55.71
CA LYS B 635 29.45 -58.72 -56.64
C LYS B 635 28.19 -58.03 -56.17
N ALA B 636 27.31 -58.75 -55.48
CA ALA B 636 26.04 -58.18 -55.04
C ALA B 636 26.24 -57.12 -53.97
N ILE B 637 26.93 -57.49 -52.88
CA ILE B 637 27.27 -56.52 -51.85
C ILE B 637 27.78 -55.24 -52.48
N TRP B 638 28.75 -55.36 -53.37
CA TRP B 638 29.31 -54.19 -54.03
C TRP B 638 28.24 -53.37 -54.73
N LEU B 639 27.13 -53.97 -55.12
CA LEU B 639 26.05 -53.18 -55.70
C LEU B 639 25.21 -52.52 -54.63
N LEU B 640 24.59 -53.31 -53.77
CA LEU B 640 23.58 -52.76 -52.88
C LEU B 640 24.17 -51.81 -51.86
N TRP B 641 25.33 -52.15 -51.27
CA TRP B 641 25.99 -51.22 -50.36
C TRP B 641 26.30 -49.89 -51.04
N GLY B 642 26.42 -49.89 -52.37
CA GLY B 642 26.67 -48.65 -53.08
C GLY B 642 25.47 -47.73 -53.06
N LEU B 643 24.37 -48.19 -53.67
CA LEU B 643 23.21 -47.33 -53.89
C LEU B 643 22.71 -46.65 -52.62
N VAL B 644 22.75 -47.34 -51.48
CA VAL B 644 22.30 -46.74 -50.23
C VAL B 644 23.03 -45.45 -49.96
N PHE B 645 24.30 -45.39 -50.33
CA PHE B 645 25.12 -44.22 -50.11
C PHE B 645 25.00 -43.19 -51.23
N ASN B 646 23.91 -43.20 -51.99
CA ASN B 646 23.76 -42.31 -53.13
C ASN B 646 24.99 -42.42 -54.03
N ASN B 647 25.19 -43.63 -54.52
CA ASN B 647 26.39 -43.99 -55.27
C ASN B 647 26.24 -43.64 -56.75
N SER B 648 27.36 -43.70 -57.46
CA SER B 648 27.38 -43.63 -58.91
C SER B 648 28.41 -44.57 -59.50
N VAL B 649 28.81 -45.60 -58.76
CA VAL B 649 29.83 -46.52 -59.26
C VAL B 649 29.28 -47.27 -60.47
N PRO B 650 30.11 -47.52 -61.48
CA PRO B 650 29.75 -48.52 -62.49
C PRO B 650 29.46 -49.85 -61.82
N VAL B 651 28.42 -50.52 -62.29
CA VAL B 651 27.98 -51.78 -61.71
C VAL B 651 27.50 -52.69 -62.84
N GLN B 652 27.68 -53.99 -62.63
CA GLN B 652 27.07 -55.00 -63.48
C GLN B 652 25.66 -55.26 -62.96
N ASN B 653 24.68 -55.07 -63.84
CA ASN B 653 23.29 -55.12 -63.41
C ASN B 653 22.92 -56.55 -63.01
N PRO B 654 21.84 -56.70 -62.24
CA PRO B 654 21.32 -58.05 -62.01
C PRO B 654 20.68 -58.61 -63.27
N LYS B 655 20.41 -59.91 -63.24
CA LYS B 655 19.70 -60.58 -64.32
C LYS B 655 18.50 -61.32 -63.74
N GLY B 656 17.32 -60.98 -64.23
CA GLY B 656 16.09 -61.51 -63.67
C GLY B 656 15.10 -60.43 -63.34
N THR B 657 13.88 -60.56 -63.87
CA THR B 657 12.85 -59.58 -63.58
C THR B 657 12.61 -59.45 -62.09
N THR B 658 12.45 -60.59 -61.40
CA THR B 658 12.30 -60.55 -59.96
C THR B 658 13.49 -59.87 -59.29
N SER B 659 14.69 -60.06 -59.83
CA SER B 659 15.83 -59.31 -59.32
C SER B 659 15.61 -57.82 -59.48
N LYS B 660 15.08 -57.41 -60.63
CA LYS B 660 14.73 -56.00 -60.80
C LYS B 660 13.77 -55.55 -59.72
N ILE B 661 12.79 -56.38 -59.38
CA ILE B 661 11.81 -55.99 -58.38
C ILE B 661 12.48 -55.82 -57.02
N MET B 662 13.33 -56.78 -56.64
CA MET B 662 14.02 -56.68 -55.36
C MET B 662 14.88 -55.42 -55.29
N VAL B 663 15.65 -55.16 -56.35
CA VAL B 663 16.48 -53.96 -56.35
C VAL B 663 15.62 -52.72 -56.25
N SER B 664 14.44 -52.72 -56.89
CA SER B 664 13.52 -51.60 -56.73
C SER B 664 13.14 -51.40 -55.28
N VAL B 665 12.81 -52.48 -54.59
CA VAL B 665 12.45 -52.39 -53.17
C VAL B 665 13.59 -51.72 -52.39
N TRP B 666 14.81 -52.23 -52.58
CA TRP B 666 15.92 -51.68 -51.83
C TRP B 666 16.19 -50.23 -52.20
N ALA B 667 15.94 -49.84 -53.44
CA ALA B 667 16.12 -48.44 -53.83
C ALA B 667 15.09 -47.55 -53.17
N PHE B 668 13.88 -48.07 -52.98
CA PHE B 668 12.93 -47.34 -52.16
C PHE B 668 13.47 -47.11 -50.77
N PHE B 669 13.98 -48.17 -50.14
CA PHE B 669 14.62 -48.01 -48.83
C PHE B 669 15.73 -46.96 -48.90
N ALA B 670 16.46 -46.94 -50.01
CA ALA B 670 17.52 -45.98 -50.17
C ALA B 670 16.99 -44.55 -50.19
N VAL B 671 15.93 -44.29 -50.95
CA VAL B 671 15.43 -42.92 -50.99
C VAL B 671 14.76 -42.52 -49.69
N ILE B 672 14.39 -43.48 -48.84
CA ILE B 672 13.84 -43.06 -47.56
C ILE B 672 14.93 -42.77 -46.52
N PHE B 673 15.99 -43.58 -46.49
CA PHE B 673 17.00 -43.46 -45.44
C PHE B 673 17.62 -42.07 -45.42
N LEU B 674 18.27 -41.68 -46.52
CA LEU B 674 19.00 -40.42 -46.55
C LEU B 674 18.06 -39.24 -46.42
N ALA B 675 16.87 -39.34 -47.01
CA ALA B 675 15.93 -38.24 -46.88
C ALA B 675 15.43 -38.09 -45.45
N SER B 676 15.61 -39.11 -44.62
CA SER B 676 15.36 -38.93 -43.19
C SER B 676 16.60 -38.39 -42.47
N TYR B 677 17.74 -39.02 -42.73
CA TYR B 677 18.98 -38.60 -42.10
C TYR B 677 19.20 -37.10 -42.25
N THR B 678 19.34 -36.64 -43.49
CA THR B 678 19.60 -35.22 -43.70
C THR B 678 18.55 -34.36 -43.03
N ALA B 679 17.36 -34.90 -42.81
CA ALA B 679 16.40 -34.17 -42.02
C ALA B 679 16.85 -34.03 -40.58
N ASN B 680 17.40 -35.10 -39.98
CA ASN B 680 17.77 -34.96 -38.57
C ASN B 680 18.95 -34.01 -38.36
N LEU B 681 19.97 -34.05 -39.21
CA LEU B 681 21.14 -33.17 -39.08
C LEU B 681 20.80 -31.69 -39.19
N ALA B 682 19.54 -31.33 -39.40
CA ALA B 682 19.12 -29.97 -39.15
C ALA B 682 18.80 -29.74 -37.68
N ALA B 683 19.21 -30.65 -36.82
CA ALA B 683 19.06 -30.49 -35.38
C ALA B 683 20.38 -30.44 -34.63
N PHE B 684 21.32 -31.33 -34.95
CA PHE B 684 22.63 -31.27 -34.31
C PHE B 684 23.53 -30.22 -34.93
N MET B 685 23.09 -29.52 -35.97
CA MET B 685 23.79 -28.36 -36.48
C MET B 685 23.19 -27.06 -35.98
N ILE B 686 22.14 -27.14 -35.16
CA ILE B 686 21.47 -25.93 -34.67
C ILE B 686 21.75 -25.67 -33.20
N GLN B 687 22.91 -26.09 -32.68
CA GLN B 687 23.18 -26.06 -31.24
C GLN B 687 23.36 -24.64 -30.72
N GLU B 688 22.81 -24.41 -29.54
CA GLU B 688 22.72 -23.09 -28.92
C GLU B 688 24.07 -22.68 -28.33
N GLU B 689 24.07 -21.59 -27.57
CA GLU B 689 25.25 -21.16 -26.83
C GLU B 689 25.29 -21.85 -25.47
N TYR B 690 26.19 -21.39 -24.61
CA TYR B 690 26.37 -21.99 -23.29
C TYR B 690 27.29 -21.11 -22.47
N VAL B 691 27.07 -21.09 -21.17
CA VAL B 691 27.88 -20.32 -20.23
C VAL B 691 28.67 -21.29 -19.35
N ASP B 692 29.97 -21.06 -19.24
CA ASP B 692 30.86 -22.02 -18.62
C ASP B 692 30.47 -22.28 -17.18
N GLN B 693 30.62 -23.53 -16.75
CA GLN B 693 30.36 -23.92 -15.37
C GLN B 693 31.65 -23.94 -14.56
N VAL B 694 32.35 -22.80 -14.57
CA VAL B 694 33.58 -22.70 -13.80
C VAL B 694 33.25 -22.65 -12.32
N SER B 695 33.93 -23.49 -11.54
CA SER B 695 33.75 -23.48 -10.10
C SER B 695 34.36 -22.20 -9.54
N GLY B 696 34.24 -22.01 -8.23
CA GLY B 696 34.71 -20.80 -7.59
C GLY B 696 36.22 -20.68 -7.58
N LEU B 697 36.73 -19.83 -6.70
CA LEU B 697 38.16 -19.62 -6.61
C LEU B 697 38.93 -20.86 -6.18
N SER B 698 38.27 -21.82 -5.52
CA SER B 698 38.98 -22.95 -4.94
C SER B 698 39.63 -23.83 -5.99
N ASP B 699 39.17 -23.79 -7.24
CA ASP B 699 39.66 -24.72 -8.25
C ASP B 699 40.98 -24.27 -8.83
N LYS B 700 41.75 -25.24 -9.33
CA LYS B 700 43.01 -24.95 -10.00
C LYS B 700 42.85 -23.99 -11.16
N LYS B 701 41.66 -23.90 -11.76
CA LYS B 701 41.47 -22.99 -12.88
C LYS B 701 41.79 -21.56 -12.47
N PHE B 702 41.58 -21.21 -11.21
CA PHE B 702 41.92 -19.89 -10.71
C PHE B 702 43.04 -19.90 -9.67
N GLN B 703 43.05 -20.89 -8.77
CA GLN B 703 44.09 -20.98 -7.76
C GLN B 703 45.48 -21.00 -8.38
N ARG B 704 45.56 -21.37 -9.63
CA ARG B 704 46.76 -21.48 -10.41
C ARG B 704 46.68 -20.60 -11.64
N PRO B 705 47.64 -19.71 -11.86
CA PRO B 705 47.80 -19.17 -13.22
C PRO B 705 47.89 -20.37 -14.14
N ASN B 706 46.86 -20.56 -14.95
CA ASN B 706 46.61 -21.88 -15.51
C ASN B 706 47.74 -22.30 -16.43
N ASP B 707 48.43 -23.37 -16.01
CA ASP B 707 49.62 -23.83 -16.71
C ASP B 707 49.31 -24.11 -18.18
N PHE B 708 48.14 -24.67 -18.47
CA PHE B 708 47.83 -25.06 -19.83
C PHE B 708 47.69 -23.87 -20.77
N SER B 709 47.60 -22.66 -20.24
CA SER B 709 47.59 -21.45 -21.08
C SER B 709 48.04 -20.27 -20.23
N PRO B 710 49.33 -19.95 -20.26
CA PRO B 710 49.78 -18.65 -19.74
C PRO B 710 49.04 -17.50 -20.41
N PRO B 711 48.48 -17.69 -21.61
CA PRO B 711 47.45 -16.75 -22.07
C PRO B 711 46.24 -16.61 -21.16
N PHE B 712 46.17 -17.34 -20.05
CA PHE B 712 45.05 -17.22 -19.11
C PHE B 712 45.46 -16.36 -17.91
N ARG B 713 44.73 -15.28 -17.69
CA ARG B 713 44.98 -14.36 -16.59
C ARG B 713 43.66 -13.78 -16.12
N PHE B 714 43.72 -12.96 -15.09
CA PHE B 714 42.50 -12.35 -14.57
C PHE B 714 42.85 -11.09 -13.79
N GLY B 715 42.02 -10.08 -13.95
CA GLY B 715 42.31 -8.77 -13.38
C GLY B 715 41.36 -8.29 -12.30
N THR B 716 41.80 -7.32 -11.52
CA THR B 716 40.99 -6.67 -10.50
C THR B 716 41.41 -5.22 -10.43
N VAL B 717 41.01 -4.53 -9.36
CA VAL B 717 41.51 -3.20 -9.04
C VAL B 717 42.18 -3.29 -7.68
N PRO B 718 43.42 -2.79 -7.53
CA PRO B 718 44.27 -3.19 -6.39
C PRO B 718 44.14 -2.32 -5.15
N ASN B 719 42.93 -2.18 -4.63
CA ASN B 719 42.70 -1.47 -3.38
C ASN B 719 41.46 -2.03 -2.70
N GLY B 720 41.25 -1.59 -1.46
CA GLY B 720 40.09 -2.04 -0.71
C GLY B 720 40.12 -3.54 -0.45
N SER B 721 38.98 -4.03 0.05
CA SER B 721 38.84 -5.44 0.39
C SER B 721 38.91 -6.35 -0.82
N THR B 722 38.84 -5.81 -2.02
CA THR B 722 39.13 -6.61 -3.21
C THR B 722 40.56 -7.12 -3.16
N GLU B 723 41.53 -6.21 -3.15
CA GLU B 723 42.92 -6.61 -3.13
C GLU B 723 43.36 -7.05 -1.75
N ARG B 724 43.18 -6.19 -0.74
CA ARG B 724 43.74 -6.44 0.58
C ARG B 724 43.33 -7.80 1.11
N ASN B 725 42.13 -8.26 0.79
CA ASN B 725 41.69 -9.56 1.29
C ASN B 725 42.09 -10.70 0.39
N ILE B 726 42.06 -10.51 -0.94
CA ILE B 726 42.55 -11.55 -1.84
C ILE B 726 44.04 -11.82 -1.63
N ARG B 727 44.72 -10.95 -0.89
CA ARG B 727 46.09 -11.18 -0.48
C ARG B 727 46.19 -12.10 0.72
N ASN B 728 45.16 -12.92 0.95
CA ASN B 728 45.25 -13.92 2.01
C ASN B 728 46.08 -15.12 1.54
N ASN B 729 45.58 -15.87 0.57
CA ASN B 729 46.37 -16.92 -0.10
C ASN B 729 46.93 -16.30 -1.38
N TYR B 730 47.86 -15.37 -1.18
CA TYR B 730 48.16 -14.36 -2.21
C TYR B 730 49.14 -14.85 -3.26
N ALA B 731 50.37 -15.13 -2.85
CA ALA B 731 51.48 -15.25 -3.78
C ALA B 731 51.16 -16.17 -4.95
N GLU B 732 50.46 -17.27 -4.70
CA GLU B 732 50.00 -18.10 -5.81
C GLU B 732 49.14 -17.29 -6.77
N MET B 733 48.18 -16.54 -6.23
CA MET B 733 47.30 -15.70 -7.04
C MET B 733 47.85 -14.30 -7.21
N HIS B 734 48.06 -13.59 -6.10
CA HIS B 734 48.31 -12.16 -6.14
C HIS B 734 49.59 -11.78 -6.87
N ALA B 735 50.49 -12.71 -7.11
CA ALA B 735 51.67 -12.38 -7.90
C ALA B 735 51.30 -12.17 -9.36
N TYR B 736 50.79 -13.22 -10.01
CA TYR B 736 50.48 -13.13 -11.44
C TYR B 736 49.45 -12.05 -11.71
N MET B 737 48.65 -11.69 -10.72
CA MET B 737 47.65 -10.65 -10.85
C MET B 737 48.35 -9.29 -10.79
N GLY B 738 47.57 -8.25 -10.55
CA GLY B 738 48.13 -6.94 -10.26
C GLY B 738 48.81 -6.32 -11.45
N LYS B 739 49.83 -7.01 -11.99
CA LYS B 739 50.32 -6.66 -13.31
C LYS B 739 49.19 -6.67 -14.33
N PHE B 740 48.15 -7.45 -14.06
CA PHE B 740 46.86 -7.30 -14.73
C PHE B 740 45.97 -6.50 -13.79
N ASN B 741 45.72 -5.24 -14.13
CA ASN B 741 44.72 -4.45 -13.43
C ASN B 741 44.18 -3.41 -14.39
N GLN B 742 42.97 -2.92 -14.10
CA GLN B 742 42.25 -2.05 -15.00
C GLN B 742 42.02 -0.72 -14.31
N ARG B 743 42.64 0.34 -14.83
CA ARG B 743 42.48 1.67 -14.26
C ARG B 743 41.01 2.06 -14.28
N GLY B 744 40.42 2.18 -13.10
CA GLY B 744 39.03 2.55 -12.97
C GLY B 744 38.13 1.37 -12.69
N VAL B 745 36.86 1.54 -13.05
CA VAL B 745 35.86 0.49 -12.87
C VAL B 745 35.09 0.19 -14.14
N ASP B 746 35.03 1.09 -15.11
CA ASP B 746 34.35 0.84 -16.37
C ASP B 746 35.32 0.81 -17.55
N ASP B 747 36.54 0.39 -17.30
CA ASP B 747 37.45 -0.04 -18.35
C ASP B 747 37.70 -1.54 -18.30
N ALA B 748 37.38 -2.18 -17.18
CA ALA B 748 37.40 -3.64 -17.13
C ALA B 748 36.44 -4.25 -18.13
N LEU B 749 35.25 -3.66 -18.27
CA LEU B 749 34.28 -4.17 -19.24
C LEU B 749 34.84 -4.14 -20.65
N LEU B 750 35.39 -3.00 -21.06
CA LEU B 750 35.89 -2.88 -22.43
C LEU B 750 37.22 -3.57 -22.64
N SER B 751 37.95 -3.87 -21.57
CA SER B 751 39.18 -4.65 -21.70
C SER B 751 38.95 -6.14 -21.55
N LEU B 752 37.73 -6.55 -21.17
CA LEU B 752 37.37 -7.96 -21.15
C LEU B 752 36.50 -8.36 -22.33
N LYS B 753 35.65 -7.46 -22.82
CA LYS B 753 34.74 -7.77 -23.92
C LYS B 753 35.38 -7.66 -25.30
N THR B 754 36.72 -7.68 -25.39
CA THR B 754 37.41 -7.67 -26.66
C THR B 754 38.57 -8.67 -26.70
N GLY B 755 38.46 -9.77 -25.98
CA GLY B 755 39.50 -10.77 -25.95
C GLY B 755 40.79 -10.34 -25.28
N LYS B 756 40.89 -9.09 -24.83
CA LYS B 756 42.12 -8.63 -24.18
C LYS B 756 42.31 -9.28 -22.81
N LEU B 757 41.23 -9.44 -22.05
CA LEU B 757 41.25 -10.09 -20.75
C LEU B 757 40.47 -11.39 -20.81
N ASP B 758 40.63 -12.20 -19.76
CA ASP B 758 39.99 -13.50 -19.69
C ASP B 758 38.91 -13.56 -18.61
N ALA B 759 39.26 -13.21 -17.38
CA ALA B 759 38.32 -13.17 -16.26
C ALA B 759 38.60 -11.92 -15.44
N PHE B 760 37.60 -11.52 -14.64
CA PHE B 760 37.68 -10.28 -13.89
C PHE B 760 36.96 -10.47 -12.57
N ILE B 761 37.71 -10.39 -11.49
CA ILE B 761 37.23 -10.74 -10.15
C ILE B 761 36.96 -9.44 -9.40
N TYR B 762 35.88 -9.42 -8.62
CA TYR B 762 35.44 -8.19 -7.98
C TYR B 762 34.37 -8.52 -6.94
N ASP B 763 33.72 -7.48 -6.44
CA ASP B 763 32.72 -7.63 -5.38
C ASP B 763 31.38 -8.05 -5.99
N ALA B 764 30.63 -8.86 -5.24
CA ALA B 764 29.49 -9.57 -5.81
C ALA B 764 28.41 -8.62 -6.31
N ALA B 765 27.80 -7.87 -5.40
CA ALA B 765 26.63 -7.08 -5.76
C ALA B 765 26.99 -5.75 -6.39
N VAL B 766 28.20 -5.62 -6.92
CA VAL B 766 28.52 -4.45 -7.72
C VAL B 766 28.69 -4.92 -9.16
N LEU B 767 28.71 -6.24 -9.34
CA LEU B 767 28.71 -6.85 -10.66
C LEU B 767 27.35 -7.43 -11.01
N ASN B 768 26.78 -8.26 -10.12
CA ASN B 768 25.43 -8.78 -10.31
C ASN B 768 24.49 -7.68 -10.79
N TYR B 769 24.67 -6.47 -10.28
CA TYR B 769 23.93 -5.34 -10.83
C TYR B 769 24.56 -4.85 -12.11
N MET B 770 25.88 -4.71 -12.15
CA MET B 770 26.52 -4.08 -13.30
C MET B 770 26.29 -4.88 -14.58
N ALA B 771 26.26 -6.21 -14.48
CA ALA B 771 26.02 -7.02 -15.67
C ALA B 771 24.65 -6.75 -16.25
N GLY B 772 23.63 -6.67 -15.40
CA GLY B 772 22.26 -6.56 -15.87
C GLY B 772 21.98 -5.35 -16.72
N ARG B 773 22.96 -4.49 -16.97
CA ARG B 773 22.73 -3.30 -17.77
C ARG B 773 23.74 -3.14 -18.89
N ASP B 774 24.39 -4.22 -19.31
CA ASP B 774 25.19 -4.20 -20.52
C ASP B 774 24.31 -4.56 -21.70
N GLU B 775 24.31 -3.71 -22.73
CA GLU B 775 23.40 -3.87 -23.86
C GLU B 775 23.45 -5.28 -24.42
N GLY B 776 24.62 -5.71 -24.89
CA GLY B 776 24.79 -7.08 -25.32
C GLY B 776 24.67 -8.01 -24.14
N CYS B 777 23.67 -8.88 -24.15
CA CYS B 777 23.50 -9.87 -23.09
C CYS B 777 24.57 -10.94 -23.28
N LYS B 778 25.83 -10.51 -23.11
CA LYS B 778 26.98 -11.36 -23.34
C LYS B 778 27.92 -11.40 -22.13
N LEU B 779 27.46 -10.97 -20.97
CA LEU B 779 28.27 -10.95 -19.76
C LEU B 779 27.38 -11.31 -18.57
N VAL B 780 27.62 -12.48 -17.99
CA VAL B 780 26.82 -12.98 -16.88
C VAL B 780 27.75 -13.58 -15.84
N THR B 781 27.25 -13.66 -14.61
CA THR B 781 28.10 -14.01 -13.48
C THR B 781 28.37 -15.51 -13.45
N ILE B 782 28.89 -15.97 -12.32
CA ILE B 782 29.13 -17.38 -12.07
C ILE B 782 28.16 -17.93 -11.05
N GLY B 783 27.10 -17.19 -10.72
CA GLY B 783 26.05 -17.72 -9.88
C GLY B 783 26.30 -17.56 -8.39
N SER B 784 25.22 -17.38 -7.63
CA SER B 784 25.31 -17.14 -6.20
C SER B 784 25.44 -18.42 -5.39
N GLY B 785 25.89 -19.50 -6.00
CA GLY B 785 26.09 -20.73 -5.28
C GLY B 785 27.33 -20.72 -4.43
N LYS B 786 28.48 -20.48 -5.07
CA LYS B 786 29.78 -20.44 -4.41
C LYS B 786 30.35 -19.04 -4.60
N VAL B 787 30.56 -18.33 -3.49
CA VAL B 787 31.06 -16.96 -3.50
C VAL B 787 32.11 -16.84 -2.40
N PHE B 788 33.13 -16.02 -2.63
CA PHE B 788 34.16 -15.79 -1.64
C PHE B 788 33.88 -14.51 -0.86
N ALA B 789 34.29 -14.51 0.42
CA ALA B 789 34.02 -13.42 1.34
C ALA B 789 32.52 -13.16 1.49
N SER B 790 31.84 -14.17 2.03
CA SER B 790 30.40 -14.12 2.22
C SER B 790 30.06 -13.15 3.34
N THR B 791 29.66 -11.94 2.98
CA THR B 791 29.30 -10.89 3.91
C THR B 791 27.91 -10.36 3.58
N GLY B 792 27.57 -9.23 4.17
CA GLY B 792 26.34 -8.54 3.84
C GLY B 792 26.36 -7.10 4.29
N TYR B 793 25.62 -6.27 3.58
CA TYR B 793 25.49 -4.89 3.99
C TYR B 793 24.74 -4.79 5.31
N GLY B 794 24.72 -3.61 5.90
CA GLY B 794 24.11 -3.47 7.20
C GLY B 794 23.84 -2.04 7.60
N ILE B 795 23.72 -1.85 8.91
CA ILE B 795 23.24 -0.62 9.52
C ILE B 795 24.16 -0.26 10.69
N ALA B 796 24.67 0.98 10.69
CA ALA B 796 25.54 1.45 11.76
C ALA B 796 24.72 2.14 12.85
N ILE B 797 24.93 1.73 14.10
CA ILE B 797 24.25 2.32 15.26
C ILE B 797 25.26 2.50 16.39
N GLN B 798 24.93 3.42 17.30
CA GLN B 798 25.72 3.59 18.52
C GLN B 798 25.62 2.34 19.38
N LYS B 799 26.55 2.20 20.31
CA LYS B 799 26.65 0.95 21.04
C LYS B 799 25.51 0.81 22.03
N ASP B 800 25.09 -0.44 22.22
CA ASP B 800 24.17 -0.85 23.29
C ASP B 800 22.90 0.00 23.32
N SER B 801 22.41 0.40 22.17
CA SER B 801 21.28 1.31 22.15
C SER B 801 19.97 0.57 22.41
N GLY B 802 18.91 1.35 22.58
CA GLY B 802 17.58 0.80 22.77
C GLY B 802 16.78 0.78 21.49
N TRP B 803 17.48 0.88 20.37
CA TRP B 803 16.87 0.74 19.06
C TRP B 803 17.23 -0.56 18.37
N LYS B 804 18.35 -1.18 18.75
CA LYS B 804 18.88 -2.30 18.00
C LYS B 804 17.82 -3.35 17.72
N ARG B 805 17.19 -3.88 18.76
CA ARG B 805 16.20 -4.93 18.54
C ARG B 805 15.03 -4.40 17.73
N GLN B 806 14.72 -3.11 17.86
CA GLN B 806 13.56 -2.56 17.16
C GLN B 806 13.77 -2.54 15.65
N VAL B 807 14.84 -1.91 15.18
CA VAL B 807 15.05 -1.87 13.73
C VAL B 807 15.26 -3.27 13.19
N ASP B 808 15.93 -4.13 13.95
CA ASP B 808 16.10 -5.51 13.50
C ASP B 808 14.75 -6.18 13.26
N LEU B 809 13.91 -6.18 14.28
CA LEU B 809 12.64 -6.89 14.18
C LEU B 809 11.64 -6.14 13.35
N ALA B 810 11.96 -4.92 12.91
CA ALA B 810 11.11 -4.19 12.00
C ALA B 810 11.55 -4.29 10.55
N ILE B 811 12.83 -4.58 10.30
CA ILE B 811 13.31 -4.76 8.94
C ILE B 811 13.29 -6.22 8.52
N LEU B 812 13.20 -7.16 9.46
CA LEU B 812 12.85 -8.51 9.04
C LEU B 812 11.46 -8.56 8.41
N GLN B 813 10.61 -7.58 8.69
CA GLN B 813 9.32 -7.52 8.03
C GLN B 813 9.47 -7.49 6.52
N LEU B 814 10.27 -6.56 5.99
CA LEU B 814 10.36 -6.41 4.54
C LEU B 814 10.91 -7.65 3.85
N PHE B 815 11.54 -8.56 4.58
CA PHE B 815 11.82 -9.87 4.01
C PHE B 815 10.60 -10.76 4.11
N GLY B 816 9.90 -10.71 5.25
CA GLY B 816 8.74 -11.55 5.42
C GLY B 816 7.52 -11.07 4.69
N ASP B 817 7.63 -9.97 3.95
CA ASP B 817 6.46 -9.38 3.31
C ASP B 817 6.55 -9.42 1.78
N GLY B 818 7.72 -9.15 1.23
CA GLY B 818 7.93 -9.20 -0.20
C GLY B 818 8.38 -7.91 -0.81
N GLU B 819 8.18 -6.78 -0.14
CA GLU B 819 8.54 -5.48 -0.69
C GLU B 819 10.03 -5.37 -0.96
N MET B 820 10.87 -6.02 -0.17
CA MET B 820 12.30 -6.03 -0.47
C MET B 820 12.55 -6.67 -1.83
N GLU B 821 12.11 -7.92 -1.99
CA GLU B 821 12.20 -8.56 -3.30
C GLU B 821 11.51 -7.72 -4.36
N GLU B 822 10.45 -7.02 -3.99
CA GLU B 822 9.83 -6.09 -4.93
C GLU B 822 10.80 -4.97 -5.28
N LEU B 823 11.24 -4.21 -4.29
CA LEU B 823 12.18 -3.11 -4.56
C LEU B 823 13.44 -3.62 -5.24
N GLU B 824 13.82 -4.86 -4.97
CA GLU B 824 14.99 -5.44 -5.61
C GLU B 824 14.77 -5.59 -7.11
N ALA B 825 13.51 -5.62 -7.54
CA ALA B 825 13.21 -5.60 -8.96
C ALA B 825 13.01 -4.19 -9.50
N LEU B 826 12.99 -3.19 -8.63
CA LEU B 826 12.76 -1.81 -9.06
C LEU B 826 14.05 -1.02 -9.18
N TRP B 827 14.97 -1.18 -8.24
CA TRP B 827 16.22 -0.44 -8.26
C TRP B 827 17.43 -1.28 -8.65
N LEU B 828 17.32 -2.59 -8.62
CA LEU B 828 18.48 -3.47 -8.65
C LEU B 828 18.52 -4.42 -9.82
N THR B 829 17.38 -5.01 -10.20
CA THR B 829 17.37 -6.07 -11.19
C THR B 829 17.76 -5.54 -12.57
N GLY B 830 18.61 -6.27 -13.25
CA GLY B 830 19.03 -5.96 -14.58
C GLY B 830 18.04 -6.42 -15.62
N ILE B 831 18.56 -6.70 -16.82
CA ILE B 831 17.74 -7.05 -17.97
C ILE B 831 17.96 -8.49 -18.40
N CYS B 832 19.21 -8.90 -18.55
CA CYS B 832 19.46 -10.19 -19.16
C CYS B 832 19.04 -11.30 -18.22
N HIS B 833 17.80 -11.75 -18.36
CA HIS B 833 17.31 -12.91 -17.63
C HIS B 833 16.46 -13.82 -18.52
N ASN B 834 16.81 -13.92 -19.80
CA ASN B 834 16.26 -14.92 -20.69
C ASN B 834 17.13 -16.18 -20.60
N GLU B 835 16.95 -17.12 -21.52
CA GLU B 835 17.78 -18.30 -21.59
C GLU B 835 18.74 -18.18 -22.77
N LYS B 836 19.65 -19.14 -22.87
CA LYS B 836 20.63 -19.14 -23.95
C LYS B 836 19.92 -19.22 -25.29
N ASN B 837 20.45 -18.49 -26.28
CA ASN B 837 19.84 -18.43 -27.60
C ASN B 837 20.36 -19.55 -28.50
N GLU B 838 19.55 -19.91 -29.49
CA GLU B 838 19.94 -20.93 -30.45
C GLU B 838 20.78 -20.32 -31.55
N VAL B 839 21.79 -21.05 -32.00
CA VAL B 839 22.63 -20.63 -33.11
C VAL B 839 23.02 -21.85 -33.93
N MET B 840 23.59 -21.58 -35.10
CA MET B 840 24.17 -22.61 -35.94
C MET B 840 25.56 -22.15 -36.35
N SER B 841 26.53 -23.05 -36.28
CA SER B 841 27.93 -22.70 -36.40
C SER B 841 28.34 -22.68 -37.87
N SER B 842 28.94 -21.58 -38.30
CA SER B 842 29.58 -21.51 -39.61
C SER B 842 30.85 -22.35 -39.53
N GLN B 843 30.65 -23.66 -39.47
CA GLN B 843 31.70 -24.55 -38.99
C GLN B 843 32.83 -24.71 -40.00
N LEU B 844 33.58 -23.64 -40.22
CA LEU B 844 34.89 -23.74 -40.88
C LEU B 844 35.82 -24.66 -40.12
N ASP B 845 35.47 -24.99 -38.88
CA ASP B 845 36.36 -25.69 -37.98
C ASP B 845 36.64 -27.08 -38.49
N ILE B 846 37.90 -27.52 -38.35
CA ILE B 846 38.26 -28.89 -38.70
C ILE B 846 38.02 -29.82 -37.52
N ASP B 847 38.32 -29.36 -36.30
CA ASP B 847 38.25 -30.21 -35.12
C ASP B 847 36.93 -30.95 -35.00
N ASN B 848 35.82 -30.27 -35.28
CA ASN B 848 34.52 -30.91 -35.21
C ASN B 848 34.30 -31.91 -36.33
N MET B 849 34.54 -31.51 -37.58
CA MET B 849 34.39 -32.39 -38.72
C MET B 849 35.57 -33.33 -38.89
N ALA B 850 36.59 -33.22 -38.05
CA ALA B 850 37.77 -34.04 -38.19
C ALA B 850 37.45 -35.52 -38.16
N GLY B 851 36.50 -35.94 -37.31
CA GLY B 851 36.28 -37.35 -37.07
C GLY B 851 36.21 -38.18 -38.33
N VAL B 852 35.39 -37.75 -39.30
CA VAL B 852 35.22 -38.52 -40.52
C VAL B 852 36.50 -38.69 -41.31
N PHE B 853 37.52 -37.87 -41.04
CA PHE B 853 38.81 -38.06 -41.67
C PHE B 853 39.63 -39.15 -41.02
N TYR B 854 39.51 -39.31 -39.70
CA TYR B 854 40.18 -40.41 -39.05
C TYR B 854 39.58 -41.74 -39.45
N MET B 855 38.30 -41.76 -39.84
CA MET B 855 37.77 -42.99 -40.44
C MET B 855 38.37 -43.24 -41.81
N LEU B 856 38.68 -42.18 -42.56
CA LEU B 856 39.38 -42.36 -43.82
C LEU B 856 40.77 -42.95 -43.60
N GLY B 857 41.47 -42.44 -42.61
CA GLY B 857 42.74 -43.05 -42.21
C GLY B 857 42.57 -44.51 -41.83
N ALA B 858 41.50 -44.82 -41.08
CA ALA B 858 41.21 -46.21 -40.75
C ALA B 858 41.04 -47.04 -42.01
N ALA B 859 40.36 -46.49 -43.01
CA ALA B 859 40.19 -47.20 -44.27
C ALA B 859 41.54 -47.47 -44.91
N MET B 860 42.41 -46.46 -44.93
CA MET B 860 43.77 -46.68 -45.40
C MET B 860 44.42 -47.85 -44.67
N ALA B 861 44.21 -47.92 -43.35
CA ALA B 861 44.82 -48.98 -42.56
C ALA B 861 44.28 -50.35 -42.95
N LEU B 862 42.96 -50.48 -43.13
CA LEU B 862 42.40 -51.76 -43.51
C LEU B 862 42.89 -52.18 -44.89
N SER B 863 42.99 -51.22 -45.81
CA SER B 863 43.59 -51.51 -47.11
C SER B 863 44.98 -52.10 -46.94
N LEU B 864 45.80 -51.47 -46.09
CA LEU B 864 47.14 -51.99 -45.85
C LEU B 864 47.10 -53.43 -45.34
N ILE B 865 46.30 -53.69 -44.31
CA ILE B 865 46.34 -55.01 -43.68
C ILE B 865 45.86 -56.08 -44.64
N THR B 866 44.85 -55.77 -45.46
CA THR B 866 44.35 -56.78 -46.39
C THR B 866 45.33 -57.00 -47.54
N PHE B 867 45.95 -55.92 -48.01
CA PHE B 867 47.02 -56.08 -49.00
C PHE B 867 48.10 -57.00 -48.49
N ILE B 868 48.50 -56.82 -47.21
CA ILE B 868 49.50 -57.70 -46.63
C ILE B 868 48.99 -59.13 -46.57
N SER B 869 47.75 -59.30 -46.10
CA SER B 869 47.23 -60.64 -45.84
C SER B 869 47.15 -61.45 -47.12
N GLU B 870 46.66 -60.85 -48.21
CA GLU B 870 46.49 -61.60 -49.45
C GLU B 870 47.81 -62.14 -49.96
N HIS B 871 48.87 -61.33 -49.89
CA HIS B 871 50.18 -61.79 -50.34
C HIS B 871 50.70 -62.91 -49.45
N LEU B 872 50.41 -62.83 -48.15
CA LEU B 872 50.76 -63.94 -47.25
C LEU B 872 50.00 -65.20 -47.63
N PHE B 873 48.83 -65.05 -48.26
CA PHE B 873 48.15 -66.21 -48.83
C PHE B 873 48.65 -66.48 -50.24
N TYR B 874 49.16 -65.46 -50.92
CA TYR B 874 49.74 -65.67 -52.24
C TYR B 874 50.95 -66.59 -52.16
N TRP B 875 51.67 -66.55 -51.04
CA TRP B 875 52.74 -67.52 -50.81
C TRP B 875 52.20 -68.95 -50.86
N GLN B 876 50.92 -69.13 -50.53
CA GLN B 876 50.28 -70.42 -50.68
C GLN B 876 49.70 -70.55 -52.08
N LYS C 25 -23.87 14.38 75.12
CA LYS C 25 -23.22 13.62 74.06
C LYS C 25 -21.74 13.38 74.38
N ILE C 26 -21.45 12.22 74.96
CA ILE C 26 -20.09 11.80 75.24
C ILE C 26 -19.74 10.62 74.32
N VAL C 27 -18.53 10.63 73.78
CA VAL C 27 -18.11 9.61 72.84
C VAL C 27 -17.50 8.43 73.60
N ASN C 28 -17.71 7.23 73.06
CA ASN C 28 -17.29 6.00 73.74
C ASN C 28 -16.41 5.18 72.81
N ILE C 29 -15.74 4.18 73.38
CA ILE C 29 -14.81 3.31 72.68
C ILE C 29 -14.77 1.97 73.42
N GLY C 30 -14.53 0.88 72.70
CA GLY C 30 -14.45 -0.43 73.32
C GLY C 30 -13.55 -1.45 72.67
N ALA C 31 -12.93 -2.30 73.47
CA ALA C 31 -12.06 -3.35 72.96
C ALA C 31 -12.88 -4.55 72.48
N VAL C 32 -12.19 -5.64 72.16
CA VAL C 32 -12.80 -6.84 71.60
C VAL C 32 -12.43 -8.09 72.38
N LEU C 33 -11.14 -8.34 72.56
CA LEU C 33 -10.67 -9.67 72.92
C LEU C 33 -9.58 -9.54 73.97
N SER C 34 -8.78 -10.59 74.12
CA SER C 34 -8.01 -10.82 75.34
C SER C 34 -6.93 -9.76 75.50
N THR C 35 -7.36 -8.55 75.82
CA THR C 35 -6.50 -7.43 76.21
C THR C 35 -6.60 -7.18 77.72
N ARG C 36 -6.72 -8.27 78.48
CA ARG C 36 -6.99 -8.15 79.92
C ARG C 36 -5.91 -7.37 80.64
N LYS C 37 -4.70 -7.32 80.08
CA LYS C 37 -3.60 -6.59 80.68
C LYS C 37 -3.55 -5.14 80.21
N HIS C 38 -4.68 -4.58 79.77
CA HIS C 38 -4.69 -3.24 79.23
C HIS C 38 -5.89 -2.41 79.68
N GLU C 39 -6.79 -2.97 80.48
CA GLU C 39 -8.03 -2.29 80.82
C GLU C 39 -7.81 -0.96 81.53
N GLN C 40 -6.60 -0.69 82.02
CA GLN C 40 -6.34 0.59 82.68
C GLN C 40 -5.61 1.57 81.76
N MET C 41 -4.89 1.07 80.75
CA MET C 41 -4.16 1.96 79.86
C MET C 41 -5.10 2.83 79.04
N PHE C 42 -6.21 2.26 78.56
CA PHE C 42 -7.18 3.06 77.82
C PHE C 42 -7.75 4.17 78.69
N ARG C 43 -8.09 3.85 79.94
CA ARG C 43 -8.64 4.87 80.83
C ARG C 43 -7.62 5.95 81.15
N GLU C 44 -6.37 5.55 81.39
CA GLU C 44 -5.32 6.53 81.63
C GLU C 44 -5.15 7.44 80.41
N ALA C 45 -5.25 6.86 79.21
CA ALA C 45 -5.18 7.68 78.00
C ALA C 45 -6.36 8.64 77.91
N VAL C 46 -7.56 8.15 78.25
CA VAL C 46 -8.76 9.00 78.21
C VAL C 46 -8.60 10.18 79.16
N ASN C 47 -8.04 9.93 80.34
CA ASN C 47 -7.72 11.04 81.23
C ASN C 47 -6.64 11.93 80.62
N GLN C 48 -5.72 11.35 79.85
CA GLN C 48 -4.61 12.09 79.27
C GLN C 48 -5.03 12.99 78.11
N ALA C 49 -6.33 13.18 77.89
CA ALA C 49 -6.79 13.95 76.73
C ALA C 49 -7.19 15.38 77.10
N ASN C 50 -8.17 15.53 77.98
CA ASN C 50 -8.68 16.86 78.32
C ASN C 50 -7.68 17.70 79.08
N LYS C 51 -6.51 17.14 79.42
CA LYS C 51 -5.44 17.90 80.03
C LYS C 51 -4.22 18.02 79.13
N ARG C 52 -4.23 17.37 77.96
CA ARG C 52 -3.08 17.38 77.07
C ARG C 52 -2.82 18.79 76.54
N ILE C 58 -15.31 17.20 75.10
CA ILE C 58 -15.33 15.93 74.40
C ILE C 58 -15.14 14.77 75.37
N GLN C 59 -16.15 14.53 76.20
CA GLN C 59 -16.08 13.52 77.24
C GLN C 59 -15.94 12.13 76.64
N LEU C 60 -15.08 11.32 77.24
CA LEU C 60 -14.68 10.03 76.70
C LEU C 60 -14.67 8.99 77.82
N GLN C 61 -14.88 7.74 77.44
CA GLN C 61 -14.93 6.62 78.38
C GLN C 61 -14.23 5.41 77.76
N ALA C 62 -14.45 4.24 78.37
CA ALA C 62 -13.83 3.01 77.89
C ALA C 62 -14.71 1.83 78.27
N THR C 63 -14.61 0.75 77.50
CA THR C 63 -15.26 -0.51 77.81
C THR C 63 -14.51 -1.63 77.09
N SER C 64 -14.88 -2.86 77.40
CA SER C 64 -14.13 -4.00 76.89
C SER C 64 -14.95 -5.26 77.06
N VAL C 65 -14.45 -6.34 76.45
CA VAL C 65 -15.06 -7.66 76.52
C VAL C 65 -13.98 -8.68 76.20
N THR C 66 -14.17 -9.92 76.66
CA THR C 66 -13.24 -11.00 76.36
C THR C 66 -13.85 -11.97 75.36
N HIS C 67 -13.07 -12.30 74.33
CA HIS C 67 -13.54 -13.21 73.30
C HIS C 67 -13.78 -14.61 73.88
N LYS C 68 -14.44 -15.45 73.09
CA LYS C 68 -14.80 -16.79 73.51
C LYS C 68 -14.68 -17.74 72.35
N PRO C 69 -14.42 -19.03 72.59
CA PRO C 69 -14.31 -19.99 71.48
C PRO C 69 -15.64 -20.19 70.79
N ASN C 70 -15.61 -20.85 69.63
CA ASN C 70 -16.79 -21.01 68.77
C ASN C 70 -17.38 -19.64 68.41
N ALA C 71 -16.61 -18.93 67.59
CA ALA C 71 -16.80 -17.50 67.35
C ALA C 71 -18.17 -17.13 66.81
N ILE C 72 -19.02 -18.10 66.46
CA ILE C 72 -20.29 -17.77 65.83
C ILE C 72 -21.09 -16.79 66.70
N GLN C 73 -21.25 -17.11 67.99
CA GLN C 73 -21.91 -16.14 68.87
C GLN C 73 -21.03 -14.94 69.16
N MET C 74 -19.71 -15.10 69.12
CA MET C 74 -18.83 -13.97 69.31
C MET C 74 -19.14 -12.87 68.31
N ALA C 75 -19.60 -13.25 67.12
CA ALA C 75 -20.08 -12.24 66.18
C ALA C 75 -21.29 -11.50 66.75
N LEU C 76 -22.29 -12.24 67.22
CA LEU C 76 -23.52 -11.60 67.70
C LEU C 76 -23.32 -10.95 69.06
N SER C 77 -22.48 -11.52 69.90
CA SER C 77 -22.37 -11.14 71.29
C SER C 77 -21.78 -9.74 71.50
N VAL C 78 -21.54 -8.99 70.42
CA VAL C 78 -20.82 -7.72 70.55
C VAL C 78 -21.73 -6.54 70.26
N CYS C 79 -22.80 -6.77 69.53
CA CYS C 79 -23.58 -5.64 69.05
C CYS C 79 -24.33 -4.94 70.17
N GLU C 80 -25.21 -5.66 70.87
CA GLU C 80 -26.02 -5.05 71.93
C GLU C 80 -25.18 -4.59 73.11
N ASP C 81 -23.85 -4.69 73.02
CA ASP C 81 -22.97 -4.16 74.05
C ASP C 81 -22.09 -3.02 73.57
N LEU C 82 -21.69 -3.01 72.30
CA LEU C 82 -20.79 -1.98 71.78
C LEU C 82 -21.46 -1.15 70.70
N ILE C 83 -22.09 -1.79 69.72
CA ILE C 83 -22.87 -1.05 68.75
C ILE C 83 -24.16 -0.57 69.37
N SER C 84 -24.42 -0.96 70.63
CA SER C 84 -25.56 -0.42 71.36
C SER C 84 -25.29 0.98 71.89
N SER C 85 -24.08 1.20 72.40
CA SER C 85 -23.73 2.45 73.06
C SER C 85 -23.25 3.51 72.08
N GLN C 86 -23.58 3.35 70.80
CA GLN C 86 -23.18 4.29 69.75
C GLN C 86 -21.67 4.47 69.75
N VAL C 87 -20.97 3.38 69.43
CA VAL C 87 -19.52 3.38 69.44
C VAL C 87 -18.97 4.32 68.38
N TYR C 88 -17.68 4.62 68.46
CA TYR C 88 -16.99 5.40 67.43
C TYR C 88 -15.72 4.74 66.93
N ALA C 89 -15.35 3.59 67.50
CA ALA C 89 -14.21 2.80 67.04
C ALA C 89 -14.24 1.48 67.79
N ILE C 90 -13.37 0.56 67.38
CA ILE C 90 -13.31 -0.78 67.95
C ILE C 90 -11.86 -1.24 67.90
N LEU C 91 -11.40 -1.93 68.95
CA LEU C 91 -10.00 -2.32 69.08
C LEU C 91 -9.91 -3.81 69.38
N VAL C 92 -9.25 -4.56 68.50
CA VAL C 92 -9.25 -6.01 68.56
C VAL C 92 -7.83 -6.50 68.82
N SER C 93 -7.70 -7.80 69.07
CA SER C 93 -6.41 -8.45 69.20
C SER C 93 -6.57 -9.94 68.90
N HIS C 94 -5.56 -10.73 69.23
CA HIS C 94 -5.55 -12.15 68.95
C HIS C 94 -6.62 -12.89 69.74
N THR C 103 -6.67 -14.15 63.66
CA THR C 103 -8.03 -14.22 63.17
C THR C 103 -8.99 -13.27 63.90
N PRO C 104 -8.92 -11.97 63.60
CA PRO C 104 -9.90 -11.05 64.14
C PRO C 104 -11.28 -11.45 63.69
N THR C 105 -12.23 -11.34 64.61
CA THR C 105 -13.57 -11.88 64.45
C THR C 105 -14.31 -11.14 63.35
N PRO C 106 -15.57 -11.49 63.12
CA PRO C 106 -16.41 -10.69 62.23
C PRO C 106 -16.54 -9.23 62.65
N VAL C 107 -15.89 -8.80 63.73
CA VAL C 107 -15.66 -7.37 63.90
C VAL C 107 -15.08 -6.77 62.63
N SER C 108 -14.33 -7.57 61.86
CA SER C 108 -13.98 -7.16 60.50
C SER C 108 -15.23 -6.97 59.66
N TYR C 109 -16.16 -7.91 59.71
CA TYR C 109 -17.39 -7.85 58.94
C TYR C 109 -18.43 -6.93 59.59
N THR C 110 -18.77 -7.20 60.84
CA THR C 110 -19.92 -6.57 61.48
C THR C 110 -19.82 -5.05 61.44
N ALA C 111 -18.76 -4.48 62.02
CA ALA C 111 -18.60 -3.02 62.00
C ALA C 111 -18.60 -2.46 60.59
N GLY C 112 -18.23 -3.26 59.60
CA GLY C 112 -18.43 -2.84 58.22
C GLY C 112 -19.89 -2.54 57.96
N PHE C 113 -20.78 -3.43 58.38
CA PHE C 113 -22.18 -3.08 58.41
C PHE C 113 -22.32 -1.94 59.40
N TYR C 114 -23.17 -0.96 59.07
CA TYR C 114 -23.28 0.34 59.73
C TYR C 114 -22.07 1.21 59.42
N ARG C 115 -21.03 0.62 58.82
CA ARG C 115 -19.79 1.33 58.49
C ARG C 115 -19.16 1.96 59.73
N ILE C 116 -18.70 1.11 60.65
CA ILE C 116 -18.04 1.54 61.87
C ILE C 116 -16.52 1.42 61.65
N PRO C 117 -15.78 2.53 61.61
CA PRO C 117 -14.34 2.44 61.37
C PRO C 117 -13.63 1.67 62.48
N VAL C 118 -12.69 0.81 62.08
CA VAL C 118 -11.99 -0.08 62.99
C VAL C 118 -10.49 0.16 62.85
N LEU C 119 -9.77 0.07 63.97
CA LEU C 119 -8.31 0.18 63.99
C LEU C 119 -7.79 -1.02 64.77
N GLY C 120 -7.70 -2.17 64.12
CA GLY C 120 -7.27 -3.37 64.81
C GLY C 120 -5.77 -3.44 64.93
N LEU C 121 -5.31 -4.53 65.56
CA LEU C 121 -3.88 -4.72 65.80
C LEU C 121 -3.55 -6.19 65.86
N THR C 122 -2.25 -6.47 65.98
CA THR C 122 -1.67 -7.77 66.32
C THR C 122 -2.08 -8.89 65.37
N THR C 123 -2.78 -8.55 64.29
CA THR C 123 -3.16 -9.51 63.28
C THR C 123 -2.36 -9.28 62.01
N ARG C 124 -2.04 -10.35 61.30
CA ARG C 124 -1.05 -10.27 60.25
C ARG C 124 -1.50 -10.73 58.87
N MET C 125 -2.22 -11.85 58.76
CA MET C 125 -2.47 -12.46 57.47
C MET C 125 -3.08 -11.47 56.49
N SER C 126 -2.48 -11.36 55.32
CA SER C 126 -2.69 -10.22 54.44
C SER C 126 -4.06 -10.21 53.78
N ILE C 127 -4.91 -11.21 54.03
CA ILE C 127 -6.21 -11.21 53.36
C ILE C 127 -6.95 -9.92 53.62
N TYR C 128 -6.73 -9.28 54.77
CA TYR C 128 -7.33 -7.99 55.09
C TYR C 128 -6.74 -6.85 54.27
N SER C 129 -5.78 -7.12 53.39
CA SER C 129 -5.28 -6.07 52.53
C SER C 129 -6.37 -5.43 51.71
N ASP C 130 -7.43 -6.18 51.38
CA ASP C 130 -8.44 -5.70 50.45
C ASP C 130 -9.17 -4.48 51.01
N LYS C 131 -9.72 -3.71 50.09
CA LYS C 131 -10.62 -2.61 50.40
C LYS C 131 -12.07 -2.97 50.16
N SER C 132 -12.35 -4.18 49.66
CA SER C 132 -13.71 -4.59 49.36
C SER C 132 -14.10 -5.88 50.05
N ILE C 133 -13.26 -6.38 50.96
CA ILE C 133 -13.66 -7.43 51.88
C ILE C 133 -13.89 -6.89 53.29
N HIS C 134 -13.40 -5.68 53.59
CA HIS C 134 -13.65 -5.03 54.86
C HIS C 134 -13.75 -3.54 54.59
N LEU C 135 -14.89 -2.95 54.94
CA LEU C 135 -15.17 -1.58 54.56
C LEU C 135 -14.21 -0.59 55.18
N SER C 136 -13.68 -0.86 56.36
CA SER C 136 -12.83 0.11 57.03
C SER C 136 -11.64 -0.48 57.77
N PHE C 137 -11.29 -1.75 57.55
CA PHE C 137 -10.17 -2.37 58.25
C PHE C 137 -8.95 -1.46 58.13
N LEU C 138 -8.41 -1.03 59.27
CA LEU C 138 -7.34 -0.03 59.28
C LEU C 138 -6.28 -0.53 60.25
N ARG C 139 -5.32 -1.28 59.74
CA ARG C 139 -4.39 -1.99 60.60
C ARG C 139 -3.23 -1.08 61.00
N THR C 140 -2.48 -1.51 62.04
CA THR C 140 -1.40 -0.73 62.61
C THR C 140 -0.06 -1.46 62.60
N VAL C 141 0.13 -2.43 61.72
CA VAL C 141 1.32 -3.26 61.67
C VAL C 141 1.77 -3.19 60.22
N PRO C 142 2.90 -3.75 59.82
CA PRO C 142 3.05 -4.12 58.41
C PRO C 142 2.54 -5.54 58.18
N PRO C 143 1.73 -5.74 57.16
CA PRO C 143 1.19 -7.07 56.90
C PRO C 143 2.18 -7.91 56.11
N TYR C 144 2.23 -9.19 56.47
CA TYR C 144 3.39 -10.02 56.13
C TYR C 144 3.71 -10.05 54.65
N SER C 145 2.88 -9.47 53.80
CA SER C 145 3.28 -9.28 52.42
C SER C 145 4.30 -8.17 52.31
N HIS C 146 3.94 -6.97 52.76
CA HIS C 146 4.72 -5.76 52.53
C HIS C 146 6.17 -5.89 52.99
N GLN C 147 6.54 -6.98 53.65
CA GLN C 147 7.92 -7.25 53.96
C GLN C 147 8.74 -7.61 52.72
N SER C 148 8.18 -7.40 51.53
CA SER C 148 8.94 -7.56 50.31
C SER C 148 10.18 -6.69 50.34
N SER C 149 9.98 -5.38 50.39
CA SER C 149 11.00 -4.38 50.22
C SER C 149 12.19 -4.55 51.15
N VAL C 150 12.17 -5.35 52.20
CA VAL C 150 13.44 -5.68 52.86
C VAL C 150 14.32 -6.48 51.91
N TRP C 151 13.74 -7.46 51.22
CA TRP C 151 14.52 -8.21 50.24
C TRP C 151 15.07 -7.31 49.16
N PHE C 152 14.20 -6.61 48.42
CA PHE C 152 14.65 -5.78 47.32
C PHE C 152 15.60 -4.68 47.80
N GLU C 153 15.65 -4.42 49.10
CA GLU C 153 16.64 -3.51 49.65
C GLU C 153 17.77 -4.25 50.35
N MET C 154 17.69 -5.58 50.42
CA MET C 154 18.83 -6.38 50.86
C MET C 154 19.57 -7.01 49.69
N MET C 155 19.06 -6.87 48.47
CA MET C 155 19.73 -7.38 47.29
C MET C 155 20.32 -6.28 46.42
N ARG C 156 19.63 -5.16 46.28
CA ARG C 156 20.15 -4.05 45.49
C ARG C 156 21.06 -3.16 46.33
N VAL C 157 21.98 -3.79 47.04
CA VAL C 157 23.08 -3.09 47.68
C VAL C 157 24.35 -3.90 47.44
N TYR C 158 24.18 -5.16 47.05
CA TYR C 158 25.29 -6.06 46.77
C TYR C 158 25.43 -6.38 45.28
N ASN C 159 24.64 -5.73 44.43
CA ASN C 159 24.76 -5.81 42.97
C ASN C 159 24.34 -7.16 42.40
N TRP C 160 23.71 -8.01 43.22
CA TRP C 160 23.18 -9.26 42.70
C TRP C 160 22.04 -8.98 41.72
N ASN C 161 21.81 -9.92 40.80
CA ASN C 161 20.72 -9.75 39.84
C ASN C 161 19.98 -11.04 39.50
N HIS C 162 20.35 -12.18 40.09
CA HIS C 162 19.77 -13.46 39.74
C HIS C 162 19.05 -14.01 40.95
N ILE C 163 17.84 -14.54 40.73
CA ILE C 163 16.99 -15.04 41.81
C ILE C 163 16.28 -16.30 41.35
N ILE C 164 15.52 -16.86 42.28
CA ILE C 164 14.48 -17.84 42.03
C ILE C 164 13.34 -17.46 42.98
N LEU C 165 12.29 -18.27 43.05
CA LEU C 165 11.23 -17.94 43.98
C LEU C 165 10.37 -19.16 44.27
N LEU C 166 9.66 -19.13 45.40
CA LEU C 166 8.74 -20.19 45.78
C LEU C 166 7.59 -19.61 46.58
N VAL C 167 6.37 -20.07 46.30
CA VAL C 167 5.16 -19.70 47.03
C VAL C 167 4.22 -20.90 47.01
N SER C 168 3.37 -21.03 48.02
CA SER C 168 2.53 -22.22 48.16
C SER C 168 1.03 -21.88 48.15
N ASP C 169 0.45 -21.78 46.94
CA ASP C 169 -0.96 -22.04 46.68
C ASP C 169 -1.96 -21.24 47.51
N ASP C 170 -1.50 -20.32 48.36
CA ASP C 170 -2.39 -19.59 49.25
C ASP C 170 -2.38 -18.11 48.89
N HIS C 171 -3.36 -17.40 49.42
CA HIS C 171 -3.53 -16.00 49.02
C HIS C 171 -2.37 -15.12 49.48
N GLU C 172 -1.89 -15.33 50.71
CA GLU C 172 -0.87 -14.43 51.27
C GLU C 172 0.35 -14.34 50.37
N GLY C 173 1.02 -15.46 50.17
CA GLY C 173 2.17 -15.47 49.28
C GLY C 173 1.82 -15.06 47.87
N ARG C 174 0.66 -15.52 47.38
CA ARG C 174 0.23 -15.09 46.06
C ARG C 174 0.28 -13.58 45.93
N ALA C 175 -0.11 -12.86 46.98
CA ALA C 175 0.13 -11.44 47.02
C ALA C 175 1.61 -11.13 47.03
N ALA C 176 2.34 -11.78 47.95
CA ALA C 176 3.78 -11.57 48.02
C ALA C 176 4.44 -11.82 46.68
N GLN C 177 4.00 -12.85 45.97
CA GLN C 177 4.45 -13.04 44.60
C GLN C 177 4.04 -11.86 43.73
N LYS C 178 2.76 -11.51 43.78
CA LYS C 178 2.30 -10.33 43.06
C LYS C 178 3.03 -9.08 43.50
N ARG C 179 3.32 -8.95 44.78
CA ARG C 179 4.07 -7.79 45.25
C ARG C 179 5.45 -7.74 44.61
N LEU C 180 6.20 -8.84 44.69
CA LEU C 180 7.57 -8.82 44.18
C LEU C 180 7.60 -8.61 42.67
N GLU C 181 6.74 -9.31 41.94
CA GLU C 181 6.64 -9.08 40.50
C GLU C 181 6.02 -7.73 40.18
N THR C 182 5.54 -6.99 41.18
CA THR C 182 5.02 -5.66 40.93
C THR C 182 6.11 -4.61 41.02
N LEU C 183 7.14 -4.86 41.84
CA LEU C 183 8.18 -3.85 42.03
C LEU C 183 9.29 -3.98 41.00
N LEU C 184 9.71 -5.20 40.68
CA LEU C 184 10.89 -5.40 39.83
C LEU C 184 10.73 -4.83 38.43
N GLU C 185 9.57 -4.29 38.09
CA GLU C 185 9.45 -3.55 36.84
C GLU C 185 10.22 -2.24 36.87
N GLU C 186 10.42 -1.68 38.06
CA GLU C 186 11.17 -0.45 38.21
C GLU C 186 12.66 -0.72 38.05
N ARG C 187 13.48 0.27 38.37
CA ARG C 187 14.93 0.20 38.24
C ARG C 187 15.35 0.05 36.78
N GLU C 188 14.41 0.28 35.86
CA GLU C 188 14.69 0.24 34.43
C GLU C 188 15.37 1.54 34.01
N SER C 189 15.60 1.71 32.71
CA SER C 189 16.30 2.88 32.19
C SER C 189 15.30 4.02 31.97
N LYS C 190 14.88 4.62 33.08
CA LYS C 190 13.93 5.73 33.07
C LYS C 190 12.64 5.36 32.36
N TYR C 204 19.07 5.74 34.61
CA TYR C 204 19.46 7.06 34.12
C TYR C 204 20.44 6.94 32.97
N ASP C 205 19.93 7.06 31.74
CA ASP C 205 20.75 6.94 30.54
C ASP C 205 21.45 5.59 30.42
N ASN C 206 20.66 4.54 30.14
CA ASN C 206 21.10 3.15 30.02
C ASN C 206 21.53 2.52 31.35
N LYS C 207 20.60 2.47 32.31
CA LYS C 207 20.75 1.68 33.52
C LYS C 207 20.00 0.36 33.36
N ARG C 208 20.45 -0.67 34.07
CA ARG C 208 19.89 -2.01 34.01
C ARG C 208 19.58 -2.53 35.40
N GLY C 209 18.81 -3.62 35.45
CA GLY C 209 18.33 -4.18 36.70
C GLY C 209 18.38 -5.69 36.77
N PRO C 210 17.80 -6.26 37.82
CA PRO C 210 17.94 -7.71 38.06
C PRO C 210 16.92 -8.52 37.26
N LYS C 211 16.94 -9.83 37.51
CA LYS C 211 16.13 -10.79 36.77
C LYS C 211 15.17 -11.51 37.72
N ALA C 212 14.18 -12.20 37.15
CA ALA C 212 13.04 -12.75 37.87
C ALA C 212 12.76 -14.19 37.43
N GLU C 213 13.78 -15.04 37.49
CA GLU C 213 13.80 -16.39 36.94
C GLU C 213 12.58 -17.23 37.32
N LYS C 214 12.37 -18.33 36.61
CA LYS C 214 11.18 -19.16 36.72
C LYS C 214 10.78 -19.43 38.17
N VAL C 215 9.58 -18.97 38.52
CA VAL C 215 8.97 -19.17 39.83
C VAL C 215 8.48 -20.62 39.92
N LEU C 216 8.02 -21.02 41.09
CA LEU C 216 7.39 -22.31 41.25
C LEU C 216 6.06 -22.12 41.99
N GLN C 217 5.27 -23.19 42.03
CA GLN C 217 4.02 -23.21 42.79
C GLN C 217 3.86 -24.58 43.41
N PHE C 218 3.19 -24.63 44.56
CA PHE C 218 2.92 -25.91 45.21
C PHE C 218 1.81 -25.72 46.23
N ASP C 219 1.15 -26.83 46.54
CA ASP C 219 0.09 -26.87 47.54
C ASP C 219 0.65 -26.63 48.93
N PRO C 220 -0.19 -26.56 49.97
CA PRO C 220 0.34 -26.58 51.34
C PRO C 220 1.29 -27.75 51.64
N GLY C 221 1.33 -28.76 50.79
CA GLY C 221 2.46 -29.67 50.74
C GLY C 221 2.51 -30.78 51.75
N THR C 222 1.46 -31.60 51.88
CA THR C 222 1.57 -32.77 52.73
C THR C 222 2.56 -33.77 52.17
N LYS C 223 2.78 -33.75 50.87
CA LYS C 223 3.60 -34.73 50.18
C LYS C 223 4.99 -34.17 49.88
N ASN C 224 5.83 -35.00 49.30
CA ASN C 224 7.18 -34.59 48.94
C ASN C 224 7.15 -33.42 47.97
N VAL C 225 8.26 -32.68 47.91
CA VAL C 225 8.41 -31.54 47.03
C VAL C 225 9.58 -31.73 46.07
N THR C 226 10.25 -32.89 46.14
CA THR C 226 11.49 -33.13 45.41
C THR C 226 11.40 -32.69 43.95
N ALA C 227 10.46 -33.29 43.20
CA ALA C 227 10.41 -33.05 41.76
C ALA C 227 10.31 -31.56 41.44
N LEU C 228 9.39 -30.86 42.11
CA LEU C 228 9.33 -29.41 41.95
C LEU C 228 10.70 -28.78 42.17
N LEU C 229 11.34 -29.11 43.29
CA LEU C 229 12.70 -28.66 43.51
C LEU C 229 13.65 -29.20 42.45
N MET C 230 13.52 -30.48 42.09
CA MET C 230 14.40 -31.06 41.09
C MET C 230 14.41 -30.24 39.81
N GLU C 231 13.30 -29.54 39.52
CA GLU C 231 13.27 -28.66 38.37
C GLU C 231 14.12 -27.41 38.59
N ALA C 232 14.43 -27.09 39.83
CA ALA C 232 15.16 -25.86 40.14
C ALA C 232 16.65 -26.06 40.31
N ARG C 233 17.09 -27.27 40.65
CA ARG C 233 18.48 -27.49 41.03
C ARG C 233 19.43 -27.10 39.91
N GLU C 234 19.27 -27.69 38.73
CA GLU C 234 20.21 -27.50 37.64
C GLU C 234 20.19 -26.08 37.07
N LEU C 235 19.41 -25.18 37.66
CA LEU C 235 19.42 -23.82 37.17
C LEU C 235 20.75 -23.15 37.49
N GLU C 236 20.86 -21.88 37.11
CA GLU C 236 22.12 -21.14 37.22
C GLU C 236 22.00 -19.98 38.20
N ALA C 237 21.36 -20.21 39.34
CA ALA C 237 21.24 -19.20 40.37
C ALA C 237 21.25 -19.86 41.75
N ARG C 238 21.38 -19.04 42.78
CA ARG C 238 21.33 -19.53 44.15
C ARG C 238 20.43 -18.75 45.08
N VAL C 239 20.08 -17.49 44.76
CA VAL C 239 19.34 -16.63 45.68
C VAL C 239 17.92 -17.17 45.78
N ILE C 240 17.63 -17.91 46.84
CA ILE C 240 16.35 -18.57 47.04
C ILE C 240 15.54 -17.78 48.05
N ILE C 241 14.24 -17.64 47.79
CA ILE C 241 13.30 -17.10 48.75
C ILE C 241 12.19 -18.12 48.96
N LEU C 242 11.59 -18.10 50.14
CA LEU C 242 10.51 -19.04 50.44
C LEU C 242 9.70 -18.47 51.59
N SER C 243 8.49 -17.98 51.30
CA SER C 243 7.66 -17.29 52.29
C SER C 243 6.28 -17.91 52.33
N ALA C 244 6.13 -19.02 53.06
CA ALA C 244 4.82 -19.66 53.19
C ALA C 244 4.32 -19.64 54.63
N SER C 245 5.00 -20.30 55.55
CA SER C 245 4.53 -20.46 56.91
C SER C 245 5.49 -21.33 57.72
N GLU C 246 5.24 -21.46 59.03
CA GLU C 246 6.07 -22.31 59.86
C GLU C 246 5.94 -23.78 59.47
N ASP C 247 4.74 -24.34 59.53
CA ASP C 247 4.54 -25.73 59.20
C ASP C 247 4.93 -26.05 57.77
N ASP C 248 4.87 -25.07 56.87
CA ASP C 248 5.35 -25.30 55.52
C ASP C 248 6.87 -25.30 55.46
N ALA C 249 7.50 -24.33 56.11
CA ALA C 249 8.96 -24.24 56.10
C ALA C 249 9.60 -25.48 56.68
N ALA C 250 9.05 -26.01 57.77
CA ALA C 250 9.64 -27.21 58.37
C ALA C 250 9.60 -28.38 57.41
N THR C 251 8.45 -28.62 56.77
CA THR C 251 8.35 -29.73 55.84
C THR C 251 9.29 -29.54 54.65
N VAL C 252 9.38 -28.32 54.13
CA VAL C 252 10.22 -28.13 52.95
C VAL C 252 11.69 -28.30 53.29
N TYR C 253 12.14 -27.79 54.45
CA TYR C 253 13.53 -28.03 54.82
C TYR C 253 13.77 -29.51 55.08
N ARG C 254 12.82 -30.17 55.74
CA ARG C 254 12.96 -31.60 56.04
C ARG C 254 13.09 -32.42 54.78
N ALA C 255 12.40 -32.01 53.71
CA ALA C 255 12.52 -32.73 52.45
C ALA C 255 13.69 -32.24 51.60
N ALA C 256 14.17 -31.02 51.82
CA ALA C 256 15.21 -30.44 51.01
C ALA C 256 16.61 -30.80 51.47
N ALA C 257 16.81 -31.06 52.76
CA ALA C 257 18.12 -31.49 53.23
C ALA C 257 18.47 -32.91 52.80
N MET C 258 17.53 -33.63 52.16
CA MET C 258 17.80 -34.99 51.75
C MET C 258 18.61 -35.05 50.46
N LEU C 259 18.51 -34.02 49.61
CA LEU C 259 19.06 -34.07 48.26
C LEU C 259 20.10 -32.98 48.02
N ASP C 260 20.63 -32.40 49.09
CA ASP C 260 21.89 -31.65 49.06
C ASP C 260 21.85 -30.45 48.13
N MET C 261 20.67 -29.92 47.84
CA MET C 261 20.60 -28.58 47.28
C MET C 261 20.79 -27.52 48.35
N THR C 262 21.05 -27.94 49.59
CA THR C 262 21.07 -27.10 50.77
C THR C 262 22.49 -26.91 51.31
N GLY C 263 23.46 -26.76 50.41
CA GLY C 263 24.83 -26.61 50.85
C GLY C 263 25.33 -25.19 50.77
N SER C 264 26.56 -25.00 50.29
CA SER C 264 27.16 -23.69 50.16
C SER C 264 26.78 -23.06 48.83
N GLY C 265 27.18 -21.80 48.66
CA GLY C 265 26.81 -21.03 47.50
C GLY C 265 25.38 -20.52 47.55
N TYR C 266 24.45 -21.34 48.02
CA TYR C 266 23.07 -20.92 48.18
C TYR C 266 22.97 -19.76 49.17
N VAL C 267 22.00 -18.89 48.95
CA VAL C 267 21.81 -17.69 49.74
C VAL C 267 20.31 -17.50 49.95
N TRP C 268 19.86 -17.59 51.18
CA TRP C 268 18.43 -17.63 51.48
C TRP C 268 18.01 -16.36 52.18
N LEU C 269 16.87 -15.80 51.78
CA LEU C 269 16.34 -14.55 52.36
C LEU C 269 14.89 -14.80 52.75
N VAL C 270 14.69 -15.41 53.91
CA VAL C 270 13.42 -15.98 54.27
C VAL C 270 12.62 -14.95 55.07
N GLY C 271 11.31 -15.13 55.10
CA GLY C 271 10.40 -14.24 55.80
C GLY C 271 10.08 -14.71 57.20
N GLU C 272 9.24 -13.94 57.89
CA GLU C 272 9.11 -14.02 59.33
C GLU C 272 8.67 -15.39 59.83
N ARG C 273 7.46 -15.80 59.48
CA ARG C 273 6.85 -16.99 60.08
C ARG C 273 7.49 -18.30 59.61
N GLU C 274 8.62 -18.23 58.90
CA GLU C 274 9.33 -19.42 58.46
C GLU C 274 10.67 -19.58 59.16
N ILE C 275 11.05 -18.62 60.00
CA ILE C 275 12.31 -18.67 60.73
C ILE C 275 12.07 -18.91 62.21
N SER C 276 10.88 -19.39 62.57
CA SER C 276 10.51 -19.69 63.94
C SER C 276 9.72 -20.98 63.98
N GLY C 277 9.13 -21.27 65.14
CA GLY C 277 8.35 -22.49 65.27
C GLY C 277 9.20 -23.71 64.97
N ASN C 278 8.63 -24.64 64.21
CA ASN C 278 9.32 -25.87 63.86
C ASN C 278 10.51 -25.64 62.93
N ALA C 279 10.77 -24.41 62.50
CA ALA C 279 11.92 -24.14 61.67
C ALA C 279 13.24 -24.42 62.39
N LEU C 280 13.34 -24.06 63.66
CA LEU C 280 14.55 -24.35 64.42
C LEU C 280 14.72 -25.83 64.71
N ARG C 281 13.67 -26.63 64.53
CA ARG C 281 13.77 -28.06 64.77
C ARG C 281 14.24 -28.84 63.55
N TYR C 282 14.35 -28.21 62.38
CA TYR C 282 14.71 -28.95 61.19
C TYR C 282 15.60 -28.19 60.21
N ALA C 283 16.08 -26.99 60.54
CA ALA C 283 16.76 -26.23 59.50
C ALA C 283 18.28 -26.28 59.66
N PRO C 284 19.01 -26.26 58.55
CA PRO C 284 20.44 -25.93 58.59
C PRO C 284 20.67 -24.44 58.39
N ASP C 285 21.68 -23.94 59.09
CA ASP C 285 21.82 -22.50 59.25
C ASP C 285 22.29 -21.83 57.95
N GLY C 286 22.61 -20.55 58.07
CA GLY C 286 22.98 -19.72 56.94
C GLY C 286 21.89 -18.77 56.51
N ILE C 287 20.66 -18.98 56.96
CA ILE C 287 19.52 -18.25 56.46
C ILE C 287 19.61 -16.79 56.88
N ILE C 288 18.76 -15.95 56.32
CA ILE C 288 18.66 -14.54 56.69
C ILE C 288 17.20 -14.29 57.03
N GLY C 289 16.82 -14.47 58.31
CA GLY C 289 15.45 -14.31 58.73
C GLY C 289 15.08 -12.87 59.08
N LEU C 290 13.76 -12.63 59.19
CA LEU C 290 13.23 -11.30 59.42
C LEU C 290 12.28 -11.31 60.61
N GLN C 291 12.30 -10.21 61.38
CA GLN C 291 11.37 -10.00 62.48
C GLN C 291 11.24 -8.50 62.75
N LEU C 292 10.11 -8.13 63.35
CA LEU C 292 9.81 -6.73 63.62
C LEU C 292 10.37 -6.30 64.96
N ILE C 293 10.52 -4.98 65.15
CA ILE C 293 11.17 -4.44 66.33
C ILE C 293 10.23 -4.34 67.53
N ASN C 294 8.95 -4.62 67.36
CA ASN C 294 8.05 -4.73 68.51
C ASN C 294 7.39 -6.10 68.58
N GLY C 295 6.87 -6.61 67.46
CA GLY C 295 6.46 -8.00 67.36
C GLY C 295 5.27 -8.36 68.23
N LYS C 296 5.22 -9.63 68.61
CA LYS C 296 4.14 -10.14 69.42
C LYS C 296 4.24 -9.58 70.83
N ASN C 297 3.56 -8.47 71.09
CA ASN C 297 3.68 -7.77 72.36
C ASN C 297 2.30 -7.53 72.98
N GLU C 298 2.25 -6.67 74.00
CA GLU C 298 1.05 -6.49 74.81
C GLU C 298 0.46 -5.09 74.68
N SER C 299 1.23 -4.04 74.95
CA SER C 299 0.65 -2.73 75.15
C SER C 299 1.43 -1.57 74.55
N ALA C 300 2.50 -1.83 73.81
CA ALA C 300 3.30 -0.76 73.24
C ALA C 300 2.55 0.01 72.17
N HIS C 301 1.25 -0.24 72.01
CA HIS C 301 0.52 0.14 70.81
C HIS C 301 -0.90 0.63 71.04
N ILE C 302 -1.57 0.25 72.14
CA ILE C 302 -2.91 0.77 72.40
C ILE C 302 -2.85 2.28 72.58
N SER C 303 -1.78 2.75 73.20
CA SER C 303 -1.54 4.19 73.30
C SER C 303 -1.54 4.82 71.92
N ASP C 304 -0.80 4.24 70.97
CA ASP C 304 -0.79 4.78 69.63
C ASP C 304 -2.17 4.75 69.01
N ALA C 305 -2.90 3.66 69.23
CA ALA C 305 -4.27 3.57 68.74
C ALA C 305 -5.10 4.75 69.21
N VAL C 306 -5.29 4.85 70.53
CA VAL C 306 -6.14 5.90 71.08
C VAL C 306 -5.62 7.28 70.76
N GLY C 307 -4.31 7.44 70.61
CA GLY C 307 -3.78 8.75 70.27
C GLY C 307 -4.17 9.17 68.87
N VAL C 308 -4.00 8.27 67.90
CA VAL C 308 -4.47 8.58 66.55
C VAL C 308 -5.97 8.82 66.56
N VAL C 309 -6.71 8.09 67.41
CA VAL C 309 -8.15 8.30 67.51
C VAL C 309 -8.45 9.74 67.93
N ALA C 310 -7.88 10.16 69.06
CA ALA C 310 -8.21 11.45 69.63
C ALA C 310 -7.67 12.61 68.79
N GLN C 311 -6.57 12.41 68.07
CA GLN C 311 -5.91 13.53 67.42
C GLN C 311 -6.78 14.17 66.34
N ALA C 312 -7.80 13.47 65.85
CA ALA C 312 -8.60 14.01 64.77
C ALA C 312 -9.90 14.65 65.24
N VAL C 313 -10.31 14.40 66.49
CA VAL C 313 -11.62 14.83 66.93
C VAL C 313 -11.79 16.33 66.81
N HIS C 314 -10.70 17.10 66.95
CA HIS C 314 -10.78 18.53 66.73
C HIS C 314 -10.99 18.86 65.26
N GLU C 315 -10.39 18.10 64.36
CA GLU C 315 -10.61 18.29 62.93
C GLU C 315 -11.96 17.80 62.47
N LEU C 316 -12.66 17.00 63.28
CA LEU C 316 -13.98 16.52 62.88
C LEU C 316 -15.05 17.59 63.11
N LEU C 317 -15.00 18.27 64.26
CA LEU C 317 -16.17 18.96 64.78
C LEU C 317 -16.49 20.26 64.05
N GLU C 318 -15.86 20.51 62.89
CA GLU C 318 -16.11 21.73 62.15
C GLU C 318 -16.74 21.48 60.78
N LYS C 319 -17.43 20.35 60.60
CA LYS C 319 -18.05 20.03 59.33
C LYS C 319 -19.55 20.21 59.31
N GLU C 320 -20.17 20.54 60.46
CA GLU C 320 -21.61 20.78 60.56
C GLU C 320 -22.40 19.58 60.05
N ASN C 321 -21.76 18.43 60.01
CA ASN C 321 -22.38 17.17 59.57
C ASN C 321 -21.91 16.04 60.47
N ILE C 322 -21.96 16.27 61.78
CA ILE C 322 -21.26 15.43 62.74
C ILE C 322 -22.24 14.47 63.38
N THR C 323 -23.27 14.09 62.62
CA THR C 323 -24.20 13.07 63.08
C THR C 323 -23.45 11.80 63.48
N ASP C 324 -23.93 11.16 64.54
CA ASP C 324 -23.26 9.99 65.05
C ASP C 324 -23.74 8.74 64.33
N PRO C 325 -23.05 7.62 64.50
CA PRO C 325 -23.63 6.34 64.13
C PRO C 325 -24.75 5.98 65.08
N PRO C 326 -25.75 5.24 64.61
CA PRO C 326 -26.89 4.93 65.45
C PRO C 326 -26.49 4.15 66.69
N ARG C 327 -27.37 4.18 67.68
CA ARG C 327 -27.19 3.44 68.92
C ARG C 327 -28.19 2.29 68.96
N GLY C 328 -27.70 1.08 69.22
CA GLY C 328 -28.56 -0.08 69.26
C GLY C 328 -28.43 -0.93 68.00
N CYS C 329 -27.70 -2.04 68.10
CA CYS C 329 -27.46 -2.90 66.96
C CYS C 329 -28.75 -3.40 66.34
N VAL C 330 -29.66 -3.92 67.15
CA VAL C 330 -30.91 -4.49 66.66
C VAL C 330 -31.76 -3.39 66.07
N GLY C 331 -32.31 -3.62 64.88
CA GLY C 331 -33.19 -2.67 64.24
C GLY C 331 -32.50 -1.42 63.72
N ASN C 332 -31.66 -1.58 62.71
CA ASN C 332 -31.04 -0.46 62.02
C ASN C 332 -30.89 -0.83 60.55
N THR C 333 -31.30 0.07 59.66
CA THR C 333 -31.30 -0.24 58.23
C THR C 333 -30.69 0.89 57.40
N ASN C 334 -30.29 1.98 58.04
CA ASN C 334 -29.64 3.07 57.35
C ASN C 334 -28.13 2.91 57.49
N ILE C 335 -27.38 3.91 57.05
CA ILE C 335 -25.93 3.94 57.18
C ILE C 335 -25.53 5.28 57.77
N TRP C 336 -24.66 5.25 58.78
CA TRP C 336 -24.15 6.49 59.32
C TRP C 336 -23.36 7.21 58.24
N LYS C 337 -23.93 8.30 57.72
CA LYS C 337 -23.40 8.93 56.52
C LYS C 337 -22.02 9.53 56.71
N THR C 338 -21.41 9.38 57.88
CA THR C 338 -20.02 9.77 58.09
C THR C 338 -19.25 8.64 58.75
N GLY C 339 -19.51 7.41 58.30
CA GLY C 339 -18.76 6.27 58.76
C GLY C 339 -17.50 6.06 57.95
N PRO C 340 -17.66 5.85 56.64
CA PRO C 340 -16.49 5.85 55.76
C PRO C 340 -15.73 7.16 55.79
N LEU C 341 -16.41 8.29 56.01
CA LEU C 341 -15.71 9.56 56.09
C LEU C 341 -14.84 9.63 57.35
N PHE C 342 -15.39 9.24 58.50
CA PHE C 342 -14.62 9.20 59.73
C PHE C 342 -13.54 8.13 59.66
N LYS C 343 -13.72 7.10 58.83
CA LYS C 343 -12.65 6.14 58.62
C LYS C 343 -11.55 6.71 57.75
N ARG C 344 -11.92 7.53 56.76
CA ARG C 344 -10.95 8.05 55.82
C ARG C 344 -10.15 9.22 56.38
N VAL C 345 -10.74 10.07 57.21
CA VAL C 345 -10.00 11.20 57.74
C VAL C 345 -8.91 10.76 58.71
N LEU C 346 -8.97 9.53 59.23
CA LEU C 346 -7.86 9.02 60.01
C LEU C 346 -6.62 8.74 59.17
N MET C 347 -6.73 8.83 57.85
CA MET C 347 -5.59 8.59 56.98
C MET C 347 -4.62 9.77 56.94
N SER C 348 -4.72 10.69 57.89
CA SER C 348 -3.82 11.84 57.92
C SER C 348 -3.42 12.21 59.34
N SER C 349 -3.44 11.25 60.26
CA SER C 349 -3.03 11.51 61.64
C SER C 349 -1.52 11.47 61.73
N LYS C 350 -0.92 12.60 62.10
CA LYS C 350 0.54 12.75 62.11
C LYS C 350 0.98 13.23 63.48
N TYR C 351 1.24 12.30 64.39
CA TYR C 351 1.94 12.60 65.63
C TYR C 351 3.00 11.53 65.87
N ALA C 352 4.21 11.96 66.19
CA ALA C 352 5.31 11.04 66.42
C ALA C 352 5.50 10.66 67.88
N ASP C 353 4.66 11.18 68.78
CA ASP C 353 4.88 11.06 70.21
C ASP C 353 4.45 9.71 70.76
N GLY C 354 4.18 8.74 69.91
CA GLY C 354 3.91 7.40 70.39
C GLY C 354 5.13 6.78 71.03
N VAL C 355 4.88 5.78 71.89
CA VAL C 355 5.97 5.03 72.50
C VAL C 355 6.87 4.44 71.42
N THR C 356 6.27 3.75 70.46
CA THR C 356 6.92 3.44 69.20
C THR C 356 6.41 4.48 68.20
N GLY C 357 7.01 5.67 68.27
CA GLY C 357 6.44 6.84 67.64
C GLY C 357 6.38 6.77 66.12
N ARG C 358 5.98 7.90 65.54
CA ARG C 358 5.77 8.06 64.11
C ARG C 358 4.76 7.05 63.58
N VAL C 359 3.53 7.21 64.04
CA VAL C 359 2.41 6.44 63.51
C VAL C 359 1.90 7.13 62.25
N GLU C 360 1.77 6.36 61.18
CA GLU C 360 1.29 6.90 59.91
C GLU C 360 0.92 5.73 59.02
N PHE C 361 -0.29 5.76 58.47
CA PHE C 361 -0.86 4.62 57.75
C PHE C 361 -0.71 4.81 56.26
N ASN C 362 -0.52 3.69 55.55
CA ASN C 362 -0.26 3.71 54.12
C ASN C 362 -1.55 3.98 53.35
N GLU C 363 -1.46 3.98 52.02
CA GLU C 363 -2.65 4.13 51.20
C GLU C 363 -3.66 3.04 51.51
N ASP C 364 -3.18 1.82 51.77
CA ASP C 364 -4.06 0.76 52.25
C ASP C 364 -4.46 0.97 53.71
N GLY C 365 -3.89 1.97 54.37
CA GLY C 365 -4.22 2.23 55.76
C GLY C 365 -3.48 1.40 56.77
N ASP C 366 -2.53 0.57 56.32
CA ASP C 366 -1.69 -0.16 57.25
C ASP C 366 -0.45 0.65 57.61
N ARG C 367 0.24 0.24 58.66
CA ARG C 367 1.36 1.01 59.17
C ARG C 367 2.45 1.14 58.11
N LYS C 368 3.04 2.32 58.02
CA LYS C 368 4.11 2.61 57.07
C LYS C 368 5.35 3.10 57.80
N PHE C 369 6.50 2.95 57.14
CA PHE C 369 7.79 3.37 57.68
C PHE C 369 8.10 2.64 58.98
N ALA C 370 7.94 1.33 58.96
CA ALA C 370 8.12 0.50 60.14
C ALA C 370 9.61 0.22 60.35
N GLN C 371 9.92 -0.72 61.23
CA GLN C 371 11.29 -1.13 61.50
C GLN C 371 11.33 -2.63 61.70
N TYR C 372 12.44 -3.25 61.32
CA TYR C 372 12.59 -4.69 61.39
C TYR C 372 13.90 -5.04 62.08
N SER C 373 14.27 -6.32 62.01
CA SER C 373 15.47 -6.83 62.67
C SER C 373 16.09 -7.89 61.78
N ILE C 374 17.20 -7.54 61.11
CA ILE C 374 17.77 -8.45 60.12
C ILE C 374 18.44 -9.61 60.85
N MET C 375 17.75 -10.74 60.94
CA MET C 375 18.24 -11.84 61.76
C MET C 375 19.28 -12.64 61.01
N ASN C 376 19.72 -13.73 61.63
CA ASN C 376 20.64 -14.69 61.05
C ASN C 376 20.75 -15.86 62.02
N LEU C 377 20.96 -17.06 61.48
CA LEU C 377 21.12 -18.25 62.30
C LEU C 377 22.52 -18.82 62.09
N GLN C 378 23.28 -18.91 63.18
CA GLN C 378 24.53 -19.65 63.25
C GLN C 378 24.23 -21.07 63.73
N ASN C 379 25.24 -21.79 64.23
CA ASN C 379 25.04 -23.12 64.79
C ASN C 379 23.75 -23.21 65.59
N ARG C 380 23.61 -22.36 66.60
CA ARG C 380 22.31 -22.19 67.25
C ARG C 380 22.02 -20.75 67.67
N LYS C 381 22.93 -19.82 67.41
CA LYS C 381 22.75 -18.44 67.84
C LYS C 381 21.86 -17.68 66.85
N LEU C 382 21.42 -16.49 67.27
CA LEU C 382 20.57 -15.65 66.43
C LEU C 382 21.03 -14.20 66.56
N VAL C 383 21.96 -13.80 65.71
CA VAL C 383 22.56 -12.47 65.75
C VAL C 383 21.58 -11.44 65.22
N GLN C 384 21.93 -10.16 65.34
CA GLN C 384 21.07 -9.09 64.84
C GLN C 384 21.90 -7.95 64.26
N VAL C 385 21.36 -7.31 63.22
CA VAL C 385 21.79 -5.99 62.78
C VAL C 385 20.53 -5.16 62.52
N GLY C 386 20.62 -3.87 62.84
CA GLY C 386 19.48 -2.96 62.73
C GLY C 386 19.28 -2.48 61.30
N ILE C 387 18.03 -2.19 60.96
CA ILE C 387 17.65 -2.04 59.56
C ILE C 387 16.95 -0.70 59.30
N TYR C 388 17.23 -0.16 58.13
CA TYR C 388 16.52 0.91 57.43
C TYR C 388 16.73 2.31 57.96
N ASN C 389 17.13 2.44 59.22
CA ASN C 389 17.00 3.70 59.96
C ASN C 389 15.64 4.34 59.67
N GLY C 390 14.73 3.53 59.13
CA GLY C 390 13.47 3.95 58.54
C GLY C 390 13.41 3.74 57.03
N THR C 391 14.45 4.14 56.29
CA THR C 391 14.48 3.97 54.84
C THR C 391 15.81 3.50 54.26
N HIS C 392 16.93 3.83 54.89
CA HIS C 392 18.26 3.55 54.36
C HIS C 392 18.63 2.10 54.65
N VAL C 393 19.93 1.82 54.61
CA VAL C 393 20.48 0.61 55.23
C VAL C 393 21.66 1.04 56.09
N ILE C 394 21.77 0.44 57.27
CA ILE C 394 22.83 0.77 58.23
C ILE C 394 23.47 -0.52 58.70
N PRO C 395 24.80 -0.57 58.81
CA PRO C 395 25.48 -1.76 59.32
C PRO C 395 25.72 -1.70 60.83
N ASN C 396 25.79 -2.89 61.43
CA ASN C 396 26.10 -3.05 62.85
C ASN C 396 27.08 -4.21 62.99
N ASP C 397 28.18 -3.96 63.69
CA ASP C 397 29.29 -4.92 63.78
C ASP C 397 28.80 -6.24 64.34
N ARG C 398 28.93 -7.29 63.55
CA ARG C 398 28.65 -8.65 63.99
C ARG C 398 29.30 -9.60 62.98
N LYS C 399 29.26 -10.90 63.27
CA LYS C 399 29.95 -11.89 62.46
C LYS C 399 28.97 -12.49 61.46
N ILE C 400 28.96 -11.95 60.24
CA ILE C 400 28.10 -12.46 59.19
C ILE C 400 28.74 -13.68 58.56
N ILE C 401 28.09 -14.81 58.65
CA ILE C 401 28.58 -15.99 57.94
C ILE C 401 27.61 -16.29 56.79
N TRP C 402 28.08 -17.00 55.79
CA TRP C 402 27.24 -17.52 54.73
C TRP C 402 27.17 -19.03 54.81
N PRO C 403 26.16 -19.64 54.20
CA PRO C 403 25.95 -21.09 54.37
C PRO C 403 27.17 -21.89 53.98
N GLY C 404 27.39 -22.98 54.71
CA GLY C 404 28.59 -23.78 54.57
C GLY C 404 29.75 -23.32 55.42
N GLY C 405 29.69 -22.12 56.00
CA GLY C 405 30.78 -21.60 56.80
C GLY C 405 31.91 -20.98 56.01
N GLU C 406 31.64 -19.86 55.34
CA GLU C 406 32.65 -19.07 54.65
C GLU C 406 32.61 -17.64 55.18
N THR C 407 33.43 -16.76 54.57
CA THR C 407 33.46 -15.36 54.98
C THR C 407 33.58 -14.41 53.80
N GLU C 408 33.56 -14.93 52.57
CA GLU C 408 33.57 -14.07 51.39
C GLU C 408 32.17 -13.53 51.16
N LYS C 409 31.91 -12.97 49.97
CA LYS C 409 30.57 -12.51 49.59
C LYS C 409 30.11 -13.36 48.41
N PRO C 410 29.63 -14.57 48.64
CA PRO C 410 29.33 -15.49 47.54
C PRO C 410 28.19 -14.98 46.68
N ARG C 411 27.96 -15.70 45.57
CA ARG C 411 27.05 -15.28 44.54
C ARG C 411 26.27 -16.47 44.02
N GLY C 412 25.29 -16.19 43.16
CA GLY C 412 24.47 -17.22 42.55
C GLY C 412 24.78 -17.49 41.09
N TYR C 413 25.68 -16.73 40.47
CA TYR C 413 26.04 -16.92 39.06
C TYR C 413 26.80 -18.22 38.90
N GLN C 414 26.08 -19.32 39.09
CA GLN C 414 26.65 -20.65 38.90
C GLN C 414 26.48 -21.02 37.43
N MET C 415 27.35 -20.43 36.61
CA MET C 415 27.28 -20.65 35.17
C MET C 415 27.52 -22.12 34.86
N SER C 416 26.82 -22.61 33.84
CA SER C 416 26.94 -24.01 33.44
C SER C 416 27.82 -24.14 32.20
N THR C 417 28.21 -25.36 31.93
CA THR C 417 29.00 -25.64 30.75
C THR C 417 28.45 -26.80 29.93
N ARG C 418 27.82 -27.77 30.57
CA ARG C 418 27.21 -28.88 29.84
C ARG C 418 25.95 -28.37 29.18
N LEU C 419 26.09 -27.80 27.99
CA LEU C 419 24.94 -27.43 27.18
C LEU C 419 24.30 -28.68 26.60
N LYS C 420 23.19 -28.50 25.89
CA LYS C 420 22.64 -29.54 25.05
C LYS C 420 22.23 -28.88 23.75
N ILE C 421 22.43 -29.56 22.63
CA ILE C 421 22.37 -28.91 21.33
C ILE C 421 21.43 -29.69 20.42
N VAL C 422 20.77 -28.96 19.51
CA VAL C 422 19.63 -29.46 18.76
C VAL C 422 19.85 -29.27 17.27
N THR C 423 19.41 -30.26 16.49
CA THR C 423 19.47 -30.23 15.04
C THR C 423 18.27 -30.97 14.48
N ILE C 424 18.23 -31.09 13.14
CA ILE C 424 17.15 -31.77 12.44
C ILE C 424 17.79 -32.76 11.48
N HIS C 425 16.97 -33.35 10.62
CA HIS C 425 17.46 -34.25 9.58
C HIS C 425 17.54 -33.52 8.25
N GLN C 426 18.75 -33.43 7.69
CA GLN C 426 18.98 -32.75 6.43
C GLN C 426 20.13 -33.45 5.72
N GLU C 427 19.88 -33.95 4.52
CA GLU C 427 20.89 -34.76 3.82
C GLU C 427 22.24 -34.08 3.69
N PRO C 428 22.36 -32.83 3.23
CA PRO C 428 23.67 -32.25 2.99
C PRO C 428 24.22 -31.37 4.10
N PHE C 429 23.54 -31.26 5.24
CA PHE C 429 24.06 -30.42 6.31
C PHE C 429 24.26 -31.19 7.59
N VAL C 430 23.33 -32.06 7.96
CA VAL C 430 23.46 -32.92 9.14
C VAL C 430 22.89 -34.29 8.81
N TYR C 431 23.76 -35.24 8.50
CA TYR C 431 23.32 -36.58 8.18
C TYR C 431 22.71 -37.24 9.41
N VAL C 432 22.19 -38.44 9.22
CA VAL C 432 21.73 -39.29 10.30
C VAL C 432 22.25 -40.70 10.02
N LYS C 433 23.37 -41.04 10.65
CA LYS C 433 24.00 -42.30 10.33
C LYS C 433 23.91 -43.24 11.52
N PRO C 434 23.65 -44.51 11.27
CA PRO C 434 23.63 -45.49 12.37
C PRO C 434 25.01 -45.71 12.94
N THR C 435 25.14 -46.61 13.91
CA THR C 435 26.42 -46.92 14.52
C THR C 435 26.61 -48.42 14.66
N MET C 436 27.87 -48.84 14.69
CA MET C 436 28.17 -50.24 14.91
C MET C 436 27.80 -50.61 16.34
N SER C 437 27.40 -51.87 16.52
CA SER C 437 26.98 -52.36 17.82
C SER C 437 28.06 -52.18 18.88
N ASP C 438 29.32 -52.11 18.47
CA ASP C 438 30.42 -51.88 19.39
C ASP C 438 30.42 -50.47 19.96
N GLY C 439 29.43 -49.65 19.65
CA GLY C 439 29.37 -48.29 20.15
C GLY C 439 30.10 -47.27 19.31
N THR C 440 31.26 -47.61 18.78
CA THR C 440 31.95 -46.71 17.86
C THR C 440 31.48 -46.97 16.43
N CYS C 441 31.17 -45.88 15.72
CA CYS C 441 30.80 -46.02 14.33
C CYS C 441 32.04 -45.92 13.43
N LYS C 442 31.79 -45.88 12.13
CA LYS C 442 32.85 -46.04 11.14
C LYS C 442 33.79 -44.84 11.14
N GLU C 443 35.04 -45.07 11.50
CA GLU C 443 36.09 -44.12 11.13
C GLU C 443 36.11 -44.00 9.62
N GLU C 444 36.28 -42.79 9.12
CA GLU C 444 36.10 -42.56 7.69
C GLU C 444 37.11 -41.54 7.20
N PHE C 445 37.65 -41.78 6.02
CA PHE C 445 38.57 -40.85 5.38
C PHE C 445 37.90 -40.17 4.19
N THR C 446 38.04 -38.86 4.12
CA THR C 446 37.72 -38.15 2.89
C THR C 446 38.67 -38.61 1.79
N VAL C 447 38.24 -38.40 0.54
CA VAL C 447 39.14 -38.67 -0.57
C VAL C 447 40.40 -37.81 -0.45
N ASN C 448 40.27 -36.61 0.11
CA ASN C 448 41.44 -35.76 0.34
C ASN C 448 42.21 -36.17 1.59
N GLY C 449 41.63 -37.00 2.45
CA GLY C 449 42.37 -37.66 3.49
C GLY C 449 42.19 -37.14 4.90
N ASP C 450 41.47 -36.05 5.09
CA ASP C 450 41.32 -35.58 6.47
C ASP C 450 40.35 -36.48 7.21
N PRO C 451 40.74 -37.05 8.35
CA PRO C 451 39.83 -37.93 9.11
C PRO C 451 38.62 -37.14 9.58
N VAL C 452 37.44 -37.50 9.05
CA VAL C 452 36.25 -36.71 9.28
C VAL C 452 35.92 -36.73 10.77
N LYS C 453 35.38 -35.61 11.26
CA LYS C 453 35.10 -35.44 12.66
C LYS C 453 33.69 -35.94 12.95
N LYS C 454 33.53 -36.71 14.03
CA LYS C 454 32.28 -37.42 14.27
C LYS C 454 31.89 -37.37 15.73
N VAL C 455 30.64 -37.07 16.01
CA VAL C 455 30.10 -37.03 17.36
C VAL C 455 29.05 -38.13 17.50
N ILE C 456 28.49 -38.25 18.70
CA ILE C 456 27.46 -39.24 19.00
C ILE C 456 26.13 -38.52 19.20
N CYS C 457 25.14 -38.87 18.38
CA CYS C 457 23.82 -38.29 18.51
C CYS C 457 22.97 -39.11 19.46
N THR C 458 21.80 -38.56 19.81
CA THR C 458 20.78 -39.31 20.52
C THR C 458 19.42 -38.98 19.92
N GLY C 459 18.51 -39.92 20.01
CA GLY C 459 17.18 -39.73 19.48
C GLY C 459 16.27 -40.88 19.83
N PRO C 460 14.97 -40.67 19.72
CA PRO C 460 13.99 -41.74 19.94
C PRO C 460 13.63 -42.52 18.69
N ASN C 461 14.39 -42.35 17.61
CA ASN C 461 13.98 -42.73 16.27
C ASN C 461 14.53 -44.10 15.87
N ASP C 462 14.99 -44.89 16.83
CA ASP C 462 15.20 -46.31 16.58
C ASP C 462 13.91 -46.94 16.05
N THR C 463 12.81 -46.70 16.74
CA THR C 463 11.51 -46.90 16.16
C THR C 463 11.20 -45.77 15.16
N SER C 464 10.58 -46.16 14.06
CA SER C 464 10.27 -45.19 13.02
C SER C 464 9.26 -44.17 13.54
N PRO C 465 9.31 -42.92 13.04
CA PRO C 465 8.29 -41.94 13.41
C PRO C 465 6.89 -42.47 13.10
N GLY C 466 6.00 -42.30 14.08
CA GLY C 466 4.68 -42.89 14.04
C GLY C 466 4.47 -43.96 15.09
N SER C 467 5.55 -44.58 15.54
CA SER C 467 5.53 -45.54 16.63
C SER C 467 6.00 -44.87 17.91
N PRO C 468 5.93 -45.57 19.04
CA PRO C 468 6.49 -45.00 20.29
C PRO C 468 7.96 -44.66 20.16
N ARG C 469 8.47 -43.99 21.19
CA ARG C 469 9.81 -43.42 21.18
C ARG C 469 10.78 -44.37 21.88
N HIS C 470 11.75 -44.89 21.11
CA HIS C 470 12.83 -45.69 21.67
C HIS C 470 14.11 -44.84 21.61
N THR C 471 14.47 -44.25 22.75
CA THR C 471 15.64 -43.37 22.81
C THR C 471 16.90 -44.17 22.50
N VAL C 472 17.53 -43.85 21.36
CA VAL C 472 18.70 -44.59 20.89
C VAL C 472 19.79 -43.60 20.52
N PRO C 473 21.06 -43.93 20.69
CA PRO C 473 22.12 -43.07 20.17
C PRO C 473 22.21 -43.16 18.65
N GLN C 474 22.89 -42.18 18.07
CA GLN C 474 23.14 -42.14 16.64
C GLN C 474 24.51 -41.55 16.40
N CYS C 475 24.99 -41.66 15.15
CA CYS C 475 26.22 -41.05 14.72
C CYS C 475 25.90 -40.01 13.65
N CYS C 476 26.48 -38.83 13.78
CA CYS C 476 26.18 -37.73 12.87
C CYS C 476 27.45 -36.99 12.52
N TYR C 477 27.40 -36.29 11.39
CA TYR C 477 28.52 -35.51 10.90
C TYR C 477 27.97 -34.47 9.94
N GLY C 478 28.85 -33.87 9.16
CA GLY C 478 28.39 -32.95 8.16
C GLY C 478 28.94 -31.56 8.35
N PHE C 479 28.26 -30.58 7.77
CA PHE C 479 28.76 -29.20 7.76
C PHE C 479 28.49 -28.51 9.08
N CYS C 480 27.33 -28.73 9.65
CA CYS C 480 26.95 -28.04 10.88
C CYS C 480 27.73 -28.58 12.08
N ILE C 481 27.85 -29.90 12.19
CA ILE C 481 28.67 -30.46 13.25
C ILE C 481 30.09 -29.92 13.14
N ASP C 482 30.56 -29.72 11.92
CA ASP C 482 31.89 -29.16 11.72
C ASP C 482 31.97 -27.72 12.22
N LEU C 483 30.96 -26.89 11.89
CA LEU C 483 30.98 -25.52 12.39
C LEU C 483 30.95 -25.49 13.91
N LEU C 484 30.14 -26.35 14.52
CA LEU C 484 30.06 -26.38 15.97
C LEU C 484 31.40 -26.78 16.59
N ILE C 485 32.03 -27.83 16.05
CA ILE C 485 33.32 -28.24 16.62
C ILE C 485 34.36 -27.16 16.40
N LYS C 486 34.33 -26.50 15.25
CA LYS C 486 35.26 -25.40 15.01
C LYS C 486 35.07 -24.28 16.01
N LEU C 487 33.83 -24.01 16.39
CA LEU C 487 33.60 -22.98 17.40
C LEU C 487 33.92 -23.46 18.81
N ALA C 488 33.88 -24.77 19.06
CA ALA C 488 34.15 -25.29 20.38
C ALA C 488 35.52 -24.91 20.92
N ARG C 489 36.37 -24.30 20.10
CA ARG C 489 37.68 -23.83 20.53
C ARG C 489 37.69 -22.33 20.84
N THR C 490 36.59 -21.82 21.41
CA THR C 490 36.58 -20.44 21.87
C THR C 490 36.03 -20.32 23.28
N MET C 491 35.13 -21.23 23.66
CA MET C 491 34.46 -21.14 24.96
C MET C 491 34.43 -22.45 25.75
N GLN C 492 34.93 -23.55 25.21
CA GLN C 492 35.12 -24.80 25.95
C GLN C 492 33.79 -25.34 26.47
N PHE C 493 32.94 -25.75 25.54
CA PHE C 493 31.68 -26.37 25.92
C PHE C 493 31.88 -27.84 26.27
N THR C 494 30.76 -28.52 26.53
CA THR C 494 30.71 -29.98 26.57
C THR C 494 29.28 -30.39 26.26
N TYR C 495 29.09 -31.07 25.13
CA TYR C 495 27.79 -31.21 24.49
C TYR C 495 27.37 -32.67 24.34
N GLU C 496 26.06 -32.86 24.24
CA GLU C 496 25.45 -34.17 23.96
C GLU C 496 24.29 -33.93 23.01
N VAL C 497 24.56 -34.00 21.70
CA VAL C 497 23.60 -33.56 20.68
C VAL C 497 22.36 -34.45 20.67
N HIS C 498 21.24 -33.87 20.25
CA HIS C 498 19.95 -34.55 20.27
C HIS C 498 19.07 -34.03 19.14
N LEU C 499 18.26 -34.91 18.57
CA LEU C 499 17.35 -34.54 17.50
C LEU C 499 15.95 -34.25 18.04
N VAL C 500 15.18 -33.54 17.24
CA VAL C 500 13.83 -33.16 17.63
C VAL C 500 12.89 -34.33 17.38
N ALA C 501 12.09 -34.66 18.40
CA ALA C 501 11.13 -35.75 18.27
C ALA C 501 10.00 -35.44 17.30
N ASP C 502 10.03 -34.29 16.64
CA ASP C 502 9.06 -33.95 15.61
C ASP C 502 9.70 -33.65 14.27
N GLY C 503 10.94 -33.16 14.25
CA GLY C 503 11.58 -32.84 13.01
C GLY C 503 10.84 -31.81 12.17
N LYS C 504 10.32 -30.77 12.79
CA LYS C 504 9.62 -29.72 12.10
C LYS C 504 10.18 -28.37 12.53
N PHE C 505 10.45 -27.51 11.57
CA PHE C 505 11.20 -26.29 11.84
C PHE C 505 10.44 -25.31 12.72
N GLY C 506 9.22 -25.61 13.14
CA GLY C 506 8.57 -24.79 14.14
C GLY C 506 7.54 -23.82 13.61
N THR C 507 6.30 -23.95 14.06
CA THR C 507 5.22 -23.09 13.61
C THR C 507 4.33 -22.79 14.82
N GLN C 508 3.15 -22.24 14.56
CA GLN C 508 2.22 -21.83 15.61
C GLN C 508 0.89 -22.55 15.39
N GLU C 509 0.77 -23.74 15.96
CA GLU C 509 -0.47 -24.50 15.83
C GLU C 509 -1.35 -24.29 17.04
N ARG C 510 -2.57 -23.81 16.80
CA ARG C 510 -3.56 -23.61 17.86
C ARG C 510 -4.14 -24.98 18.19
N VAL C 511 -3.49 -25.69 19.12
CA VAL C 511 -3.89 -27.05 19.42
C VAL C 511 -5.34 -27.08 19.89
N GLN C 512 -5.99 -28.23 19.69
CA GLN C 512 -7.41 -28.34 20.04
C GLN C 512 -7.62 -28.29 21.54
N ASN C 513 -8.89 -28.16 21.93
CA ASN C 513 -9.36 -28.11 23.32
C ASN C 513 -8.96 -26.83 24.04
N SER C 514 -8.16 -25.97 23.41
CA SER C 514 -7.90 -24.63 23.91
C SER C 514 -7.27 -23.83 22.78
N ASN C 515 -7.95 -22.76 22.35
CA ASN C 515 -7.45 -21.95 21.24
C ASN C 515 -6.31 -21.06 21.73
N LYS C 516 -5.17 -21.70 21.97
CA LYS C 516 -3.98 -21.04 22.49
C LYS C 516 -2.79 -21.40 21.61
N LYS C 517 -1.96 -20.42 21.30
CA LYS C 517 -0.76 -20.67 20.51
C LYS C 517 0.25 -21.45 21.33
N GLU C 518 0.96 -22.34 20.65
CA GLU C 518 2.06 -23.07 21.27
C GLU C 518 3.01 -23.50 20.16
N TRP C 519 4.29 -23.17 20.32
CA TRP C 519 5.27 -23.61 19.34
C TRP C 519 5.31 -25.13 19.29
N ASN C 520 5.92 -25.65 18.23
CA ASN C 520 5.82 -27.06 17.93
C ASN C 520 7.19 -27.62 17.59
N GLY C 521 7.45 -28.82 18.06
CA GLY C 521 8.65 -29.55 17.65
C GLY C 521 9.93 -28.80 17.98
N MET C 522 10.69 -28.46 16.95
CA MET C 522 12.04 -27.93 17.16
C MET C 522 12.00 -26.53 17.73
N MET C 523 11.51 -25.56 16.96
CA MET C 523 11.55 -24.16 17.39
C MET C 523 10.82 -23.95 18.70
N GLY C 524 10.06 -24.93 19.18
CA GLY C 524 9.50 -24.88 20.51
C GLY C 524 10.27 -25.64 21.55
N GLU C 525 11.09 -26.60 21.13
CA GLU C 525 11.92 -27.32 22.09
C GLU C 525 12.95 -26.42 22.75
N LEU C 526 13.17 -25.21 22.23
CA LEU C 526 14.09 -24.30 22.92
C LEU C 526 13.34 -23.44 23.93
N LEU C 527 12.37 -22.65 23.46
CA LEU C 527 11.65 -21.74 24.34
C LEU C 527 11.00 -22.45 25.51
N SER C 528 10.77 -23.75 25.42
CA SER C 528 10.26 -24.53 26.53
C SER C 528 11.34 -24.83 27.56
N GLY C 529 12.49 -24.16 27.49
CA GLY C 529 13.57 -24.43 28.40
C GLY C 529 14.29 -25.74 28.19
N GLN C 530 13.79 -26.61 27.30
CA GLN C 530 14.45 -27.90 27.08
C GLN C 530 15.83 -27.71 26.47
N ALA C 531 15.91 -27.02 25.34
CA ALA C 531 17.16 -26.86 24.61
C ALA C 531 17.99 -25.73 25.19
N ASP C 532 19.15 -25.51 24.60
CA ASP C 532 20.03 -24.44 25.05
C ASP C 532 20.52 -23.60 23.89
N MET C 533 20.62 -24.19 22.71
CA MET C 533 21.17 -23.51 21.54
C MET C 533 20.78 -24.29 20.30
N ILE C 534 20.53 -23.58 19.21
CA ILE C 534 20.01 -24.18 17.99
C ILE C 534 20.97 -23.89 16.85
N VAL C 535 21.77 -24.88 16.46
CA VAL C 535 22.55 -24.85 15.22
C VAL C 535 21.86 -25.76 14.22
N ALA C 536 21.56 -25.22 13.06
CA ALA C 536 20.70 -25.90 12.11
C ALA C 536 20.72 -25.13 10.80
N PRO C 537 19.99 -25.55 9.78
CA PRO C 537 19.79 -24.67 8.63
C PRO C 537 18.81 -23.56 8.94
N LEU C 538 18.52 -23.36 10.23
CA LEU C 538 17.35 -22.61 10.68
C LEU C 538 17.22 -21.26 9.98
N THR C 539 16.00 -20.97 9.55
CA THR C 539 15.75 -19.80 8.73
C THR C 539 15.66 -18.57 9.62
N ILE C 540 15.41 -17.41 9.01
CA ILE C 540 15.20 -16.17 9.74
C ILE C 540 14.02 -15.45 9.11
N ASN C 541 12.85 -15.61 9.70
CA ASN C 541 11.63 -14.93 9.29
C ASN C 541 11.47 -13.68 10.15
N ASN C 542 10.27 -13.10 10.12
CA ASN C 542 9.98 -12.07 11.10
C ASN C 542 9.32 -12.66 12.34
N GLU C 543 8.59 -13.76 12.19
CA GLU C 543 7.88 -14.34 13.33
C GLU C 543 8.85 -14.75 14.42
N ARG C 544 9.73 -15.70 14.14
CA ARG C 544 10.58 -16.25 15.19
C ARG C 544 11.47 -15.20 15.83
N ALA C 545 11.84 -14.15 15.11
CA ALA C 545 12.78 -13.18 15.65
C ALA C 545 12.23 -12.45 16.88
N GLN C 546 10.95 -12.60 17.19
CA GLN C 546 10.38 -11.89 18.34
C GLN C 546 10.80 -12.54 19.64
N TYR C 547 10.72 -13.86 19.73
CA TYR C 547 10.92 -14.52 21.01
C TYR C 547 12.36 -14.93 21.24
N ILE C 548 13.03 -15.38 20.20
CA ILE C 548 14.37 -15.95 20.30
C ILE C 548 15.33 -15.04 19.55
N GLU C 549 16.57 -14.96 20.03
CA GLU C 549 17.58 -14.16 19.36
C GLU C 549 18.51 -15.06 18.56
N PHE C 550 18.90 -14.58 17.39
CA PHE C 550 19.65 -15.33 16.40
C PHE C 550 21.07 -14.83 16.27
N SER C 551 21.92 -15.71 15.74
CA SER C 551 23.29 -15.37 15.41
C SER C 551 23.28 -14.47 14.20
N LYS C 552 24.46 -14.18 13.68
CA LYS C 552 24.56 -13.57 12.37
C LYS C 552 24.39 -14.65 11.32
N PRO C 553 24.25 -14.29 10.03
CA PRO C 553 24.00 -15.32 9.02
C PRO C 553 25.26 -16.11 8.71
N PHE C 554 25.26 -17.38 9.10
CA PHE C 554 26.40 -18.25 8.81
C PHE C 554 26.32 -18.86 7.41
N LYS C 555 25.53 -18.26 6.53
CA LYS C 555 25.52 -18.55 5.10
C LYS C 555 24.68 -17.47 4.44
N TYR C 556 24.50 -17.60 3.15
CA TYR C 556 23.48 -16.87 2.42
C TYR C 556 22.88 -17.84 1.42
N GLN C 557 21.62 -17.63 1.08
CA GLN C 557 20.91 -18.59 0.24
C GLN C 557 19.53 -18.04 -0.06
N GLY C 558 18.76 -18.81 -0.83
CA GLY C 558 17.42 -18.40 -1.22
C GLY C 558 16.49 -19.59 -1.42
N LEU C 559 15.45 -19.40 -2.21
CA LEU C 559 14.48 -20.46 -2.48
C LEU C 559 14.27 -20.58 -3.98
N THR C 560 14.16 -21.81 -4.47
CA THR C 560 14.04 -22.08 -5.89
C THR C 560 13.20 -23.32 -6.11
N ILE C 561 12.59 -23.40 -7.28
CA ILE C 561 11.65 -24.46 -7.62
C ILE C 561 12.40 -25.62 -8.22
N LEU C 562 12.40 -26.75 -7.53
CA LEU C 562 12.89 -27.98 -8.14
C LEU C 562 11.89 -28.46 -9.18
N VAL C 563 12.39 -29.06 -10.26
CA VAL C 563 11.59 -29.62 -11.34
C VAL C 563 12.30 -30.83 -11.90
N LYS C 564 11.58 -31.93 -12.08
CA LYS C 564 12.14 -33.10 -12.73
C LYS C 564 12.14 -32.91 -14.23
N LYS C 565 13.28 -33.16 -14.87
CA LYS C 565 13.40 -33.08 -16.32
C LYS C 565 13.19 -34.44 -16.96
N GLU C 566 12.81 -34.43 -18.22
CA GLU C 566 12.52 -35.66 -18.96
C GLU C 566 13.60 -35.92 -19.99
N ILE C 567 13.75 -37.19 -20.36
CA ILE C 567 14.73 -37.62 -21.35
C ILE C 567 14.07 -37.51 -22.72
N PRO C 568 14.55 -36.63 -23.60
CA PRO C 568 13.78 -36.31 -24.81
C PRO C 568 13.77 -37.43 -25.83
N ARG C 569 12.62 -37.60 -26.48
CA ARG C 569 12.45 -38.54 -27.58
C ARG C 569 11.26 -38.10 -28.41
N SER C 570 11.51 -37.68 -29.64
CA SER C 570 10.44 -37.17 -30.50
C SER C 570 9.71 -38.34 -31.14
N THR C 571 8.42 -38.14 -31.41
CA THR C 571 7.57 -39.21 -31.89
C THR C 571 7.30 -39.03 -33.37
N LEU C 572 7.64 -40.05 -34.16
CA LEU C 572 7.19 -40.18 -35.54
C LEU C 572 6.38 -41.46 -35.64
N ASP C 573 5.22 -41.39 -36.28
CA ASP C 573 4.37 -42.57 -36.41
C ASP C 573 5.04 -43.63 -37.27
N SER C 574 5.38 -43.28 -38.50
CA SER C 574 6.17 -44.12 -39.38
C SER C 574 6.75 -43.23 -40.47
N PHE C 575 7.59 -43.82 -41.33
CA PHE C 575 8.30 -43.04 -42.33
C PHE C 575 7.39 -42.21 -43.21
N MET C 576 6.14 -42.64 -43.40
CA MET C 576 5.20 -41.96 -44.28
C MET C 576 4.39 -40.91 -43.53
N GLN C 577 4.94 -40.38 -42.44
CA GLN C 577 4.22 -39.44 -41.60
C GLN C 577 3.66 -38.27 -42.42
N PRO C 578 4.50 -37.44 -43.03
CA PRO C 578 4.02 -36.14 -43.49
C PRO C 578 3.12 -36.21 -44.70
N PHE C 579 2.89 -37.39 -45.26
CA PHE C 579 1.93 -37.57 -46.33
C PHE C 579 0.62 -38.09 -45.76
N GLN C 580 -0.47 -37.37 -46.04
CA GLN C 580 -1.79 -37.90 -45.74
C GLN C 580 -1.97 -39.21 -46.50
N SER C 581 -2.68 -40.15 -45.89
CA SER C 581 -2.64 -41.50 -46.46
C SER C 581 -3.43 -41.63 -47.73
N THR C 582 -3.80 -40.52 -48.37
CA THR C 582 -4.42 -40.54 -49.68
C THR C 582 -3.48 -40.11 -50.79
N LEU C 583 -2.37 -39.45 -50.47
CA LEU C 583 -1.54 -38.83 -51.50
C LEU C 583 -0.70 -39.84 -52.26
N TRP C 584 -0.16 -40.83 -51.58
CA TRP C 584 0.56 -41.91 -52.26
C TRP C 584 -0.28 -42.53 -53.35
N LEU C 585 -1.59 -42.61 -53.14
CA LEU C 585 -2.45 -43.26 -54.12
C LEU C 585 -2.45 -42.52 -55.45
N LEU C 586 -2.73 -41.22 -55.44
CA LEU C 586 -2.71 -40.52 -56.71
C LEU C 586 -1.30 -40.32 -57.25
N VAL C 587 -0.27 -40.37 -56.41
CA VAL C 587 1.08 -40.37 -56.97
C VAL C 587 1.29 -41.63 -57.82
N GLY C 588 0.88 -42.80 -57.30
CA GLY C 588 0.95 -44.00 -58.10
C GLY C 588 0.08 -43.93 -59.34
N LEU C 589 -1.10 -43.34 -59.22
CA LEU C 589 -1.94 -43.17 -60.39
C LEU C 589 -1.23 -42.36 -61.45
N SER C 590 -0.56 -41.27 -61.06
CA SER C 590 0.11 -40.42 -62.04
C SER C 590 1.31 -41.12 -62.66
N VAL C 591 2.06 -41.88 -61.87
CA VAL C 591 3.19 -42.60 -62.46
C VAL C 591 2.68 -43.56 -63.52
N HIS C 592 1.62 -44.32 -63.23
CA HIS C 592 1.13 -45.25 -64.24
C HIS C 592 0.59 -44.51 -65.45
N VAL C 593 -0.10 -43.38 -65.23
CA VAL C 593 -0.58 -42.56 -66.34
C VAL C 593 0.55 -42.19 -67.28
N VAL C 594 1.55 -41.48 -66.77
CA VAL C 594 2.57 -40.98 -67.69
C VAL C 594 3.38 -42.10 -68.28
N ALA C 595 3.66 -43.17 -67.52
CA ALA C 595 4.43 -44.28 -68.07
C ALA C 595 3.71 -44.92 -69.25
N VAL C 596 2.51 -45.46 -69.01
CA VAL C 596 1.84 -46.17 -70.09
C VAL C 596 1.50 -45.23 -71.23
N MET C 597 1.02 -44.02 -70.92
CA MET C 597 0.70 -43.06 -71.96
C MET C 597 1.91 -42.69 -72.79
N LEU C 598 3.10 -42.67 -72.21
CA LEU C 598 4.30 -42.46 -72.99
C LEU C 598 4.56 -43.64 -73.91
N TYR C 599 4.43 -44.86 -73.38
CA TYR C 599 4.70 -46.05 -74.20
C TYR C 599 3.90 -46.02 -75.48
N LEU C 600 2.58 -45.89 -75.37
CA LEU C 600 1.76 -45.79 -76.57
C LEU C 600 2.11 -44.56 -77.38
N LEU C 601 2.15 -43.40 -76.74
CA LEU C 601 2.34 -42.15 -77.46
C LEU C 601 3.75 -42.00 -78.04
N ASP C 602 4.59 -43.02 -77.90
CA ASP C 602 5.78 -43.14 -78.71
C ASP C 602 5.70 -44.30 -79.70
N ARG C 603 4.74 -45.21 -79.52
CA ARG C 603 4.63 -46.37 -80.39
C ARG C 603 3.93 -46.06 -81.70
N PHE C 604 3.85 -44.79 -82.09
CA PHE C 604 3.16 -44.48 -83.34
C PHE C 604 4.12 -43.97 -84.41
N SER C 605 5.06 -43.11 -84.05
CA SER C 605 6.05 -42.61 -84.99
C SER C 605 5.44 -41.99 -86.24
N THR C 623 8.29 -52.24 -76.52
CA THR C 623 8.96 -51.40 -75.55
C THR C 623 8.04 -51.09 -74.36
N LEU C 624 7.13 -52.02 -74.05
CA LEU C 624 6.23 -51.84 -72.92
C LEU C 624 7.00 -51.71 -71.62
N SER C 625 7.70 -52.78 -71.22
CA SER C 625 8.56 -52.69 -70.05
C SER C 625 9.55 -51.54 -70.21
N SER C 626 9.93 -51.21 -71.44
CA SER C 626 10.80 -50.09 -71.73
C SER C 626 10.15 -48.76 -71.44
N ALA C 627 8.93 -48.77 -70.93
CA ALA C 627 8.35 -47.62 -70.25
C ALA C 627 8.01 -47.92 -68.80
N MET C 628 7.52 -49.13 -68.53
CA MET C 628 7.18 -49.52 -67.18
C MET C 628 8.37 -49.36 -66.25
N TRP C 629 9.44 -50.13 -66.48
CA TRP C 629 10.62 -50.01 -65.63
C TRP C 629 11.20 -48.61 -65.66
N PHE C 630 11.19 -47.95 -66.81
CA PHE C 630 11.78 -46.63 -66.90
C PHE C 630 11.15 -45.70 -65.89
N SER C 631 9.84 -45.53 -65.98
CA SER C 631 9.23 -44.55 -65.10
C SER C 631 8.92 -45.12 -63.73
N TRP C 632 9.14 -46.41 -63.52
CA TRP C 632 9.10 -46.96 -62.18
C TRP C 632 10.46 -46.96 -61.52
N GLY C 633 11.50 -46.58 -62.26
CA GLY C 633 12.82 -46.50 -61.69
C GLY C 633 13.30 -45.07 -61.52
N VAL C 634 12.89 -44.19 -62.42
CA VAL C 634 13.32 -42.81 -62.26
C VAL C 634 12.84 -42.25 -60.93
N LEU C 635 11.66 -42.67 -60.47
CA LEU C 635 11.21 -42.22 -59.16
C LEU C 635 12.10 -42.74 -58.07
N LEU C 636 12.40 -44.03 -58.08
CA LEU C 636 13.27 -44.62 -57.07
C LEU C 636 14.75 -44.45 -57.40
N ASN C 637 15.09 -43.52 -58.29
CA ASN C 637 16.44 -42.99 -58.45
C ASN C 637 17.49 -44.09 -58.65
N SER C 638 17.10 -45.22 -59.20
CA SER C 638 18.02 -46.33 -59.45
C SER C 638 17.96 -46.69 -60.93
N GLY C 639 18.98 -46.31 -61.67
CA GLY C 639 18.97 -46.50 -63.11
C GLY C 639 19.09 -47.96 -63.48
N ILE C 640 18.05 -48.71 -63.18
CA ILE C 640 18.03 -50.15 -63.39
C ILE C 640 17.40 -50.44 -64.74
N GLY C 641 17.87 -51.51 -65.40
CA GLY C 641 17.27 -51.96 -66.63
C GLY C 641 17.57 -51.08 -67.81
N GLU C 642 16.66 -51.09 -68.79
CA GLU C 642 16.87 -50.39 -70.05
C GLU C 642 15.69 -49.45 -70.28
N GLY C 643 15.63 -48.92 -71.48
CA GLY C 643 14.56 -48.01 -71.88
C GLY C 643 15.15 -46.66 -72.20
N ALA C 644 14.50 -45.96 -73.13
CA ALA C 644 14.93 -44.64 -73.56
C ALA C 644 13.85 -44.06 -74.46
N PRO C 645 13.73 -42.76 -74.52
CA PRO C 645 12.86 -42.14 -75.54
C PRO C 645 13.56 -42.04 -76.88
N ARG C 646 13.17 -42.89 -77.84
CA ARG C 646 13.75 -42.81 -79.17
C ARG C 646 13.07 -41.77 -80.03
N SER C 647 11.74 -41.70 -79.99
CA SER C 647 11.01 -40.68 -80.70
C SER C 647 11.21 -39.33 -80.03
N PHE C 648 10.91 -38.26 -80.76
CA PHE C 648 10.82 -36.94 -80.13
C PHE C 648 9.64 -36.86 -79.18
N SER C 649 8.75 -37.85 -79.20
CA SER C 649 7.61 -37.84 -78.33
C SER C 649 8.01 -38.07 -76.87
N ALA C 650 8.56 -39.25 -76.58
CA ALA C 650 8.75 -39.66 -75.19
C ALA C 650 9.77 -38.81 -74.45
N ARG C 651 10.63 -38.10 -75.19
CA ARG C 651 11.72 -37.37 -74.55
C ARG C 651 11.20 -36.30 -73.62
N ILE C 652 10.32 -35.42 -74.11
CA ILE C 652 9.85 -34.31 -73.30
C ILE C 652 9.06 -34.81 -72.10
N LEU C 653 8.26 -35.85 -72.30
CA LEU C 653 7.46 -36.36 -71.20
C LEU C 653 8.33 -36.96 -70.10
N GLY C 654 9.30 -37.80 -70.46
CA GLY C 654 10.25 -38.26 -69.46
C GLY C 654 10.96 -37.11 -68.78
N MET C 655 11.32 -36.09 -69.57
CA MET C 655 12.12 -34.96 -69.08
C MET C 655 11.39 -34.13 -68.03
N VAL C 656 10.06 -34.05 -68.10
CA VAL C 656 9.33 -33.37 -67.02
C VAL C 656 8.86 -34.35 -65.95
N TRP C 657 8.64 -35.61 -66.30
CA TRP C 657 8.37 -36.63 -65.28
C TRP C 657 9.48 -36.66 -64.24
N ALA C 658 10.73 -36.56 -64.69
CA ALA C 658 11.83 -36.55 -63.74
C ALA C 658 11.78 -35.31 -62.84
N GLY C 659 11.42 -34.15 -63.38
CA GLY C 659 11.31 -32.97 -62.54
C GLY C 659 10.28 -33.12 -61.46
N PHE C 660 9.14 -33.71 -61.79
CA PHE C 660 8.16 -34.01 -60.75
C PHE C 660 8.73 -34.98 -59.72
N ALA C 661 9.41 -36.03 -60.19
CA ALA C 661 9.99 -37.02 -59.30
C ALA C 661 11.04 -36.42 -58.39
N MET C 662 11.64 -35.30 -58.79
CA MET C 662 12.56 -34.62 -57.90
C MET C 662 11.81 -33.71 -56.92
N ILE C 663 10.79 -33.00 -57.39
CA ILE C 663 10.11 -32.06 -56.52
C ILE C 663 9.44 -32.78 -55.36
N ILE C 664 8.95 -33.99 -55.59
CA ILE C 664 8.35 -34.74 -54.49
C ILE C 664 9.40 -35.04 -53.42
N VAL C 665 10.52 -35.65 -53.80
CA VAL C 665 11.53 -36.00 -52.81
C VAL C 665 12.24 -34.77 -52.26
N ALA C 666 12.01 -33.61 -52.84
CA ALA C 666 12.50 -32.38 -52.23
C ALA C 666 11.56 -31.94 -51.11
N SER C 667 10.29 -31.75 -51.44
CA SER C 667 9.37 -31.25 -50.44
C SER C 667 9.13 -32.24 -49.31
N TYR C 668 9.31 -33.53 -49.55
CA TYR C 668 9.18 -34.49 -48.45
C TYR C 668 10.23 -34.22 -47.38
N THR C 669 11.48 -34.05 -47.78
CA THR C 669 12.52 -33.68 -46.82
C THR C 669 12.26 -32.30 -46.23
N ALA C 670 11.81 -31.35 -47.04
CA ALA C 670 11.50 -30.03 -46.51
C ALA C 670 10.52 -30.12 -45.36
N ASN C 671 9.45 -30.90 -45.54
CA ASN C 671 8.40 -30.99 -44.54
C ASN C 671 8.77 -31.88 -43.36
N LEU C 672 9.68 -32.83 -43.54
CA LEU C 672 10.18 -33.54 -42.36
C LEU C 672 11.12 -32.67 -41.54
N ALA C 673 11.86 -31.77 -42.20
CA ALA C 673 12.71 -30.84 -41.48
C ALA C 673 11.93 -29.71 -40.84
N ALA C 674 10.75 -29.40 -41.34
CA ALA C 674 9.88 -28.46 -40.63
C ALA C 674 9.10 -29.13 -39.51
N PHE C 675 9.37 -30.40 -39.22
CA PHE C 675 8.77 -31.11 -38.11
C PHE C 675 9.78 -31.52 -37.06
N LEU C 676 10.84 -32.23 -37.45
CA LEU C 676 11.79 -32.72 -36.46
C LEU C 676 12.62 -31.61 -35.82
N VAL C 677 12.36 -30.35 -36.14
CA VAL C 677 13.00 -29.24 -35.46
C VAL C 677 12.00 -28.44 -34.63
N LEU C 678 10.79 -28.27 -35.14
CA LEU C 678 9.80 -27.44 -34.46
C LEU C 678 8.91 -28.25 -33.52
N ASP C 679 9.41 -29.33 -32.95
CA ASP C 679 8.70 -30.06 -31.91
C ASP C 679 9.67 -30.36 -30.77
N ARG C 680 9.78 -29.43 -29.85
CA ARG C 680 10.41 -29.60 -28.56
C ARG C 680 9.36 -29.91 -27.51
N PRO C 681 9.74 -30.48 -26.37
CA PRO C 681 8.75 -30.69 -25.30
C PRO C 681 8.18 -29.38 -24.80
N GLU C 682 7.21 -29.45 -23.89
CA GLU C 682 6.59 -28.22 -23.36
C GLU C 682 7.62 -27.39 -22.62
N GLU C 683 7.47 -26.08 -22.68
CA GLU C 683 8.44 -25.17 -22.07
C GLU C 683 8.52 -25.39 -20.57
N ARG C 684 9.74 -25.37 -20.03
CA ARG C 684 9.94 -25.61 -18.61
C ARG C 684 9.36 -24.47 -17.79
N ILE C 685 9.12 -24.74 -16.51
CA ILE C 685 8.53 -23.77 -15.61
C ILE C 685 9.52 -22.66 -15.32
N THR C 686 9.04 -21.42 -15.25
CA THR C 686 9.89 -20.26 -15.14
C THR C 686 9.92 -19.66 -13.74
N GLY C 687 9.52 -20.43 -12.73
CA GLY C 687 9.51 -19.94 -11.37
C GLY C 687 8.17 -19.33 -10.99
N ILE C 688 8.15 -18.67 -9.83
CA ILE C 688 6.93 -17.98 -9.45
C ILE C 688 7.00 -16.57 -10.00
N ASN C 689 6.76 -16.44 -11.28
CA ASN C 689 6.58 -15.19 -11.99
C ASN C 689 5.34 -15.20 -12.87
N ASP C 690 5.05 -16.34 -13.52
CA ASP C 690 4.08 -16.41 -14.60
C ASP C 690 2.71 -16.85 -14.12
N PRO C 691 1.66 -16.59 -14.89
CA PRO C 691 0.33 -17.08 -14.54
C PRO C 691 0.18 -18.59 -14.65
N ARG C 692 1.12 -19.27 -15.31
CA ARG C 692 1.01 -20.71 -15.47
C ARG C 692 0.90 -21.41 -14.13
N LEU C 693 1.42 -20.79 -13.08
CA LEU C 693 1.28 -21.30 -11.72
C LEU C 693 0.29 -20.50 -10.89
N ARG C 694 -0.03 -19.26 -11.28
CA ARG C 694 -0.97 -18.45 -10.52
C ARG C 694 -2.37 -19.03 -10.51
N ASN C 695 -2.61 -20.13 -11.22
CA ASN C 695 -3.77 -20.97 -11.01
C ASN C 695 -3.34 -22.41 -11.17
N PRO C 696 -3.30 -23.18 -10.11
CA PRO C 696 -2.90 -24.59 -10.24
C PRO C 696 -4.00 -25.38 -10.92
N SER C 697 -3.77 -25.69 -12.19
CA SER C 697 -4.62 -26.66 -12.85
C SER C 697 -4.38 -28.01 -12.18
N ASP C 698 -5.44 -28.79 -12.03
CA ASP C 698 -5.39 -29.93 -11.14
C ASP C 698 -4.69 -31.14 -11.75
N LYS C 699 -3.87 -30.94 -12.77
CA LYS C 699 -3.08 -32.04 -13.32
C LYS C 699 -1.76 -32.21 -12.59
N PHE C 700 -0.90 -31.19 -12.60
CA PHE C 700 0.38 -31.25 -11.91
C PHE C 700 0.31 -30.45 -10.61
N ILE C 701 1.15 -30.85 -9.65
CA ILE C 701 0.91 -30.59 -8.24
C ILE C 701 2.16 -30.00 -7.59
N TYR C 702 1.94 -29.17 -6.57
CA TYR C 702 3.03 -28.65 -5.76
C TYR C 702 3.26 -29.54 -4.56
N ALA C 703 4.08 -29.03 -3.63
CA ALA C 703 4.25 -29.58 -2.29
C ALA C 703 5.26 -28.72 -1.55
N THR C 704 5.23 -28.85 -0.22
CA THR C 704 6.37 -28.48 0.62
C THR C 704 6.27 -29.30 1.89
N VAL C 705 7.20 -29.14 2.80
CA VAL C 705 7.13 -29.90 4.03
C VAL C 705 6.18 -29.19 4.98
N LYS C 706 5.40 -29.96 5.73
CA LYS C 706 4.39 -29.36 6.60
C LYS C 706 5.05 -28.58 7.73
N GLN C 707 4.44 -27.47 8.10
CA GLN C 707 4.97 -26.59 9.15
C GLN C 707 6.38 -26.11 8.82
N SER C 708 6.60 -25.80 7.55
CA SER C 708 7.91 -25.34 7.11
C SER C 708 8.08 -23.87 7.48
N SER C 709 9.06 -23.23 6.88
CA SER C 709 9.10 -21.78 6.85
C SER C 709 8.47 -21.19 5.59
N VAL C 710 8.43 -21.96 4.50
CA VAL C 710 7.88 -21.42 3.26
C VAL C 710 6.37 -21.32 3.33
N ASP C 711 5.70 -22.26 4.00
CA ASP C 711 4.28 -22.07 4.23
C ASP C 711 4.02 -20.87 5.11
N ILE C 712 4.90 -20.62 6.08
CA ILE C 712 4.79 -19.42 6.89
C ILE C 712 4.92 -18.18 6.01
N TYR C 713 5.79 -18.22 5.02
CA TYR C 713 5.84 -17.11 4.10
C TYR C 713 4.56 -17.02 3.27
N PHE C 714 4.02 -18.18 2.88
CA PHE C 714 2.83 -18.18 2.02
C PHE C 714 1.62 -17.59 2.72
N ARG C 715 1.19 -18.21 3.82
CA ARG C 715 -0.07 -17.86 4.46
C ARG C 715 -0.19 -16.36 4.69
N ARG C 716 0.89 -15.71 5.13
CA ARG C 716 0.81 -14.27 5.36
C ARG C 716 0.81 -13.47 4.07
N GLN C 717 0.74 -14.13 2.92
CA GLN C 717 0.44 -13.48 1.65
C GLN C 717 -0.75 -14.22 1.05
N VAL C 718 -1.95 -13.69 1.28
CA VAL C 718 -3.19 -14.41 0.99
C VAL C 718 -3.49 -14.53 -0.50
N GLU C 719 -2.84 -13.72 -1.34
CA GLU C 719 -3.12 -13.76 -2.77
C GLU C 719 -2.93 -15.15 -3.35
N LEU C 720 -1.94 -15.90 -2.86
CA LEU C 720 -1.67 -17.24 -3.35
C LEU C 720 -2.49 -18.29 -2.62
N SER C 721 -3.61 -17.87 -2.01
CA SER C 721 -4.54 -18.85 -1.47
C SER C 721 -5.08 -19.77 -2.55
N THR C 722 -5.16 -19.29 -3.79
CA THR C 722 -5.42 -20.19 -4.90
C THR C 722 -4.39 -21.30 -4.93
N MET C 723 -3.11 -20.95 -4.75
CA MET C 723 -2.08 -21.96 -4.60
C MET C 723 -2.15 -22.60 -3.23
N TYR C 724 -2.14 -21.77 -2.18
CA TYR C 724 -2.05 -22.26 -0.81
C TYR C 724 -3.06 -23.37 -0.55
N ARG C 725 -4.26 -23.23 -1.12
CA ARG C 725 -5.29 -24.23 -0.93
C ARG C 725 -4.85 -25.59 -1.44
N HIS C 726 -4.31 -25.63 -2.66
CA HIS C 726 -3.87 -26.92 -3.19
C HIS C 726 -2.78 -27.53 -2.33
N MET C 727 -1.84 -26.70 -1.88
CA MET C 727 -0.81 -27.20 -0.99
C MET C 727 -1.34 -27.60 0.37
N GLU C 728 -2.55 -27.18 0.72
CA GLU C 728 -3.13 -27.58 2.00
C GLU C 728 -3.41 -29.06 2.07
N LYS C 729 -3.35 -29.79 0.96
CA LYS C 729 -3.67 -31.21 0.94
C LYS C 729 -2.53 -32.11 0.48
N HIS C 730 -1.40 -31.55 0.05
CA HIS C 730 -0.36 -32.36 -0.56
C HIS C 730 0.99 -32.29 0.14
N ASN C 731 1.12 -31.47 1.17
CA ASN C 731 2.42 -31.33 1.82
C ASN C 731 2.88 -32.66 2.39
N TYR C 732 4.16 -32.76 2.69
CA TYR C 732 4.75 -34.01 3.13
C TYR C 732 5.45 -33.84 4.46
N GLU C 733 5.81 -34.99 5.07
CA GLU C 733 6.29 -34.99 6.44
C GLU C 733 7.73 -34.50 6.53
N SER C 734 8.59 -34.87 5.58
CA SER C 734 9.99 -34.46 5.64
C SER C 734 10.54 -34.36 4.23
N ALA C 735 11.53 -33.47 4.07
CA ALA C 735 12.01 -33.11 2.73
C ALA C 735 12.54 -34.31 1.98
N ALA C 736 13.18 -35.26 2.67
CA ALA C 736 13.73 -36.41 1.97
C ALA C 736 12.64 -37.21 1.28
N GLU C 737 11.51 -37.43 1.95
CA GLU C 737 10.41 -38.13 1.32
C GLU C 737 9.81 -37.30 0.19
N ALA C 738 9.62 -36.01 0.43
CA ALA C 738 9.00 -35.11 -0.55
C ALA C 738 9.92 -34.74 -1.70
N ILE C 739 11.13 -35.29 -1.73
CA ILE C 739 11.96 -35.24 -2.92
C ILE C 739 12.14 -36.61 -3.54
N GLN C 740 12.22 -37.67 -2.74
CA GLN C 740 12.24 -39.02 -3.28
C GLN C 740 10.97 -39.30 -4.08
N ALA C 741 9.85 -38.71 -3.68
CA ALA C 741 8.61 -38.90 -4.40
C ALA C 741 8.48 -37.98 -5.62
N VAL C 742 9.58 -37.41 -6.10
CA VAL C 742 9.54 -36.69 -7.36
C VAL C 742 10.26 -37.54 -8.40
N ARG C 743 11.12 -38.43 -7.93
CA ARG C 743 11.82 -39.31 -8.85
C ARG C 743 10.97 -40.49 -9.30
N ASP C 744 9.71 -40.57 -8.89
CA ASP C 744 8.81 -41.65 -9.31
C ASP C 744 7.56 -41.09 -9.97
N ASN C 745 7.62 -39.85 -10.45
CA ASN C 745 6.54 -39.21 -11.17
C ASN C 745 5.25 -39.10 -10.37
N LYS C 746 5.33 -39.32 -9.06
CA LYS C 746 4.18 -39.12 -8.19
C LYS C 746 3.92 -37.64 -7.92
N LEU C 747 4.90 -36.77 -8.16
CA LEU C 747 4.78 -35.37 -7.81
C LEU C 747 5.78 -34.57 -8.63
N HIS C 748 5.29 -33.57 -9.37
CA HIS C 748 6.16 -32.82 -10.26
C HIS C 748 7.13 -31.94 -9.48
N ALA C 749 6.61 -30.94 -8.77
CA ALA C 749 7.43 -29.94 -8.13
C ALA C 749 7.53 -30.19 -6.63
N PHE C 750 8.58 -29.66 -6.02
CA PHE C 750 8.76 -29.77 -4.58
C PHE C 750 9.54 -28.54 -4.12
N ILE C 751 8.83 -27.49 -3.76
CA ILE C 751 9.47 -26.21 -3.46
C ILE C 751 10.28 -26.34 -2.19
N TRP C 752 11.41 -25.63 -2.13
CA TRP C 752 12.23 -25.55 -0.93
C TRP C 752 13.17 -24.36 -1.08
N ASP C 753 14.15 -24.28 -0.20
CA ASP C 753 15.17 -23.24 -0.23
C ASP C 753 16.19 -23.57 -1.32
N SER C 754 17.35 -22.91 -1.26
CA SER C 754 18.38 -23.08 -2.28
C SER C 754 19.43 -24.11 -1.89
N ALA C 755 20.02 -23.98 -0.72
CA ALA C 755 21.20 -24.75 -0.36
C ALA C 755 20.87 -26.17 0.07
N VAL C 756 19.68 -26.67 -0.24
CA VAL C 756 19.43 -28.10 -0.21
C VAL C 756 18.98 -28.61 -1.57
N LEU C 757 18.64 -27.71 -2.50
CA LEU C 757 18.44 -28.12 -3.88
C LEU C 757 19.77 -28.17 -4.62
N GLU C 758 20.46 -27.03 -4.72
CA GLU C 758 21.66 -26.97 -5.54
C GLU C 758 22.75 -27.92 -5.09
N PHE C 759 22.58 -28.61 -3.96
CA PHE C 759 23.40 -29.78 -3.73
C PHE C 759 22.76 -31.02 -4.34
N GLU C 760 21.43 -31.15 -4.18
CA GLU C 760 20.79 -32.43 -4.44
C GLU C 760 20.89 -32.86 -5.89
N ALA C 761 20.63 -31.95 -6.83
CA ALA C 761 20.77 -32.30 -8.23
C ALA C 761 22.19 -32.61 -8.63
N SER C 762 23.17 -32.19 -7.84
CA SER C 762 24.57 -32.35 -8.20
C SER C 762 25.13 -33.71 -7.83
N GLN C 763 24.27 -34.70 -7.66
CA GLN C 763 24.72 -36.09 -7.58
C GLN C 763 24.19 -36.94 -8.71
N LYS C 764 22.88 -36.94 -8.94
CA LYS C 764 22.25 -37.78 -9.94
C LYS C 764 21.79 -36.94 -11.11
N CYS C 765 21.18 -37.60 -12.10
CA CYS C 765 20.84 -36.98 -13.37
C CYS C 765 19.33 -37.01 -13.63
N ASP C 766 18.54 -36.65 -12.63
CA ASP C 766 17.11 -36.58 -12.83
C ASP C 766 16.49 -35.34 -12.19
N LEU C 767 17.29 -34.41 -11.70
CA LEU C 767 16.76 -33.24 -11.02
C LEU C 767 17.50 -32.00 -11.53
N VAL C 768 16.79 -30.88 -11.56
CA VAL C 768 17.32 -29.64 -12.11
C VAL C 768 16.46 -28.49 -11.64
N THR C 769 17.11 -27.35 -11.36
CA THR C 769 16.42 -26.19 -10.83
C THR C 769 15.91 -25.30 -11.96
N THR C 770 15.34 -24.17 -11.57
CA THR C 770 15.16 -23.03 -12.47
C THR C 770 15.77 -21.77 -11.88
N GLY C 771 16.43 -21.88 -10.75
CA GLY C 771 17.39 -20.89 -10.29
C GLY C 771 16.84 -19.57 -9.80
N GLU C 772 15.67 -19.16 -10.27
CA GLU C 772 15.19 -17.82 -9.96
C GLU C 772 14.99 -17.67 -8.46
N LEU C 773 15.54 -16.60 -7.91
CA LEU C 773 15.53 -16.36 -6.47
C LEU C 773 14.47 -15.32 -6.10
N PHE C 774 13.84 -15.53 -4.94
CA PHE C 774 12.87 -14.56 -4.43
C PHE C 774 12.96 -14.27 -2.94
N PHE C 775 13.53 -15.14 -2.12
CA PHE C 775 13.55 -14.96 -0.67
C PHE C 775 15.00 -14.91 -0.22
N ARG C 776 15.58 -13.71 -0.21
CA ARG C 776 16.97 -13.53 0.18
C ARG C 776 17.07 -13.52 1.71
N SER C 777 16.91 -14.71 2.28
CA SER C 777 16.93 -14.88 3.72
C SER C 777 18.38 -15.02 4.19
N GLY C 778 18.58 -15.54 5.39
CA GLY C 778 19.91 -15.96 5.81
C GLY C 778 19.80 -16.91 6.97
N PHE C 779 20.48 -18.04 6.86
CA PHE C 779 20.45 -19.03 7.93
C PHE C 779 21.07 -18.46 9.20
N GLY C 780 21.03 -19.22 10.27
CA GLY C 780 21.61 -18.74 11.51
C GLY C 780 21.50 -19.77 12.61
N ILE C 781 22.12 -19.43 13.75
CA ILE C 781 22.15 -20.28 14.93
C ILE C 781 21.15 -19.74 15.93
N GLY C 782 20.54 -20.63 16.70
CA GLY C 782 19.51 -20.26 17.67
C GLY C 782 19.97 -20.42 19.11
N MET C 783 19.52 -19.50 19.97
CA MET C 783 19.76 -19.54 21.41
C MET C 783 18.84 -18.53 22.08
N ARG C 784 18.48 -18.80 23.34
CA ARG C 784 17.47 -18.01 24.02
C ARG C 784 17.97 -16.58 24.28
N LYS C 785 17.02 -15.70 24.59
CA LYS C 785 17.30 -14.27 24.56
C LYS C 785 18.25 -13.86 25.67
N ASP C 786 19.30 -13.12 25.29
CA ASP C 786 20.29 -12.58 26.23
C ASP C 786 20.91 -13.68 27.09
N SER C 787 21.41 -14.71 26.44
CA SER C 787 22.19 -15.73 27.09
C SER C 787 23.60 -15.20 27.35
N PRO C 788 24.39 -15.90 28.14
CA PRO C 788 25.80 -15.49 28.32
C PRO C 788 26.66 -15.75 27.09
N TRP C 789 26.05 -16.10 25.96
CA TRP C 789 26.83 -16.50 24.79
C TRP C 789 26.52 -15.66 23.56
N LYS C 790 25.87 -14.51 23.73
CA LYS C 790 25.49 -13.73 22.55
C LYS C 790 26.71 -13.19 21.83
N GLN C 791 27.46 -12.33 22.51
CA GLN C 791 28.51 -11.58 21.82
C GLN C 791 29.62 -12.49 21.33
N GLN C 792 29.92 -13.56 22.08
CA GLN C 792 31.04 -14.43 21.70
C GLN C 792 30.77 -15.14 20.39
N VAL C 793 29.58 -15.71 20.21
CA VAL C 793 29.27 -16.34 18.93
C VAL C 793 29.13 -15.30 17.83
N SER C 794 28.39 -14.22 18.11
CA SER C 794 28.22 -13.18 17.10
C SER C 794 29.55 -12.61 16.64
N LEU C 795 30.60 -12.77 17.44
CA LEU C 795 31.93 -12.39 16.99
C LEU C 795 32.60 -13.55 16.25
N SER C 796 32.66 -14.71 16.87
CA SER C 796 33.44 -15.82 16.34
C SER C 796 32.80 -16.46 15.12
N ILE C 797 31.72 -15.88 14.58
CA ILE C 797 31.36 -16.20 13.19
C ILE C 797 32.00 -15.22 12.23
N LEU C 798 31.94 -13.91 12.54
CA LEU C 798 32.56 -12.91 11.68
C LEU C 798 34.05 -13.16 11.48
N LYS C 799 34.69 -13.91 12.36
CA LYS C 799 36.05 -14.34 12.08
C LYS C 799 36.07 -15.30 10.90
N SER C 800 35.29 -16.37 10.98
CA SER C 800 35.34 -17.44 10.01
C SER C 800 34.53 -17.12 8.76
N HIS C 801 34.76 -15.97 8.15
CA HIS C 801 34.40 -15.72 6.77
C HIS C 801 35.45 -14.90 6.04
N GLU C 802 36.57 -14.59 6.67
CA GLU C 802 37.64 -13.89 6.01
C GLU C 802 39.00 -14.54 6.20
N ASN C 803 39.11 -15.57 7.04
CA ASN C 803 40.27 -16.45 7.05
C ASN C 803 39.93 -17.82 6.49
N GLY C 804 39.05 -17.87 5.50
CA GLY C 804 38.90 -19.02 4.63
C GLY C 804 38.29 -20.26 5.23
N PHE C 805 38.11 -20.33 6.54
CA PHE C 805 37.63 -21.56 7.16
C PHE C 805 36.34 -22.04 6.51
N MET C 806 35.35 -21.16 6.41
CA MET C 806 34.10 -21.52 5.74
C MET C 806 34.30 -21.86 4.28
N GLU C 807 35.25 -21.21 3.60
CA GLU C 807 35.47 -21.56 2.20
C GLU C 807 35.99 -22.98 2.07
N ASP C 808 36.94 -23.36 2.93
CA ASP C 808 37.41 -24.73 2.95
C ASP C 808 36.27 -25.69 3.27
N LEU C 809 35.37 -25.29 4.17
CA LEU C 809 34.22 -26.14 4.46
C LEU C 809 33.34 -26.31 3.24
N ASP C 810 33.07 -25.22 2.54
CA ASP C 810 32.31 -25.28 1.29
C ASP C 810 32.92 -26.31 0.35
N LYS C 811 34.21 -26.17 0.06
CA LYS C 811 34.84 -27.10 -0.87
C LYS C 811 34.78 -28.53 -0.35
N THR C 812 35.05 -28.72 0.94
CA THR C 812 35.26 -30.08 1.42
C THR C 812 33.95 -30.85 1.56
N TRP C 813 32.89 -30.20 2.04
CA TRP C 813 31.70 -30.96 2.37
C TRP C 813 30.66 -30.99 1.26
N VAL C 814 30.60 -29.96 0.42
CA VAL C 814 29.69 -29.96 -0.72
C VAL C 814 30.52 -30.36 -1.94
N ARG C 815 30.67 -31.66 -2.16
CA ARG C 815 31.43 -32.20 -3.29
C ARG C 815 30.57 -32.04 -4.54
N TYR C 816 30.86 -31.00 -5.31
CA TYR C 816 29.82 -30.43 -6.17
C TYR C 816 29.53 -31.28 -7.40
N GLN C 817 30.48 -31.35 -8.33
CA GLN C 817 30.16 -31.57 -9.73
C GLN C 817 30.19 -33.05 -10.07
N GLU C 818 29.05 -33.56 -10.54
CA GLU C 818 28.94 -34.86 -11.19
C GLU C 818 28.10 -34.74 -12.46
N CYS C 819 27.23 -33.73 -12.51
CA CYS C 819 26.32 -33.51 -13.63
C CYS C 819 26.89 -32.48 -14.59
N ASP C 820 26.10 -32.11 -15.59
CA ASP C 820 26.58 -31.20 -16.64
C ASP C 820 25.40 -30.36 -17.13
N SER C 821 25.54 -29.78 -18.33
CA SER C 821 24.60 -28.81 -18.83
C SER C 821 23.30 -29.41 -19.36
N ARG C 822 23.26 -30.71 -19.62
CA ARG C 822 22.08 -31.37 -20.18
C ARG C 822 21.66 -30.68 -21.49
N SER C 823 22.56 -30.74 -22.47
CA SER C 823 22.47 -29.85 -23.63
C SER C 823 21.47 -30.30 -24.68
N ASN C 824 20.24 -30.61 -24.27
CA ASN C 824 19.06 -30.65 -25.13
C ASN C 824 19.33 -31.40 -26.43
N ALA C 825 19.61 -32.69 -26.29
CA ALA C 825 19.82 -33.55 -27.45
C ALA C 825 18.49 -33.83 -28.15
N PRO C 826 18.25 -33.27 -29.33
CA PRO C 826 16.93 -33.37 -29.96
C PRO C 826 16.69 -34.69 -30.69
N ALA C 827 16.53 -35.76 -29.90
CA ALA C 827 15.84 -36.97 -30.32
C ALA C 827 16.53 -37.65 -31.51
N THR C 828 17.72 -38.17 -31.26
CA THR C 828 18.20 -39.26 -32.09
C THR C 828 17.16 -40.36 -32.13
N LEU C 829 16.95 -40.93 -33.31
CA LEU C 829 15.85 -41.85 -33.49
C LEU C 829 16.16 -43.18 -32.82
N THR C 830 15.21 -44.12 -32.87
CA THR C 830 15.35 -45.40 -32.23
C THR C 830 14.74 -46.47 -33.13
N CYS C 831 14.85 -47.73 -32.73
CA CYS C 831 14.30 -48.83 -33.52
C CYS C 831 12.80 -48.67 -33.74
N GLU C 832 12.00 -48.74 -32.67
CA GLU C 832 10.56 -48.77 -32.81
C GLU C 832 10.00 -47.48 -33.40
N ASN C 833 10.79 -46.41 -33.49
CA ASN C 833 10.36 -45.23 -34.20
C ASN C 833 10.65 -45.32 -35.69
N MET C 834 11.33 -46.37 -36.14
CA MET C 834 11.66 -46.55 -37.54
C MET C 834 11.25 -47.93 -38.05
N ALA C 835 10.32 -48.59 -37.35
CA ALA C 835 9.92 -49.93 -37.76
C ALA C 835 9.27 -49.94 -39.13
N GLY C 836 8.63 -48.84 -39.54
CA GLY C 836 7.91 -48.83 -40.79
C GLY C 836 8.74 -49.26 -41.98
N VAL C 837 9.94 -48.71 -42.13
CA VAL C 837 10.76 -49.06 -43.28
C VAL C 837 11.14 -50.53 -43.27
N PHE C 838 11.31 -51.13 -42.10
CA PHE C 838 11.68 -52.54 -42.09
C PHE C 838 10.52 -53.45 -42.44
N MET C 839 9.29 -53.05 -42.14
CA MET C 839 8.16 -53.76 -42.72
C MET C 839 8.15 -53.63 -44.24
N LEU C 840 8.63 -52.51 -44.76
CA LEU C 840 8.77 -52.37 -46.20
C LEU C 840 9.76 -53.41 -46.74
N VAL C 841 10.94 -53.49 -46.15
CA VAL C 841 11.93 -54.42 -46.69
C VAL C 841 11.48 -55.86 -46.49
N ALA C 842 10.71 -56.14 -45.44
CA ALA C 842 10.17 -57.48 -45.29
C ALA C 842 9.10 -57.78 -46.34
N GLY C 843 8.22 -56.81 -46.63
CA GLY C 843 7.29 -56.98 -47.72
C GLY C 843 8.01 -57.18 -49.04
N GLY C 844 9.21 -56.63 -49.16
CA GLY C 844 10.03 -56.93 -50.32
C GLY C 844 10.53 -58.37 -50.32
N ILE C 845 11.07 -58.82 -49.19
CA ILE C 845 11.64 -60.17 -49.12
C ILE C 845 10.57 -61.23 -49.37
N VAL C 846 9.38 -61.06 -48.80
CA VAL C 846 8.32 -62.03 -49.00
C VAL C 846 7.96 -62.14 -50.47
N ALA C 847 8.09 -61.05 -51.22
CA ALA C 847 7.84 -61.11 -52.65
C ALA C 847 8.79 -62.04 -53.38
N GLY C 848 9.91 -62.40 -52.75
CA GLY C 848 10.92 -63.21 -53.42
C GLY C 848 10.48 -64.61 -53.79
N ILE C 849 10.24 -65.46 -52.80
CA ILE C 849 9.85 -66.83 -53.10
C ILE C 849 8.42 -66.91 -53.59
N PHE C 850 7.61 -65.87 -53.38
CA PHE C 850 6.25 -65.84 -53.90
C PHE C 850 6.13 -65.04 -55.19
N LEU C 851 7.26 -64.68 -55.80
CA LEU C 851 7.29 -64.27 -57.18
C LEU C 851 8.30 -65.09 -57.98
N ILE C 852 8.99 -66.02 -57.34
CA ILE C 852 9.75 -67.03 -58.08
C ILE C 852 8.89 -68.22 -58.48
N PHE C 853 7.70 -68.38 -57.88
CA PHE C 853 6.77 -69.39 -58.36
C PHE C 853 6.03 -68.94 -59.61
N ILE C 854 5.37 -67.79 -59.53
CA ILE C 854 4.39 -67.41 -60.55
C ILE C 854 5.08 -67.16 -61.89
N GLU C 855 6.05 -66.24 -61.93
CA GLU C 855 6.68 -65.87 -63.19
C GLU C 855 7.78 -66.85 -63.60
N ILE C 856 7.85 -68.02 -62.97
CA ILE C 856 8.54 -69.16 -63.57
C ILE C 856 7.57 -70.28 -63.91
N ALA C 857 6.43 -70.39 -63.23
CA ALA C 857 5.39 -71.28 -63.72
C ALA C 857 4.86 -70.81 -65.06
N TYR C 858 4.87 -69.49 -65.29
CA TYR C 858 4.60 -68.98 -66.63
C TYR C 858 5.76 -69.30 -67.56
N LYS C 859 6.92 -69.65 -67.00
CA LYS C 859 8.04 -70.09 -67.81
C LYS C 859 8.03 -71.59 -68.05
N ARG C 860 6.99 -72.29 -67.61
CA ARG C 860 6.81 -73.70 -67.99
C ARG C 860 5.61 -73.89 -68.91
N HIS C 861 4.57 -73.07 -68.76
CA HIS C 861 3.40 -73.13 -69.63
C HIS C 861 3.56 -72.32 -70.91
N LYS C 862 4.78 -71.90 -71.23
CA LYS C 862 5.03 -71.10 -72.42
C LYS C 862 6.50 -71.14 -72.81
N SER D 65 -29.95 -36.33 57.02
CA SER D 65 -30.91 -35.27 57.31
C SER D 65 -30.46 -33.95 56.72
N ILE D 66 -31.31 -33.34 55.89
CA ILE D 66 -30.98 -32.08 55.22
C ILE D 66 -32.26 -31.29 54.99
N GLY D 67 -32.42 -30.19 55.72
CA GLY D 67 -33.53 -29.29 55.46
C GLY D 67 -33.23 -28.33 54.33
N ILE D 68 -34.28 -27.89 53.65
CA ILE D 68 -34.18 -26.99 52.51
C ILE D 68 -35.24 -25.90 52.68
N ALA D 69 -34.83 -24.64 52.54
CA ALA D 69 -35.72 -23.51 52.81
C ALA D 69 -35.62 -22.46 51.72
N VAL D 70 -36.52 -21.49 51.80
CA VAL D 70 -36.47 -20.27 51.00
C VAL D 70 -36.82 -19.14 51.93
N ILE D 71 -35.98 -18.12 51.97
CA ILE D 71 -36.08 -17.06 52.97
C ILE D 71 -36.03 -15.72 52.24
N LEU D 72 -37.18 -15.23 51.81
CA LEU D 72 -37.26 -13.88 51.29
C LEU D 72 -37.35 -12.94 52.48
N VAL D 73 -36.61 -11.84 52.41
CA VAL D 73 -36.41 -10.98 53.58
C VAL D 73 -36.68 -9.54 53.16
N GLY D 74 -37.89 -9.05 53.44
CA GLY D 74 -38.15 -7.62 53.45
C GLY D 74 -38.10 -6.91 52.12
N THR D 75 -39.11 -7.13 51.27
CA THR D 75 -39.17 -6.47 49.97
C THR D 75 -40.63 -6.30 49.59
N SER D 76 -40.87 -6.09 48.29
CA SER D 76 -42.21 -5.98 47.73
C SER D 76 -42.51 -7.12 46.75
N ASP D 77 -42.04 -8.33 47.06
CA ASP D 77 -42.12 -9.45 46.13
C ASP D 77 -42.44 -10.76 46.86
N GLU D 78 -43.39 -10.73 47.80
CA GLU D 78 -43.80 -11.94 48.51
C GLU D 78 -44.63 -12.77 47.53
N VAL D 79 -43.93 -13.42 46.60
CA VAL D 79 -44.55 -14.13 45.49
C VAL D 79 -44.15 -15.59 45.42
N ALA D 80 -43.32 -16.06 46.35
CA ALA D 80 -42.75 -17.39 46.27
C ALA D 80 -43.67 -18.47 46.84
N ILE D 81 -44.95 -18.17 47.04
CA ILE D 81 -45.83 -19.08 47.77
C ILE D 81 -46.31 -20.20 46.87
N LYS D 82 -47.02 -19.86 45.80
CA LYS D 82 -47.79 -20.84 45.04
C LYS D 82 -47.00 -21.52 43.93
N ASP D 83 -45.68 -21.61 44.05
CA ASP D 83 -44.86 -22.06 42.92
C ASP D 83 -43.76 -23.05 43.26
N ALA D 84 -43.50 -23.34 44.52
CA ALA D 84 -42.37 -24.20 44.91
C ALA D 84 -42.73 -25.67 44.96
N HIS D 85 -43.91 -26.07 44.48
CA HIS D 85 -44.33 -27.47 44.52
C HIS D 85 -44.57 -28.05 43.12
N GLU D 86 -44.01 -27.42 42.09
CA GLU D 86 -44.02 -27.96 40.72
C GLU D 86 -42.72 -28.69 40.41
N LYS D 87 -41.91 -28.96 41.44
CA LYS D 87 -40.66 -29.70 41.33
C LYS D 87 -40.79 -31.13 41.84
N ASP D 88 -41.93 -31.77 41.59
CA ASP D 88 -42.28 -33.05 42.19
C ASP D 88 -41.56 -34.24 41.55
N ASP D 89 -40.45 -33.99 40.85
CA ASP D 89 -39.61 -35.07 40.37
C ASP D 89 -38.44 -35.35 41.31
N PHE D 90 -38.47 -34.80 42.52
CA PHE D 90 -37.39 -34.99 43.49
C PHE D 90 -37.54 -36.27 44.30
N HIS D 91 -38.61 -37.03 44.09
CA HIS D 91 -38.64 -38.39 44.62
C HIS D 91 -37.64 -39.27 43.90
N HIS D 92 -37.27 -38.89 42.67
CA HIS D 92 -36.11 -39.46 42.00
C HIS D 92 -34.82 -39.06 42.70
N LEU D 93 -34.83 -37.99 43.49
CA LEU D 93 -33.73 -37.65 44.39
C LEU D 93 -33.87 -38.35 45.74
N SER D 94 -34.91 -39.17 45.90
CA SER D 94 -35.12 -40.04 47.06
C SER D 94 -35.11 -39.31 48.39
N VAL D 95 -35.31 -37.99 48.39
CA VAL D 95 -35.38 -37.22 49.61
C VAL D 95 -36.56 -36.27 49.51
N VAL D 96 -37.27 -36.09 50.62
CA VAL D 96 -38.35 -35.11 50.68
C VAL D 96 -37.79 -33.81 51.23
N PRO D 97 -37.92 -32.71 50.51
CA PRO D 97 -37.46 -31.43 51.04
C PRO D 97 -38.42 -30.88 52.08
N ARG D 98 -37.93 -30.61 53.29
CA ARG D 98 -38.76 -29.96 54.31
C ARG D 98 -38.86 -28.49 53.94
N VAL D 99 -39.82 -28.18 53.06
CA VAL D 99 -39.88 -26.87 52.42
C VAL D 99 -40.57 -25.87 53.32
N GLU D 100 -39.81 -25.29 54.26
CA GLU D 100 -40.30 -24.22 55.12
C GLU D 100 -39.91 -22.89 54.48
N LEU D 101 -40.91 -22.04 54.27
CA LEU D 101 -40.75 -20.89 53.39
C LEU D 101 -40.96 -19.61 54.18
N VAL D 102 -40.29 -19.53 55.33
CA VAL D 102 -40.40 -18.37 56.20
C VAL D 102 -40.08 -17.09 55.42
N ALA D 103 -40.65 -15.97 55.89
CA ALA D 103 -40.45 -14.69 55.23
C ALA D 103 -40.35 -13.62 56.31
N MET D 104 -39.13 -13.20 56.61
CA MET D 104 -38.89 -12.26 57.68
C MET D 104 -39.02 -10.84 57.18
N ASN D 105 -39.20 -9.92 58.12
CA ASN D 105 -39.26 -8.50 57.81
C ASN D 105 -37.85 -7.95 57.61
N GLU D 106 -37.75 -6.63 57.62
CA GLU D 106 -36.46 -5.96 57.54
C GLU D 106 -35.53 -6.48 58.63
N THR D 107 -34.34 -6.92 58.24
CA THR D 107 -33.41 -7.55 59.17
C THR D 107 -32.02 -6.93 59.07
N ASP D 108 -31.40 -6.68 60.31
CA ASP D 108 -30.15 -6.22 60.88
C ASP D 108 -29.26 -7.41 61.24
N PRO D 109 -27.94 -7.25 61.24
CA PRO D 109 -27.06 -8.41 61.39
C PRO D 109 -27.32 -9.21 62.64
N LYS D 110 -27.56 -8.55 63.77
CA LYS D 110 -28.02 -9.26 64.94
C LYS D 110 -29.24 -10.11 64.61
N SER D 111 -30.29 -9.46 64.09
CA SER D 111 -31.47 -10.19 63.67
C SER D 111 -31.16 -11.14 62.52
N ILE D 112 -30.23 -10.77 61.63
CA ILE D 112 -29.86 -11.66 60.54
C ILE D 112 -29.46 -13.02 61.08
N ILE D 113 -28.40 -13.04 61.88
CA ILE D 113 -27.91 -14.29 62.44
C ILE D 113 -28.99 -14.90 63.34
N THR D 114 -29.72 -14.05 64.05
CA THR D 114 -30.77 -14.53 64.92
C THR D 114 -31.73 -15.44 64.18
N ARG D 115 -32.38 -14.92 63.16
CA ARG D 115 -33.34 -15.70 62.40
C ARG D 115 -32.64 -16.88 61.72
N ILE D 116 -31.52 -16.64 61.05
CA ILE D 116 -30.89 -17.70 60.27
C ILE D 116 -30.58 -18.89 61.15
N CYS D 117 -29.93 -18.65 62.29
CA CYS D 117 -29.56 -19.72 63.20
C CYS D 117 -30.74 -20.32 63.93
N ASP D 118 -31.72 -19.51 64.36
CA ASP D 118 -32.93 -20.06 64.94
C ASP D 118 -33.54 -21.09 64.01
N LEU D 119 -33.66 -20.74 62.72
CA LEU D 119 -34.22 -21.68 61.77
C LEU D 119 -33.31 -22.89 61.56
N MET D 120 -32.01 -22.66 61.35
CA MET D 120 -31.09 -23.76 61.11
C MET D 120 -31.03 -24.72 62.29
N SER D 121 -31.43 -24.27 63.47
CA SER D 121 -31.46 -25.15 64.64
C SER D 121 -32.85 -25.68 64.94
N ASP D 122 -33.90 -25.12 64.36
CA ASP D 122 -35.25 -25.63 64.55
C ASP D 122 -35.84 -26.17 63.26
N ARG D 123 -35.90 -25.36 62.21
CA ARG D 123 -36.29 -25.87 60.90
C ARG D 123 -35.16 -26.64 60.25
N LYS D 124 -33.92 -26.46 60.73
CA LYS D 124 -32.82 -27.39 60.48
C LYS D 124 -32.60 -27.59 58.98
N ILE D 125 -32.17 -26.50 58.36
CA ILE D 125 -32.09 -26.37 56.92
C ILE D 125 -30.66 -26.60 56.47
N GLN D 126 -30.40 -27.74 55.83
CA GLN D 126 -29.06 -28.07 55.35
C GLN D 126 -28.87 -27.64 53.90
N GLY D 127 -29.52 -26.55 53.53
CA GLY D 127 -29.19 -25.83 52.32
C GLY D 127 -30.25 -24.78 52.11
N VAL D 128 -29.85 -23.55 51.82
CA VAL D 128 -30.76 -22.42 51.88
C VAL D 128 -30.73 -21.67 50.57
N VAL D 129 -31.62 -20.69 50.47
CA VAL D 129 -31.69 -19.78 49.34
C VAL D 129 -32.08 -18.42 49.89
N PHE D 130 -31.29 -17.41 49.59
CA PHE D 130 -31.53 -16.08 50.12
C PHE D 130 -32.06 -15.17 49.02
N ALA D 131 -32.62 -14.04 49.45
CA ALA D 131 -32.96 -12.95 48.55
C ALA D 131 -33.10 -11.69 49.38
N ASP D 132 -33.01 -10.56 48.70
CA ASP D 132 -33.15 -9.25 49.33
C ASP D 132 -33.49 -8.25 48.24
N ASP D 133 -33.69 -6.99 48.63
CA ASP D 133 -33.89 -5.93 47.65
C ASP D 133 -33.28 -4.66 48.24
N THR D 134 -32.00 -4.44 47.93
CA THR D 134 -31.26 -3.30 48.46
C THR D 134 -29.87 -3.31 47.85
N ASP D 135 -29.20 -2.17 47.97
CA ASP D 135 -27.80 -2.04 47.56
C ASP D 135 -26.89 -2.16 48.79
N GLN D 136 -26.89 -3.37 49.37
CA GLN D 136 -26.05 -3.68 50.53
C GLN D 136 -25.01 -4.70 50.08
N GLU D 137 -23.82 -4.21 49.75
CA GLU D 137 -22.82 -5.01 49.05
C GLU D 137 -21.95 -5.84 49.97
N ALA D 138 -22.44 -6.23 51.15
CA ALA D 138 -21.64 -7.02 52.06
C ALA D 138 -22.40 -8.18 52.69
N ILE D 139 -23.71 -8.24 52.51
CA ILE D 139 -24.51 -9.23 53.24
C ILE D 139 -24.03 -10.64 52.97
N ALA D 140 -23.70 -10.94 51.71
CA ALA D 140 -23.34 -12.31 51.34
C ALA D 140 -22.20 -12.84 52.18
N GLN D 141 -21.17 -12.03 52.40
CA GLN D 141 -20.04 -12.46 53.20
C GLN D 141 -20.46 -12.92 54.58
N ILE D 142 -21.51 -12.33 55.15
CA ILE D 142 -21.95 -12.76 56.48
C ILE D 142 -22.40 -14.20 56.43
N LEU D 143 -23.18 -14.56 55.40
CA LEU D 143 -23.56 -15.96 55.25
C LEU D 143 -22.34 -16.83 55.00
N ASP D 144 -21.41 -16.37 54.15
CA ASP D 144 -20.18 -17.12 53.95
C ASP D 144 -19.55 -17.46 55.29
N PHE D 145 -19.48 -16.47 56.18
CA PHE D 145 -19.01 -16.71 57.53
C PHE D 145 -19.86 -17.75 58.25
N ILE D 146 -21.19 -17.66 58.11
CA ILE D 146 -22.05 -18.67 58.71
C ILE D 146 -21.77 -20.03 58.10
N SER D 147 -21.77 -20.10 56.77
CA SER D 147 -21.53 -21.36 56.07
C SER D 147 -20.21 -22.00 56.45
N ALA D 148 -19.22 -21.22 56.86
CA ALA D 148 -17.90 -21.78 57.14
C ALA D 148 -17.95 -22.79 58.26
N GLN D 149 -18.24 -22.34 59.48
CA GLN D 149 -18.23 -23.24 60.63
C GLN D 149 -19.55 -23.97 60.80
N THR D 150 -20.52 -23.74 59.93
CA THR D 150 -21.73 -24.53 59.96
C THR D 150 -21.81 -25.51 58.80
N LEU D 151 -21.00 -25.33 57.76
CA LEU D 151 -20.96 -26.21 56.59
C LEU D 151 -22.33 -26.26 55.89
N THR D 152 -22.71 -25.10 55.35
CA THR D 152 -24.02 -24.92 54.72
C THR D 152 -23.88 -24.40 53.30
N PRO D 153 -24.20 -25.19 52.27
CA PRO D 153 -24.34 -24.63 50.93
C PRO D 153 -25.42 -23.55 50.92
N ILE D 154 -25.11 -22.42 50.31
CA ILE D 154 -25.99 -21.26 50.32
C ILE D 154 -25.95 -20.61 48.95
N LEU D 155 -27.08 -20.09 48.50
CA LEU D 155 -27.22 -19.54 47.15
C LEU D 155 -27.93 -18.19 47.24
N GLY D 156 -27.15 -17.11 47.35
CA GLY D 156 -27.72 -15.77 47.25
C GLY D 156 -28.19 -15.53 45.84
N ILE D 157 -29.38 -14.95 45.70
CA ILE D 157 -30.06 -14.89 44.40
C ILE D 157 -30.27 -13.45 43.95
N HIS D 158 -31.11 -12.71 44.64
CA HIS D 158 -31.47 -11.41 44.08
C HIS D 158 -30.31 -10.43 44.26
N GLY D 159 -30.36 -9.34 43.49
CA GLY D 159 -29.38 -8.28 43.56
C GLY D 159 -29.13 -7.83 44.99
N GLY D 160 -27.87 -7.79 45.41
CA GLY D 160 -27.57 -7.71 46.82
C GLY D 160 -26.71 -8.88 47.21
N SER D 161 -27.28 -9.82 47.96
CA SER D 161 -26.54 -10.97 48.48
C SER D 161 -25.94 -11.84 47.39
N SER D 162 -26.12 -11.47 46.13
CA SER D 162 -25.51 -12.18 45.02
C SER D 162 -24.48 -11.34 44.28
N MET D 163 -24.18 -10.13 44.78
CA MET D 163 -23.21 -9.27 44.12
C MET D 163 -21.83 -9.92 44.13
N ILE D 164 -20.93 -9.35 43.33
CA ILE D 164 -19.62 -9.94 43.09
C ILE D 164 -18.78 -9.84 44.36
N MET D 165 -18.38 -10.99 44.89
CA MET D 165 -17.50 -11.07 46.05
C MET D 165 -16.31 -11.96 45.71
N ALA D 166 -15.11 -11.40 45.80
CA ALA D 166 -13.97 -12.01 45.13
C ALA D 166 -13.40 -13.21 45.87
N ASP D 167 -12.88 -13.00 47.08
CA ASP D 167 -12.03 -13.99 47.74
C ASP D 167 -12.61 -14.33 49.10
N LYS D 168 -13.09 -15.56 49.24
CA LYS D 168 -13.61 -16.07 50.50
C LYS D 168 -12.72 -17.21 50.98
N ASP D 169 -13.04 -17.73 52.16
CA ASP D 169 -12.25 -18.80 52.75
C ASP D 169 -12.30 -20.05 51.89
N GLU D 170 -11.42 -20.99 52.21
CA GLU D 170 -11.30 -22.20 51.41
C GLU D 170 -12.15 -23.34 51.92
N SER D 171 -12.77 -23.20 53.09
CA SER D 171 -13.50 -24.30 53.70
C SER D 171 -15.00 -24.26 53.45
N SER D 172 -15.56 -23.07 53.23
CA SER D 172 -17.00 -22.93 53.14
C SER D 172 -17.52 -23.49 51.82
N MET D 173 -18.83 -23.30 51.59
CA MET D 173 -19.50 -23.83 50.40
C MET D 173 -20.50 -22.84 49.83
N PHE D 174 -20.41 -21.57 50.20
CA PHE D 174 -21.38 -20.58 49.80
C PHE D 174 -21.12 -20.10 48.38
N PHE D 175 -22.14 -20.19 47.52
CA PHE D 175 -22.02 -19.84 46.10
C PHE D 175 -22.91 -18.64 45.81
N GLN D 176 -23.09 -18.33 44.53
CA GLN D 176 -23.78 -17.10 44.17
C GLN D 176 -24.38 -17.24 42.78
N PHE D 177 -25.08 -16.18 42.35
CA PHE D 177 -25.50 -15.98 40.97
C PHE D 177 -24.91 -14.68 40.45
N GLY D 178 -24.46 -14.71 39.20
CA GLY D 178 -23.90 -13.54 38.59
C GLY D 178 -22.53 -13.80 37.99
N PRO D 179 -22.07 -12.87 37.17
CA PRO D 179 -20.81 -13.07 36.47
C PRO D 179 -19.61 -12.50 37.21
N SER D 180 -18.56 -13.31 37.29
CA SER D 180 -17.27 -12.79 37.74
C SER D 180 -16.65 -11.95 36.63
N ILE D 181 -15.72 -11.08 37.03
CA ILE D 181 -15.19 -10.10 36.09
C ILE D 181 -14.46 -10.73 34.92
N GLU D 182 -14.09 -12.01 35.03
CA GLU D 182 -13.48 -12.70 33.89
C GLU D 182 -14.46 -12.79 32.73
N GLN D 183 -15.65 -13.36 32.97
CA GLN D 183 -16.64 -13.43 31.92
C GLN D 183 -17.12 -12.04 31.53
N GLN D 184 -17.33 -11.18 32.53
CA GLN D 184 -17.75 -9.81 32.27
C GLN D 184 -16.71 -9.01 31.51
N ALA D 185 -15.52 -9.55 31.33
CA ALA D 185 -14.54 -8.95 30.43
C ALA D 185 -14.48 -9.65 29.09
N SER D 186 -14.54 -10.98 29.07
CA SER D 186 -14.48 -11.70 27.81
C SER D 186 -15.63 -11.31 26.90
N VAL D 187 -16.82 -11.08 27.45
CA VAL D 187 -17.91 -10.66 26.59
C VAL D 187 -17.59 -9.31 25.97
N MET D 188 -16.84 -8.46 26.68
CA MET D 188 -16.38 -7.21 26.09
C MET D 188 -15.60 -7.47 24.81
N LEU D 189 -14.67 -8.42 24.86
CA LEU D 189 -13.88 -8.73 23.67
C LEU D 189 -14.76 -9.28 22.56
N ASN D 190 -15.72 -10.13 22.89
CA ASN D 190 -16.57 -10.66 21.83
C ASN D 190 -17.42 -9.56 21.19
N ILE D 191 -17.89 -8.58 21.97
CA ILE D 191 -18.54 -7.43 21.38
C ILE D 191 -17.62 -6.72 20.41
N MET D 192 -16.43 -6.35 20.87
CA MET D 192 -15.53 -5.61 20.00
C MET D 192 -15.24 -6.38 18.73
N GLU D 193 -15.12 -7.71 18.82
CA GLU D 193 -14.82 -8.49 17.63
C GLU D 193 -16.00 -8.49 16.66
N GLU D 194 -17.18 -8.89 17.13
CA GLU D 194 -18.32 -9.09 16.26
C GLU D 194 -18.58 -7.88 15.37
N TYR D 195 -18.27 -6.67 15.83
CA TYR D 195 -18.52 -5.48 15.03
C TYR D 195 -17.25 -4.89 14.44
N ASP D 196 -16.15 -5.63 14.50
CA ASP D 196 -14.98 -5.36 13.67
C ASP D 196 -14.34 -4.01 13.98
N TRP D 197 -14.09 -3.78 15.26
CA TRP D 197 -13.08 -2.83 15.71
C TRP D 197 -12.30 -3.49 16.83
N TYR D 198 -10.99 -3.27 16.84
CA TYR D 198 -10.11 -4.09 17.65
C TYR D 198 -9.51 -3.28 18.78
N ILE D 199 -9.31 -3.96 19.93
CA ILE D 199 -9.14 -3.37 21.25
C ILE D 199 -8.20 -2.19 21.23
N PHE D 200 -8.56 -1.16 21.95
CA PHE D 200 -7.69 -0.01 22.13
C PHE D 200 -7.56 0.23 23.62
N SER D 201 -7.06 1.42 23.98
CA SER D 201 -6.49 1.68 25.30
C SER D 201 -7.39 1.22 26.44
N ILE D 202 -6.76 0.87 27.55
CA ILE D 202 -7.42 0.61 28.83
C ILE D 202 -7.17 1.80 29.73
N VAL D 203 -8.12 2.12 30.60
CA VAL D 203 -7.95 3.14 31.63
C VAL D 203 -8.47 2.56 32.94
N THR D 204 -7.78 2.83 34.03
CA THR D 204 -8.01 2.09 35.27
C THR D 204 -7.77 3.00 36.47
N THR D 205 -8.36 2.63 37.60
CA THR D 205 -8.09 3.24 38.90
C THR D 205 -7.60 2.18 39.87
N TYR D 206 -7.17 2.64 41.04
CA TYR D 206 -6.57 1.76 42.02
C TYR D 206 -7.58 0.90 42.75
N PHE D 207 -8.85 0.96 42.38
CA PHE D 207 -9.84 0.12 43.04
C PHE D 207 -9.47 -1.35 42.86
N PRO D 208 -9.69 -2.18 43.88
CA PRO D 208 -9.25 -3.57 43.80
C PRO D 208 -9.85 -4.30 42.61
N GLY D 209 -9.05 -5.21 42.05
CA GLY D 209 -9.44 -6.03 40.91
C GLY D 209 -8.53 -5.92 39.71
N TYR D 210 -7.96 -4.73 39.44
CA TYR D 210 -7.27 -4.51 38.17
C TYR D 210 -6.14 -5.53 37.96
N GLN D 211 -5.44 -5.89 39.03
CA GLN D 211 -4.38 -6.87 38.93
C GLN D 211 -4.91 -8.26 38.59
N ASP D 212 -6.23 -8.40 38.46
CA ASP D 212 -6.83 -9.57 37.87
C ASP D 212 -7.69 -9.23 36.66
N PHE D 213 -7.81 -7.96 36.31
CA PHE D 213 -8.53 -7.55 35.12
C PHE D 213 -7.62 -7.50 33.90
N VAL D 214 -6.51 -6.77 33.99
CA VAL D 214 -5.65 -6.62 32.81
C VAL D 214 -5.08 -7.96 32.36
N ASN D 215 -4.92 -8.90 33.29
CA ASN D 215 -4.40 -10.21 32.94
C ASN D 215 -5.37 -10.98 32.04
N LYS D 216 -6.68 -10.84 32.26
CA LYS D 216 -7.63 -11.59 31.46
C LYS D 216 -7.66 -11.13 30.02
N ILE D 217 -7.35 -9.85 29.77
CA ILE D 217 -7.15 -9.41 28.40
C ILE D 217 -5.81 -9.89 27.88
N ARG D 218 -4.74 -9.62 28.63
CA ARG D 218 -3.41 -9.96 28.12
C ARG D 218 -3.15 -11.46 28.09
N SER D 219 -4.14 -12.29 28.40
CA SER D 219 -4.10 -13.71 28.08
C SER D 219 -5.16 -14.10 27.07
N THR D 220 -5.85 -13.13 26.48
CA THR D 220 -6.73 -13.36 25.34
C THR D 220 -6.48 -12.40 24.20
N ILE D 221 -5.84 -11.26 24.44
CA ILE D 221 -5.35 -10.40 23.37
C ILE D 221 -4.29 -11.07 22.54
N GLU D 222 -3.82 -12.25 22.96
CA GLU D 222 -2.66 -12.92 22.40
C GLU D 222 -2.97 -14.29 21.80
N ASN D 223 -3.64 -15.18 22.54
CA ASN D 223 -3.92 -16.52 22.06
C ASN D 223 -5.09 -16.51 21.06
N SER D 224 -4.92 -15.71 20.02
CA SER D 224 -5.92 -15.61 18.97
C SER D 224 -5.27 -15.04 17.73
N PHE D 225 -5.34 -15.79 16.64
CA PHE D 225 -4.62 -15.41 15.43
C PHE D 225 -5.12 -14.09 14.84
N VAL D 226 -6.19 -13.51 15.38
CA VAL D 226 -6.68 -12.24 14.86
C VAL D 226 -5.70 -11.13 15.21
N GLY D 227 -5.88 -9.98 14.57
CA GLY D 227 -4.95 -8.88 14.73
C GLY D 227 -5.28 -7.89 15.83
N TRP D 228 -5.15 -8.31 17.09
CA TRP D 228 -5.30 -7.38 18.18
C TRP D 228 -4.16 -6.36 18.17
N GLU D 229 -4.36 -5.28 18.91
CA GLU D 229 -3.32 -4.28 19.12
C GLU D 229 -3.42 -3.82 20.56
N LEU D 230 -2.75 -2.71 20.89
CA LEU D 230 -2.81 -2.18 22.24
C LEU D 230 -2.39 -0.73 22.24
N GLU D 231 -2.78 -0.04 23.31
CA GLU D 231 -2.37 1.34 23.51
C GLU D 231 -1.88 1.53 24.94
N GLU D 232 -1.63 2.76 25.33
CA GLU D 232 -1.04 3.05 26.63
C GLU D 232 -1.98 2.58 27.74
N VAL D 233 -1.56 1.54 28.47
CA VAL D 233 -2.32 1.05 29.61
C VAL D 233 -2.09 2.02 30.77
N LEU D 234 -2.97 2.99 30.91
CA LEU D 234 -2.80 4.03 31.92
C LEU D 234 -3.01 3.44 33.30
N LEU D 235 -2.80 4.28 34.32
CA LEU D 235 -3.10 3.90 35.70
C LEU D 235 -3.16 5.19 36.50
N LEU D 236 -4.34 5.57 36.95
CA LEU D 236 -4.51 6.87 37.58
C LEU D 236 -4.22 6.79 39.08
N ASP D 237 -4.53 7.89 39.77
CA ASP D 237 -4.63 7.92 41.22
C ASP D 237 -5.43 9.15 41.57
N MET D 238 -6.49 8.98 42.35
CA MET D 238 -7.51 10.01 42.47
C MET D 238 -7.57 10.71 43.82
N SER D 239 -7.62 9.97 44.93
CA SER D 239 -7.94 10.55 46.23
C SER D 239 -6.88 11.48 46.77
N LEU D 240 -5.85 11.79 45.98
CA LEU D 240 -4.98 12.92 46.32
C LEU D 240 -5.62 14.20 45.80
N ASP D 241 -5.72 15.20 46.68
CA ASP D 241 -6.32 16.47 46.31
C ASP D 241 -5.31 17.50 45.86
N ASP D 242 -4.03 17.15 45.81
CA ASP D 242 -3.00 18.03 45.29
C ASP D 242 -2.52 17.64 43.90
N GLY D 243 -2.94 16.48 43.40
CA GLY D 243 -2.49 15.99 42.11
C GLY D 243 -3.52 16.14 41.01
N ASP D 244 -4.44 17.09 41.15
CA ASP D 244 -5.36 17.37 40.05
C ASP D 244 -4.63 17.86 38.82
N SER D 245 -3.38 18.30 38.97
CA SER D 245 -2.49 18.56 37.85
C SER D 245 -1.77 17.31 37.37
N LYS D 246 -2.18 16.13 37.84
CA LYS D 246 -1.54 14.87 37.44
C LYS D 246 -2.54 13.80 37.06
N ILE D 247 -3.80 14.17 36.79
CA ILE D 247 -4.76 13.24 36.24
C ILE D 247 -5.23 13.67 34.85
N GLN D 248 -5.64 14.93 34.71
CA GLN D 248 -5.90 15.47 33.37
C GLN D 248 -4.67 15.31 32.48
N ASN D 249 -3.49 15.60 33.03
CA ASN D 249 -2.24 15.42 32.31
C ASN D 249 -1.98 13.94 31.99
N GLN D 250 -2.62 13.03 32.70
CA GLN D 250 -2.44 11.61 32.40
C GLN D 250 -3.45 11.11 31.38
N LEU D 251 -4.63 11.72 31.32
CA LEU D 251 -5.66 11.32 30.36
C LEU D 251 -5.69 12.21 29.13
N LYS D 252 -4.74 13.12 28.98
CA LYS D 252 -4.61 13.90 27.76
C LYS D 252 -3.68 13.23 26.74
N LYS D 253 -3.51 11.91 26.82
CA LYS D 253 -2.58 11.19 25.97
C LYS D 253 -3.25 9.93 25.40
N LEU D 254 -4.44 10.09 24.82
CA LEU D 254 -5.16 8.99 24.19
C LEU D 254 -5.75 9.46 22.87
N GLN D 255 -5.55 8.67 21.81
CA GLN D 255 -6.05 8.97 20.48
C GLN D 255 -6.64 7.71 19.85
N SER D 256 -7.49 7.02 20.59
CA SER D 256 -8.03 5.76 20.13
C SER D 256 -9.55 5.78 20.16
N PRO D 257 -10.19 5.02 19.28
CA PRO D 257 -11.66 5.02 19.22
C PRO D 257 -12.33 4.39 20.42
N ILE D 258 -11.87 3.21 20.84
CA ILE D 258 -12.51 2.44 21.90
C ILE D 258 -11.67 2.56 23.16
N ILE D 259 -12.34 2.64 24.31
CA ILE D 259 -11.69 2.87 25.59
C ILE D 259 -12.49 2.15 26.66
N LEU D 260 -11.83 1.24 27.37
CA LEU D 260 -12.45 0.53 28.48
C LEU D 260 -12.47 1.42 29.72
N LEU D 261 -12.72 0.81 30.87
CA LEU D 261 -12.74 1.50 32.16
C LEU D 261 -12.92 0.44 33.24
N TYR D 262 -12.48 0.76 34.45
CA TYR D 262 -12.75 -0.13 35.58
C TYR D 262 -12.58 0.67 36.88
N CYS D 263 -13.69 1.13 37.44
CA CYS D 263 -13.63 1.98 38.63
C CYS D 263 -14.92 1.80 39.40
N THR D 264 -15.24 2.77 40.26
CA THR D 264 -16.53 2.80 40.94
C THR D 264 -17.17 4.17 40.73
N LYS D 265 -18.48 4.24 41.02
CA LYS D 265 -19.31 5.36 40.56
C LYS D 265 -18.74 6.71 41.01
N GLU D 266 -18.24 6.78 42.24
CA GLU D 266 -17.65 8.03 42.72
C GLU D 266 -16.52 8.48 41.81
N GLU D 267 -15.56 7.61 41.56
CA GLU D 267 -14.49 7.96 40.63
C GLU D 267 -15.00 8.02 39.20
N ALA D 268 -16.08 7.31 38.89
CA ALA D 268 -16.62 7.33 37.54
C ALA D 268 -17.08 8.72 37.15
N THR D 269 -17.98 9.29 37.93
CA THR D 269 -18.47 10.64 37.64
C THR D 269 -17.32 11.62 37.60
N TYR D 270 -16.32 11.46 38.48
CA TYR D 270 -15.20 12.38 38.50
C TYR D 270 -14.39 12.30 37.22
N ILE D 271 -14.04 11.09 36.79
CA ILE D 271 -13.25 10.94 35.56
C ILE D 271 -14.03 11.51 34.38
N PHE D 272 -15.29 11.12 34.23
CA PHE D 272 -16.05 11.63 33.11
C PHE D 272 -16.22 13.13 33.16
N GLU D 273 -16.29 13.72 34.36
CA GLU D 273 -16.35 15.16 34.47
C GLU D 273 -15.03 15.80 34.09
N VAL D 274 -13.92 15.12 34.33
CA VAL D 274 -12.64 15.63 33.87
C VAL D 274 -12.31 15.13 32.47
N ALA D 275 -12.77 13.92 32.11
CA ALA D 275 -12.56 13.44 30.75
C ALA D 275 -13.26 14.33 29.73
N ASN D 276 -14.52 14.68 29.98
CA ASN D 276 -15.22 15.63 29.13
C ASN D 276 -14.42 16.91 28.93
N SER D 277 -13.48 17.20 29.82
CA SER D 277 -12.58 18.33 29.66
C SER D 277 -11.28 17.95 28.96
N VAL D 278 -11.22 16.76 28.35
CA VAL D 278 -10.03 16.32 27.64
C VAL D 278 -10.30 16.13 26.15
N GLY D 279 -11.54 15.79 25.79
CA GLY D 279 -11.88 15.56 24.40
C GLY D 279 -12.05 14.10 24.05
N LEU D 280 -12.76 13.36 24.92
CA LEU D 280 -12.95 11.94 24.69
C LEU D 280 -14.36 11.45 25.00
N THR D 281 -15.34 12.32 25.19
CA THR D 281 -16.67 11.89 25.58
C THR D 281 -17.73 12.10 24.51
N GLY D 282 -17.49 12.99 23.54
CA GLY D 282 -18.52 13.36 22.60
C GLY D 282 -18.66 12.40 21.44
N TYR D 283 -18.55 12.92 20.22
CA TYR D 283 -18.69 12.10 19.03
C TYR D 283 -17.34 11.51 18.63
N GLY D 284 -17.36 10.23 18.27
CA GLY D 284 -16.19 9.54 17.76
C GLY D 284 -15.71 8.39 18.63
N TYR D 285 -15.82 8.51 19.95
CA TYR D 285 -15.36 7.46 20.84
C TYR D 285 -16.56 6.83 21.53
N THR D 286 -16.34 5.63 22.05
CA THR D 286 -17.42 4.85 22.65
C THR D 286 -16.88 4.19 23.91
N TRP D 287 -16.97 4.90 25.03
CA TRP D 287 -16.53 4.33 26.29
C TRP D 287 -17.39 3.14 26.63
N ILE D 288 -16.78 2.09 27.17
CA ILE D 288 -17.51 0.91 27.63
C ILE D 288 -17.12 0.66 29.07
N VAL D 289 -18.01 0.05 29.85
CA VAL D 289 -17.78 -0.12 31.28
C VAL D 289 -18.38 -1.43 31.77
N PRO D 290 -17.67 -2.20 32.59
CA PRO D 290 -18.28 -3.39 33.19
C PRO D 290 -19.28 -3.04 34.28
N SER D 291 -19.77 -4.06 34.97
CA SER D 291 -21.02 -3.98 35.73
C SER D 291 -20.96 -3.10 36.96
N LEU D 292 -19.81 -2.54 37.34
CA LEU D 292 -19.79 -1.77 38.58
C LEU D 292 -20.45 -0.42 38.43
N VAL D 293 -20.34 0.22 37.27
CA VAL D 293 -21.20 1.38 37.02
C VAL D 293 -22.63 0.92 36.79
N ALA D 294 -22.83 -0.36 36.53
CA ALA D 294 -24.18 -0.92 36.43
C ALA D 294 -24.69 -1.24 37.84
N GLY D 295 -25.05 -0.17 38.55
CA GLY D 295 -25.60 -0.31 39.88
C GLY D 295 -27.07 0.09 39.92
N ASP D 296 -27.35 1.25 40.50
CA ASP D 296 -28.73 1.75 40.54
C ASP D 296 -29.11 2.17 39.13
N THR D 297 -29.77 1.25 38.41
CA THR D 297 -29.96 1.43 36.98
C THR D 297 -31.03 2.48 36.69
N ASP D 298 -30.89 3.67 37.26
CA ASP D 298 -31.76 4.78 36.93
C ASP D 298 -31.04 6.13 36.98
N THR D 299 -29.71 6.16 37.09
CA THR D 299 -28.98 7.40 37.32
C THR D 299 -28.41 7.94 36.02
N VAL D 300 -28.33 9.26 35.93
CA VAL D 300 -27.71 9.96 34.81
C VAL D 300 -26.99 11.22 35.30
N PRO D 301 -25.91 11.09 36.08
CA PRO D 301 -25.14 12.28 36.44
C PRO D 301 -24.71 13.05 35.20
N SER D 302 -24.91 14.36 35.25
CA SER D 302 -24.80 15.22 34.07
C SER D 302 -23.49 15.04 33.32
N GLU D 303 -22.43 14.62 33.98
CA GLU D 303 -21.16 14.43 33.30
C GLU D 303 -21.13 13.16 32.47
N PHE D 304 -22.12 12.28 32.60
CA PHE D 304 -22.17 11.10 31.73
C PHE D 304 -22.59 11.50 30.32
N PRO D 305 -21.87 11.08 29.29
CA PRO D 305 -22.32 11.30 27.92
C PRO D 305 -23.10 10.10 27.41
N THR D 306 -23.66 10.27 26.22
CA THR D 306 -24.47 9.22 25.61
C THR D 306 -23.59 8.06 25.15
N GLY D 307 -24.22 7.07 24.55
CA GLY D 307 -23.51 5.97 23.92
C GLY D 307 -22.75 5.07 24.85
N LEU D 308 -22.70 5.37 26.14
CA LEU D 308 -21.96 4.55 27.07
C LEU D 308 -22.54 3.15 27.14
N ILE D 309 -21.78 2.16 26.72
CA ILE D 309 -22.21 0.77 26.70
C ILE D 309 -21.75 0.08 27.97
N SER D 310 -22.32 -1.08 28.27
CA SER D 310 -21.96 -1.82 29.46
C SER D 310 -22.38 -3.27 29.31
N VAL D 311 -22.42 -3.97 30.43
CA VAL D 311 -22.91 -5.34 30.51
C VAL D 311 -23.33 -5.60 31.94
N SER D 312 -24.47 -6.27 32.10
CA SER D 312 -25.00 -6.60 33.42
C SER D 312 -26.17 -7.56 33.22
N TYR D 313 -26.88 -7.85 34.31
CA TYR D 313 -28.20 -8.45 34.23
C TYR D 313 -28.85 -8.36 35.59
N ASP D 314 -30.05 -7.78 35.67
CA ASP D 314 -30.70 -7.62 36.97
C ASP D 314 -32.01 -8.39 37.08
N GLU D 315 -33.01 -8.10 36.25
CA GLU D 315 -34.28 -8.82 36.36
C GLU D 315 -34.96 -9.11 35.02
N TRP D 316 -34.56 -8.46 33.93
CA TRP D 316 -35.35 -8.50 32.70
C TRP D 316 -35.50 -9.90 32.14
N ASP D 317 -34.65 -10.84 32.55
CA ASP D 317 -34.69 -12.16 31.96
C ASP D 317 -35.56 -13.12 32.77
N TYR D 318 -35.20 -13.37 34.02
CA TYR D 318 -35.87 -14.38 34.81
C TYR D 318 -36.47 -13.73 36.05
N GLY D 319 -37.75 -13.99 36.27
CA GLY D 319 -38.41 -13.48 37.45
C GLY D 319 -38.09 -14.30 38.67
N LEU D 320 -38.35 -13.70 39.84
CA LEU D 320 -38.07 -14.35 41.11
C LEU D 320 -38.63 -15.77 41.22
N PRO D 321 -39.90 -16.04 40.86
CA PRO D 321 -40.41 -17.40 41.04
C PRO D 321 -39.57 -18.47 40.36
N ALA D 322 -39.37 -18.36 39.04
CA ALA D 322 -38.47 -19.32 38.38
C ALA D 322 -37.06 -19.20 38.93
N ARG D 323 -36.63 -17.98 39.27
CA ARG D 323 -35.32 -17.81 39.89
C ARG D 323 -35.24 -18.60 41.19
N VAL D 324 -36.20 -18.42 42.09
CA VAL D 324 -36.16 -19.26 43.28
C VAL D 324 -36.48 -20.69 42.92
N ARG D 325 -37.26 -20.90 41.86
CA ARG D 325 -37.40 -22.24 41.33
C ARG D 325 -36.06 -22.74 40.81
N ASP D 326 -35.31 -21.88 40.12
CA ASP D 326 -33.95 -22.24 39.72
C ASP D 326 -33.14 -22.72 40.91
N GLY D 327 -33.24 -21.99 42.03
CA GLY D 327 -32.44 -22.33 43.20
C GLY D 327 -32.85 -23.65 43.81
N ILE D 328 -34.15 -23.82 44.05
CA ILE D 328 -34.63 -25.08 44.61
C ILE D 328 -34.26 -26.23 43.72
N ALA D 329 -34.36 -26.04 42.40
CA ALA D 329 -33.94 -27.07 41.48
C ALA D 329 -32.46 -27.40 41.66
N ILE D 330 -31.62 -26.37 41.78
CA ILE D 330 -30.19 -26.61 41.95
C ILE D 330 -29.95 -27.44 43.19
N ILE D 331 -30.49 -27.00 44.34
CA ILE D 331 -30.19 -27.67 45.58
C ILE D 331 -30.76 -29.07 45.59
N THR D 332 -31.92 -29.27 44.97
CA THR D 332 -32.53 -30.58 44.98
C THR D 332 -31.85 -31.53 44.01
N THR D 333 -31.39 -31.02 42.86
CA THR D 333 -30.58 -31.83 41.96
C THR D 333 -29.28 -32.23 42.62
N ALA D 334 -28.69 -31.33 43.42
CA ALA D 334 -27.56 -31.72 44.24
C ALA D 334 -27.94 -32.84 45.20
N ALA D 335 -29.04 -32.67 45.92
CA ALA D 335 -29.55 -33.71 46.80
C ALA D 335 -29.80 -35.02 46.07
N SER D 336 -30.00 -34.96 44.75
CA SER D 336 -30.16 -36.18 43.98
C SER D 336 -28.83 -36.90 43.82
N ASP D 337 -27.86 -36.23 43.21
CA ASP D 337 -26.73 -36.91 42.61
C ASP D 337 -25.89 -37.65 43.66
N MET D 338 -25.36 -36.91 44.65
CA MET D 338 -24.55 -37.57 45.67
C MET D 338 -25.37 -38.63 46.41
N LEU D 339 -26.58 -38.27 46.83
CA LEU D 339 -27.45 -39.22 47.51
C LEU D 339 -28.06 -40.25 46.56
N SER D 340 -27.68 -40.22 45.29
CA SER D 340 -27.96 -41.35 44.40
C SER D 340 -26.69 -42.06 43.95
N GLU D 341 -25.60 -41.32 43.73
CA GLU D 341 -24.30 -41.96 43.58
C GLU D 341 -23.98 -42.80 44.80
N HIS D 342 -24.41 -42.36 45.97
CA HIS D 342 -24.18 -43.05 47.23
C HIS D 342 -25.46 -43.01 48.05
N SER D 343 -25.42 -43.49 49.29
CA SER D 343 -26.59 -43.43 50.14
C SER D 343 -26.21 -42.95 51.54
N PHE D 344 -25.43 -41.87 51.60
CA PHE D 344 -25.06 -41.23 52.86
C PHE D 344 -25.42 -39.76 52.78
N ILE D 345 -26.14 -39.27 53.78
CA ILE D 345 -26.69 -37.91 53.76
C ILE D 345 -26.19 -37.17 54.99
N PRO D 346 -25.97 -35.86 54.91
CA PRO D 346 -25.54 -35.10 56.09
C PRO D 346 -26.45 -35.29 57.30
N GLU D 347 -25.95 -34.88 58.45
CA GLU D 347 -26.50 -35.09 59.79
C GLU D 347 -27.10 -33.81 60.36
N PRO D 348 -28.11 -33.96 61.22
CA PRO D 348 -28.75 -32.79 61.83
C PRO D 348 -27.96 -32.24 63.02
N LYS D 349 -27.00 -31.37 62.75
CA LYS D 349 -26.21 -30.75 63.81
C LYS D 349 -27.11 -30.09 64.86
N SER D 350 -26.54 -29.91 66.06
CA SER D 350 -27.33 -29.41 67.18
C SER D 350 -27.61 -27.92 67.06
N SER D 351 -26.56 -27.10 66.95
CA SER D 351 -26.74 -25.65 66.90
C SER D 351 -25.65 -25.05 66.02
N CYS D 352 -25.76 -23.73 65.81
CA CYS D 352 -24.78 -23.03 64.99
C CYS D 352 -23.81 -22.21 65.84
N TYR D 353 -24.29 -21.64 66.94
CA TYR D 353 -23.38 -20.95 67.86
C TYR D 353 -23.32 -21.54 69.25
N ASN D 354 -24.43 -21.68 69.94
CA ASN D 354 -24.34 -22.14 71.33
C ASN D 354 -24.42 -23.66 71.44
N THR D 355 -23.46 -24.34 70.80
CA THR D 355 -23.26 -25.75 71.07
C THR D 355 -22.50 -25.95 72.37
N HIS D 356 -21.31 -25.36 72.47
CA HIS D 356 -20.44 -25.39 73.65
C HIS D 356 -19.88 -26.79 73.88
N GLU D 357 -20.34 -27.76 73.10
CA GLU D 357 -19.73 -29.08 73.04
C GLU D 357 -19.71 -29.65 71.64
N LYS D 358 -20.46 -29.08 70.70
CA LYS D 358 -20.53 -29.56 69.32
C LYS D 358 -19.85 -28.57 68.37
N ARG D 359 -18.79 -27.93 68.83
CA ARG D 359 -17.88 -27.25 67.91
C ARG D 359 -16.89 -28.22 67.30
N ILE D 360 -16.66 -29.35 67.97
CA ILE D 360 -15.76 -30.39 67.49
C ILE D 360 -16.60 -31.54 66.94
N TYR D 361 -16.56 -31.72 65.63
CA TYR D 361 -17.30 -32.80 64.98
C TYR D 361 -16.68 -33.07 63.62
N GLN D 362 -17.23 -34.04 62.91
CA GLN D 362 -16.73 -34.37 61.58
C GLN D 362 -17.37 -33.45 60.53
N SER D 363 -16.76 -33.45 59.35
CA SER D 363 -17.27 -32.70 58.21
C SER D 363 -17.33 -33.61 56.99
N ASN D 364 -18.17 -33.25 56.02
CA ASN D 364 -18.35 -34.01 54.80
C ASN D 364 -18.00 -33.16 53.59
N MET D 365 -17.99 -33.79 52.43
CA MET D 365 -17.51 -33.14 51.22
C MET D 365 -18.51 -33.20 50.08
N LEU D 366 -19.76 -32.83 50.35
CA LEU D 366 -20.73 -32.69 49.26
C LEU D 366 -20.32 -31.56 48.33
N ASN D 367 -19.56 -30.60 48.85
CA ASN D 367 -19.22 -29.37 48.14
C ASN D 367 -18.37 -29.63 46.91
N ARG D 368 -18.12 -30.89 46.59
CA ARG D 368 -17.48 -31.26 45.34
C ARG D 368 -18.49 -31.64 44.26
N TYR D 369 -19.61 -32.25 44.65
CA TYR D 369 -20.60 -32.72 43.70
C TYR D 369 -21.58 -31.64 43.25
N LEU D 370 -21.24 -30.37 43.41
CA LEU D 370 -22.06 -29.26 42.94
C LEU D 370 -21.35 -28.46 41.85
N ILE D 371 -20.74 -29.16 40.90
CA ILE D 371 -20.02 -28.47 39.84
C ILE D 371 -20.67 -28.73 38.47
N ASN D 372 -21.00 -29.99 38.20
CA ASN D 372 -21.50 -30.40 36.89
C ASN D 372 -22.91 -30.94 37.09
N VAL D 373 -23.89 -30.03 37.13
CA VAL D 373 -25.27 -30.38 37.39
C VAL D 373 -26.15 -29.38 36.65
N THR D 374 -27.22 -29.88 36.02
CA THR D 374 -28.13 -29.06 35.24
C THR D 374 -29.56 -29.25 35.74
N PHE D 375 -30.50 -28.61 35.03
CA PHE D 375 -31.93 -28.63 35.37
C PHE D 375 -32.68 -29.68 34.57
N GLU D 376 -32.07 -30.84 34.35
CA GLU D 376 -32.56 -31.80 33.38
C GLU D 376 -32.72 -31.10 32.03
N GLY D 377 -31.78 -30.19 31.76
CA GLY D 377 -31.90 -29.22 30.69
C GLY D 377 -30.73 -28.26 30.66
N ARG D 378 -31.03 -26.96 30.57
CA ARG D 378 -30.00 -25.94 30.39
C ARG D 378 -28.87 -26.10 31.41
N ASP D 379 -27.67 -25.73 30.98
CA ASP D 379 -26.47 -25.92 31.80
C ASP D 379 -26.49 -24.97 32.98
N LEU D 380 -26.62 -25.53 34.18
CA LEU D 380 -26.42 -24.79 35.42
C LEU D 380 -25.20 -25.30 36.16
N SER D 381 -24.12 -25.55 35.41
CA SER D 381 -22.88 -26.01 36.01
C SER D 381 -22.29 -24.92 36.90
N PHE D 382 -21.56 -25.35 37.93
CA PHE D 382 -20.93 -24.43 38.86
C PHE D 382 -19.45 -24.70 38.98
N SER D 383 -18.73 -23.67 39.42
CA SER D 383 -17.29 -23.74 39.57
C SER D 383 -16.92 -24.48 40.85
N GLU D 384 -15.62 -24.46 41.15
CA GLU D 384 -15.14 -24.70 42.49
C GLU D 384 -14.89 -23.39 43.24
N ASP D 385 -14.64 -22.31 42.50
CA ASP D 385 -14.52 -20.97 43.07
C ASP D 385 -15.89 -20.37 43.35
N GLY D 386 -16.77 -20.40 42.35
CA GLY D 386 -18.14 -20.00 42.55
C GLY D 386 -18.60 -18.78 41.78
N TYR D 387 -19.21 -19.06 40.63
CA TYR D 387 -20.05 -18.15 39.84
C TYR D 387 -20.63 -19.01 38.73
N GLN D 388 -21.60 -18.47 38.01
CA GLN D 388 -22.25 -19.25 36.96
C GLN D 388 -21.26 -19.54 35.85
N MET D 389 -21.07 -20.83 35.55
CA MET D 389 -20.10 -21.23 34.53
C MET D 389 -20.39 -20.52 33.21
N HIS D 390 -21.55 -20.79 32.62
CA HIS D 390 -21.98 -20.11 31.41
C HIS D 390 -23.12 -19.18 31.77
N PRO D 391 -22.83 -17.95 32.17
CA PRO D 391 -23.88 -17.07 32.69
C PRO D 391 -24.67 -16.39 31.59
N LYS D 392 -25.88 -16.00 31.94
CA LYS D 392 -26.81 -15.36 31.01
C LYS D 392 -26.80 -13.86 31.29
N LEU D 393 -26.17 -13.11 30.42
CA LEU D 393 -26.05 -11.67 30.58
C LEU D 393 -26.74 -10.96 29.43
N VAL D 394 -26.76 -9.63 29.51
CA VAL D 394 -27.30 -8.81 28.43
C VAL D 394 -26.29 -7.72 28.12
N ILE D 395 -26.66 -6.87 27.17
CA ILE D 395 -25.85 -5.74 26.73
C ILE D 395 -26.77 -4.55 26.59
N ILE D 396 -26.35 -3.39 27.08
CA ILE D 396 -27.22 -2.24 27.17
C ILE D 396 -26.53 -1.03 26.57
N LEU D 397 -27.25 -0.30 25.73
CA LEU D 397 -26.80 0.98 25.22
C LEU D 397 -27.53 2.09 25.95
N LEU D 398 -26.79 3.03 26.52
CA LEU D 398 -27.41 4.14 27.22
C LEU D 398 -28.12 5.02 26.20
N ASN D 399 -29.43 4.88 26.11
CA ASN D 399 -30.21 5.62 25.14
C ASN D 399 -30.20 7.10 25.45
N LYS D 400 -30.66 7.90 24.50
CA LYS D 400 -30.88 9.32 24.74
C LYS D 400 -32.22 9.59 25.41
N GLU D 401 -32.88 8.55 25.90
CA GLU D 401 -34.04 8.68 26.77
C GLU D 401 -33.65 8.54 28.23
N ARG D 402 -32.36 8.50 28.53
CA ARG D 402 -31.85 8.32 29.88
C ARG D 402 -32.42 7.06 30.51
N LYS D 403 -32.48 5.99 29.74
CA LYS D 403 -32.91 4.69 30.21
C LYS D 403 -31.89 3.65 29.74
N TRP D 404 -32.18 2.38 30.02
CA TRP D 404 -31.26 1.29 29.68
C TRP D 404 -32.04 0.21 28.93
N GLU D 405 -31.68 -0.01 27.66
CA GLU D 405 -32.39 -0.87 26.74
C GLU D 405 -32.07 -2.34 26.99
N ARG D 406 -32.38 -3.18 26.01
CA ARG D 406 -31.87 -4.55 25.93
C ARG D 406 -31.52 -4.79 24.46
N VAL D 407 -30.24 -4.84 24.14
CA VAL D 407 -29.83 -4.95 22.75
C VAL D 407 -28.91 -6.15 22.53
N GLY D 408 -29.11 -7.23 23.29
CA GLY D 408 -28.32 -8.42 23.05
C GLY D 408 -28.64 -9.49 24.07
N LYS D 409 -27.86 -10.56 24.00
CA LYS D 409 -27.91 -11.66 24.96
C LYS D 409 -26.80 -12.64 24.62
N TRP D 410 -26.28 -13.31 25.65
CA TRP D 410 -25.10 -14.14 25.52
C TRP D 410 -25.42 -15.52 26.07
N LYS D 411 -25.03 -16.55 25.35
CA LYS D 411 -25.22 -17.91 25.83
C LYS D 411 -24.30 -18.83 25.02
N ASP D 412 -23.34 -19.45 25.70
CA ASP D 412 -22.40 -20.39 25.09
C ASP D 412 -21.72 -19.78 23.86
N LYS D 413 -21.05 -18.65 24.09
CA LYS D 413 -20.23 -17.98 23.08
C LYS D 413 -21.05 -17.65 21.84
N SER D 414 -22.02 -16.76 22.03
CA SER D 414 -22.88 -16.33 20.94
C SER D 414 -23.18 -14.85 21.10
N LEU D 415 -23.54 -14.20 20.01
CA LEU D 415 -24.03 -12.84 20.07
C LEU D 415 -25.08 -12.63 18.99
N GLN D 416 -26.23 -12.14 19.41
CA GLN D 416 -27.34 -11.85 18.51
C GLN D 416 -27.95 -10.52 18.92
N MET D 417 -27.87 -9.55 18.03
CA MET D 417 -28.25 -8.18 18.35
C MET D 417 -29.45 -7.76 17.53
N LYS D 418 -30.28 -6.92 18.14
CA LYS D 418 -31.40 -6.34 17.40
C LYS D 418 -30.94 -5.43 16.28
N TYR D 419 -29.66 -5.15 16.18
CA TYR D 419 -29.11 -4.32 15.11
C TYR D 419 -28.10 -5.13 14.31
N TYR D 420 -28.18 -5.02 12.98
CA TYR D 420 -27.11 -5.55 12.14
C TYR D 420 -25.93 -4.61 12.12
N VAL D 421 -26.14 -3.40 11.62
CA VAL D 421 -25.11 -2.37 11.57
C VAL D 421 -25.29 -1.47 12.77
N TRP D 422 -24.21 -1.00 13.34
CA TRP D 422 -24.33 -0.19 14.54
C TRP D 422 -24.76 1.23 14.19
N PRO D 423 -25.72 1.78 14.93
CA PRO D 423 -26.24 3.11 14.60
C PRO D 423 -25.34 4.23 15.08
N ARG D 424 -25.79 5.47 14.96
CA ARG D 424 -25.02 6.61 15.40
C ARG D 424 -25.86 7.44 16.37
N MET D 425 -25.18 8.40 17.01
CA MET D 425 -25.84 9.30 17.95
C MET D 425 -25.46 10.75 17.67
N ASP D 434 -22.88 12.23 6.04
CA ASP D 434 -22.85 10.90 6.63
C ASP D 434 -21.69 10.07 6.06
N ASP D 435 -20.52 10.21 6.67
CA ASP D 435 -19.33 9.49 6.20
C ASP D 435 -19.52 7.99 6.20
N HIS D 436 -20.59 7.49 6.79
CA HIS D 436 -20.93 6.09 6.67
C HIS D 436 -22.06 5.95 5.66
N LEU D 437 -21.90 5.02 4.73
CA LEU D 437 -22.91 4.76 3.72
C LEU D 437 -23.25 3.28 3.73
N SER D 438 -24.14 2.90 2.84
CA SER D 438 -24.53 1.51 2.66
C SER D 438 -24.73 1.26 1.18
N ILE D 439 -23.87 0.44 0.59
CA ILE D 439 -23.87 0.21 -0.84
C ILE D 439 -24.22 -1.24 -1.12
N VAL D 440 -24.76 -1.48 -2.30
CA VAL D 440 -25.29 -2.78 -2.69
C VAL D 440 -24.38 -3.41 -3.73
N THR D 441 -24.24 -4.72 -3.65
CA THR D 441 -23.48 -5.51 -4.61
C THR D 441 -24.35 -6.64 -5.13
N LEU D 442 -23.77 -7.49 -5.96
CA LEU D 442 -24.54 -8.57 -6.57
C LEU D 442 -23.89 -9.92 -6.37
N GLU D 443 -24.42 -10.95 -7.04
CA GLU D 443 -24.25 -12.31 -6.57
C GLU D 443 -23.07 -13.04 -7.21
N GLU D 444 -23.08 -13.20 -8.53
CA GLU D 444 -22.21 -14.19 -9.18
C GLU D 444 -21.61 -13.64 -10.46
N ALA D 445 -21.09 -12.43 -10.40
CA ALA D 445 -20.23 -11.94 -11.47
C ALA D 445 -18.87 -12.61 -11.35
N PRO D 446 -17.96 -12.37 -12.29
CA PRO D 446 -16.54 -12.69 -12.05
C PRO D 446 -15.75 -11.56 -11.42
N PHE D 447 -16.44 -10.52 -10.93
CA PHE D 447 -15.79 -9.39 -10.30
C PHE D 447 -16.00 -9.32 -8.80
N VAL D 448 -17.09 -9.90 -8.28
CA VAL D 448 -17.40 -9.90 -6.86
C VAL D 448 -17.82 -11.30 -6.46
N ILE D 449 -16.91 -12.05 -5.86
CA ILE D 449 -17.14 -13.44 -5.53
C ILE D 449 -17.51 -13.54 -4.05
N VAL D 450 -18.54 -14.32 -3.75
CA VAL D 450 -18.96 -14.57 -2.37
C VAL D 450 -18.32 -15.86 -1.88
N GLU D 451 -17.87 -15.87 -0.63
CA GLU D 451 -17.22 -17.03 -0.07
C GLU D 451 -17.61 -17.19 1.39
N SER D 452 -18.24 -18.31 1.73
CA SER D 452 -18.66 -18.55 3.10
C SER D 452 -17.45 -18.70 4.02
N VAL D 453 -17.65 -18.37 5.29
CA VAL D 453 -16.56 -18.28 6.25
C VAL D 453 -16.35 -19.63 6.91
N ASP D 454 -15.12 -19.87 7.35
CA ASP D 454 -14.37 -20.83 8.14
C ASP D 454 -13.63 -20.10 9.26
N PRO D 455 -13.76 -20.54 10.50
CA PRO D 455 -13.26 -19.75 11.64
C PRO D 455 -11.75 -19.73 11.79
N LEU D 456 -11.01 -20.11 10.73
CA LEU D 456 -9.55 -20.14 10.76
C LEU D 456 -8.95 -18.96 11.50
N SER D 457 -9.49 -17.76 11.29
CA SER D 457 -9.16 -16.59 12.09
C SER D 457 -10.40 -16.02 12.78
N GLY D 458 -11.41 -16.85 13.00
CA GLY D 458 -12.62 -16.43 13.68
C GLY D 458 -13.58 -15.62 12.84
N THR D 459 -13.06 -14.95 11.81
CA THR D 459 -13.86 -14.14 10.91
C THR D 459 -13.03 -13.83 9.67
N CYS D 460 -13.71 -13.80 8.51
CA CYS D 460 -13.08 -13.54 7.22
C CYS D 460 -12.09 -12.38 7.29
N MET D 461 -10.85 -12.64 6.89
CA MET D 461 -9.77 -11.67 6.91
C MET D 461 -8.92 -11.81 5.64
N ARG D 462 -7.76 -11.14 5.64
CA ARG D 462 -6.76 -11.33 4.60
C ARG D 462 -7.28 -10.98 3.21
N ASN D 463 -7.50 -9.69 2.95
CA ASN D 463 -7.89 -9.08 1.67
C ASN D 463 -9.38 -9.12 1.39
N THR D 464 -10.21 -9.48 2.35
CA THR D 464 -11.65 -9.46 2.12
C THR D 464 -12.28 -8.31 2.89
N VAL D 465 -13.58 -8.16 2.71
CA VAL D 465 -14.40 -7.22 3.47
C VAL D 465 -15.73 -7.92 3.74
N PRO D 466 -16.32 -7.76 4.92
CA PRO D 466 -17.55 -8.51 5.21
C PRO D 466 -18.77 -7.94 4.49
N CYS D 467 -19.78 -8.80 4.33
CA CYS D 467 -21.00 -8.45 3.62
C CYS D 467 -22.16 -9.29 4.13
N GLN D 468 -23.38 -8.74 4.00
CA GLN D 468 -24.56 -9.31 4.64
C GLN D 468 -25.71 -9.48 3.66
N LYS D 469 -26.59 -10.43 4.01
CA LYS D 469 -27.77 -10.75 3.19
C LYS D 469 -28.76 -11.49 4.07
N ARG D 470 -29.87 -10.83 4.39
CA ARG D 470 -30.82 -11.33 5.38
C ARG D 470 -31.78 -12.30 4.71
N ILE D 471 -31.48 -13.59 4.81
CA ILE D 471 -32.28 -14.65 4.22
C ILE D 471 -33.36 -15.06 5.20
N ILE D 472 -34.54 -15.38 4.69
CA ILE D 472 -35.64 -15.85 5.52
C ILE D 472 -36.69 -16.48 4.60
N SER D 473 -37.52 -17.34 5.18
CA SER D 473 -38.64 -17.93 4.47
C SER D 473 -39.66 -18.39 5.52
N GLU D 474 -40.79 -18.92 5.03
CA GLU D 474 -41.91 -19.32 5.88
C GLU D 474 -42.40 -18.14 6.72
N ASN D 475 -42.91 -17.14 6.00
CA ASN D 475 -43.27 -15.84 6.55
C ASN D 475 -44.17 -15.92 7.77
N LYS D 476 -44.91 -17.01 7.96
CA LYS D 476 -45.79 -17.13 9.12
C LYS D 476 -45.02 -17.29 10.42
N THR D 477 -43.70 -17.49 10.36
CA THR D 477 -42.91 -17.67 11.58
C THR D 477 -43.01 -16.49 12.54
N ASP D 478 -43.18 -15.27 12.02
CA ASP D 478 -43.41 -14.08 12.83
C ASP D 478 -42.28 -13.83 13.83
N GLU D 479 -41.12 -14.44 13.59
CA GLU D 479 -39.96 -14.24 14.46
C GLU D 479 -39.20 -13.00 13.98
N GLU D 480 -38.00 -12.81 14.48
CA GLU D 480 -37.18 -11.72 13.95
C GLU D 480 -36.69 -12.08 12.56
N PRO D 481 -37.03 -11.31 11.53
CA PRO D 481 -36.66 -11.71 10.16
C PRO D 481 -35.26 -11.24 9.79
N GLY D 482 -34.54 -12.12 9.10
CA GLY D 482 -33.20 -11.84 8.62
C GLY D 482 -32.27 -13.04 8.78
N TYR D 483 -31.01 -12.80 8.47
CA TYR D 483 -29.99 -13.85 8.55
C TYR D 483 -28.60 -13.21 8.56
N ILE D 484 -27.58 -14.05 8.33
CA ILE D 484 -26.18 -13.69 8.29
C ILE D 484 -25.68 -13.91 6.87
N LYS D 485 -24.52 -13.34 6.54
CA LYS D 485 -23.89 -13.62 5.25
C LYS D 485 -22.37 -13.54 5.38
N LYS D 486 -21.69 -13.66 4.25
CA LYS D 486 -20.29 -14.01 4.15
C LYS D 486 -19.42 -12.80 3.85
N CYS D 487 -18.18 -13.06 3.45
CA CYS D 487 -17.21 -12.04 3.05
C CYS D 487 -17.08 -11.98 1.54
N CYS D 488 -16.84 -10.78 1.02
CA CYS D 488 -16.91 -10.49 -0.41
C CYS D 488 -15.57 -9.96 -0.92
N LYS D 489 -14.96 -10.67 -1.88
CA LYS D 489 -13.72 -10.22 -2.49
C LYS D 489 -13.79 -10.29 -4.00
N GLY D 490 -12.73 -9.86 -4.69
CA GLY D 490 -12.68 -9.99 -6.13
C GLY D 490 -12.07 -8.81 -6.88
N PHE D 491 -12.67 -8.44 -8.01
CA PHE D 491 -12.19 -7.31 -8.78
C PHE D 491 -12.87 -6.00 -8.37
N CYS D 492 -14.20 -5.95 -8.47
CA CYS D 492 -14.89 -4.74 -8.05
C CYS D 492 -14.72 -4.47 -6.57
N ILE D 493 -14.64 -5.52 -5.75
CA ILE D 493 -14.28 -5.34 -4.35
C ILE D 493 -12.96 -4.59 -4.25
N ASP D 494 -11.98 -4.98 -5.07
CA ASP D 494 -10.69 -4.34 -5.05
C ASP D 494 -10.78 -2.87 -5.44
N ILE D 495 -11.43 -2.56 -6.55
CA ILE D 495 -11.54 -1.14 -6.90
C ILE D 495 -12.28 -0.39 -5.83
N LEU D 496 -13.23 -1.04 -5.16
CA LEU D 496 -13.97 -0.40 -4.08
C LEU D 496 -13.05 0.04 -2.96
N LYS D 497 -12.18 -0.87 -2.50
CA LYS D 497 -11.32 -0.54 -1.36
C LYS D 497 -10.45 0.67 -1.66
N LYS D 498 -9.89 0.72 -2.86
CA LYS D 498 -9.04 1.83 -3.24
C LYS D 498 -9.81 3.12 -3.42
N ILE D 499 -11.06 3.06 -3.85
CA ILE D 499 -11.87 4.26 -3.84
C ILE D 499 -12.10 4.72 -2.41
N SER D 500 -12.32 3.76 -1.52
CA SER D 500 -12.73 4.09 -0.16
C SER D 500 -11.60 4.79 0.59
N LYS D 501 -10.45 4.14 0.72
CA LYS D 501 -9.38 4.71 1.52
C LYS D 501 -8.66 5.83 0.81
N SER D 502 -9.25 6.37 -0.26
CA SER D 502 -8.72 7.53 -0.93
C SER D 502 -9.74 8.64 -1.14
N VAL D 503 -11.02 8.38 -0.91
CA VAL D 503 -12.01 9.46 -0.82
C VAL D 503 -12.56 9.60 0.59
N LYS D 504 -12.09 8.79 1.54
CA LYS D 504 -12.29 9.02 2.97
C LYS D 504 -13.76 8.98 3.38
N PHE D 505 -14.37 7.82 3.19
CA PHE D 505 -15.62 7.51 3.86
C PHE D 505 -15.50 6.13 4.49
N THR D 506 -16.58 5.68 5.10
CA THR D 506 -16.70 4.30 5.54
C THR D 506 -17.99 3.75 4.95
N TYR D 507 -17.99 2.45 4.67
CA TYR D 507 -19.04 1.82 3.89
C TYR D 507 -19.59 0.61 4.63
N ASP D 508 -20.60 0.00 4.01
CA ASP D 508 -21.01 -1.34 4.40
C ASP D 508 -21.84 -1.95 3.26
N LEU D 509 -21.54 -3.20 2.95
CA LEU D 509 -22.19 -3.93 1.89
C LEU D 509 -23.35 -4.74 2.43
N TYR D 510 -24.43 -4.82 1.65
CA TYR D 510 -25.44 -5.83 1.89
C TYR D 510 -25.91 -6.37 0.57
N LEU D 511 -25.78 -7.69 0.39
CA LEU D 511 -26.22 -8.35 -0.82
C LEU D 511 -27.71 -8.14 -1.02
N VAL D 512 -28.16 -8.18 -2.26
CA VAL D 512 -29.58 -8.03 -2.54
C VAL D 512 -30.18 -9.42 -2.70
N THR D 513 -31.38 -9.61 -2.16
CA THR D 513 -32.03 -10.92 -2.12
C THR D 513 -33.27 -10.99 -3.01
N ASN D 514 -34.21 -10.06 -2.83
CA ASN D 514 -35.42 -10.02 -3.64
C ASN D 514 -35.45 -8.74 -4.46
N GLY D 515 -36.39 -8.68 -5.40
CA GLY D 515 -36.34 -7.63 -6.39
C GLY D 515 -35.07 -7.76 -7.17
N LYS D 516 -34.97 -8.82 -7.97
CA LYS D 516 -33.70 -9.31 -8.48
C LYS D 516 -33.04 -8.29 -9.40
N HIS D 517 -31.83 -8.64 -9.84
CA HIS D 517 -30.93 -7.78 -10.62
C HIS D 517 -31.67 -6.90 -11.61
N GLY D 518 -31.34 -5.61 -11.59
CA GLY D 518 -32.12 -4.54 -12.20
C GLY D 518 -32.80 -4.84 -13.52
N LYS D 519 -34.11 -4.61 -13.57
CA LYS D 519 -34.91 -4.83 -14.76
C LYS D 519 -36.25 -4.11 -14.56
N LYS D 520 -37.16 -4.30 -15.50
CA LYS D 520 -38.43 -3.59 -15.51
C LYS D 520 -39.57 -4.55 -15.23
N ILE D 521 -40.51 -4.12 -14.40
CA ILE D 521 -41.70 -4.88 -14.05
C ILE D 521 -42.83 -3.91 -13.77
N ASN D 522 -44.01 -4.18 -14.34
CA ASN D 522 -45.24 -3.42 -14.09
C ASN D 522 -45.06 -1.92 -14.25
N GLY D 523 -44.01 -1.48 -14.95
CA GLY D 523 -43.76 -0.07 -15.05
C GLY D 523 -43.13 0.56 -13.83
N THR D 524 -42.91 -0.20 -12.77
CA THR D 524 -42.14 0.28 -11.62
C THR D 524 -40.68 -0.10 -11.81
N TRP D 525 -39.88 0.09 -10.77
CA TRP D 525 -38.44 -0.18 -10.85
C TRP D 525 -37.97 -0.94 -9.62
N ASN D 526 -38.01 -2.27 -9.69
CA ASN D 526 -37.34 -3.07 -8.69
C ASN D 526 -35.86 -3.10 -9.04
N GLY D 527 -35.10 -3.90 -8.28
CA GLY D 527 -33.77 -4.28 -8.70
C GLY D 527 -32.62 -3.44 -8.22
N MET D 528 -31.47 -3.62 -8.85
CA MET D 528 -30.25 -2.95 -8.45
C MET D 528 -30.24 -1.50 -8.87
N ILE D 529 -31.36 -0.98 -9.35
CA ILE D 529 -31.56 0.44 -9.47
C ILE D 529 -32.68 0.91 -8.54
N GLY D 530 -33.74 0.11 -8.39
CA GLY D 530 -34.79 0.46 -7.45
C GLY D 530 -34.27 0.57 -6.03
N GLU D 531 -33.43 -0.37 -5.63
CA GLU D 531 -32.83 -0.33 -4.31
C GLU D 531 -31.74 0.72 -4.20
N VAL D 532 -31.68 1.63 -5.18
CA VAL D 532 -30.95 2.88 -5.04
C VAL D 532 -31.86 4.07 -5.24
N VAL D 533 -33.06 3.85 -5.79
CA VAL D 533 -34.02 4.93 -5.87
C VAL D 533 -34.92 4.97 -4.65
N MET D 534 -35.05 3.87 -3.92
CA MET D 534 -35.80 3.84 -2.67
C MET D 534 -34.92 4.13 -1.45
N LYS D 535 -33.69 4.60 -1.67
CA LYS D 535 -32.77 5.05 -0.63
C LYS D 535 -32.52 4.00 0.45
N ARG D 536 -32.86 2.74 0.20
CA ARG D 536 -32.39 1.68 1.09
C ARG D 536 -30.89 1.49 0.99
N ALA D 537 -30.26 2.14 0.02
CA ALA D 537 -28.81 2.15 -0.11
C ALA D 537 -28.37 3.48 -0.70
N TYR D 538 -27.13 3.60 -1.06
CA TYR D 538 -26.72 4.88 -1.60
C TYR D 538 -25.99 4.75 -2.92
N MET D 539 -25.28 3.66 -3.15
CA MET D 539 -24.62 3.42 -4.42
C MET D 539 -24.73 1.94 -4.77
N ALA D 540 -24.45 1.63 -6.03
CA ALA D 540 -24.34 0.25 -6.48
C ALA D 540 -23.04 0.09 -7.23
N VAL D 541 -22.27 -0.93 -6.86
CA VAL D 541 -21.02 -1.27 -7.51
C VAL D 541 -21.09 -2.73 -7.95
N GLY D 542 -20.57 -3.00 -9.14
CA GLY D 542 -20.62 -4.33 -9.70
C GLY D 542 -21.25 -4.34 -11.09
N SER D 543 -21.94 -5.43 -11.40
CA SER D 543 -22.42 -5.67 -12.75
C SER D 543 -23.55 -4.73 -13.14
N LEU D 544 -23.23 -3.72 -13.92
CA LEU D 544 -24.22 -2.81 -14.48
C LEU D 544 -23.92 -2.55 -15.95
N THR D 545 -24.56 -1.50 -16.48
CA THR D 545 -24.27 -1.02 -17.82
C THR D 545 -24.69 0.43 -17.85
N ILE D 546 -24.60 1.06 -19.01
CA ILE D 546 -25.14 2.40 -19.20
C ILE D 546 -25.99 2.37 -20.46
N ASN D 547 -27.28 2.08 -20.29
CA ASN D 547 -28.23 2.18 -21.38
C ASN D 547 -29.10 3.41 -21.16
N GLU D 548 -30.14 3.56 -21.98
CA GLU D 548 -31.01 4.71 -21.87
C GLU D 548 -32.18 4.49 -20.92
N GLU D 549 -32.24 3.35 -20.22
CA GLU D 549 -33.30 3.08 -19.27
C GLU D 549 -32.82 2.96 -17.83
N ARG D 550 -31.75 2.19 -17.59
CA ARG D 550 -31.19 2.14 -16.24
C ARG D 550 -30.50 3.43 -15.86
N SER D 551 -30.56 4.47 -16.68
CA SER D 551 -29.92 5.74 -16.38
C SER D 551 -30.88 6.92 -16.39
N GLU D 552 -32.18 6.67 -16.41
CA GLU D 552 -33.11 7.76 -16.19
C GLU D 552 -33.48 7.89 -14.72
N VAL D 553 -33.37 6.80 -13.96
CA VAL D 553 -33.68 6.78 -12.55
C VAL D 553 -32.48 7.19 -11.69
N VAL D 554 -31.37 6.46 -11.79
CA VAL D 554 -30.17 6.77 -11.04
C VAL D 554 -29.15 7.40 -11.98
N ASP D 555 -28.03 7.85 -11.42
CA ASP D 555 -26.95 8.39 -12.22
C ASP D 555 -25.74 7.47 -12.19
N PHE D 556 -24.75 7.78 -13.02
CA PHE D 556 -23.65 6.86 -13.29
C PHE D 556 -22.31 7.55 -13.21
N SER D 557 -21.28 6.73 -13.02
CA SER D 557 -19.89 7.15 -12.91
C SER D 557 -19.24 7.11 -14.28
N VAL D 558 -17.91 7.18 -14.31
CA VAL D 558 -17.13 6.97 -15.52
C VAL D 558 -16.69 5.52 -15.55
N PRO D 559 -16.99 4.77 -16.60
CA PRO D 559 -16.85 3.32 -16.54
C PRO D 559 -15.39 2.89 -16.48
N PHE D 560 -15.19 1.69 -15.96
CA PHE D 560 -13.85 1.24 -15.67
C PHE D 560 -13.47 -0.08 -16.33
N ILE D 561 -14.26 -0.58 -17.26
CA ILE D 561 -13.86 -1.59 -18.24
C ILE D 561 -14.39 -1.11 -19.58
N GLU D 562 -14.28 -1.95 -20.59
CA GLU D 562 -15.10 -1.80 -21.78
C GLU D 562 -15.87 -3.08 -22.00
N THR D 563 -17.05 -2.96 -22.59
CA THR D 563 -17.87 -4.13 -22.87
C THR D 563 -18.84 -3.82 -23.99
N GLY D 564 -19.28 -4.88 -24.64
CA GLY D 564 -20.17 -4.73 -25.77
C GLY D 564 -20.35 -6.03 -26.49
N ILE D 565 -21.18 -5.99 -27.53
CA ILE D 565 -21.47 -7.20 -28.28
C ILE D 565 -20.26 -7.52 -29.15
N SER D 566 -19.70 -8.70 -28.94
CA SER D 566 -18.50 -9.16 -29.62
C SER D 566 -18.78 -10.49 -30.29
N VAL D 567 -17.74 -11.12 -30.79
CA VAL D 567 -17.86 -12.39 -31.50
C VAL D 567 -16.96 -13.38 -30.78
N MET D 568 -16.90 -14.61 -31.25
CA MET D 568 -15.89 -15.56 -30.79
C MET D 568 -15.74 -16.64 -31.84
N VAL D 569 -14.50 -16.87 -32.30
CA VAL D 569 -14.22 -17.71 -33.44
C VAL D 569 -13.14 -18.72 -33.06
N SER D 570 -12.73 -19.51 -34.05
CA SER D 570 -11.63 -20.46 -33.89
C SER D 570 -10.37 -19.88 -34.51
N ARG D 571 -9.33 -20.70 -34.64
CA ARG D 571 -8.02 -20.21 -35.06
C ARG D 571 -7.53 -20.74 -36.40
N SER D 572 -8.23 -21.69 -37.02
CA SER D 572 -7.86 -22.24 -38.33
C SER D 572 -6.47 -22.89 -38.31
N ASN D 573 -6.38 -23.98 -37.56
CA ASN D 573 -5.18 -24.82 -37.55
C ASN D 573 -4.84 -25.32 -38.94
N GLY D 574 -3.70 -24.88 -39.49
CA GLY D 574 -3.21 -25.38 -40.76
C GLY D 574 -3.20 -24.38 -41.89
N THR D 575 -2.01 -24.07 -42.42
CA THR D 575 -1.90 -23.09 -43.50
C THR D 575 -0.87 -23.50 -44.55
N VAL D 576 -0.86 -24.76 -44.97
CA VAL D 576 0.10 -25.21 -45.99
C VAL D 576 -0.10 -24.41 -47.26
N SER D 577 0.95 -23.71 -47.68
CA SER D 577 0.88 -22.91 -48.89
C SER D 577 0.92 -23.82 -50.11
N PRO D 578 -0.11 -23.82 -50.95
CA PRO D 578 -0.17 -24.78 -52.07
C PRO D 578 0.67 -24.42 -53.28
N SER D 579 1.34 -23.27 -53.29
CA SER D 579 2.20 -22.86 -54.39
C SER D 579 3.67 -22.82 -53.97
N ALA D 580 4.07 -23.77 -53.12
CA ALA D 580 5.45 -23.79 -52.66
C ALA D 580 6.40 -24.40 -53.67
N PHE D 581 5.97 -25.46 -54.35
CA PHE D 581 6.87 -26.26 -55.18
C PHE D 581 7.44 -25.48 -56.36
N LEU D 582 7.16 -24.19 -56.46
CA LEU D 582 7.92 -23.30 -57.33
C LEU D 582 8.26 -22.00 -56.63
N GLU D 583 8.07 -21.93 -55.33
CA GLU D 583 8.27 -20.71 -54.55
C GLU D 583 9.74 -20.38 -54.23
N PRO D 584 10.60 -21.35 -53.86
CA PRO D 584 11.89 -20.98 -53.24
C PRO D 584 12.74 -20.06 -54.09
N PHE D 585 13.11 -20.51 -55.28
CA PHE D 585 14.04 -19.74 -56.09
C PHE D 585 13.27 -18.81 -56.99
N SER D 586 13.68 -17.55 -57.00
CA SER D 586 13.02 -16.57 -57.87
C SER D 586 13.20 -16.98 -59.33
N ALA D 587 12.41 -16.38 -60.21
CA ALA D 587 12.56 -16.63 -61.63
C ALA D 587 13.89 -16.15 -62.19
N CYS D 588 14.68 -15.45 -61.37
CA CYS D 588 15.98 -14.99 -61.82
C CYS D 588 16.96 -16.15 -62.00
N VAL D 589 16.77 -17.27 -61.30
CA VAL D 589 17.71 -18.37 -61.37
C VAL D 589 17.09 -19.63 -61.98
N TRP D 590 15.81 -19.90 -61.72
CA TRP D 590 15.18 -21.12 -62.20
C TRP D 590 15.33 -21.26 -63.71
N VAL D 591 15.24 -20.14 -64.46
CA VAL D 591 15.44 -20.18 -65.91
C VAL D 591 16.90 -20.04 -66.28
N MET D 592 17.72 -19.40 -65.46
CA MET D 592 19.15 -19.39 -65.72
C MET D 592 19.71 -20.79 -65.74
N MET D 593 19.09 -21.72 -64.99
CA MET D 593 19.55 -23.11 -65.07
C MET D 593 19.45 -23.64 -66.49
N PHE D 594 18.28 -23.46 -67.13
CA PHE D 594 18.12 -23.95 -68.50
C PHE D 594 18.97 -23.16 -69.49
N VAL D 595 19.15 -21.86 -69.26
CA VAL D 595 20.00 -21.08 -70.16
C VAL D 595 21.42 -21.61 -70.13
N MET D 596 21.99 -21.77 -68.94
CA MET D 596 23.32 -22.36 -68.82
C MET D 596 23.35 -23.77 -69.38
N LEU D 597 22.22 -24.49 -69.30
CA LEU D 597 22.16 -25.79 -69.96
C LEU D 597 22.38 -25.66 -71.46
N LEU D 598 21.71 -24.71 -72.09
CA LEU D 598 21.90 -24.49 -73.53
C LEU D 598 23.36 -24.18 -73.84
N ILE D 599 23.95 -23.26 -73.07
CA ILE D 599 25.35 -22.90 -73.31
C ILE D 599 26.25 -24.12 -73.23
N VAL D 600 26.15 -24.86 -72.12
CA VAL D 600 27.03 -26.00 -71.95
C VAL D 600 26.77 -27.08 -72.98
N SER D 601 25.54 -27.19 -73.49
CA SER D 601 25.29 -28.17 -74.54
C SER D 601 26.01 -27.81 -75.83
N ALA D 602 25.87 -26.55 -76.26
CA ALA D 602 26.57 -26.13 -77.47
C ALA D 602 28.07 -26.34 -77.32
N VAL D 603 28.63 -25.96 -76.17
CA VAL D 603 30.07 -26.10 -76.02
C VAL D 603 30.47 -27.56 -75.91
N ALA D 604 29.59 -28.44 -75.40
CA ALA D 604 29.91 -29.87 -75.39
C ALA D 604 29.97 -30.40 -76.82
N VAL D 605 29.10 -29.92 -77.69
CA VAL D 605 29.18 -30.29 -79.10
C VAL D 605 30.52 -29.87 -79.69
N PHE D 606 30.86 -28.59 -79.51
CA PHE D 606 32.16 -28.11 -80.00
C PHE D 606 33.31 -28.96 -79.46
N VAL D 607 33.24 -29.35 -78.19
CA VAL D 607 34.28 -30.20 -77.62
C VAL D 607 34.34 -31.52 -78.35
N PHE D 608 33.21 -32.22 -78.45
CA PHE D 608 33.21 -33.54 -79.08
C PHE D 608 33.73 -33.50 -80.51
N GLU D 609 33.63 -32.34 -81.18
CA GLU D 609 34.14 -32.24 -82.55
C GLU D 609 35.55 -32.82 -82.67
N TYR D 610 36.38 -32.62 -81.65
CA TYR D 610 37.78 -33.02 -81.73
C TYR D 610 37.99 -34.38 -81.08
N PHE D 631 24.71 -35.11 -83.79
CA PHE D 631 25.39 -36.39 -83.65
C PHE D 631 25.53 -36.73 -82.17
N THR D 632 25.41 -35.72 -81.33
CA THR D 632 25.28 -35.89 -79.90
C THR D 632 24.24 -34.95 -79.30
N ILE D 633 23.64 -34.10 -80.13
CA ILE D 633 22.77 -33.02 -79.65
C ILE D 633 21.67 -33.56 -78.74
N GLY D 634 20.81 -34.44 -79.29
CA GLY D 634 19.77 -35.04 -78.50
C GLY D 634 20.29 -35.80 -77.31
N LYS D 635 21.34 -36.60 -77.50
CA LYS D 635 21.99 -37.22 -76.37
C LYS D 635 22.62 -36.20 -75.43
N ALA D 636 22.97 -35.02 -75.93
CA ALA D 636 23.57 -34.02 -75.07
C ALA D 636 22.55 -33.45 -74.09
N ILE D 637 21.51 -32.82 -74.61
CA ILE D 637 20.56 -32.15 -73.71
C ILE D 637 19.84 -33.16 -72.83
N TRP D 638 19.68 -34.39 -73.32
CA TRP D 638 19.08 -35.41 -72.50
C TRP D 638 19.99 -35.78 -71.34
N LEU D 639 21.30 -35.76 -71.56
CA LEU D 639 22.22 -36.16 -70.50
C LEU D 639 22.31 -35.10 -69.41
N LEU D 640 22.18 -33.83 -69.77
CA LEU D 640 22.38 -32.76 -68.82
C LEU D 640 21.07 -32.32 -68.17
N TRP D 641 20.12 -33.24 -68.04
CA TRP D 641 18.91 -33.05 -67.26
C TRP D 641 18.82 -34.03 -66.11
N GLY D 642 18.96 -35.32 -66.41
CA GLY D 642 18.87 -36.34 -65.39
C GLY D 642 19.79 -36.13 -64.22
N LEU D 643 20.93 -35.48 -64.42
CA LEU D 643 21.86 -35.28 -63.33
C LEU D 643 21.60 -34.00 -62.54
N VAL D 644 21.03 -32.97 -63.15
CA VAL D 644 20.52 -31.87 -62.34
C VAL D 644 19.37 -32.36 -61.48
N PHE D 645 18.54 -33.23 -62.02
CA PHE D 645 17.56 -33.94 -61.21
C PHE D 645 18.20 -35.26 -60.77
N ASN D 646 17.40 -36.23 -60.33
CA ASN D 646 17.97 -37.47 -59.82
C ASN D 646 18.84 -38.19 -60.85
N ASN D 647 18.22 -38.73 -61.90
CA ASN D 647 18.96 -39.46 -62.92
C ASN D 647 18.02 -39.91 -64.01
N SER D 648 18.57 -40.14 -65.19
CA SER D 648 17.90 -40.89 -66.24
C SER D 648 18.26 -42.36 -66.08
N VAL D 649 18.00 -43.16 -67.11
CA VAL D 649 18.61 -44.48 -67.21
C VAL D 649 20.05 -44.24 -67.63
N PRO D 650 20.99 -45.12 -67.31
CA PRO D 650 22.34 -44.99 -67.86
C PRO D 650 22.31 -44.87 -69.37
N VAL D 651 22.86 -43.77 -69.87
CA VAL D 651 22.80 -43.43 -71.28
C VAL D 651 24.22 -43.20 -71.78
N GLN D 652 24.42 -43.39 -73.08
CA GLN D 652 25.75 -43.38 -73.68
C GLN D 652 26.22 -41.95 -73.89
N ASN D 653 27.30 -41.83 -74.67
CA ASN D 653 27.98 -40.61 -75.08
C ASN D 653 28.58 -39.75 -73.97
N PRO D 654 29.21 -40.33 -72.94
CA PRO D 654 30.34 -39.62 -72.34
C PRO D 654 31.62 -39.94 -73.07
N LYS D 655 32.18 -39.00 -73.83
CA LYS D 655 33.42 -39.24 -74.57
C LYS D 655 34.05 -37.89 -74.92
N GLY D 656 35.25 -37.95 -75.46
CA GLY D 656 35.96 -36.74 -75.80
C GLY D 656 36.83 -36.34 -74.62
N THR D 657 38.13 -36.57 -74.70
CA THR D 657 38.96 -36.62 -73.51
C THR D 657 39.17 -35.27 -72.86
N THR D 658 38.41 -34.25 -73.27
CA THR D 658 38.32 -33.04 -72.48
C THR D 658 36.90 -32.71 -72.08
N SER D 659 35.89 -33.26 -72.74
CA SER D 659 34.55 -33.20 -72.20
C SER D 659 34.44 -33.91 -70.87
N LYS D 660 35.40 -34.79 -70.59
CA LYS D 660 35.41 -35.60 -69.37
C LYS D 660 35.55 -34.74 -68.13
N ILE D 661 35.56 -33.42 -68.30
CA ILE D 661 35.44 -32.52 -67.17
C ILE D 661 34.16 -31.68 -67.20
N MET D 662 33.53 -31.51 -68.36
CA MET D 662 32.33 -30.69 -68.41
C MET D 662 31.16 -31.36 -67.70
N VAL D 663 30.95 -32.65 -67.98
CA VAL D 663 29.89 -33.37 -67.28
C VAL D 663 30.19 -33.42 -65.79
N SER D 664 31.46 -33.48 -65.39
CA SER D 664 31.77 -33.46 -63.98
C SER D 664 31.42 -32.12 -63.36
N VAL D 665 31.76 -31.02 -64.03
CA VAL D 665 31.44 -29.71 -63.49
C VAL D 665 29.94 -29.54 -63.37
N TRP D 666 29.18 -30.02 -64.35
CA TRP D 666 27.73 -29.92 -64.21
C TRP D 666 27.22 -30.81 -63.09
N ALA D 667 27.87 -31.94 -62.84
CA ALA D 667 27.48 -32.75 -61.68
C ALA D 667 27.66 -31.98 -60.39
N PHE D 668 28.81 -31.32 -60.25
CA PHE D 668 29.05 -30.52 -59.05
C PHE D 668 28.00 -29.42 -58.92
N PHE D 669 27.71 -28.73 -60.02
CA PHE D 669 26.73 -27.65 -59.94
C PHE D 669 25.36 -28.18 -59.57
N ALA D 670 24.98 -29.33 -60.11
CA ALA D 670 23.76 -29.98 -59.65
C ALA D 670 23.79 -30.16 -58.15
N VAL D 671 24.80 -30.87 -57.66
CA VAL D 671 24.87 -31.15 -56.22
C VAL D 671 24.62 -29.89 -55.41
N ILE D 672 25.34 -28.81 -55.73
CA ILE D 672 25.14 -27.62 -54.92
C ILE D 672 23.73 -27.08 -55.11
N PHE D 673 23.17 -27.21 -56.31
CA PHE D 673 21.86 -26.61 -56.57
C PHE D 673 20.78 -27.32 -55.79
N LEU D 674 20.64 -28.62 -56.02
CA LEU D 674 19.69 -29.40 -55.25
C LEU D 674 19.92 -29.27 -53.75
N ALA D 675 21.17 -29.13 -53.32
CA ALA D 675 21.43 -29.02 -51.90
C ALA D 675 21.03 -27.67 -51.35
N SER D 676 20.96 -26.64 -52.20
CA SER D 676 20.40 -25.38 -51.72
C SER D 676 18.89 -25.44 -51.71
N TYR D 677 18.30 -26.05 -52.73
CA TYR D 677 16.85 -26.15 -52.81
C TYR D 677 16.28 -26.90 -51.62
N THR D 678 16.62 -28.18 -51.49
CA THR D 678 15.91 -29.02 -50.53
C THR D 678 16.35 -28.71 -49.11
N ALA D 679 16.95 -27.55 -48.93
CA ALA D 679 17.06 -26.92 -47.63
C ALA D 679 16.24 -25.65 -47.55
N ASN D 680 16.41 -24.72 -48.49
CA ASN D 680 15.65 -23.48 -48.39
C ASN D 680 14.15 -23.73 -48.42
N LEU D 681 13.71 -24.75 -49.15
CA LEU D 681 12.29 -25.11 -49.09
C LEU D 681 11.92 -25.70 -47.74
N ALA D 682 12.88 -26.23 -46.99
CA ALA D 682 12.57 -26.71 -45.65
C ALA D 682 12.31 -25.58 -44.67
N ALA D 683 12.16 -24.35 -45.17
CA ALA D 683 11.64 -23.26 -44.38
C ALA D 683 10.21 -22.89 -44.73
N PHE D 684 9.83 -22.98 -46.00
CA PHE D 684 8.47 -22.65 -46.41
C PHE D 684 7.45 -23.63 -45.89
N MET D 685 7.85 -24.58 -45.06
CA MET D 685 6.90 -25.34 -44.27
C MET D 685 6.92 -24.92 -42.81
N ILE D 686 7.36 -23.70 -42.52
CA ILE D 686 7.34 -23.16 -41.17
C ILE D 686 6.96 -21.68 -41.25
N GLN D 687 5.77 -21.34 -40.76
CA GLN D 687 5.29 -19.96 -40.77
C GLN D 687 4.13 -19.87 -39.79
N GLU D 688 3.81 -18.63 -39.41
CA GLU D 688 2.84 -18.39 -38.35
C GLU D 688 1.47 -18.93 -38.73
N GLU D 689 0.57 -18.94 -37.74
CA GLU D 689 -0.79 -19.38 -37.94
C GLU D 689 -1.59 -18.31 -38.67
N TYR D 690 -2.91 -18.50 -38.74
CA TYR D 690 -3.74 -17.67 -39.61
C TYR D 690 -5.19 -17.78 -39.13
N VAL D 691 -5.74 -16.67 -38.66
CA VAL D 691 -7.12 -16.61 -38.20
C VAL D 691 -7.88 -15.64 -39.09
N ASP D 692 -9.17 -15.91 -39.27
CA ASP D 692 -9.98 -15.20 -40.26
C ASP D 692 -9.98 -13.70 -40.03
N GLN D 693 -10.15 -12.97 -41.13
CA GLN D 693 -10.12 -11.50 -41.11
C GLN D 693 -11.55 -10.94 -41.15
N VAL D 694 -12.25 -11.12 -40.03
CA VAL D 694 -13.64 -10.65 -39.93
C VAL D 694 -13.66 -9.16 -39.67
N SER D 695 -14.47 -8.44 -40.42
CA SER D 695 -14.74 -7.04 -40.15
C SER D 695 -15.76 -6.92 -39.03
N GLY D 696 -16.24 -5.71 -38.77
CA GLY D 696 -17.43 -5.56 -37.97
C GLY D 696 -18.60 -6.26 -38.65
N LEU D 697 -19.61 -6.61 -37.85
CA LEU D 697 -20.71 -7.40 -38.39
C LEU D 697 -21.45 -6.70 -39.53
N SER D 698 -21.13 -5.44 -39.82
CA SER D 698 -21.54 -4.81 -41.07
C SER D 698 -20.65 -5.37 -42.18
N ASP D 699 -20.80 -6.67 -42.39
CA ASP D 699 -19.96 -7.40 -43.33
C ASP D 699 -20.79 -8.45 -44.03
N LYS D 700 -20.49 -8.65 -45.32
CA LYS D 700 -21.26 -9.56 -46.16
C LYS D 700 -21.21 -11.00 -45.66
N LYS D 701 -20.24 -11.33 -44.82
CA LYS D 701 -20.17 -12.69 -44.29
C LYS D 701 -21.24 -12.98 -43.25
N PHE D 702 -21.95 -11.95 -42.79
CA PHE D 702 -22.99 -12.14 -41.78
C PHE D 702 -24.32 -11.52 -42.17
N GLN D 703 -24.31 -10.38 -42.86
CA GLN D 703 -25.57 -9.74 -43.25
C GLN D 703 -26.38 -10.64 -44.17
N ARG D 704 -25.69 -11.39 -45.04
CA ARG D 704 -26.32 -12.37 -45.91
C ARG D 704 -25.61 -13.70 -45.69
N PRO D 705 -25.89 -14.37 -44.58
CA PRO D 705 -25.20 -15.61 -44.29
C PRO D 705 -25.75 -16.78 -45.08
N ASN D 706 -26.02 -16.53 -46.35
CA ASN D 706 -26.27 -17.58 -47.32
C ASN D 706 -25.62 -17.28 -48.67
N ASP D 707 -24.87 -16.19 -48.81
CA ASP D 707 -24.01 -16.03 -49.96
C ASP D 707 -23.08 -17.23 -50.06
N PHE D 708 -22.21 -17.40 -49.07
CA PHE D 708 -21.60 -18.69 -48.78
C PHE D 708 -22.65 -19.43 -47.96
N SER D 709 -23.49 -20.17 -48.64
CA SER D 709 -24.72 -20.68 -48.03
C SER D 709 -24.49 -21.75 -46.97
N PRO D 710 -23.72 -22.82 -47.23
CA PRO D 710 -23.62 -23.90 -46.24
C PRO D 710 -23.11 -23.43 -44.90
N PRO D 711 -21.91 -22.84 -44.82
CA PRO D 711 -21.13 -22.94 -43.58
C PRO D 711 -21.73 -22.27 -42.34
N PHE D 712 -21.98 -20.96 -42.39
CA PHE D 712 -22.16 -20.23 -41.15
C PHE D 712 -23.43 -20.63 -40.42
N ARG D 713 -23.34 -20.59 -39.09
CA ARG D 713 -24.47 -20.76 -38.19
C ARG D 713 -24.12 -20.07 -36.88
N PHE D 714 -24.67 -18.88 -36.66
CA PHE D 714 -24.38 -18.09 -35.48
C PHE D 714 -25.25 -18.57 -34.34
N GLY D 715 -24.68 -18.64 -33.13
CA GLY D 715 -25.40 -19.03 -31.95
C GLY D 715 -25.43 -17.92 -30.91
N THR D 716 -26.29 -18.10 -29.92
CA THR D 716 -26.44 -17.17 -28.81
C THR D 716 -27.27 -17.86 -27.74
N VAL D 717 -27.69 -17.08 -26.74
CA VAL D 717 -28.63 -17.55 -25.73
C VAL D 717 -29.68 -16.47 -25.54
N PRO D 718 -30.93 -16.69 -25.95
CA PRO D 718 -31.94 -15.62 -25.91
C PRO D 718 -32.47 -15.35 -24.53
N ASN D 719 -33.49 -14.49 -24.45
CA ASN D 719 -34.09 -14.06 -23.18
C ASN D 719 -33.04 -13.33 -22.32
N GLY D 720 -32.56 -12.21 -22.86
CA GLY D 720 -31.58 -11.41 -22.17
C GLY D 720 -31.53 -10.01 -22.73
N SER D 721 -30.58 -9.24 -22.24
CA SER D 721 -30.41 -7.85 -22.67
C SER D 721 -29.41 -7.71 -23.81
N THR D 722 -28.97 -8.79 -24.43
CA THR D 722 -28.19 -8.69 -25.65
C THR D 722 -28.98 -9.09 -26.88
N GLU D 723 -29.91 -10.03 -26.78
CA GLU D 723 -30.73 -10.39 -27.93
C GLU D 723 -31.61 -9.24 -28.36
N ARG D 724 -32.23 -8.56 -27.41
CA ARG D 724 -32.99 -7.37 -27.74
C ARG D 724 -32.12 -6.33 -28.44
N ASN D 725 -30.81 -6.33 -28.15
CA ASN D 725 -29.92 -5.44 -28.87
C ASN D 725 -29.77 -5.84 -30.32
N ILE D 726 -29.92 -7.14 -30.62
CA ILE D 726 -29.86 -7.58 -32.01
C ILE D 726 -31.11 -7.15 -32.76
N ARG D 727 -32.24 -7.08 -32.07
CA ARG D 727 -33.54 -6.91 -32.71
C ARG D 727 -33.97 -5.46 -32.80
N ASN D 728 -33.02 -4.54 -32.96
CA ASN D 728 -33.34 -3.17 -33.34
C ASN D 728 -32.62 -2.71 -34.59
N ASN D 729 -31.67 -3.50 -35.11
CA ASN D 729 -31.07 -3.21 -36.42
C ASN D 729 -30.90 -4.45 -37.29
N TYR D 730 -30.99 -5.66 -36.75
CA TYR D 730 -30.64 -6.88 -37.48
C TYR D 730 -31.71 -7.95 -37.28
N ALA D 731 -32.96 -7.57 -37.50
CA ALA D 731 -34.09 -8.44 -37.14
C ALA D 731 -33.96 -9.84 -37.72
N GLU D 732 -33.55 -9.96 -38.98
CA GLU D 732 -33.62 -11.25 -39.66
C GLU D 732 -32.72 -12.31 -39.05
N MET D 733 -31.57 -11.92 -38.51
CA MET D 733 -30.59 -12.91 -38.07
C MET D 733 -31.09 -13.68 -36.86
N HIS D 734 -31.96 -13.09 -36.03
CA HIS D 734 -32.53 -13.87 -34.95
C HIS D 734 -33.42 -14.96 -35.48
N ALA D 735 -34.29 -14.65 -36.45
CA ALA D 735 -35.03 -15.69 -37.14
C ALA D 735 -34.10 -16.62 -37.91
N TYR D 736 -32.85 -16.21 -38.12
CA TYR D 736 -31.86 -17.08 -38.71
C TYR D 736 -31.20 -17.99 -37.68
N MET D 737 -31.28 -17.64 -36.40
CA MET D 737 -30.68 -18.45 -35.33
C MET D 737 -31.27 -19.84 -35.32
N GLY D 738 -32.56 -19.94 -35.05
CA GLY D 738 -33.28 -21.19 -35.17
C GLY D 738 -32.76 -22.31 -34.32
N LYS D 739 -32.16 -23.31 -34.97
CA LYS D 739 -31.83 -24.58 -34.34
C LYS D 739 -30.51 -24.56 -33.59
N PHE D 740 -30.00 -23.40 -33.21
CA PHE D 740 -28.72 -23.33 -32.51
C PHE D 740 -28.82 -22.50 -31.23
N ASN D 741 -29.95 -22.57 -30.54
CA ASN D 741 -30.16 -21.84 -29.30
C ASN D 741 -29.51 -22.62 -28.16
N GLN D 742 -28.23 -22.41 -27.97
CA GLN D 742 -27.47 -23.16 -26.98
C GLN D 742 -27.94 -22.81 -25.58
N ARG D 743 -28.14 -23.84 -24.76
CA ARG D 743 -28.63 -23.64 -23.39
C ARG D 743 -27.54 -23.01 -22.53
N GLY D 744 -27.67 -21.71 -22.28
CA GLY D 744 -26.74 -21.02 -21.41
C GLY D 744 -25.44 -20.63 -22.12
N VAL D 745 -24.65 -19.84 -21.40
CA VAL D 745 -23.42 -19.28 -21.99
C VAL D 745 -22.35 -20.34 -22.10
N ASP D 746 -22.23 -21.22 -21.11
CA ASP D 746 -21.15 -22.20 -21.07
C ASP D 746 -21.47 -23.48 -21.81
N ASP D 747 -22.42 -23.44 -22.74
CA ASP D 747 -22.61 -24.51 -23.70
C ASP D 747 -22.06 -24.16 -25.07
N ALA D 748 -21.57 -22.94 -25.26
CA ALA D 748 -20.93 -22.55 -26.50
C ALA D 748 -19.52 -23.11 -26.63
N LEU D 749 -18.80 -23.23 -25.50
CA LEU D 749 -17.46 -23.80 -25.52
C LEU D 749 -17.45 -25.31 -25.59
N LEU D 750 -18.61 -25.95 -25.75
CA LEU D 750 -18.69 -27.37 -26.05
C LEU D 750 -19.00 -27.63 -27.52
N SER D 751 -19.42 -26.61 -28.26
CA SER D 751 -19.61 -26.73 -29.70
C SER D 751 -18.44 -26.20 -30.50
N LEU D 752 -17.71 -25.21 -29.98
CA LEU D 752 -16.50 -24.76 -30.66
C LEU D 752 -15.35 -25.75 -30.52
N LYS D 753 -15.59 -26.91 -29.93
CA LYS D 753 -14.66 -28.02 -29.93
C LYS D 753 -15.10 -29.15 -30.84
N THR D 754 -16.21 -28.98 -31.55
CA THR D 754 -16.70 -30.00 -32.48
C THR D 754 -17.24 -29.42 -33.77
N GLY D 755 -17.05 -28.12 -34.02
CA GLY D 755 -17.50 -27.49 -35.24
C GLY D 755 -18.99 -27.22 -35.33
N LYS D 756 -19.78 -27.60 -34.31
CA LYS D 756 -21.23 -27.41 -34.38
C LYS D 756 -21.62 -25.94 -34.45
N LEU D 757 -20.78 -25.04 -33.96
CA LEU D 757 -21.00 -23.61 -34.12
C LEU D 757 -19.83 -23.01 -34.89
N ASP D 758 -20.12 -22.00 -35.71
CA ASP D 758 -19.09 -21.30 -36.46
C ASP D 758 -18.69 -20.00 -35.78
N ALA D 759 -19.63 -19.08 -35.59
CA ALA D 759 -19.43 -17.87 -34.83
C ALA D 759 -20.31 -17.94 -33.58
N PHE D 760 -20.19 -16.92 -32.74
CA PHE D 760 -20.98 -16.85 -31.52
C PHE D 760 -20.98 -15.41 -31.04
N ILE D 761 -22.17 -14.84 -30.92
CA ILE D 761 -22.36 -13.44 -30.55
C ILE D 761 -22.71 -13.39 -29.08
N TYR D 762 -22.15 -12.41 -28.37
CA TYR D 762 -22.32 -12.29 -26.93
C TYR D 762 -21.72 -10.95 -26.50
N ASP D 763 -21.68 -10.71 -25.20
CA ASP D 763 -21.05 -9.51 -24.69
C ASP D 763 -19.53 -9.65 -24.75
N ALA D 764 -18.81 -8.63 -24.28
CA ALA D 764 -17.37 -8.56 -24.46
C ALA D 764 -16.59 -9.11 -23.26
N ALA D 765 -16.76 -8.49 -22.10
CA ALA D 765 -15.86 -8.75 -20.99
C ALA D 765 -15.95 -10.19 -20.50
N VAL D 766 -17.14 -10.79 -20.50
CA VAL D 766 -17.23 -12.17 -20.07
C VAL D 766 -16.44 -13.06 -21.00
N LEU D 767 -16.41 -12.72 -22.29
CA LEU D 767 -15.59 -13.48 -23.23
C LEU D 767 -14.10 -13.26 -22.99
N ASN D 768 -13.67 -12.00 -22.99
CA ASN D 768 -12.25 -11.72 -22.76
C ASN D 768 -11.75 -12.38 -21.50
N TYR D 769 -12.61 -12.52 -20.48
CA TYR D 769 -12.23 -13.33 -19.33
C TYR D 769 -12.25 -14.80 -19.69
N MET D 770 -13.25 -15.24 -20.45
CA MET D 770 -13.31 -16.64 -20.85
C MET D 770 -12.23 -17.00 -21.86
N ALA D 771 -11.45 -16.02 -22.32
CA ALA D 771 -10.33 -16.33 -23.21
C ALA D 771 -9.31 -17.23 -22.51
N GLY D 772 -8.65 -16.70 -21.49
CA GLY D 772 -7.68 -17.47 -20.76
C GLY D 772 -8.33 -18.42 -19.78
N ARG D 773 -9.19 -19.30 -20.28
CA ARG D 773 -9.87 -20.24 -19.39
C ARG D 773 -9.87 -21.66 -19.92
N ASP D 774 -9.54 -21.90 -21.18
CA ASP D 774 -9.46 -23.24 -21.73
C ASP D 774 -8.00 -23.58 -22.00
N GLU D 775 -7.59 -24.79 -21.58
CA GLU D 775 -6.20 -25.20 -21.77
C GLU D 775 -5.84 -25.24 -23.24
N GLY D 776 -6.64 -25.94 -24.05
CA GLY D 776 -6.43 -25.95 -25.49
C GLY D 776 -6.61 -24.55 -26.04
N CYS D 777 -5.56 -23.99 -26.64
CA CYS D 777 -5.54 -22.59 -26.99
C CYS D 777 -6.19 -22.30 -28.34
N LYS D 778 -7.14 -23.14 -28.75
CA LYS D 778 -7.90 -22.93 -29.99
C LYS D 778 -9.18 -22.13 -29.76
N LEU D 779 -9.19 -21.25 -28.76
CA LEU D 779 -10.35 -20.39 -28.51
C LEU D 779 -9.82 -18.97 -28.33
N VAL D 780 -10.35 -18.02 -29.09
CA VAL D 780 -9.88 -16.64 -29.03
C VAL D 780 -11.06 -15.69 -29.09
N THR D 781 -10.76 -14.40 -29.19
CA THR D 781 -11.72 -13.38 -29.58
C THR D 781 -11.22 -12.71 -30.85
N ILE D 782 -11.87 -11.62 -31.24
CA ILE D 782 -11.36 -10.76 -32.29
C ILE D 782 -10.88 -9.46 -31.64
N GLY D 783 -10.15 -8.67 -32.42
CA GLY D 783 -9.57 -7.45 -31.90
C GLY D 783 -10.60 -6.47 -31.39
N SER D 784 -10.13 -5.54 -30.58
CA SER D 784 -11.01 -4.54 -29.99
C SER D 784 -11.11 -3.33 -30.90
N GLY D 785 -11.95 -2.37 -30.51
CA GLY D 785 -12.23 -1.24 -31.35
C GLY D 785 -13.23 -1.50 -32.47
N LYS D 786 -13.68 -2.74 -32.63
CA LYS D 786 -14.61 -3.11 -33.68
C LYS D 786 -16.00 -3.44 -33.16
N VAL D 787 -16.10 -4.02 -31.97
CA VAL D 787 -17.27 -4.76 -31.55
C VAL D 787 -18.48 -3.86 -31.32
N PHE D 788 -19.64 -4.48 -31.12
CA PHE D 788 -20.92 -3.85 -31.43
C PHE D 788 -21.43 -2.91 -30.34
N ALA D 789 -21.71 -3.44 -29.15
CA ALA D 789 -22.44 -2.67 -28.14
C ALA D 789 -21.49 -1.90 -27.23
N SER D 790 -20.79 -0.93 -27.82
CA SER D 790 -19.70 -0.28 -27.09
C SER D 790 -20.26 0.54 -25.95
N THR D 791 -20.23 -0.06 -24.76
CA THR D 791 -20.61 0.60 -23.51
C THR D 791 -19.66 0.07 -22.44
N GLY D 792 -19.98 0.29 -21.17
CA GLY D 792 -19.12 -0.16 -20.10
C GLY D 792 -19.86 -0.42 -18.82
N TYR D 793 -19.08 -0.73 -17.79
CA TYR D 793 -19.59 -0.87 -16.44
C TYR D 793 -19.16 0.36 -15.66
N GLY D 794 -20.13 1.07 -15.09
CA GLY D 794 -19.85 2.22 -14.26
C GLY D 794 -20.15 1.97 -12.80
N ILE D 795 -20.34 3.05 -12.07
CA ILE D 795 -20.77 3.00 -10.68
C ILE D 795 -22.09 3.74 -10.58
N ALA D 796 -23.02 3.18 -9.81
CA ALA D 796 -24.38 3.71 -9.70
C ALA D 796 -24.46 4.61 -8.48
N ILE D 797 -24.50 5.93 -8.71
CA ILE D 797 -24.63 6.92 -7.66
C ILE D 797 -26.04 7.47 -7.68
N GLN D 798 -26.64 7.59 -6.49
CA GLN D 798 -27.99 8.09 -6.37
C GLN D 798 -28.13 9.43 -7.08
N LYS D 799 -29.24 9.58 -7.79
CA LYS D 799 -29.50 10.78 -8.56
C LYS D 799 -29.31 12.02 -7.71
N ASP D 800 -28.61 13.01 -8.28
CA ASP D 800 -28.42 14.31 -7.65
C ASP D 800 -27.79 14.21 -6.27
N SER D 801 -27.04 13.13 -6.04
CA SER D 801 -26.25 13.08 -4.82
C SER D 801 -25.04 14.00 -4.95
N GLY D 802 -24.34 14.17 -3.84
CA GLY D 802 -23.14 14.96 -3.88
C GLY D 802 -21.89 14.18 -4.16
N TRP D 803 -22.01 12.87 -4.35
CA TRP D 803 -20.85 12.00 -4.52
C TRP D 803 -20.48 11.78 -5.99
N LYS D 804 -21.41 11.97 -6.93
CA LYS D 804 -21.07 11.84 -8.34
C LYS D 804 -20.11 12.92 -8.80
N ARG D 805 -19.73 13.84 -7.93
CA ARG D 805 -18.66 14.77 -8.25
C ARG D 805 -17.30 14.28 -7.76
N GLN D 806 -17.26 13.28 -6.89
CA GLN D 806 -16.01 12.86 -6.27
C GLN D 806 -15.92 11.34 -6.17
N VAL D 807 -16.25 10.65 -7.24
CA VAL D 807 -15.85 9.25 -7.39
C VAL D 807 -15.07 9.19 -8.69
N ASP D 808 -15.35 10.17 -9.56
CA ASP D 808 -14.52 10.35 -10.74
C ASP D 808 -13.05 10.51 -10.37
N LEU D 809 -12.73 11.59 -9.66
CA LEU D 809 -11.34 11.90 -9.37
C LEU D 809 -10.63 10.79 -8.62
N ALA D 810 -11.35 9.77 -8.18
CA ALA D 810 -10.68 8.57 -7.68
C ALA D 810 -10.48 7.54 -8.78
N ILE D 811 -11.52 7.22 -9.54
CA ILE D 811 -11.36 6.15 -10.51
C ILE D 811 -10.47 6.57 -11.68
N LEU D 812 -10.65 7.79 -12.18
CA LEU D 812 -9.79 8.26 -13.24
C LEU D 812 -8.36 8.51 -12.78
N GLN D 813 -8.15 8.79 -11.49
CA GLN D 813 -6.79 8.76 -10.96
C GLN D 813 -6.25 7.33 -10.99
N LEU D 814 -7.04 6.37 -10.55
CA LEU D 814 -6.65 4.96 -10.59
C LEU D 814 -6.24 4.53 -11.98
N PHE D 815 -6.88 5.07 -13.02
CA PHE D 815 -6.41 4.85 -14.37
C PHE D 815 -5.12 5.62 -14.64
N GLY D 816 -5.17 6.94 -14.55
CA GLY D 816 -4.09 7.80 -14.98
C GLY D 816 -2.91 7.88 -14.04
N ASP D 817 -2.73 6.87 -13.20
CA ASP D 817 -1.52 6.77 -12.38
C ASP D 817 -1.06 5.33 -12.24
N GLY D 818 -1.31 4.51 -13.25
CA GLY D 818 -0.74 3.18 -13.34
C GLY D 818 -1.10 2.24 -12.21
N GLU D 819 -2.38 1.95 -12.02
CA GLU D 819 -2.78 0.96 -11.04
C GLU D 819 -3.77 -0.07 -11.59
N MET D 820 -4.68 0.35 -12.47
CA MET D 820 -5.76 -0.54 -12.86
C MET D 820 -5.30 -1.77 -13.62
N GLU D 821 -4.51 -1.59 -14.68
CA GLU D 821 -4.04 -2.75 -15.43
C GLU D 821 -3.33 -3.75 -14.53
N GLU D 822 -2.75 -3.29 -13.43
CA GLU D 822 -2.27 -4.21 -12.42
C GLU D 822 -3.41 -5.04 -11.86
N LEU D 823 -4.51 -4.39 -11.47
CA LEU D 823 -5.66 -5.13 -10.99
C LEU D 823 -6.16 -6.12 -12.03
N GLU D 824 -6.15 -5.72 -13.30
CA GLU D 824 -6.58 -6.60 -14.36
C GLU D 824 -5.69 -7.82 -14.47
N ALA D 825 -4.37 -7.61 -14.50
CA ALA D 825 -3.43 -8.71 -14.49
C ALA D 825 -3.58 -9.56 -13.24
N LEU D 826 -4.20 -9.03 -12.20
CA LEU D 826 -4.49 -9.82 -11.01
C LEU D 826 -5.84 -10.51 -11.05
N TRP D 827 -6.76 -10.09 -11.92
CA TRP D 827 -8.11 -10.66 -11.89
C TRP D 827 -8.66 -11.10 -13.24
N LEU D 828 -8.13 -10.63 -14.36
CA LEU D 828 -8.73 -10.98 -15.65
C LEU D 828 -7.80 -11.74 -16.56
N THR D 829 -6.55 -11.29 -16.73
CA THR D 829 -5.63 -11.92 -17.66
C THR D 829 -5.57 -13.42 -17.46
N GLY D 830 -5.40 -14.15 -18.56
CA GLY D 830 -5.40 -15.59 -18.50
C GLY D 830 -4.10 -16.22 -18.97
N ILE D 831 -4.11 -17.54 -19.13
CA ILE D 831 -2.89 -18.27 -19.45
C ILE D 831 -2.44 -17.96 -20.87
N CYS D 832 -3.36 -17.94 -21.82
CA CYS D 832 -3.01 -17.98 -23.23
C CYS D 832 -2.99 -16.61 -23.90
N HIS D 833 -2.60 -15.55 -23.18
CA HIS D 833 -2.39 -14.25 -23.82
C HIS D 833 -0.92 -14.07 -24.18
N ASN D 834 -0.39 -15.05 -24.90
CA ASN D 834 1.02 -15.05 -25.28
C ASN D 834 1.19 -15.17 -26.80
N GLU D 835 2.43 -15.39 -27.23
CA GLU D 835 2.74 -15.38 -28.66
C GLU D 835 2.11 -16.58 -29.38
N LYS D 836 1.77 -16.36 -30.64
CA LYS D 836 1.19 -17.39 -31.50
C LYS D 836 2.28 -18.01 -32.36
N ASN D 837 3.36 -18.40 -31.68
CA ASN D 837 4.64 -18.67 -32.33
C ASN D 837 4.53 -19.80 -33.36
N GLU D 838 5.59 -19.92 -34.16
CA GLU D 838 5.59 -20.77 -35.34
C GLU D 838 5.41 -22.23 -34.95
N VAL D 839 4.33 -22.84 -35.41
CA VAL D 839 4.08 -24.25 -35.17
C VAL D 839 4.11 -24.98 -36.50
N MET D 840 4.32 -26.29 -36.42
CA MET D 840 4.59 -27.09 -37.61
C MET D 840 3.38 -27.12 -38.53
N SER D 841 3.56 -27.78 -39.67
CA SER D 841 2.47 -28.04 -40.58
C SER D 841 1.94 -29.44 -40.39
N SER D 842 1.05 -29.85 -41.28
CA SER D 842 0.31 -31.09 -41.11
C SER D 842 0.75 -32.13 -42.14
N GLN D 843 0.17 -33.31 -42.02
CA GLN D 843 0.36 -34.34 -43.02
C GLN D 843 -0.19 -33.87 -44.35
N LEU D 844 0.69 -33.72 -45.33
CA LEU D 844 0.34 -33.04 -46.58
C LEU D 844 -0.88 -33.65 -47.24
N ASP D 845 -1.86 -32.79 -47.54
CA ASP D 845 -3.07 -33.20 -48.23
C ASP D 845 -2.87 -33.07 -49.74
N ILE D 846 -3.96 -33.18 -50.49
CA ILE D 846 -3.86 -33.26 -51.95
C ILE D 846 -3.61 -31.90 -52.56
N ASP D 847 -4.51 -30.95 -52.29
CA ASP D 847 -4.50 -29.69 -53.03
C ASP D 847 -3.16 -28.97 -52.93
N ASN D 848 -2.64 -28.80 -51.71
CA ASN D 848 -1.36 -28.13 -51.54
C ASN D 848 -0.27 -28.77 -52.36
N MET D 849 -0.31 -30.09 -52.54
CA MET D 849 0.60 -30.76 -53.44
C MET D 849 0.04 -30.85 -54.85
N ALA D 850 -1.27 -30.73 -55.02
CA ALA D 850 -1.83 -30.70 -56.36
C ALA D 850 -1.43 -29.46 -57.13
N GLY D 851 -0.97 -28.42 -56.44
CA GLY D 851 -0.54 -27.19 -57.08
C GLY D 851 0.53 -27.37 -58.15
N VAL D 852 1.04 -28.59 -58.34
CA VAL D 852 1.99 -28.88 -59.40
C VAL D 852 1.56 -30.02 -60.30
N PHE D 853 0.61 -30.86 -59.86
CA PHE D 853 0.00 -31.80 -60.78
C PHE D 853 -0.53 -31.09 -62.02
N TYR D 854 -0.95 -29.83 -61.87
CA TYR D 854 -1.36 -29.04 -63.03
C TYR D 854 -0.20 -28.79 -63.98
N MET D 855 1.00 -28.56 -63.46
CA MET D 855 2.16 -28.45 -64.33
C MET D 855 2.41 -29.77 -65.06
N LEU D 856 2.27 -30.89 -64.34
CA LEU D 856 2.38 -32.18 -65.01
C LEU D 856 1.38 -32.29 -66.15
N GLY D 857 0.15 -31.81 -65.92
CA GLY D 857 -0.85 -31.84 -66.97
C GLY D 857 -0.48 -30.99 -68.16
N ALA D 858 0.02 -29.78 -67.91
CA ALA D 858 0.43 -28.92 -69.03
C ALA D 858 1.55 -29.57 -69.84
N ALA D 859 2.44 -30.30 -69.16
CA ALA D 859 3.46 -31.04 -69.91
C ALA D 859 2.85 -32.16 -70.74
N MET D 860 1.86 -32.86 -70.20
CA MET D 860 1.15 -33.87 -70.97
C MET D 860 0.55 -33.27 -72.24
N ALA D 861 -0.04 -32.09 -72.11
CA ALA D 861 -0.62 -31.42 -73.26
C ALA D 861 0.44 -31.02 -74.29
N LEU D 862 1.58 -30.50 -73.81
CA LEU D 862 2.68 -30.22 -74.72
C LEU D 862 3.07 -31.46 -75.50
N SER D 863 3.13 -32.61 -74.82
CA SER D 863 3.50 -33.85 -75.49
C SER D 863 2.50 -34.22 -76.57
N LEU D 864 1.19 -34.14 -76.24
CA LEU D 864 0.19 -34.50 -77.22
C LEU D 864 0.25 -33.60 -78.45
N ILE D 865 0.36 -32.29 -78.23
CA ILE D 865 0.47 -31.36 -79.35
C ILE D 865 1.69 -31.67 -80.19
N THR D 866 2.82 -31.99 -79.55
CA THR D 866 4.01 -32.30 -80.31
C THR D 866 3.84 -33.56 -81.15
N PHE D 867 3.21 -34.59 -80.61
CA PHE D 867 2.98 -35.79 -81.41
C PHE D 867 2.10 -35.48 -82.61
N ILE D 868 0.97 -34.81 -82.37
CA ILE D 868 0.06 -34.51 -83.47
C ILE D 868 0.77 -33.68 -84.53
N SER D 869 1.64 -32.75 -84.13
CA SER D 869 2.35 -31.94 -85.10
C SER D 869 3.36 -32.76 -85.90
N GLU D 870 4.34 -33.35 -85.22
CA GLU D 870 5.42 -34.04 -85.90
C GLU D 870 4.95 -35.17 -86.80
N HIS D 871 3.74 -35.70 -86.57
CA HIS D 871 3.21 -36.73 -87.45
C HIS D 871 3.02 -36.24 -88.87
N LEU D 872 2.92 -34.93 -89.06
CA LEU D 872 2.72 -34.39 -90.40
C LEU D 872 3.93 -34.60 -91.31
N PHE D 873 5.15 -34.55 -90.76
CA PHE D 873 6.33 -34.80 -91.59
C PHE D 873 6.28 -36.21 -92.19
N TYR D 874 5.80 -37.19 -91.43
CA TYR D 874 5.57 -38.51 -92.00
C TYR D 874 4.34 -38.55 -92.88
N TRP D 875 3.37 -37.67 -92.65
CA TRP D 875 2.22 -37.59 -93.56
C TRP D 875 2.54 -36.82 -94.83
N GLN D 876 3.75 -36.31 -94.98
CA GLN D 876 4.13 -35.54 -96.17
C GLN D 876 5.08 -36.31 -97.07
#